data_5EIG
#
_entry.id   5EIG
#
_cell.length_a   113.377
_cell.length_b   163.455
_cell.length_c   181.625
_cell.angle_alpha   90.00
_cell.angle_beta   90.00
_cell.angle_gamma   90.00
#
_symmetry.space_group_name_H-M   'P 2 21 21'
#
loop_
_entity.id
_entity.type
_entity.pdbx_description
1 polymer 'Cystathionine gamma-lyase'
2 polymer 'Cystathionine gamma-lyase'
3 non-polymer 'SULFATE ION'
4 non-polymer CYSTEINE
5 water water
#
loop_
_entity_poly.entity_id
_entity_poly.type
_entity_poly.pdbx_seq_one_letter_code
_entity_poly.pdbx_strand_id
1 'polypeptide(L)'
;MQEKDASSQGFLPHFQHFATQAIHVGQDPEQWTSRAVVPPISLSTTFKQGAPGQHSGFTYSRSGNPTRNCLEKAVAALDG
AKYCLAFASGLAATVTITHLLKAGDQIICMDDVYGGTNRYFRQVASEFGLKISFVDCSKIKLLEAAITPETKLVWIETPT
NPTQKVIDIEGCAHIVHKHGDIILVVDNTFMSPYFQRPLALGADISMYSAT(5OW)YMNGHSDVVMGLVSVNCESLHNRL
RFLQNSLGAVPSPIDCYLCNRGLKTLHVRMEKHFKNGMAVAQFLESNPWVEKVIYPGLPSHPQHELVKRQCTGCTGMVTF
YIKGTLQHAEIFLKNLKLFTLAVSLGGFESLAELPAIMTHASVLKNDRDVLGISDTLIRLSVGLEDEEDLLEDLDQALKA
AHPPSGSHS
;
A,C,D,E,F,G
2 'polypeptide(L)'
;MQEKDASSQGFLPHFQHFATQAIHVGQDPEQWTSRAVVPPISLSTTFKQGAPGQHSGFTYSRSGNPTRNCLEKAVAALDG
AKYCLAFASGLAATVTITHLLKAGDQIICMDDVYGGTNRYFRQVASEFGLKISFVDCSKIKLLEAAITPETKLVWIETPT
NPTQKVIDIEGCAHIVHKHGDIILVVDNTFMSPYFQRPLALGADISMYSAT(LLP)YMNGHSDVVMGLVSVNCESLHNRL
RFLQNSLGAVPSPIDCYLCNRGLKTLHVRMEKHFKNGMAVAQFLESNPWVEKVIYPGLPSHPQHELVKRQCTGCTGMVTF
YIKGTLQHAEIFLKNLKLFTLAVSLGGFESLAELPAIMTHASVLKNDRDVLGISDTLIRLSVGLEDEEDLLEDLDQALKA
AHPPSGSHS
;
B,H
#
loop_
_chem_comp.id
_chem_comp.type
_chem_comp.name
_chem_comp.formula
SO4 non-polymer 'SULFATE ION' 'O4 S -2'
#
# COMPACT_ATOMS: atom_id res chain seq x y z
N GLY A 10 18.27 55.96 63.12
CA GLY A 10 18.55 57.30 63.61
C GLY A 10 18.00 58.36 62.68
N PHE A 11 17.27 57.93 61.66
CA PHE A 11 16.66 58.83 60.68
C PHE A 11 15.46 59.59 61.25
N LEU A 12 15.00 60.57 60.49
CA LEU A 12 13.76 61.27 60.78
C LEU A 12 12.62 60.26 60.83
N PRO A 13 11.68 60.43 61.77
CA PRO A 13 10.55 59.49 61.83
C PRO A 13 9.74 59.49 60.54
N HIS A 14 9.25 58.33 60.13
CA HIS A 14 8.48 58.23 58.89
C HIS A 14 7.23 59.08 58.96
N PHE A 15 6.88 59.70 57.84
CA PHE A 15 5.73 60.58 57.73
C PHE A 15 4.43 59.84 58.02
N GLN A 16 3.59 60.45 58.85
CA GLN A 16 2.42 59.77 59.38
C GLN A 16 1.32 59.70 58.32
N HIS A 17 0.61 58.59 58.31
CA HIS A 17 -0.51 58.34 57.40
C HIS A 17 -0.10 58.28 55.93
N PHE A 18 1.19 58.11 55.64
CA PHE A 18 1.67 58.18 54.25
C PHE A 18 1.05 57.11 53.35
N ALA A 19 1.12 55.86 53.78
CA ALA A 19 0.58 54.75 53.00
C ALA A 19 -0.93 54.88 52.85
N THR A 20 -1.59 55.26 53.95
CA THR A 20 -3.03 55.46 53.96
C THR A 20 -3.45 56.52 52.96
N GLN A 21 -2.71 57.63 52.94
CA GLN A 21 -3.04 58.74 52.07
C GLN A 21 -2.74 58.39 50.62
N ALA A 22 -1.64 57.69 50.38
CA ALA A 22 -1.25 57.26 49.04
C ALA A 22 -2.29 56.36 48.38
N ILE A 23 -3.04 55.63 49.20
CA ILE A 23 -4.02 54.66 48.71
C ILE A 23 -5.43 55.24 48.58
N HIS A 24 -5.73 56.23 49.43
CA HIS A 24 -7.11 56.72 49.56
C HIS A 24 -7.38 58.18 49.13
N VAL A 25 -6.40 59.06 49.27
CA VAL A 25 -6.63 60.46 48.93
C VAL A 25 -6.87 60.61 47.44
N GLY A 26 -8.03 61.18 47.09
CA GLY A 26 -8.43 61.35 45.70
C GLY A 26 -9.10 60.13 45.11
N GLN A 27 -9.13 59.05 45.88
CA GLN A 27 -9.58 57.75 45.39
C GLN A 27 -10.98 57.41 45.92
N ASP A 28 -11.65 58.42 46.47
CA ASP A 28 -12.96 58.25 47.08
C ASP A 28 -14.00 57.74 46.09
N PRO A 29 -14.54 56.54 46.36
CA PRO A 29 -15.51 55.92 45.48
C PRO A 29 -16.78 56.75 45.29
N GLU A 30 -17.01 57.71 46.19
CA GLU A 30 -18.26 58.46 46.16
C GLU A 30 -18.24 59.52 45.06
N GLN A 31 -17.12 59.62 44.35
CA GLN A 31 -16.98 60.55 43.24
C GLN A 31 -17.70 60.09 41.98
N TRP A 32 -17.92 58.79 41.87
CA TRP A 32 -18.45 58.20 40.65
C TRP A 32 -19.82 57.60 40.91
N THR A 33 -20.70 57.68 39.93
CA THR A 33 -22.05 57.14 40.08
C THR A 33 -22.00 55.64 40.31
N SER A 34 -20.93 54.99 39.85
CA SER A 34 -20.78 53.56 40.01
C SER A 34 -20.17 53.21 41.37
N ARG A 35 -19.58 54.20 42.03
CA ARG A 35 -18.88 54.00 43.30
C ARG A 35 -17.74 52.99 43.22
N ALA A 36 -17.07 52.98 42.07
CA ALA A 36 -15.90 52.14 41.88
C ALA A 36 -14.81 52.49 42.90
N VAL A 37 -14.16 51.48 43.45
CA VAL A 37 -13.12 51.69 44.45
C VAL A 37 -11.88 52.29 43.80
N VAL A 38 -11.66 51.96 42.53
CA VAL A 38 -10.57 52.55 41.76
C VAL A 38 -11.15 53.53 40.74
N PRO A 39 -10.62 54.76 40.72
CA PRO A 39 -11.08 55.79 39.78
C PRO A 39 -10.95 55.36 38.32
N PRO A 40 -12.01 55.58 37.53
CA PRO A 40 -12.00 55.28 36.10
C PRO A 40 -11.02 56.16 35.34
N ILE A 41 -10.54 55.68 34.20
CA ILE A 41 -9.70 56.49 33.33
C ILE A 41 -10.59 57.30 32.39
N SER A 42 -10.64 58.61 32.59
CA SER A 42 -11.49 59.45 31.76
C SER A 42 -10.68 60.10 30.65
N LEU A 43 -10.80 59.56 29.45
CA LEU A 43 -10.07 60.05 28.29
C LEU A 43 -10.76 61.25 27.65
N SER A 44 -12.06 61.38 27.91
CA SER A 44 -12.88 62.40 27.27
C SER A 44 -12.20 63.76 27.28
N THR A 45 -12.07 64.34 26.09
CA THR A 45 -11.42 65.64 25.93
C THR A 45 -12.35 66.76 26.35
N THR A 46 -13.64 66.51 26.24
CA THR A 46 -14.63 67.54 26.52
C THR A 46 -15.79 67.03 27.38
N PHE A 47 -16.55 67.97 27.93
CA PHE A 47 -17.61 67.66 28.88
C PHE A 47 -18.85 68.48 28.55
N LYS A 48 -20.02 67.87 28.72
CA LYS A 48 -21.28 68.56 28.46
C LYS A 48 -21.54 69.70 29.44
N GLN A 49 -21.94 70.85 28.92
CA GLN A 49 -22.26 71.99 29.75
C GLN A 49 -23.73 72.36 29.58
N GLY A 50 -24.34 72.89 30.62
CA GLY A 50 -25.74 73.28 30.57
C GLY A 50 -26.39 73.31 31.94
N GLY A 57 -18.55 72.09 36.64
CA GLY A 57 -17.68 70.93 36.63
C GLY A 57 -16.50 71.10 35.69
N PHE A 58 -16.29 70.12 34.82
CA PHE A 58 -15.16 70.14 33.91
C PHE A 58 -15.59 70.73 32.57
N THR A 59 -14.67 71.40 31.90
CA THR A 59 -14.96 72.02 30.61
C THR A 59 -14.12 71.38 29.51
N TYR A 60 -12.82 71.27 29.75
CA TYR A 60 -11.90 70.77 28.76
C TYR A 60 -10.76 70.02 29.44
N SER A 61 -10.37 68.89 28.84
CA SER A 61 -9.43 67.96 29.45
C SER A 61 -8.11 68.61 29.87
N ARG A 62 -7.63 69.55 29.06
CA ARG A 62 -6.34 70.18 29.32
C ARG A 62 -6.39 71.03 30.59
N SER A 63 -7.52 71.67 30.82
CA SER A 63 -7.72 72.54 31.97
C SER A 63 -7.84 71.72 33.25
N GLY A 64 -8.51 70.59 33.14
CA GLY A 64 -8.69 69.69 34.26
C GLY A 64 -9.55 68.50 33.83
N ASN A 65 -9.31 67.36 34.44
CA ASN A 65 -10.09 66.16 34.16
C ASN A 65 -10.06 65.24 35.38
N PRO A 66 -11.07 64.38 35.53
CA PRO A 66 -11.19 63.53 36.72
C PRO A 66 -9.92 62.75 37.07
N THR A 67 -9.38 62.00 36.12
CA THR A 67 -8.26 61.11 36.41
C THR A 67 -6.98 61.84 36.82
N ARG A 68 -6.69 62.96 36.16
CA ARG A 68 -5.52 63.75 36.52
C ARG A 68 -5.69 64.43 37.86
N ASN A 69 -6.90 64.92 38.11
CA ASN A 69 -7.19 65.62 39.35
C ASN A 69 -7.08 64.71 40.56
N CYS A 70 -7.52 63.46 40.41
CA CYS A 70 -7.40 62.48 41.49
C CYS A 70 -5.94 62.27 41.86
N LEU A 71 -5.08 62.19 40.84
CA LEU A 71 -3.64 62.02 41.05
C LEU A 71 -3.05 63.23 41.77
N GLU A 72 -3.43 64.42 41.31
CA GLU A 72 -2.90 65.65 41.90
C GLU A 72 -3.26 65.80 43.38
N LYS A 73 -4.46 65.38 43.78
CA LYS A 73 -4.83 65.42 45.20
C LYS A 73 -3.98 64.45 46.02
N ALA A 74 -3.66 63.30 45.44
CA ALA A 74 -2.87 62.29 46.14
C ALA A 74 -1.43 62.73 46.37
N VAL A 75 -0.79 63.23 45.32
CA VAL A 75 0.60 63.66 45.41
C VAL A 75 0.76 64.84 46.37
N ALA A 76 -0.20 65.75 46.34
CA ALA A 76 -0.20 66.90 47.26
C ALA A 76 -0.17 66.44 48.71
N ALA A 77 -0.99 65.45 49.03
CA ALA A 77 -1.05 64.90 50.38
C ALA A 77 0.29 64.28 50.78
N LEU A 78 0.87 63.51 49.87
CA LEU A 78 2.12 62.81 50.11
C LEU A 78 3.28 63.79 50.30
N ASP A 79 3.16 64.96 49.69
CA ASP A 79 4.15 66.02 49.82
C ASP A 79 3.89 66.85 51.07
N GLY A 80 2.74 66.62 51.70
CA GLY A 80 2.29 67.48 52.78
C GLY A 80 1.94 68.84 52.22
N ALA A 81 1.46 68.83 50.98
CA ALA A 81 1.17 70.07 50.26
C ALA A 81 -0.32 70.36 50.20
N LYS A 82 -0.66 71.57 49.79
CA LYS A 82 -2.06 71.96 49.63
C LYS A 82 -2.47 71.74 48.19
N TYR A 83 -1.51 71.91 47.27
CA TYR A 83 -1.77 71.78 45.85
C TYR A 83 -0.69 70.99 45.14
N CYS A 84 -1.05 70.43 43.99
CA CYS A 84 -0.09 69.74 43.13
C CYS A 84 -0.53 69.79 41.67
N LEU A 85 0.44 69.84 40.76
CA LEU A 85 0.16 69.89 39.34
C LEU A 85 0.96 68.85 38.57
N ALA A 86 0.28 68.07 37.75
CA ALA A 86 0.95 67.04 36.95
C ALA A 86 1.27 67.57 35.56
N PHE A 87 2.37 67.10 34.98
CA PHE A 87 2.81 67.57 33.69
C PHE A 87 3.30 66.42 32.82
N ALA A 88 3.52 66.70 31.54
CA ALA A 88 3.91 65.69 30.56
C ALA A 88 5.26 65.04 30.89
N SER A 89 6.12 65.76 31.59
CA SER A 89 7.44 65.25 31.95
C SER A 89 8.09 66.08 33.05
N GLY A 90 9.21 65.57 33.58
CA GLY A 90 9.98 66.30 34.56
C GLY A 90 10.52 67.61 34.03
N LEU A 91 11.09 67.59 32.83
CA LEU A 91 11.59 68.80 32.20
C LEU A 91 10.45 69.77 31.91
N ALA A 92 9.30 69.22 31.51
CA ALA A 92 8.13 70.03 31.23
C ALA A 92 7.68 70.77 32.48
N ALA A 93 7.80 70.12 33.62
CA ALA A 93 7.48 70.74 34.90
C ALA A 93 8.43 71.90 35.17
N THR A 94 9.71 71.68 34.89
CA THR A 94 10.75 72.69 35.08
C THR A 94 10.50 73.91 34.19
N VAL A 95 10.22 73.65 32.92
CA VAL A 95 9.96 74.72 31.95
C VAL A 95 8.75 75.54 32.36
N THR A 96 7.72 74.87 32.85
CA THR A 96 6.50 75.55 33.30
C THR A 96 6.80 76.46 34.49
N ILE A 97 7.56 75.93 35.45
CA ILE A 97 7.96 76.71 36.62
C ILE A 97 8.77 77.94 36.22
N THR A 98 9.67 77.77 35.26
CA THR A 98 10.51 78.87 34.79
C THR A 98 9.67 79.97 34.14
N HIS A 99 8.52 79.60 33.56
CA HIS A 99 7.64 80.58 32.93
C HIS A 99 6.94 81.50 33.94
N LEU A 100 7.18 81.26 35.22
CA LEU A 100 6.66 82.11 36.29
C LEU A 100 7.36 83.45 36.36
N LEU A 101 8.56 83.51 35.79
CA LEU A 101 9.46 84.66 35.97
C LEU A 101 9.21 85.79 34.98
N LYS A 102 10.06 86.81 35.06
CA LYS A 102 9.96 87.97 34.19
C LYS A 102 11.12 88.03 33.20
N ALA A 103 10.94 88.81 32.15
CA ALA A 103 12.03 89.17 31.27
C ALA A 103 13.07 89.98 32.04
N GLY A 104 14.33 89.51 32.06
CA GLY A 104 15.38 90.24 32.76
C GLY A 104 16.00 89.60 34.00
N ASP A 105 15.34 88.59 34.56
CA ASP A 105 15.76 87.92 35.79
C ASP A 105 16.87 86.88 35.72
N GLN A 106 17.31 86.47 36.91
CA GLN A 106 18.35 85.45 37.08
C GLN A 106 17.83 84.30 37.87
N ILE A 107 18.36 83.15 37.51
CA ILE A 107 18.08 81.89 38.16
C ILE A 107 19.38 81.41 38.78
N ILE A 108 19.34 81.07 40.06
CA ILE A 108 20.49 80.43 40.66
C ILE A 108 20.22 78.93 40.66
N CYS A 109 21.05 78.20 39.93
CA CYS A 109 20.91 76.76 39.84
C CYS A 109 22.18 76.08 40.32
N MET A 110 22.01 74.97 41.02
CA MET A 110 23.16 74.17 41.43
C MET A 110 24.00 73.70 40.26
N ASP A 111 25.31 73.63 40.47
CA ASP A 111 26.26 73.27 39.43
C ASP A 111 26.17 71.78 39.09
N ASP A 112 25.84 70.95 40.07
CA ASP A 112 25.61 69.53 39.79
C ASP A 112 24.12 69.22 39.83
N VAL A 113 23.49 69.30 38.65
CA VAL A 113 22.07 69.02 38.48
C VAL A 113 21.89 68.00 37.38
N TYR A 114 20.65 67.56 37.18
CA TYR A 114 20.34 66.68 36.07
C TYR A 114 20.69 67.38 34.76
N GLY A 115 21.34 66.64 33.85
CA GLY A 115 21.83 67.17 32.60
C GLY A 115 20.85 67.99 31.78
N GLY A 116 19.62 67.52 31.70
CA GLY A 116 18.59 68.21 30.95
C GLY A 116 18.20 69.53 31.59
N THR A 117 18.27 69.59 32.91
CA THR A 117 17.98 70.81 33.64
C THR A 117 19.04 71.86 33.33
N ASN A 118 20.30 71.43 33.33
CA ASN A 118 21.42 72.27 32.96
C ASN A 118 21.24 72.80 31.54
N ARG A 119 20.94 71.89 30.62
CA ARG A 119 20.79 72.22 29.21
C ARG A 119 19.67 73.23 28.96
N TYR A 120 18.56 73.09 29.66
CA TYR A 120 17.44 73.99 29.47
C TYR A 120 17.79 75.40 29.88
N PHE A 121 18.34 75.55 31.09
CA PHE A 121 18.73 76.85 31.60
C PHE A 121 19.81 77.49 30.74
N ARG A 122 20.84 76.70 30.44
CA ARG A 122 22.05 77.22 29.80
C ARG A 122 21.87 77.50 28.30
N GLN A 123 21.11 76.65 27.61
CA GLN A 123 21.03 76.76 26.15
C GLN A 123 19.70 77.30 25.63
N VAL A 124 18.65 77.26 26.44
CA VAL A 124 17.33 77.69 25.98
C VAL A 124 16.76 78.86 26.78
N ALA A 125 16.67 78.68 28.10
CA ALA A 125 16.08 79.68 28.99
C ALA A 125 16.82 81.01 28.97
N SER A 126 18.12 80.95 28.75
CA SER A 126 18.97 82.14 28.78
C SER A 126 18.65 83.10 27.64
N GLU A 127 17.79 82.67 26.72
CA GLU A 127 17.56 83.47 25.52
C GLU A 127 16.29 84.27 25.47
N PHE A 128 15.68 84.43 26.63
CA PHE A 128 14.44 85.16 26.71
C PHE A 128 14.57 86.10 27.91
N GLY A 129 15.75 86.70 28.03
CA GLY A 129 16.02 87.65 29.08
C GLY A 129 16.24 86.99 30.43
N LEU A 130 16.61 85.73 30.43
CA LEU A 130 16.90 85.05 31.69
C LEU A 130 18.39 84.84 31.86
N LYS A 131 18.92 85.20 33.02
CA LYS A 131 20.34 84.99 33.30
C LYS A 131 20.53 83.78 34.21
N ILE A 132 21.43 82.87 33.83
CA ILE A 132 21.63 81.66 34.63
C ILE A 132 23.07 81.56 35.14
N SER A 133 23.19 81.38 36.45
CA SER A 133 24.48 81.20 37.09
C SER A 133 24.50 79.89 37.87
N PHE A 134 25.46 79.04 37.55
CA PHE A 134 25.62 77.76 38.24
C PHE A 134 26.52 77.90 39.48
N VAL A 135 25.94 77.60 40.63
CA VAL A 135 26.58 77.85 41.92
C VAL A 135 26.51 76.64 42.86
N ASP A 136 27.62 76.32 43.52
CA ASP A 136 27.65 75.30 44.56
C ASP A 136 26.85 75.81 45.77
N CYS A 137 25.59 75.38 45.91
CA CYS A 137 24.68 75.94 46.92
C CYS A 137 24.86 75.30 48.31
N SER A 138 25.82 74.38 48.44
CA SER A 138 26.23 73.80 49.72
C SER A 138 27.16 74.65 50.50
N LYS A 139 27.91 75.47 49.77
CA LYS A 139 28.82 76.41 50.38
C LYS A 139 28.06 77.67 50.72
N ILE A 140 27.89 77.88 52.02
CA ILE A 140 26.97 78.88 52.53
C ILE A 140 27.44 80.26 52.07
N LYS A 141 28.74 80.41 51.91
CA LYS A 141 29.31 81.67 51.49
C LYS A 141 29.26 81.90 49.97
N LEU A 142 29.16 80.84 49.17
CA LEU A 142 29.09 81.02 47.72
C LEU A 142 27.69 81.39 47.24
N LEU A 143 26.67 80.94 47.98
CA LEU A 143 25.28 81.18 47.59
C LEU A 143 24.82 82.62 47.85
N GLU A 144 25.19 83.15 49.00
CA GLU A 144 24.82 84.51 49.38
C GLU A 144 25.50 85.53 48.47
N ALA A 145 26.72 85.21 48.05
CA ALA A 145 27.49 86.07 47.17
C ALA A 145 26.89 86.08 45.76
N ALA A 146 26.21 85.00 45.40
CA ALA A 146 25.62 84.86 44.07
C ALA A 146 24.24 85.52 43.99
N ILE A 147 23.55 85.63 45.13
CA ILE A 147 22.23 86.25 45.17
C ILE A 147 22.30 87.74 44.86
N THR A 148 21.38 88.19 44.00
CA THR A 148 21.29 89.59 43.64
C THR A 148 19.83 90.00 43.84
N PRO A 149 19.54 91.30 43.96
CA PRO A 149 18.15 91.76 44.12
C PRO A 149 17.27 91.39 42.94
N GLU A 150 17.93 91.00 41.85
CA GLU A 150 17.26 90.61 40.63
C GLU A 150 16.88 89.08 40.58
N THR A 151 17.44 88.30 41.50
CA THR A 151 17.17 86.86 41.56
C THR A 151 15.75 86.58 42.06
N LYS A 152 15.02 85.77 41.30
CA LYS A 152 13.62 85.47 41.62
C LYS A 152 13.40 83.96 41.82
N LEU A 153 14.40 83.16 41.46
CA LEU A 153 14.28 81.71 41.52
C LEU A 153 15.60 81.01 41.86
N VAL A 154 15.56 80.12 42.85
CA VAL A 154 16.71 79.27 43.16
C VAL A 154 16.33 77.79 42.99
N TRP A 155 17.06 77.10 42.12
CA TRP A 155 16.76 75.71 41.81
C TRP A 155 17.83 74.76 42.37
N ILE A 156 17.45 73.93 43.33
CA ILE A 156 18.40 72.99 43.92
C ILE A 156 17.92 71.54 43.75
N GLU A 157 18.87 70.63 43.78
CA GLU A 157 18.60 69.21 43.65
C GLU A 157 19.39 68.47 44.74
N THR A 158 18.70 67.63 45.50
CA THR A 158 19.36 66.91 46.60
C THR A 158 18.74 65.55 46.94
N PRO A 159 19.56 64.48 46.92
CA PRO A 159 20.97 64.40 46.52
C PRO A 159 21.18 64.64 45.03
N THR A 160 22.38 65.09 44.66
CA THR A 160 22.68 65.40 43.27
C THR A 160 22.85 64.15 42.42
N ASN A 161 22.73 64.32 41.11
CA ASN A 161 22.90 63.23 40.15
C ASN A 161 24.18 63.43 39.35
N PRO A 162 25.14 62.50 39.44
CA PRO A 162 25.19 61.22 40.17
C PRO A 162 26.18 61.20 41.33
N THR A 163 26.81 62.32 41.65
CA THR A 163 27.82 62.36 42.70
C THR A 163 27.17 62.41 44.07
N GLN A 164 25.85 62.57 44.07
CA GLN A 164 25.01 62.50 45.26
C GLN A 164 25.47 63.39 46.39
N LYS A 165 25.66 64.66 46.04
CA LYS A 165 25.97 65.65 47.03
C LYS A 165 24.70 66.13 47.76
N VAL A 166 24.79 66.26 49.09
CA VAL A 166 23.59 66.56 49.89
C VAL A 166 23.56 68.01 50.39
N ILE A 167 22.40 68.65 50.25
CA ILE A 167 22.24 70.04 50.66
C ILE A 167 21.33 70.14 51.88
N ASP A 168 21.75 70.92 52.86
CA ASP A 168 20.90 71.26 54.00
C ASP A 168 19.79 72.19 53.50
N ILE A 169 18.58 71.66 53.32
CA ILE A 169 17.48 72.44 52.72
C ILE A 169 16.96 73.63 53.56
N GLU A 170 16.73 73.44 54.85
CA GLU A 170 16.14 74.48 55.69
C GLU A 170 16.98 75.75 55.90
N GLY A 171 18.28 75.58 56.09
CA GLY A 171 19.22 76.69 56.18
C GLY A 171 19.26 77.38 54.83
N CYS A 172 19.20 76.57 53.78
CA CYS A 172 19.19 77.08 52.42
C CYS A 172 17.91 77.87 52.20
N ALA A 173 16.79 77.35 52.70
CA ALA A 173 15.52 78.06 52.64
C ALA A 173 15.63 79.36 53.45
N HIS A 174 16.30 79.26 54.59
CA HIS A 174 16.53 80.40 55.48
C HIS A 174 17.37 81.47 54.82
N ILE A 175 18.43 81.06 54.13
CA ILE A 175 19.30 81.98 53.42
C ILE A 175 18.58 82.64 52.26
N VAL A 176 17.78 81.85 51.54
CA VAL A 176 17.11 82.33 50.33
C VAL A 176 15.96 83.31 50.65
N HIS A 177 15.21 83.05 51.70
CA HIS A 177 14.01 83.84 52.01
C HIS A 177 14.29 85.15 52.76
N LYS A 178 15.56 85.42 53.07
CA LYS A 178 15.95 86.68 53.70
C LYS A 178 15.79 87.83 52.71
N HIS A 179 15.77 87.49 51.43
CA HIS A 179 15.64 88.46 50.35
C HIS A 179 14.21 88.44 49.87
N GLY A 180 13.35 87.85 50.71
CA GLY A 180 11.93 87.83 50.47
C GLY A 180 11.44 87.02 49.28
N ASP A 181 10.75 87.69 48.37
CA ASP A 181 10.12 87.05 47.22
C ASP A 181 11.13 86.40 46.26
N ILE A 182 11.76 85.32 46.71
CA ILE A 182 12.55 84.48 45.84
C ILE A 182 11.98 83.07 45.95
N ILE A 183 11.83 82.39 44.83
CA ILE A 183 11.28 81.05 44.87
C ILE A 183 12.37 80.01 45.04
N LEU A 184 12.24 79.17 46.08
CA LEU A 184 13.15 78.05 46.26
C LEU A 184 12.47 76.76 45.82
N VAL A 185 13.03 76.14 44.77
CA VAL A 185 12.51 74.88 44.26
C VAL A 185 13.49 73.75 44.57
N VAL A 186 12.97 72.66 45.14
CA VAL A 186 13.79 71.48 45.38
C VAL A 186 13.37 70.33 44.47
N ASP A 187 14.26 69.93 43.58
CA ASP A 187 14.04 68.76 42.73
C ASP A 187 14.16 67.52 43.60
N ASN A 188 13.02 66.98 44.02
CA ASN A 188 13.00 65.88 44.96
C ASN A 188 12.84 64.52 44.28
N THR A 189 13.41 64.38 43.09
CA THR A 189 13.26 63.16 42.29
C THR A 189 13.93 61.94 42.93
N PHE A 190 15.15 62.12 43.43
CA PHE A 190 15.90 61.00 44.02
C PHE A 190 15.24 60.36 45.23
N MET A 191 14.87 61.17 46.21
CA MET A 191 14.33 60.66 47.46
C MET A 191 12.89 60.17 47.40
N SER A 192 12.02 61.00 46.82
CA SER A 192 10.56 60.83 46.75
C SER A 192 9.94 61.44 48.01
N PRO A 193 8.63 61.70 48.01
CA PRO A 193 8.04 62.32 49.20
C PRO A 193 7.98 61.38 50.40
N TYR A 194 8.25 60.10 50.17
CA TYR A 194 8.27 59.12 51.25
C TYR A 194 9.50 59.28 52.14
N PHE A 195 10.59 59.79 51.56
CA PHE A 195 11.82 59.92 52.30
C PHE A 195 12.23 61.36 52.60
N GLN A 196 11.71 62.32 51.84
CA GLN A 196 12.07 63.72 52.06
C GLN A 196 10.96 64.67 51.63
N ARG A 197 10.63 65.61 52.51
CA ARG A 197 9.60 66.61 52.25
C ARG A 197 10.14 68.03 52.26
N PRO A 198 10.62 68.51 51.10
CA PRO A 198 11.17 69.86 50.93
C PRO A 198 10.26 70.96 51.46
N LEU A 199 8.95 70.80 51.27
CA LEU A 199 7.98 71.80 51.71
C LEU A 199 7.95 71.92 53.24
N ALA A 200 8.14 70.79 53.91
CA ALA A 200 8.20 70.78 55.36
C ALA A 200 9.53 71.33 55.86
N LEU A 201 10.48 71.47 54.95
CA LEU A 201 11.81 71.96 55.30
C LEU A 201 12.02 73.41 54.86
N GLY A 202 10.97 74.02 54.34
CA GLY A 202 11.04 75.44 54.01
C GLY A 202 11.05 75.76 52.53
N ALA A 203 11.09 74.74 51.69
CA ALA A 203 11.06 74.97 50.24
C ALA A 203 9.70 75.51 49.83
N ASP A 204 9.67 76.24 48.72
CA ASP A 204 8.43 76.83 48.23
C ASP A 204 7.73 75.88 47.27
N ILE A 205 8.53 75.13 46.53
CA ILE A 205 8.04 74.17 45.55
C ILE A 205 8.76 72.84 45.69
N SER A 206 8.01 71.76 45.78
CA SER A 206 8.59 70.43 45.74
C SER A 206 8.31 69.82 44.37
N MET A 207 9.36 69.66 43.57
CA MET A 207 9.21 69.23 42.18
C MET A 207 9.72 67.81 41.97
N TYR A 208 9.02 67.04 41.14
CA TYR A 208 9.41 65.67 40.84
C TYR A 208 9.45 65.36 39.37
N SER A 209 10.35 64.48 38.98
CA SER A 209 10.20 63.73 37.75
C SER A 209 9.52 62.41 38.12
N ALA A 210 8.22 62.31 37.87
CA ALA A 210 7.47 61.13 38.27
C ALA A 210 7.89 59.92 37.43
N THR A 211 8.64 60.20 36.36
CA THR A 211 9.20 59.18 35.50
C THR A 211 10.08 58.21 36.28
N1 5OW A 212 15.08 65.68 37.23
C2 5OW A 212 15.86 64.76 37.84
C3 5OW A 212 16.12 63.55 37.23
C7 5OW A 212 18.67 60.24 34.17
O8 5OW A 212 19.04 59.07 33.92
CA 5OW A 212 11.51 57.86 38.24
CB 5OW A 212 12.59 58.81 38.77
CD 5OW A 212 13.48 59.36 36.43
CE 5OW A 212 13.83 60.84 36.32
CG 5OW A 212 13.79 58.83 37.83
O9 5OW A 212 19.44 61.09 34.67
C1 5OW A 212 17.26 60.63 33.84
C10 5OW A 212 17.12 61.01 32.38
S11 5OW A 212 17.88 59.83 31.25
N4 5OW A 212 16.90 61.86 34.55
C4' 5OW A 212 15.83 61.96 35.33
C4 5OW A 212 15.56 63.27 36.00
C5 5OW A 212 14.77 64.23 35.40
C5' 5OW A 212 14.16 63.93 34.05
OP4 5OW A 212 12.81 64.39 33.96
P 5OW A 212 11.87 63.72 32.85
OP3 5OW A 212 11.70 64.81 31.83
OP2 5OW A 212 12.67 62.53 32.38
OP1 5OW A 212 10.61 63.36 33.60
C6 5OW A 212 14.53 65.43 36.04
C2' 5OW A 212 16.47 65.05 39.18
O3 5OW A 212 16.91 62.62 37.84
NZ 5OW A 212 15.04 60.91 35.51
N 5OW A 212 10.55 58.65 37.44
C 5OW A 212 10.82 57.11 39.36
O 5OW A 212 10.03 56.19 39.06
N TYR A 213 11.08 57.45 40.62
CA TYR A 213 10.57 56.67 41.76
C TYR A 213 9.06 56.75 41.96
N MET A 214 8.46 57.91 41.70
CA MET A 214 7.02 58.09 41.93
C MET A 214 6.15 57.05 41.23
N ASN A 215 6.27 56.96 39.91
CA ASN A 215 5.59 55.91 39.17
C ASN A 215 6.27 54.58 39.44
N GLY A 216 7.59 54.56 39.29
CA GLY A 216 8.41 53.44 39.70
C GLY A 216 8.34 52.17 38.87
N HIS A 217 7.63 52.22 37.74
CA HIS A 217 7.46 51.01 36.94
C HIS A 217 7.98 51.19 35.51
N SER A 218 8.78 52.24 35.30
CA SER A 218 9.47 52.46 34.04
C SER A 218 8.55 52.49 32.82
N ASP A 219 7.33 52.99 33.01
CA ASP A 219 6.38 53.02 31.91
C ASP A 219 5.57 54.31 31.81
N VAL A 220 5.99 55.32 32.57
CA VAL A 220 5.31 56.62 32.56
C VAL A 220 6.30 57.77 32.59
N VAL A 221 6.18 58.68 31.64
CA VAL A 221 6.92 59.93 31.68
C VAL A 221 6.01 61.04 32.20
N MET A 222 6.40 61.67 33.31
CA MET A 222 5.54 62.64 33.96
C MET A 222 6.31 63.52 34.93
N GLY A 223 5.85 64.76 35.09
CA GLY A 223 6.42 65.65 36.08
C GLY A 223 5.37 66.04 37.11
N LEU A 224 5.82 66.37 38.31
CA LEU A 224 4.91 66.75 39.38
C LEU A 224 5.43 67.97 40.10
N VAL A 225 4.54 68.87 40.47
CA VAL A 225 4.90 70.10 41.15
C VAL A 225 3.98 70.35 42.33
N SER A 226 4.53 70.30 43.54
CA SER A 226 3.74 70.54 44.74
C SER A 226 4.07 71.89 45.38
N VAL A 227 3.05 72.56 45.90
CA VAL A 227 3.20 73.91 46.41
C VAL A 227 2.16 74.19 47.49
N ASN A 228 2.48 75.12 48.38
CA ASN A 228 1.56 75.52 49.45
C ASN A 228 1.03 76.92 49.23
N CYS A 229 1.90 77.82 48.78
CA CYS A 229 1.57 79.23 48.60
C CYS A 229 0.41 79.40 47.62
N GLU A 230 -0.59 80.19 48.03
CA GLU A 230 -1.80 80.38 47.26
C GLU A 230 -1.51 81.10 45.95
N SER A 231 -0.73 82.18 46.04
CA SER A 231 -0.39 82.98 44.88
C SER A 231 0.50 82.23 43.89
N LEU A 232 1.41 81.43 44.43
CA LEU A 232 2.31 80.65 43.60
C LEU A 232 1.54 79.57 42.85
N HIS A 233 0.54 78.98 43.51
CA HIS A 233 -0.29 77.95 42.91
C HIS A 233 -1.14 78.46 41.75
N ASN A 234 -1.77 79.61 41.94
CA ASN A 234 -2.62 80.19 40.91
C ASN A 234 -1.84 80.51 39.64
N ARG A 235 -0.61 80.97 39.82
CA ARG A 235 0.28 81.27 38.69
C ARG A 235 0.72 79.99 38.00
N LEU A 236 0.97 78.95 38.79
CA LEU A 236 1.36 77.65 38.26
C LEU A 236 0.18 76.97 37.54
N ARG A 237 -1.01 77.10 38.12
CA ARG A 237 -2.20 76.49 37.54
C ARG A 237 -2.59 77.16 36.22
N PHE A 238 -2.36 78.46 36.13
CA PHE A 238 -2.63 79.21 34.91
C PHE A 238 -1.71 78.71 33.81
N LEU A 239 -0.45 78.48 34.15
CA LEU A 239 0.56 78.04 33.20
C LEU A 239 0.37 76.59 32.77
N GLN A 240 -0.17 75.77 33.66
CA GLN A 240 -0.43 74.37 33.35
C GLN A 240 -1.40 74.28 32.17
N ASN A 241 -2.40 75.14 32.18
CA ASN A 241 -3.42 75.16 31.14
C ASN A 241 -3.01 75.95 29.90
N SER A 242 -2.13 76.93 30.10
CA SER A 242 -1.75 77.85 29.01
C SER A 242 -0.68 77.29 28.10
N LEU A 243 0.28 76.55 28.65
CA LEU A 243 1.34 75.97 27.85
C LEU A 243 0.93 74.59 27.34
N GLY A 244 0.09 73.92 28.12
CA GLY A 244 -0.52 72.67 27.69
C GLY A 244 0.41 71.47 27.72
N ALA A 245 1.46 71.54 28.52
CA ALA A 245 2.35 70.40 28.69
C ALA A 245 1.75 69.45 29.72
N VAL A 246 0.55 68.97 29.43
CA VAL A 246 -0.23 68.17 30.36
C VAL A 246 -0.04 66.68 30.11
N PRO A 247 -0.19 65.86 31.16
CA PRO A 247 -0.06 64.42 31.00
C PRO A 247 -1.35 63.76 30.54
N SER A 248 -1.23 62.61 29.89
CA SER A 248 -2.40 61.81 29.52
C SER A 248 -3.08 61.25 30.75
N PRO A 249 -4.43 61.19 30.72
CA PRO A 249 -5.20 60.58 31.80
C PRO A 249 -4.79 59.13 32.06
N ILE A 250 -4.39 58.40 31.02
CA ILE A 250 -3.95 57.03 31.20
C ILE A 250 -2.62 56.99 31.95
N ASP A 251 -1.73 57.92 31.61
CA ASP A 251 -0.47 58.06 32.33
C ASP A 251 -0.72 58.49 33.77
N CYS A 252 -1.69 59.37 33.95
CA CYS A 252 -2.09 59.82 35.28
C CYS A 252 -2.59 58.63 36.10
N TYR A 253 -3.40 57.79 35.48
CA TYR A 253 -3.90 56.60 36.13
C TYR A 253 -2.76 55.64 36.49
N LEU A 254 -1.85 55.45 35.54
CA LEU A 254 -0.73 54.54 35.73
C LEU A 254 0.19 55.02 36.84
N CYS A 255 0.45 56.33 36.88
CA CYS A 255 1.29 56.91 37.92
C CYS A 255 0.59 56.80 39.27
N ASN A 256 -0.71 57.04 39.29
CA ASN A 256 -1.49 56.94 40.52
C ASN A 256 -1.53 55.49 40.99
N ARG A 257 -1.56 54.57 40.03
CA ARG A 257 -1.49 53.14 40.32
C ARG A 257 -0.13 52.78 40.95
N GLY A 258 0.92 53.36 40.41
CA GLY A 258 2.27 53.17 40.92
C GLY A 258 2.47 53.72 42.31
N LEU A 259 1.83 54.86 42.59
CA LEU A 259 1.91 55.51 43.89
C LEU A 259 1.44 54.61 45.02
N LYS A 260 0.49 53.75 44.72
CA LYS A 260 -0.14 52.86 45.70
C LYS A 260 0.86 51.93 46.39
N THR A 261 1.99 51.66 45.74
CA THR A 261 3.00 50.77 46.31
C THR A 261 4.32 51.47 46.57
N LEU A 262 4.30 52.80 46.54
CA LEU A 262 5.52 53.60 46.73
C LEU A 262 6.20 53.32 48.08
N HIS A 263 5.41 53.17 49.14
CA HIS A 263 5.98 52.98 50.47
C HIS A 263 6.69 51.63 50.61
N VAL A 264 6.09 50.57 50.09
CA VAL A 264 6.71 49.25 50.17
C VAL A 264 7.86 49.09 49.18
N ARG A 265 7.81 49.86 48.09
CA ARG A 265 8.90 49.86 47.11
C ARG A 265 10.14 50.56 47.64
N MET A 266 9.97 51.77 48.18
CA MET A 266 11.09 52.55 48.68
C MET A 266 11.80 51.85 49.84
N GLU A 267 11.05 51.10 50.62
CA GLU A 267 11.63 50.36 51.73
C GLU A 267 12.57 49.26 51.23
N LYS A 268 12.17 48.62 50.14
CA LYS A 268 12.99 47.56 49.55
C LYS A 268 14.18 48.14 48.80
N HIS A 269 13.97 49.29 48.16
CA HIS A 269 15.06 50.02 47.50
C HIS A 269 16.12 50.38 48.54
N PHE A 270 15.65 50.77 49.72
CA PHE A 270 16.51 51.14 50.84
C PHE A 270 17.30 49.92 51.31
N LYS A 271 16.60 48.81 51.55
CA LYS A 271 17.22 47.59 52.05
C LYS A 271 18.23 47.02 51.05
N ASN A 272 17.85 47.02 49.77
CA ASN A 272 18.72 46.52 48.71
C ASN A 272 19.89 47.45 48.40
N GLY A 273 19.62 48.75 48.40
CA GLY A 273 20.65 49.74 48.14
C GLY A 273 21.72 49.71 49.21
N MET A 274 21.30 49.58 50.46
CA MET A 274 22.22 49.50 51.59
C MET A 274 23.11 48.27 51.46
N ALA A 275 22.50 47.14 51.12
CA ALA A 275 23.23 45.89 50.94
C ALA A 275 24.23 45.96 49.79
N VAL A 276 23.80 46.55 48.68
CA VAL A 276 24.67 46.72 47.52
C VAL A 276 25.85 47.64 47.85
N ALA A 277 25.54 48.75 48.52
CA ALA A 277 26.56 49.73 48.89
C ALA A 277 27.61 49.12 49.82
N GLN A 278 27.17 48.33 50.78
CA GLN A 278 28.07 47.69 51.73
C GLN A 278 28.93 46.60 51.07
N PHE A 279 28.34 45.86 50.14
CA PHE A 279 29.09 44.85 49.39
C PHE A 279 30.21 45.48 48.57
N LEU A 280 29.87 46.57 47.88
CA LEU A 280 30.82 47.25 47.01
C LEU A 280 31.99 47.85 47.80
N GLU A 281 31.70 48.37 48.98
CA GLU A 281 32.73 49.06 49.76
C GLU A 281 33.77 48.09 50.34
N SER A 282 33.36 46.88 50.66
CA SER A 282 34.27 45.88 51.21
C SER A 282 34.91 45.07 50.08
N ASN A 283 34.64 45.48 48.85
CA ASN A 283 35.15 44.79 47.68
C ASN A 283 36.52 45.31 47.25
N PRO A 284 37.46 44.39 47.01
CA PRO A 284 38.84 44.73 46.67
C PRO A 284 38.97 45.39 45.29
N TRP A 285 37.92 45.38 44.49
CA TRP A 285 38.01 45.94 43.15
C TRP A 285 37.29 47.27 43.03
N VAL A 286 36.83 47.80 44.16
CA VAL A 286 36.15 49.08 44.18
C VAL A 286 36.94 50.13 44.95
N GLU A 287 37.14 51.30 44.34
CA GLU A 287 37.94 52.34 44.94
C GLU A 287 37.19 53.13 46.01
N LYS A 288 35.93 53.43 45.75
CA LYS A 288 35.15 54.28 46.63
C LYS A 288 33.66 54.13 46.35
N VAL A 289 32.86 54.14 47.42
CA VAL A 289 31.42 54.05 47.29
C VAL A 289 30.74 55.31 47.84
N ILE A 290 29.80 55.85 47.07
CA ILE A 290 29.03 56.99 47.53
C ILE A 290 27.55 56.61 47.71
N TYR A 291 27.14 56.48 48.96
CA TYR A 291 25.75 56.15 49.29
C TYR A 291 25.38 56.75 50.64
N PRO A 292 24.38 57.64 50.65
CA PRO A 292 23.92 58.38 51.84
C PRO A 292 23.62 57.48 53.05
N GLY A 293 23.31 56.22 52.80
CA GLY A 293 23.02 55.30 53.89
C GLY A 293 24.26 54.78 54.59
N LEU A 294 25.42 54.94 53.96
CA LEU A 294 26.69 54.53 54.55
C LEU A 294 27.29 55.64 55.41
N PRO A 295 27.84 55.27 56.57
CA PRO A 295 28.53 56.24 57.43
C PRO A 295 29.72 56.89 56.73
N SER A 296 30.24 56.24 55.68
CA SER A 296 31.37 56.77 54.93
C SER A 296 31.00 57.99 54.10
N HIS A 297 29.71 58.21 53.90
CA HIS A 297 29.24 59.39 53.18
C HIS A 297 29.46 60.62 54.07
N PRO A 298 30.16 61.63 53.54
CA PRO A 298 30.48 62.86 54.28
C PRO A 298 29.28 63.55 54.94
N GLN A 299 28.10 63.48 54.34
CA GLN A 299 26.93 64.13 54.92
C GLN A 299 25.89 63.11 55.40
N HIS A 300 26.37 61.95 55.85
CA HIS A 300 25.49 60.88 56.33
C HIS A 300 24.56 61.34 57.45
N GLU A 301 25.06 62.19 58.34
CA GLU A 301 24.29 62.64 59.49
C GLU A 301 23.28 63.73 59.13
N LEU A 302 23.57 64.51 58.09
CA LEU A 302 22.63 65.51 57.61
C LEU A 302 21.41 64.79 57.02
N VAL A 303 21.68 63.73 56.27
CA VAL A 303 20.64 62.91 55.66
C VAL A 303 19.67 62.37 56.73
N LYS A 304 20.21 61.85 57.82
CA LYS A 304 19.38 61.33 58.89
C LYS A 304 18.52 62.40 59.56
N ARG A 305 18.94 63.65 59.51
CA ARG A 305 18.18 64.73 60.11
C ARG A 305 17.06 65.27 59.22
N GLN A 306 17.23 65.21 57.90
CA GLN A 306 16.20 65.75 57.01
C GLN A 306 15.46 64.67 56.22
N CYS A 307 15.87 63.41 56.35
CA CYS A 307 15.23 62.33 55.61
C CYS A 307 14.81 61.18 56.52
N THR A 308 13.84 60.39 56.06
CA THR A 308 13.33 59.27 56.82
C THR A 308 13.98 57.96 56.39
N GLY A 309 14.89 58.05 55.44
CA GLY A 309 15.59 56.90 54.92
C GLY A 309 16.37 57.24 53.67
N CYS A 310 16.85 56.22 52.96
CA CYS A 310 17.62 56.46 51.75
C CYS A 310 17.07 55.60 50.61
N THR A 311 17.46 55.95 49.38
CA THR A 311 16.91 55.28 48.20
C THR A 311 17.85 54.20 47.68
N GLY A 312 17.64 53.80 46.43
CA GLY A 312 18.42 52.73 45.84
C GLY A 312 19.53 53.19 44.91
N MET A 313 19.83 54.49 44.94
CA MET A 313 20.89 55.03 44.09
C MET A 313 22.27 54.87 44.73
N VAL A 314 23.07 53.98 44.17
CA VAL A 314 24.42 53.73 44.67
C VAL A 314 25.47 54.10 43.63
N THR A 315 26.33 55.06 43.98
CA THR A 315 27.40 55.48 43.10
C THR A 315 28.73 54.94 43.60
N PHE A 316 29.60 54.51 42.69
CA PHE A 316 30.91 54.03 43.10
C PHE A 316 31.96 54.19 42.00
N TYR A 317 33.21 54.25 42.41
CA TYR A 317 34.33 54.28 41.49
C TYR A 317 34.95 52.89 41.42
N ILE A 318 35.09 52.37 40.21
CA ILE A 318 35.74 51.07 40.04
C ILE A 318 37.25 51.30 39.89
N LYS A 319 38.04 50.36 40.37
CA LYS A 319 39.49 50.48 40.23
C LYS A 319 39.91 50.25 38.78
N GLY A 320 40.91 50.99 38.34
CA GLY A 320 41.43 50.86 36.99
C GLY A 320 41.00 52.02 36.11
N THR A 321 40.73 51.73 34.85
CA THR A 321 40.40 52.78 33.90
C THR A 321 39.00 52.61 33.29
N LEU A 322 38.70 53.47 32.32
CA LEU A 322 37.43 53.44 31.61
C LEU A 322 37.17 52.06 31.03
N GLN A 323 38.25 51.37 30.69
CA GLN A 323 38.13 50.06 30.10
C GLN A 323 37.54 49.08 31.11
N HIS A 324 37.94 49.21 32.36
CA HIS A 324 37.48 48.32 33.40
C HIS A 324 36.01 48.56 33.74
N ALA A 325 35.60 49.82 33.72
CA ALA A 325 34.21 50.18 33.96
C ALA A 325 33.33 49.60 32.86
N GLU A 326 33.84 49.59 31.62
CA GLU A 326 33.09 49.09 30.48
C GLU A 326 32.95 47.57 30.53
N ILE A 327 34.03 46.87 30.88
CA ILE A 327 33.99 45.41 31.00
C ILE A 327 33.00 44.99 32.10
N PHE A 328 33.01 45.74 33.20
CA PHE A 328 32.09 45.50 34.30
C PHE A 328 30.63 45.66 33.87
N LEU A 329 30.33 46.78 33.23
CA LEU A 329 28.97 47.11 32.83
C LEU A 329 28.37 46.13 31.81
N LYS A 330 29.21 45.62 30.92
CA LYS A 330 28.72 44.76 29.84
C LYS A 330 28.61 43.29 30.27
N ASN A 331 29.13 42.98 31.46
CA ASN A 331 29.08 41.60 31.95
C ASN A 331 27.97 41.38 32.98
N LEU A 332 27.28 42.44 33.36
CA LEU A 332 26.14 42.33 34.25
C LEU A 332 25.01 41.57 33.57
N LYS A 333 24.32 40.72 34.32
CA LYS A 333 23.23 39.93 33.76
C LYS A 333 21.89 40.33 34.37
N LEU A 334 21.94 40.91 35.57
CA LEU A 334 20.73 41.37 36.23
C LEU A 334 20.56 42.87 36.06
N PHE A 335 21.60 43.61 36.39
CA PHE A 335 21.63 45.04 36.10
C PHE A 335 21.58 45.25 34.60
N THR A 336 20.72 46.15 34.14
CA THR A 336 20.65 46.46 32.72
C THR A 336 21.37 47.77 32.46
N LEU A 337 22.25 47.75 31.47
CA LEU A 337 22.96 48.96 31.06
C LEU A 337 22.01 49.91 30.35
N ALA A 338 21.50 50.89 31.10
CA ALA A 338 20.53 51.84 30.56
C ALA A 338 20.49 53.11 31.38
N VAL A 339 19.89 54.15 30.82
CA VAL A 339 19.71 55.40 31.53
C VAL A 339 18.41 55.41 32.31
N SER A 340 18.14 56.52 33.00
CA SER A 340 16.98 56.68 33.89
C SER A 340 17.18 55.84 35.16
N LEU A 341 16.22 55.91 36.07
CA LEU A 341 16.36 55.28 37.37
C LEU A 341 15.02 55.18 38.10
N GLY A 342 15.02 54.53 39.26
CA GLY A 342 13.86 54.50 40.13
C GLY A 342 12.79 53.47 39.78
N GLY A 343 13.11 52.57 38.87
CA GLY A 343 12.17 51.53 38.48
C GLY A 343 12.34 50.29 39.33
N PHE A 344 11.47 49.30 39.15
CA PHE A 344 11.54 48.06 39.91
C PHE A 344 12.75 47.22 39.49
N GLU A 345 13.27 47.50 38.30
CA GLU A 345 14.42 46.75 37.77
C GLU A 345 15.73 47.48 38.03
N SER A 346 16.79 46.72 38.23
CA SER A 346 18.10 47.29 38.50
C SER A 346 18.75 47.82 37.23
N LEU A 347 19.25 49.05 37.30
CA LEU A 347 19.92 49.66 36.16
C LEU A 347 21.33 50.09 36.53
N ALA A 348 22.23 50.06 35.55
CA ALA A 348 23.61 50.47 35.73
C ALA A 348 24.02 51.38 34.59
N GLU A 349 24.90 52.33 34.86
CA GLU A 349 25.18 53.36 33.87
C GLU A 349 26.52 54.08 34.14
N LEU A 350 27.13 54.58 33.08
CA LEU A 350 28.38 55.33 33.18
C LEU A 350 28.15 56.78 32.75
N PRO A 351 27.85 57.66 33.72
CA PRO A 351 27.42 59.05 33.53
C PRO A 351 28.30 59.88 32.60
N ALA A 352 29.60 59.64 32.61
CA ALA A 352 30.53 60.40 31.77
C ALA A 352 30.19 60.24 30.29
N ILE A 353 29.73 59.04 29.93
CA ILE A 353 29.42 58.73 28.54
C ILE A 353 27.94 58.80 28.22
N MET A 354 27.08 58.67 29.23
CA MET A 354 25.66 58.48 28.97
C MET A 354 24.77 59.63 29.45
N THR A 355 24.22 59.52 30.66
CA THR A 355 23.21 60.49 31.12
C THR A 355 23.75 61.91 31.31
N HIS A 356 25.07 62.08 31.46
CA HIS A 356 25.62 63.42 31.64
C HIS A 356 26.56 63.80 30.51
N ALA A 357 26.27 63.29 29.32
CA ALA A 357 26.99 63.72 28.13
C ALA A 357 26.56 65.12 27.68
N SER A 358 25.45 65.61 28.24
CA SER A 358 24.88 66.93 27.91
C SER A 358 25.38 68.10 28.80
N VAL A 359 26.37 67.80 29.66
CA VAL A 359 27.04 68.77 30.55
C VAL A 359 28.45 68.98 30.01
N LEU A 360 28.94 70.22 29.93
CA LEU A 360 30.27 70.50 29.36
C LEU A 360 31.40 69.71 30.06
N LYS A 361 32.37 69.24 29.27
CA LYS A 361 33.38 68.27 29.75
C LYS A 361 34.28 68.65 30.92
N ASN A 362 34.72 69.90 30.98
CA ASN A 362 35.64 70.27 32.06
C ASN A 362 34.96 70.55 33.38
N ASP A 363 33.67 70.85 33.33
CA ASP A 363 32.88 70.94 34.54
C ASP A 363 32.55 69.50 34.97
N ARG A 364 32.56 68.55 34.04
CA ARG A 364 32.31 67.15 34.38
C ARG A 364 33.46 66.64 35.24
N ASP A 365 34.67 67.13 34.97
CA ASP A 365 35.85 66.71 35.72
C ASP A 365 35.92 67.28 37.15
N VAL A 366 35.45 68.52 37.31
CA VAL A 366 35.44 69.19 38.60
C VAL A 366 34.43 68.55 39.57
N LEU A 367 33.32 68.07 39.02
CA LEU A 367 32.25 67.51 39.83
C LEU A 367 32.62 66.11 40.33
N GLY A 368 33.55 65.47 39.64
CA GLY A 368 34.04 64.17 40.05
C GLY A 368 33.47 63.07 39.18
N ILE A 369 32.79 63.46 38.11
CA ILE A 369 32.21 62.51 37.18
C ILE A 369 33.26 62.06 36.16
N SER A 370 34.17 61.20 36.62
CA SER A 370 35.24 60.72 35.77
C SER A 370 34.75 59.58 34.88
N ASP A 371 35.68 59.01 34.11
CA ASP A 371 35.35 57.88 33.24
C ASP A 371 35.19 56.59 34.05
N THR A 372 35.48 56.66 35.34
CA THR A 372 35.45 55.47 36.18
C THR A 372 34.34 55.54 37.23
N LEU A 373 33.54 56.61 37.19
CA LEU A 373 32.38 56.75 38.07
C LEU A 373 31.18 55.98 37.52
N ILE A 374 30.63 55.08 38.32
CA ILE A 374 29.50 54.27 37.90
C ILE A 374 28.29 54.48 38.82
N ARG A 375 27.12 54.71 38.21
CA ARG A 375 25.88 54.90 38.97
C ARG A 375 24.99 53.66 38.91
N LEU A 376 24.55 53.18 40.08
CA LEU A 376 23.63 52.05 40.11
C LEU A 376 22.25 52.47 40.60
N SER A 377 21.21 51.98 39.93
CA SER A 377 19.85 52.10 40.41
C SER A 377 19.36 50.72 40.83
N VAL A 378 19.52 50.40 42.11
CA VAL A 378 19.21 49.07 42.61
C VAL A 378 17.70 48.85 42.70
N GLY A 379 17.24 47.78 42.08
CA GLY A 379 15.82 47.50 41.99
C GLY A 379 15.31 46.63 43.12
N LEU A 380 14.20 45.93 42.88
CA LEU A 380 13.52 45.18 43.92
C LEU A 380 13.77 43.67 43.84
N GLU A 381 14.81 43.26 43.11
CA GLU A 381 15.15 41.85 43.01
C GLU A 381 15.74 41.33 44.32
N ASP A 382 15.97 40.01 44.38
CA ASP A 382 16.57 39.38 45.56
C ASP A 382 17.99 39.87 45.77
N GLU A 383 18.32 40.11 47.04
CA GLU A 383 19.63 40.65 47.42
C GLU A 383 20.82 39.82 46.93
N GLU A 384 20.83 38.52 47.25
CA GLU A 384 21.87 37.60 46.78
C GLU A 384 22.18 37.75 45.29
N ASP A 385 21.14 37.71 44.46
CA ASP A 385 21.29 37.72 43.01
C ASP A 385 21.91 39.02 42.54
N LEU A 386 21.55 40.11 43.21
CA LEU A 386 22.11 41.42 42.89
C LEU A 386 23.57 41.48 43.26
N LEU A 387 23.90 40.93 44.43
CA LEU A 387 25.28 40.91 44.91
C LEU A 387 26.14 39.95 44.07
N GLU A 388 25.59 38.78 43.77
CA GLU A 388 26.31 37.80 42.97
C GLU A 388 26.60 38.32 41.56
N ASP A 389 25.65 39.09 41.03
CA ASP A 389 25.82 39.67 39.70
C ASP A 389 26.94 40.69 39.71
N LEU A 390 27.00 41.50 40.76
CA LEU A 390 28.04 42.52 40.91
C LEU A 390 29.41 41.89 41.10
N ASP A 391 29.46 40.82 41.90
CA ASP A 391 30.70 40.12 42.18
C ASP A 391 31.28 39.52 40.90
N GLN A 392 30.44 38.78 40.17
CA GLN A 392 30.85 38.13 38.94
C GLN A 392 31.31 39.15 37.88
N ALA A 393 30.62 40.28 37.81
CA ALA A 393 30.96 41.30 36.82
C ALA A 393 32.26 42.01 37.17
N LEU A 394 32.51 42.18 38.46
CA LEU A 394 33.75 42.79 38.93
C LEU A 394 34.93 41.83 38.72
N LYS A 395 34.67 40.54 38.90
CA LYS A 395 35.68 39.51 38.67
C LYS A 395 36.03 39.40 37.19
N ALA A 396 35.10 39.80 36.33
CA ALA A 396 35.35 39.78 34.89
C ALA A 396 36.28 40.92 34.50
N ALA A 397 36.08 42.07 35.13
CA ALA A 397 36.92 43.24 34.92
C ALA A 397 38.29 43.04 35.58
N HIS A 398 38.27 42.46 36.78
CA HIS A 398 39.49 42.21 37.53
C HIS A 398 39.60 40.76 38.00
N PRO A 399 40.01 39.86 37.11
CA PRO A 399 40.15 38.46 37.50
C PRO A 399 41.41 38.23 38.35
N GLY B 10 -14.90 71.65 -8.55
CA GLY B 10 -13.82 72.56 -8.89
C GLY B 10 -12.73 72.58 -7.85
N PHE B 11 -12.85 71.72 -6.84
CA PHE B 11 -11.84 71.63 -5.80
C PHE B 11 -10.56 70.98 -6.32
N LEU B 12 -9.49 71.08 -5.54
CA LEU B 12 -8.27 70.35 -5.80
C LEU B 12 -8.54 68.84 -5.78
N PRO B 13 -7.92 68.10 -6.71
CA PRO B 13 -8.06 66.64 -6.71
C PRO B 13 -7.56 66.08 -5.39
N HIS B 14 -8.21 65.02 -4.89
CA HIS B 14 -7.83 64.46 -3.59
C HIS B 14 -6.39 63.99 -3.60
N PHE B 15 -5.69 64.19 -2.48
CA PHE B 15 -4.29 63.77 -2.40
C PHE B 15 -4.19 62.27 -2.54
N GLN B 16 -3.34 61.83 -3.46
CA GLN B 16 -3.33 60.44 -3.89
C GLN B 16 -2.57 59.54 -2.91
N HIS B 17 -3.07 58.31 -2.76
CA HIS B 17 -2.51 57.27 -1.90
C HIS B 17 -2.65 57.61 -0.41
N PHE B 18 -3.56 58.53 -0.10
CA PHE B 18 -3.73 59.03 1.26
C PHE B 18 -4.19 57.89 2.18
N ALA B 19 -5.22 57.16 1.76
CA ALA B 19 -5.76 56.06 2.54
C ALA B 19 -4.72 54.98 2.74
N THR B 20 -3.99 54.65 1.67
CA THR B 20 -2.93 53.65 1.75
C THR B 20 -1.86 54.05 2.76
N GLN B 21 -1.44 55.31 2.69
CA GLN B 21 -0.36 55.80 3.56
C GLN B 21 -0.77 55.94 5.01
N ALA B 22 -1.99 56.44 5.23
CA ALA B 22 -2.52 56.60 6.59
C ALA B 22 -2.60 55.27 7.32
N ILE B 23 -2.79 54.19 6.55
CA ILE B 23 -2.97 52.86 7.11
C ILE B 23 -1.64 52.10 7.22
N HIS B 24 -0.69 52.42 6.35
CA HIS B 24 0.54 51.63 6.24
C HIS B 24 1.84 52.30 6.66
N VAL B 25 1.94 53.62 6.51
CA VAL B 25 3.20 54.29 6.80
C VAL B 25 3.54 54.22 8.29
N GLY B 26 4.73 53.68 8.59
CA GLY B 26 5.18 53.52 9.96
C GLY B 26 4.66 52.23 10.59
N GLN B 27 3.80 51.54 9.85
CA GLN B 27 3.07 50.38 10.38
C GLN B 27 3.65 49.07 9.88
N ASP B 28 4.85 49.14 9.28
CA ASP B 28 5.50 47.97 8.69
C ASP B 28 5.74 46.86 9.72
N PRO B 29 5.10 45.71 9.50
CA PRO B 29 5.17 44.56 10.43
C PRO B 29 6.59 44.02 10.63
N GLU B 30 7.52 44.35 9.73
CA GLU B 30 8.89 43.83 9.83
C GLU B 30 9.70 44.58 10.88
N GLN B 31 9.08 45.58 11.50
CA GLN B 31 9.72 46.35 12.56
C GLN B 31 9.80 45.54 13.85
N TRP B 32 8.91 44.57 13.98
CA TRP B 32 8.77 43.83 15.23
C TRP B 32 9.13 42.36 15.05
N THR B 33 9.76 41.77 16.07
CA THR B 33 10.15 40.37 16.01
C THR B 33 8.92 39.47 15.91
N SER B 34 7.78 39.98 16.38
CA SER B 34 6.53 39.23 16.36
C SER B 34 5.83 39.34 15.02
N ARG B 35 6.28 40.30 14.22
CA ARG B 35 5.72 40.61 12.90
C ARG B 35 4.25 41.01 12.96
N ALA B 36 3.87 41.67 14.05
CA ALA B 36 2.52 42.18 14.25
C ALA B 36 2.09 43.18 13.18
N VAL B 37 0.84 43.09 12.71
CA VAL B 37 0.35 44.00 11.69
C VAL B 37 0.12 45.41 12.22
N VAL B 38 -0.25 45.54 13.49
CA VAL B 38 -0.37 46.84 14.14
C VAL B 38 0.75 46.98 15.17
N PRO B 39 1.44 48.13 15.15
CA PRO B 39 2.55 48.40 16.08
C PRO B 39 2.16 48.25 17.54
N PRO B 40 2.98 47.55 18.33
CA PRO B 40 2.74 47.41 19.76
C PRO B 40 2.86 48.75 20.47
N ILE B 41 2.22 48.88 21.62
CA ILE B 41 2.36 50.08 22.45
C ILE B 41 3.55 49.94 23.39
N SER B 42 4.59 50.73 23.13
CA SER B 42 5.80 50.67 23.92
C SER B 42 5.82 51.73 25.03
N LEU B 43 5.54 51.30 26.25
CA LEU B 43 5.50 52.20 27.41
C LEU B 43 6.86 52.45 28.03
N SER B 44 7.79 51.52 27.83
CA SER B 44 9.11 51.55 28.46
C SER B 44 9.82 52.89 28.34
N THR B 45 10.24 53.44 29.47
CA THR B 45 10.91 54.74 29.51
C THR B 45 12.36 54.65 29.06
N THR B 46 12.97 53.49 29.23
CA THR B 46 14.38 53.32 28.91
C THR B 46 14.66 52.03 28.14
N PHE B 47 15.85 51.97 27.56
CA PHE B 47 16.19 50.88 26.64
C PHE B 47 17.60 50.36 26.90
N LYS B 48 17.79 49.06 26.72
CA LYS B 48 19.09 48.43 26.90
C LYS B 48 20.08 48.95 25.87
N GLN B 49 21.27 49.31 26.35
CA GLN B 49 22.35 49.79 25.49
C GLN B 49 23.54 48.84 25.58
N GLY B 50 24.32 48.78 24.50
CA GLY B 50 25.45 47.87 24.38
C GLY B 50 24.94 46.71 23.56
N ALA B 51 25.82 45.80 23.16
CA ALA B 51 25.41 44.67 22.34
C ALA B 51 25.96 43.34 22.89
N HIS B 55 24.98 52.61 18.15
CA HIS B 55 24.52 52.22 16.82
C HIS B 55 23.00 52.10 16.76
N SER B 56 22.49 50.91 17.06
CA SER B 56 21.07 50.65 16.94
C SER B 56 20.28 51.05 18.19
N GLY B 57 19.05 51.50 17.97
CA GLY B 57 18.11 51.73 19.05
C GLY B 57 17.94 53.05 19.77
N PHE B 58 17.03 52.98 20.75
CA PHE B 58 16.55 54.10 21.56
C PHE B 58 17.30 54.23 22.87
N THR B 59 17.32 55.43 23.43
CA THR B 59 17.98 55.66 24.71
C THR B 59 16.99 56.02 25.81
N TYR B 60 16.12 56.99 25.54
CA TYR B 60 15.17 57.49 26.53
C TYR B 60 13.87 57.91 25.87
N SER B 61 12.76 57.56 26.51
CA SER B 61 11.42 57.73 25.94
C SER B 61 11.11 59.16 25.50
N ARG B 62 11.57 60.15 26.29
CA ARG B 62 11.24 61.53 26.01
C ARG B 62 11.89 61.96 24.71
N SER B 63 13.07 61.43 24.45
CA SER B 63 13.83 61.74 23.25
C SER B 63 13.23 61.09 22.01
N GLY B 64 12.77 59.85 22.18
CA GLY B 64 12.13 59.11 21.10
C GLY B 64 11.74 57.72 21.57
N ASN B 65 10.68 57.18 20.99
CA ASN B 65 10.22 55.84 21.34
C ASN B 65 9.45 55.24 20.16
N PRO B 66 9.38 53.90 20.08
CA PRO B 66 8.80 53.23 18.91
C PRO B 66 7.42 53.72 18.50
N THR B 67 6.47 53.74 19.43
CA THR B 67 5.08 54.07 19.12
C THR B 67 4.93 55.54 18.69
N ARG B 68 5.66 56.44 19.34
CA ARG B 68 5.59 57.85 18.96
C ARG B 68 6.20 58.06 17.59
N ASN B 69 7.29 57.36 17.31
CA ASN B 69 7.97 57.50 16.03
C ASN B 69 7.10 57.01 14.88
N CYS B 70 6.37 55.92 15.10
CA CYS B 70 5.46 55.39 14.10
C CYS B 70 4.37 56.41 13.76
N LEU B 71 3.84 57.08 14.77
CA LEU B 71 2.83 58.11 14.55
C LEU B 71 3.44 59.26 13.76
N GLU B 72 4.60 59.72 14.19
CA GLU B 72 5.30 60.82 13.55
C GLU B 72 5.65 60.47 12.11
N LYS B 73 6.05 59.22 11.89
CA LYS B 73 6.38 58.76 10.54
C LYS B 73 5.12 58.76 9.69
N ALA B 74 4.00 58.37 10.29
CA ALA B 74 2.72 58.33 9.61
C ALA B 74 2.16 59.71 9.27
N VAL B 75 2.16 60.60 10.26
CA VAL B 75 1.62 61.95 10.10
C VAL B 75 2.41 62.72 9.04
N ALA B 76 3.72 62.51 9.04
CA ALA B 76 4.60 63.14 8.05
C ALA B 76 4.15 62.84 6.62
N ALA B 77 3.82 61.58 6.36
CA ALA B 77 3.38 61.16 5.03
C ALA B 77 2.08 61.86 4.63
N LEU B 78 1.14 61.93 5.57
CA LEU B 78 -0.16 62.55 5.31
C LEU B 78 -0.04 64.05 5.05
N ASP B 79 0.99 64.66 5.63
CA ASP B 79 1.25 66.08 5.41
C ASP B 79 2.08 66.29 4.15
N GLY B 80 2.59 65.20 3.59
CA GLY B 80 3.52 65.30 2.48
C GLY B 80 4.82 65.91 2.99
N ALA B 81 5.14 65.63 4.25
CA ALA B 81 6.29 66.22 4.90
C ALA B 81 7.44 65.23 5.00
N LYS B 82 8.61 65.73 5.35
CA LYS B 82 9.78 64.90 5.54
C LYS B 82 9.92 64.52 7.01
N TYR B 83 9.47 65.42 7.89
CA TYR B 83 9.60 65.21 9.31
C TYR B 83 8.32 65.58 10.05
N CYS B 84 8.15 65.02 11.24
CA CYS B 84 7.02 65.35 12.08
C CYS B 84 7.34 65.17 13.56
N LEU B 85 6.77 66.02 14.40
CA LEU B 85 6.99 65.94 15.84
C LEU B 85 5.67 65.96 16.59
N ALA B 86 5.48 64.99 17.49
CA ALA B 86 4.26 64.92 18.29
C ALA B 86 4.46 65.58 19.64
N PHE B 87 3.40 66.16 20.18
CA PHE B 87 3.50 66.87 21.46
C PHE B 87 2.30 66.58 22.35
N ALA B 88 2.42 66.96 23.63
CA ALA B 88 1.41 66.66 24.64
C ALA B 88 0.05 67.29 24.32
N SER B 89 0.06 68.38 23.56
CA SER B 89 -1.18 69.07 23.19
C SER B 89 -0.90 70.03 22.04
N GLY B 90 -1.97 70.57 21.46
CA GLY B 90 -1.83 71.57 20.41
C GLY B 90 -1.06 72.78 20.92
N LEU B 91 -1.43 73.24 22.11
CA LEU B 91 -0.73 74.35 22.75
C LEU B 91 0.73 74.00 23.03
N ALA B 92 0.99 72.75 23.40
CA ALA B 92 2.34 72.31 23.67
C ALA B 92 3.19 72.45 22.41
N ALA B 93 2.59 72.15 21.27
CA ALA B 93 3.23 72.34 19.98
C ALA B 93 3.49 73.82 19.71
N THR B 94 2.49 74.65 20.03
CA THR B 94 2.59 76.09 19.82
C THR B 94 3.72 76.71 20.63
N VAL B 95 3.78 76.39 21.92
CA VAL B 95 4.81 76.91 22.80
C VAL B 95 6.20 76.48 22.36
N THR B 96 6.31 75.22 21.92
CA THR B 96 7.59 74.68 21.45
C THR B 96 8.09 75.43 20.21
N ILE B 97 7.18 75.66 19.26
CA ILE B 97 7.51 76.39 18.05
C ILE B 97 7.99 77.80 18.37
N THR B 98 7.33 78.44 19.33
CA THR B 98 7.70 79.79 19.74
C THR B 98 9.09 79.83 20.38
N HIS B 99 9.51 78.72 20.98
CA HIS B 99 10.82 78.63 21.60
C HIS B 99 11.96 78.62 20.59
N LEU B 100 11.62 78.65 19.31
CA LEU B 100 12.63 78.75 18.26
C LEU B 100 13.26 80.14 18.25
N LEU B 101 12.54 81.11 18.79
CA LEU B 101 12.93 82.51 18.72
C LEU B 101 13.78 82.94 19.91
N LYS B 102 14.22 84.20 19.91
CA LYS B 102 14.90 84.77 21.07
C LYS B 102 14.16 86.02 21.54
N ALA B 103 14.52 86.51 22.72
CA ALA B 103 14.04 87.81 23.19
C ALA B 103 14.44 88.94 22.24
N GLY B 104 13.44 89.71 21.80
CA GLY B 104 13.66 90.84 20.91
C GLY B 104 13.05 90.62 19.55
N ASP B 105 12.74 89.37 19.24
CA ASP B 105 12.16 89.03 17.96
C ASP B 105 10.67 89.37 18.00
N GLN B 106 10.02 89.42 16.85
CA GLN B 106 8.59 89.72 16.85
C GLN B 106 7.80 88.64 16.12
N ILE B 107 6.58 88.43 16.61
CA ILE B 107 5.69 87.41 16.08
C ILE B 107 4.48 88.02 15.42
N ILE B 108 4.21 87.61 14.18
CA ILE B 108 2.98 88.00 13.52
C ILE B 108 1.96 86.88 13.65
N CYS B 109 0.84 87.18 14.30
CA CYS B 109 -0.22 86.21 14.52
C CYS B 109 -1.52 86.69 13.88
N MET B 110 -2.29 85.76 13.33
CA MET B 110 -3.60 86.06 12.76
C MET B 110 -4.49 86.75 13.79
N ASP B 111 -5.31 87.70 13.35
CA ASP B 111 -6.10 88.51 14.29
C ASP B 111 -7.24 87.69 14.89
N ASP B 112 -7.77 86.77 14.10
CA ASP B 112 -8.78 85.84 14.59
C ASP B 112 -8.17 84.45 14.77
N VAL B 113 -7.71 84.16 15.98
CA VAL B 113 -7.11 82.87 16.26
C VAL B 113 -7.82 82.21 17.44
N TYR B 114 -7.51 80.95 17.70
CA TYR B 114 -8.06 80.23 18.85
C TYR B 114 -7.67 80.93 20.15
N GLY B 115 -8.61 81.03 21.08
CA GLY B 115 -8.43 81.76 22.31
C GLY B 115 -7.15 81.44 23.05
N GLY B 116 -6.78 80.16 23.09
CA GLY B 116 -5.57 79.75 23.77
C GLY B 116 -4.30 80.22 23.07
N THR B 117 -4.35 80.27 21.74
CA THR B 117 -3.22 80.76 20.95
C THR B 117 -3.02 82.25 21.20
N ASN B 118 -4.13 82.97 21.23
CA ASN B 118 -4.14 84.40 21.57
C ASN B 118 -3.56 84.62 22.96
N ARG B 119 -4.03 83.84 23.92
CA ARG B 119 -3.64 83.97 25.33
C ARG B 119 -2.15 83.74 25.57
N TYR B 120 -1.56 82.75 24.91
CA TYR B 120 -0.15 82.44 25.10
C TYR B 120 0.75 83.57 24.62
N PHE B 121 0.51 84.04 23.41
CA PHE B 121 1.30 85.12 22.83
C PHE B 121 1.14 86.40 23.64
N ARG B 122 -0.10 86.73 23.97
CA ARG B 122 -0.41 88.01 24.61
C ARG B 122 -0.01 88.09 26.08
N GLN B 123 -0.20 87.00 26.82
CA GLN B 123 0.00 87.04 28.27
C GLN B 123 1.26 86.34 28.77
N VAL B 124 1.84 85.46 27.97
CA VAL B 124 2.99 84.69 28.44
C VAL B 124 4.25 84.97 27.62
N ALA B 125 4.16 84.79 26.31
CA ALA B 125 5.29 85.01 25.42
C ALA B 125 5.73 86.47 25.46
N SER B 126 4.77 87.36 25.68
CA SER B 126 5.03 88.79 25.69
C SER B 126 5.85 89.25 26.90
N GLU B 127 6.04 88.36 27.86
CA GLU B 127 6.76 88.69 29.09
C GLU B 127 8.18 88.14 29.05
N PHE B 128 8.64 87.80 27.85
CA PHE B 128 9.97 87.24 27.64
C PHE B 128 10.65 87.85 26.42
N GLY B 129 10.47 89.16 26.26
CA GLY B 129 11.16 89.90 25.22
C GLY B 129 10.64 89.66 23.82
N LEU B 130 9.39 89.21 23.71
CA LEU B 130 8.79 88.96 22.39
C LEU B 130 7.77 90.02 22.01
N LYS B 131 7.85 90.48 20.76
CA LYS B 131 6.91 91.46 20.25
C LYS B 131 5.81 90.74 19.47
N ILE B 132 4.55 91.04 19.82
CA ILE B 132 3.42 90.36 19.20
C ILE B 132 2.47 91.35 18.54
N SER B 133 2.19 91.12 17.26
CA SER B 133 1.25 91.95 16.53
C SER B 133 0.13 91.11 15.93
N PHE B 134 -1.11 91.46 16.26
CA PHE B 134 -2.27 90.79 15.70
C PHE B 134 -2.69 91.49 14.41
N VAL B 135 -2.69 90.74 13.30
CA VAL B 135 -2.89 91.33 11.97
C VAL B 135 -3.94 90.57 11.15
N ASP B 136 -4.84 91.31 10.51
CA ASP B 136 -5.79 90.71 9.59
C ASP B 136 -5.06 90.23 8.36
N CYS B 137 -4.70 88.94 8.35
CA CYS B 137 -3.91 88.38 7.26
C CYS B 137 -4.76 87.86 6.10
N SER B 138 -6.08 88.01 6.18
CA SER B 138 -6.93 87.65 5.06
C SER B 138 -6.85 88.78 4.05
N LYS B 139 -6.64 89.99 4.55
CA LYS B 139 -6.31 91.11 3.70
C LYS B 139 -4.80 91.17 3.74
N ILE B 140 -4.17 90.64 2.70
CA ILE B 140 -2.75 90.31 2.72
C ILE B 140 -1.81 91.52 2.72
N LYS B 141 -2.27 92.70 2.31
CA LYS B 141 -1.34 93.85 2.31
C LYS B 141 -1.11 94.35 3.76
N LEU B 142 -1.97 93.93 4.69
CA LEU B 142 -1.80 94.30 6.10
C LEU B 142 -0.63 93.50 6.66
N LEU B 143 -0.33 92.39 6.02
CA LEU B 143 0.76 91.54 6.48
C LEU B 143 2.07 92.26 6.23
N GLU B 144 2.18 92.87 5.05
CA GLU B 144 3.37 93.62 4.66
C GLU B 144 3.61 94.88 5.51
N ALA B 145 2.53 95.53 5.95
CA ALA B 145 2.67 96.75 6.73
C ALA B 145 3.23 96.50 8.13
N ALA B 146 2.96 95.32 8.67
CA ALA B 146 3.41 94.94 10.01
C ALA B 146 4.81 94.31 10.04
N ILE B 147 5.24 93.76 8.92
CA ILE B 147 6.55 93.08 8.85
C ILE B 147 7.72 94.01 9.11
N THR B 148 8.63 93.56 9.96
CA THR B 148 9.83 94.25 10.32
C THR B 148 10.96 93.22 10.26
N PRO B 149 12.21 93.69 10.17
CA PRO B 149 13.37 92.78 10.20
C PRO B 149 13.45 91.95 11.48
N GLU B 150 12.62 92.36 12.43
CA GLU B 150 12.52 91.71 13.72
C GLU B 150 11.56 90.51 13.65
N THR B 151 10.88 90.41 12.52
CA THR B 151 9.98 89.30 12.27
C THR B 151 10.72 88.01 11.99
N LYS B 152 10.45 87.00 12.80
CA LYS B 152 11.05 85.67 12.66
C LYS B 152 9.97 84.61 12.55
N LEU B 153 8.73 84.99 12.86
CA LEU B 153 7.63 84.03 12.88
C LEU B 153 6.29 84.62 12.48
N VAL B 154 5.61 83.95 11.55
CA VAL B 154 4.22 84.28 11.21
C VAL B 154 3.31 83.08 11.49
N TRP B 155 2.34 83.29 12.37
CA TRP B 155 1.42 82.23 12.77
C TRP B 155 0.01 82.50 12.22
N ILE B 156 -0.43 81.66 11.29
CA ILE B 156 -1.74 81.84 10.69
C ILE B 156 -2.67 80.63 10.86
N GLU B 157 -3.96 80.90 10.77
CA GLU B 157 -5.01 79.87 10.87
C GLU B 157 -5.98 79.99 9.72
N THR B 158 -6.26 78.89 9.05
CA THR B 158 -7.20 78.91 7.94
C THR B 158 -7.93 77.57 7.80
N PRO B 159 -9.26 77.59 7.91
CA PRO B 159 -10.10 78.74 8.29
C PRO B 159 -9.87 79.15 9.74
N THR B 160 -10.14 80.42 10.06
CA THR B 160 -9.89 80.92 11.40
C THR B 160 -10.93 80.41 12.39
N ASN B 161 -10.56 80.44 13.67
CA ASN B 161 -11.46 80.00 14.74
C ASN B 161 -11.93 81.21 15.54
N PRO B 162 -13.25 81.49 15.54
CA PRO B 162 -14.31 80.72 14.89
C PRO B 162 -15.00 81.39 13.69
N THR B 163 -14.50 82.52 13.23
CA THR B 163 -15.18 83.25 12.16
C THR B 163 -14.89 82.66 10.78
N GLN B 164 -13.97 81.69 10.73
CA GLN B 164 -13.65 80.97 9.50
C GLN B 164 -13.29 81.86 8.31
N LYS B 165 -12.36 82.79 8.55
CA LYS B 165 -11.77 83.57 7.47
C LYS B 165 -10.69 82.74 6.79
N VAL B 166 -10.61 82.80 5.46
CA VAL B 166 -9.67 81.96 4.72
C VAL B 166 -8.50 82.79 4.19
N ILE B 167 -7.30 82.27 4.37
CA ILE B 167 -6.08 82.95 3.92
C ILE B 167 -5.44 82.21 2.74
N ASP B 168 -5.03 82.98 1.72
CA ASP B 168 -4.22 82.44 0.65
C ASP B 168 -2.84 82.10 1.18
N ILE B 169 -2.59 80.82 1.44
CA ILE B 169 -1.33 80.39 2.05
C ILE B 169 -0.12 80.65 1.17
N GLU B 170 -0.20 80.29 -0.10
CA GLU B 170 0.93 80.44 -1.02
C GLU B 170 1.23 81.92 -1.23
N GLY B 171 0.19 82.75 -1.23
CA GLY B 171 0.38 84.18 -1.32
C GLY B 171 1.12 84.72 -0.11
N CYS B 172 0.76 84.23 1.08
CA CYS B 172 1.45 84.63 2.30
C CYS B 172 2.87 84.10 2.33
N ALA B 173 3.04 82.87 1.86
CA ALA B 173 4.35 82.25 1.78
C ALA B 173 5.27 83.07 0.89
N HIS B 174 4.71 83.60 -0.21
CA HIS B 174 5.46 84.43 -1.14
C HIS B 174 5.94 85.72 -0.49
N ILE B 175 5.05 86.38 0.22
CA ILE B 175 5.37 87.62 0.93
C ILE B 175 6.31 87.39 2.12
N VAL B 176 6.06 86.31 2.86
CA VAL B 176 6.83 86.05 4.08
C VAL B 176 8.28 85.65 3.75
N HIS B 177 8.45 84.86 2.69
CA HIS B 177 9.78 84.34 2.35
C HIS B 177 10.63 85.29 1.50
N LYS B 178 10.05 86.40 1.10
CA LYS B 178 10.78 87.43 0.34
C LYS B 178 11.81 88.15 1.20
N HIS B 179 11.51 88.23 2.49
CA HIS B 179 12.34 88.93 3.49
C HIS B 179 13.12 88.01 4.41
N GLY B 180 14.42 87.94 4.14
CA GLY B 180 15.37 87.14 4.90
C GLY B 180 14.89 85.82 5.46
N ASP B 181 14.60 85.80 6.75
CA ASP B 181 14.27 84.54 7.43
C ASP B 181 13.03 84.66 8.33
N ILE B 182 11.85 84.49 7.74
CA ILE B 182 10.65 84.45 8.55
C ILE B 182 10.02 83.07 8.43
N ILE B 183 9.64 82.50 9.57
CA ILE B 183 9.02 81.19 9.55
C ILE B 183 7.50 81.34 9.44
N LEU B 184 6.93 80.69 8.44
CA LEU B 184 5.49 80.68 8.28
C LEU B 184 4.89 79.38 8.81
N VAL B 185 4.07 79.50 9.84
CA VAL B 185 3.40 78.36 10.44
C VAL B 185 1.91 78.40 10.13
N VAL B 186 1.37 77.28 9.65
CA VAL B 186 -0.06 77.18 9.43
C VAL B 186 -0.70 76.21 10.40
N ASP B 187 -1.53 76.74 11.29
CA ASP B 187 -2.32 75.90 12.17
C ASP B 187 -3.42 75.27 11.32
N ASN B 188 -3.20 74.03 10.94
CA ASN B 188 -4.08 73.33 10.02
C ASN B 188 -5.08 72.43 10.76
N THR B 189 -5.52 72.85 11.93
CA THR B 189 -6.39 72.04 12.77
C THR B 189 -7.80 71.84 12.21
N PHE B 190 -8.44 72.91 11.74
CA PHE B 190 -9.81 72.83 11.24
C PHE B 190 -9.87 71.92 10.05
N MET B 191 -9.02 72.19 9.07
CA MET B 191 -8.93 71.35 7.89
C MET B 191 -8.12 70.16 8.35
N SER B 192 -8.07 69.12 7.54
CA SER B 192 -7.30 67.95 7.91
C SER B 192 -6.25 67.82 6.82
N PRO B 193 -5.20 67.00 7.03
CA PRO B 193 -4.24 66.91 5.93
C PRO B 193 -4.86 66.21 4.73
N TYR B 194 -6.06 65.66 4.93
CA TYR B 194 -6.86 65.08 3.88
C TYR B 194 -7.46 66.18 3.02
N PHE B 195 -7.68 67.35 3.62
CA PHE B 195 -8.34 68.45 2.93
C PHE B 195 -7.42 69.63 2.63
N GLN B 196 -6.32 69.77 3.37
CA GLN B 196 -5.38 70.87 3.14
C GLN B 196 -3.94 70.52 3.52
N ARG B 197 -3.02 70.80 2.59
CA ARG B 197 -1.59 70.58 2.83
C ARG B 197 -0.80 71.88 2.70
N PRO B 198 -0.71 72.63 3.82
CA PRO B 198 0.02 73.91 3.89
C PRO B 198 1.46 73.86 3.35
N LEU B 199 2.16 72.76 3.61
CA LEU B 199 3.55 72.63 3.19
C LEU B 199 3.70 72.61 1.68
N ALA B 200 2.73 72.03 0.99
CA ALA B 200 2.74 71.99 -0.46
C ALA B 200 2.42 73.35 -1.05
N LEU B 201 1.93 74.25 -0.21
CA LEU B 201 1.56 75.59 -0.65
C LEU B 201 2.60 76.62 -0.23
N GLY B 202 3.70 76.16 0.34
CA GLY B 202 4.80 77.06 0.64
C GLY B 202 5.04 77.33 2.12
N ALA B 203 4.17 76.82 2.97
CA ALA B 203 4.34 77.00 4.41
C ALA B 203 5.59 76.29 4.90
N ASP B 204 6.16 76.78 6.00
CA ASP B 204 7.35 76.18 6.58
C ASP B 204 6.99 75.12 7.61
N ILE B 205 5.89 75.36 8.32
CA ILE B 205 5.44 74.43 9.36
C ILE B 205 3.95 74.14 9.24
N SER B 206 3.60 72.86 9.22
CA SER B 206 2.21 72.44 9.27
C SER B 206 1.91 71.93 10.67
N MET B 207 1.11 72.68 11.41
CA MET B 207 0.84 72.39 12.81
C MET B 207 -0.60 71.96 13.03
N TYR B 208 -0.79 71.00 13.93
CA TYR B 208 -2.13 70.51 14.28
C TYR B 208 -2.39 70.48 15.77
N SER B 209 -3.65 70.70 16.12
CA SER B 209 -4.17 70.22 17.39
C SER B 209 -4.80 68.86 17.11
N ALA B 210 -4.07 67.81 17.43
CA ALA B 210 -4.51 66.44 17.13
C ALA B 210 -5.72 66.06 17.97
N THR B 211 -6.00 66.88 18.98
CA THR B 211 -7.16 66.70 19.84
C THR B 211 -8.46 66.66 19.04
N1 LLP B 212 -5.71 75.51 17.56
C2 LLP B 212 -6.98 75.25 17.22
C2' LLP B 212 -7.53 75.77 15.85
C3 LLP B 212 -7.83 74.52 18.09
O3 LLP B 212 -9.15 74.26 17.73
C4 LLP B 212 -7.35 74.07 19.30
C4' LLP B 212 -8.33 73.22 20.26
C5 LLP B 212 -6.05 74.31 19.65
C6 LLP B 212 -5.22 75.04 18.79
C5' LLP B 212 -5.49 73.81 21.01
OP4 LLP B 212 -5.16 72.43 20.92
P LLP B 212 -4.97 71.64 22.23
OP1 LLP B 212 -4.57 70.20 21.90
OP2 LLP B 212 -3.92 72.27 23.04
OP3 LLP B 212 -6.25 71.64 22.99
N LLP B 212 -8.46 67.33 17.89
CA LLP B 212 -9.69 67.48 17.09
CB LLP B 212 -9.74 68.89 16.55
CG LLP B 212 -9.05 69.83 17.54
CD LLP B 212 -10.02 70.29 18.65
CE LLP B 212 -9.22 71.07 19.73
NZ LLP B 212 -9.28 72.51 19.45
C LLP B 212 -9.78 66.45 16.00
O LLP B 212 -9.96 65.29 16.29
N TYR B 213 -9.64 66.88 14.75
CA TYR B 213 -9.89 66.00 13.61
C TYR B 213 -8.90 64.85 13.43
N MET B 214 -7.62 65.10 13.73
CA MET B 214 -6.59 64.10 13.52
C MET B 214 -6.90 62.78 14.23
N ASN B 215 -7.07 62.86 15.55
CA ASN B 215 -7.49 61.71 16.32
C ASN B 215 -8.97 61.42 16.05
N GLY B 216 -9.79 62.46 16.14
CA GLY B 216 -11.17 62.38 15.72
C GLY B 216 -12.10 61.61 16.64
N HIS B 217 -11.60 61.18 17.79
CA HIS B 217 -12.40 60.35 18.68
C HIS B 217 -12.54 60.95 20.09
N SER B 218 -12.19 62.22 20.21
CA SER B 218 -12.42 63.00 21.43
C SER B 218 -11.84 62.37 22.70
N ASP B 219 -10.72 61.66 22.58
CA ASP B 219 -10.15 60.98 23.74
C ASP B 219 -8.64 61.13 23.85
N VAL B 220 -8.08 61.99 23.02
CA VAL B 220 -6.64 62.25 23.05
C VAL B 220 -6.37 63.73 22.88
N VAL B 221 -5.62 64.30 23.82
CA VAL B 221 -5.13 65.65 23.68
C VAL B 221 -3.70 65.57 23.19
N MET B 222 -3.43 66.18 22.04
CA MET B 222 -2.13 66.03 21.38
C MET B 222 -1.91 67.13 20.35
N GLY B 223 -0.65 67.51 20.15
CA GLY B 223 -0.29 68.45 19.11
C GLY B 223 0.65 67.81 18.11
N LEU B 224 0.63 68.30 16.88
CA LEU B 224 1.49 67.78 15.83
C LEU B 224 2.13 68.89 15.02
N VAL B 225 3.39 68.68 14.65
CA VAL B 225 4.14 69.65 13.86
C VAL B 225 4.89 68.94 12.73
N SER B 226 4.52 69.26 11.50
CA SER B 226 5.18 68.68 10.32
C SER B 226 6.03 69.73 9.63
N VAL B 227 7.18 69.33 9.11
CA VAL B 227 8.15 70.28 8.57
C VAL B 227 9.03 69.65 7.48
N ASN B 228 9.57 70.48 6.59
CA ASN B 228 10.44 70.02 5.52
C ASN B 228 11.89 70.45 5.71
N CYS B 229 12.08 71.69 6.13
CA CYS B 229 13.41 72.31 6.27
C CYS B 229 14.30 71.58 7.27
N GLU B 230 15.54 71.30 6.84
CA GLU B 230 16.48 70.51 7.65
C GLU B 230 16.87 71.19 8.95
N SER B 231 17.22 72.48 8.87
CA SER B 231 17.65 73.21 10.06
C SER B 231 16.46 73.42 10.99
N LEU B 232 15.29 73.62 10.41
CA LEU B 232 14.08 73.85 11.17
C LEU B 232 13.69 72.60 11.96
N HIS B 233 13.84 71.43 11.34
CA HIS B 233 13.54 70.18 12.03
C HIS B 233 14.50 69.91 13.18
N ASN B 234 15.79 70.11 12.92
CA ASN B 234 16.82 69.87 13.93
C ASN B 234 16.64 70.75 15.16
N ARG B 235 16.24 72.00 14.93
CA ARG B 235 15.98 72.92 16.03
C ARG B 235 14.75 72.51 16.81
N LEU B 236 13.73 72.02 16.09
CA LEU B 236 12.50 71.55 16.71
C LEU B 236 12.70 70.22 17.43
N ARG B 237 13.49 69.33 16.85
CA ARG B 237 13.75 68.03 17.46
C ARG B 237 14.51 68.20 18.76
N PHE B 238 15.39 69.20 18.81
CA PHE B 238 16.11 69.52 20.02
C PHE B 238 15.15 69.97 21.12
N LEU B 239 14.20 70.83 20.75
CA LEU B 239 13.26 71.39 21.72
C LEU B 239 12.23 70.37 22.20
N GLN B 240 11.89 69.41 21.34
CA GLN B 240 10.95 68.36 21.72
C GLN B 240 11.49 67.58 22.91
N ASN B 241 12.79 67.31 22.89
CA ASN B 241 13.46 66.58 23.96
C ASN B 241 13.89 67.46 25.13
N SER B 242 14.17 68.73 24.85
CA SER B 242 14.70 69.64 25.86
C SER B 242 13.60 70.27 26.71
N LEU B 243 12.46 70.57 26.10
CA LEU B 243 11.34 71.15 26.81
C LEU B 243 10.45 70.05 27.41
N GLY B 244 10.41 68.91 26.73
CA GLY B 244 9.75 67.73 27.26
C GLY B 244 8.23 67.68 27.27
N ALA B 245 7.59 68.47 26.42
CA ALA B 245 6.14 68.42 26.30
C ALA B 245 5.74 67.26 25.39
N VAL B 246 6.08 66.04 25.78
CA VAL B 246 5.89 64.87 24.94
C VAL B 246 4.57 64.17 25.27
N PRO B 247 3.97 63.50 24.26
CA PRO B 247 2.74 62.76 24.47
C PRO B 247 2.99 61.35 24.99
N SER B 248 2.01 60.78 25.67
CA SER B 248 2.09 59.40 26.11
C SER B 248 2.07 58.47 24.90
N PRO B 249 2.85 57.38 24.95
CA PRO B 249 2.85 56.36 23.90
C PRO B 249 1.46 55.78 23.63
N ILE B 250 0.64 55.67 24.67
CA ILE B 250 -0.71 55.14 24.50
C ILE B 250 -1.56 56.15 23.74
N ASP B 251 -1.38 57.43 24.04
CA ASP B 251 -2.06 58.49 23.31
C ASP B 251 -1.59 58.51 21.86
N CYS B 252 -0.30 58.28 21.66
CA CYS B 252 0.27 58.19 20.33
C CYS B 252 -0.38 57.06 19.54
N TYR B 253 -0.55 55.91 20.20
CA TYR B 253 -1.21 54.77 19.57
C TYR B 253 -2.65 55.10 19.21
N LEU B 254 -3.36 55.75 20.13
CA LEU B 254 -4.76 56.09 19.94
C LEU B 254 -4.96 57.06 18.77
N CYS B 255 -4.08 58.05 18.67
CA CYS B 255 -4.14 59.00 17.56
C CYS B 255 -3.81 58.31 16.24
N ASN B 256 -2.84 57.41 16.26
CA ASN B 256 -2.47 56.65 15.08
C ASN B 256 -3.61 55.73 14.65
N ARG B 257 -4.34 55.21 15.64
CA ARG B 257 -5.52 54.39 15.40
C ARG B 257 -6.64 55.21 14.76
N GLY B 258 -6.82 56.43 15.25
CA GLY B 258 -7.81 57.35 14.71
C GLY B 258 -7.47 57.76 13.30
N LEU B 259 -6.18 57.90 13.03
CA LEU B 259 -5.69 58.28 11.72
C LEU B 259 -6.11 57.27 10.64
N LYS B 260 -6.25 56.01 11.04
CA LYS B 260 -6.61 54.93 10.11
C LYS B 260 -7.96 55.16 9.42
N THR B 261 -8.84 55.94 10.04
CA THR B 261 -10.14 56.22 9.45
C THR B 261 -10.36 57.70 9.16
N LEU B 262 -9.28 58.47 9.15
CA LEU B 262 -9.39 59.91 8.93
C LEU B 262 -10.07 60.26 7.60
N HIS B 263 -9.72 59.55 6.53
CA HIS B 263 -10.24 59.88 5.21
C HIS B 263 -11.75 59.63 5.10
N VAL B 264 -12.22 58.50 5.64
CA VAL B 264 -13.64 58.21 5.57
C VAL B 264 -14.44 59.06 6.56
N ARG B 265 -13.77 59.51 7.62
CA ARG B 265 -14.40 60.43 8.57
C ARG B 265 -14.56 61.81 7.95
N MET B 266 -13.48 62.33 7.37
CA MET B 266 -13.49 63.67 6.77
C MET B 266 -14.48 63.81 5.62
N GLU B 267 -14.67 62.73 4.86
CA GLU B 267 -15.63 62.74 3.77
C GLU B 267 -17.06 62.85 4.29
N LYS B 268 -17.33 62.17 5.41
CA LYS B 268 -18.65 62.18 5.99
C LYS B 268 -18.91 63.49 6.72
N HIS B 269 -17.85 64.04 7.33
CA HIS B 269 -17.91 65.37 7.92
C HIS B 269 -18.29 66.42 6.87
N PHE B 270 -17.74 66.24 5.67
CA PHE B 270 -18.00 67.13 4.54
C PHE B 270 -19.47 67.10 4.13
N LYS B 271 -19.98 65.89 3.89
CA LYS B 271 -21.34 65.70 3.41
C LYS B 271 -22.34 66.20 4.45
N ASN B 272 -22.07 65.91 5.72
CA ASN B 272 -22.94 66.39 6.80
C ASN B 272 -22.80 67.89 7.02
N GLY B 273 -21.57 68.38 6.95
CA GLY B 273 -21.30 69.80 7.13
C GLY B 273 -21.94 70.64 6.06
N MET B 274 -21.86 70.19 4.81
CA MET B 274 -22.48 70.90 3.69
C MET B 274 -23.99 70.97 3.84
N ALA B 275 -24.59 69.84 4.20
CA ALA B 275 -26.03 69.76 4.39
C ALA B 275 -26.49 70.66 5.53
N VAL B 276 -25.72 70.65 6.62
CA VAL B 276 -26.03 71.49 7.77
C VAL B 276 -25.93 72.96 7.39
N ALA B 277 -24.87 73.30 6.65
CA ALA B 277 -24.65 74.67 6.21
C ALA B 277 -25.77 75.15 5.29
N GLN B 278 -26.19 74.28 4.37
CA GLN B 278 -27.25 74.60 3.41
C GLN B 278 -28.60 74.75 4.08
N PHE B 279 -28.86 73.92 5.09
CA PHE B 279 -30.09 73.96 5.85
C PHE B 279 -30.24 75.28 6.61
N LEU B 280 -29.17 75.71 7.26
CA LEU B 280 -29.17 76.93 8.07
C LEU B 280 -29.41 78.19 7.25
N GLU B 281 -28.86 78.23 6.04
CA GLU B 281 -28.96 79.41 5.19
C GLU B 281 -30.38 79.61 4.66
N SER B 282 -31.07 78.50 4.46
CA SER B 282 -32.44 78.53 3.96
C SER B 282 -33.43 78.61 5.11
N ASN B 283 -32.92 78.71 6.33
CA ASN B 283 -33.74 78.77 7.53
C ASN B 283 -34.12 80.21 7.89
N PRO B 284 -35.41 80.45 8.15
CA PRO B 284 -35.93 81.80 8.41
C PRO B 284 -35.45 82.42 9.72
N TRP B 285 -34.82 81.63 10.58
CA TRP B 285 -34.35 82.12 11.87
C TRP B 285 -32.83 82.28 11.98
N VAL B 286 -32.14 82.18 10.85
CA VAL B 286 -30.69 82.39 10.83
C VAL B 286 -30.36 83.64 10.04
N GLU B 287 -29.55 84.52 10.63
CA GLU B 287 -29.24 85.80 9.99
C GLU B 287 -28.15 85.64 8.93
N LYS B 288 -27.16 84.79 9.22
CA LYS B 288 -26.01 84.62 8.33
C LYS B 288 -25.28 83.32 8.64
N VAL B 289 -24.84 82.64 7.60
CA VAL B 289 -24.08 81.41 7.76
C VAL B 289 -22.69 81.57 7.18
N ILE B 290 -21.67 81.14 7.93
CA ILE B 290 -20.30 81.17 7.44
C ILE B 290 -19.77 79.76 7.28
N TYR B 291 -19.64 79.32 6.03
CA TYR B 291 -19.11 78.00 5.73
C TYR B 291 -18.41 78.01 4.37
N PRO B 292 -17.10 77.69 4.36
CA PRO B 292 -16.24 77.72 3.17
C PRO B 292 -16.81 76.98 1.97
N GLY B 293 -17.66 75.98 2.21
CA GLY B 293 -18.26 75.21 1.13
C GLY B 293 -19.41 75.93 0.45
N LEU B 294 -19.89 76.98 1.10
CA LEU B 294 -20.99 77.77 0.55
C LEU B 294 -20.48 78.87 -0.37
N PRO B 295 -21.17 79.08 -1.51
CA PRO B 295 -20.85 80.15 -2.45
C PRO B 295 -20.97 81.54 -1.81
N SER B 296 -21.74 81.63 -0.72
CA SER B 296 -21.92 82.90 -0.02
C SER B 296 -20.67 83.30 0.74
N HIS B 297 -19.76 82.34 0.94
CA HIS B 297 -18.50 82.61 1.63
C HIS B 297 -17.60 83.46 0.72
N PRO B 298 -17.12 84.61 1.24
CA PRO B 298 -16.28 85.57 0.51
C PRO B 298 -15.05 84.95 -0.18
N GLN B 299 -14.46 83.93 0.41
CA GLN B 299 -13.29 83.29 -0.18
C GLN B 299 -13.60 81.87 -0.64
N HIS B 300 -14.84 81.64 -1.05
CA HIS B 300 -15.28 80.33 -1.52
C HIS B 300 -14.44 79.84 -2.69
N GLU B 301 -14.08 80.77 -3.56
CA GLU B 301 -13.40 80.42 -4.79
C GLU B 301 -11.93 80.14 -4.46
N LEU B 302 -11.44 80.79 -3.41
CA LEU B 302 -10.10 80.56 -2.88
C LEU B 302 -9.97 79.17 -2.27
N VAL B 303 -10.98 78.79 -1.50
CA VAL B 303 -11.02 77.48 -0.85
C VAL B 303 -10.86 76.35 -1.86
N LYS B 304 -11.58 76.44 -2.97
CA LYS B 304 -11.53 75.43 -4.03
C LYS B 304 -10.15 75.26 -4.66
N ARG B 305 -9.34 76.31 -4.63
CA ARG B 305 -8.02 76.26 -5.23
C ARG B 305 -6.95 75.66 -4.32
N GLN B 306 -7.14 75.82 -3.02
CA GLN B 306 -6.12 75.36 -2.06
C GLN B 306 -6.57 74.16 -1.22
N CYS B 307 -7.82 73.75 -1.38
CA CYS B 307 -8.35 72.64 -0.59
C CYS B 307 -9.00 71.58 -1.48
N THR B 308 -9.07 70.36 -0.97
CA THR B 308 -9.70 69.26 -1.71
C THR B 308 -11.12 69.02 -1.22
N GLY B 309 -11.55 69.86 -0.28
CA GLY B 309 -12.88 69.76 0.29
C GLY B 309 -13.03 70.63 1.53
N CYS B 310 -14.14 70.42 2.25
CA CYS B 310 -14.40 71.17 3.48
C CYS B 310 -14.77 70.23 4.62
N THR B 311 -14.73 70.75 5.84
CA THR B 311 -14.97 69.93 7.03
C THR B 311 -16.38 70.06 7.58
N GLY B 312 -16.56 69.66 8.83
CA GLY B 312 -17.87 69.69 9.47
C GLY B 312 -18.04 70.89 10.37
N MET B 313 -17.13 71.85 10.26
CA MET B 313 -17.19 73.07 11.05
C MET B 313 -18.12 74.10 10.42
N VAL B 314 -19.28 74.30 11.04
CA VAL B 314 -20.25 75.26 10.54
C VAL B 314 -20.50 76.37 11.56
N THR B 315 -20.18 77.60 11.17
CA THR B 315 -20.39 78.76 12.04
C THR B 315 -21.58 79.59 11.55
N PHE B 316 -22.41 80.09 12.47
CA PHE B 316 -23.52 80.94 12.06
C PHE B 316 -23.99 81.90 13.15
N TYR B 317 -24.65 82.98 12.72
CA TYR B 317 -25.28 83.92 13.63
C TYR B 317 -26.77 83.65 13.70
N ILE B 318 -27.31 83.49 14.90
CA ILE B 318 -28.74 83.30 15.06
C ILE B 318 -29.43 84.67 15.22
N LYS B 319 -30.66 84.76 14.74
CA LYS B 319 -31.44 85.99 14.83
C LYS B 319 -31.87 86.26 16.27
N GLY B 320 -31.94 87.54 16.64
CA GLY B 320 -32.41 87.90 17.97
C GLY B 320 -31.33 88.36 18.93
N THR B 321 -31.50 87.97 20.19
CA THR B 321 -30.58 88.39 21.25
C THR B 321 -29.87 87.19 21.86
N LEU B 322 -29.09 87.45 22.91
CA LEU B 322 -28.36 86.40 23.62
C LEU B 322 -29.28 85.29 24.14
N GLN B 323 -30.50 85.66 24.51
CA GLN B 323 -31.44 84.69 25.06
C GLN B 323 -31.87 83.67 24.01
N HIS B 324 -31.96 84.12 22.75
CA HIS B 324 -32.37 83.22 21.68
C HIS B 324 -31.28 82.19 21.40
N ALA B 325 -30.03 82.63 21.51
CA ALA B 325 -28.89 81.74 21.34
C ALA B 325 -28.87 80.66 22.43
N GLU B 326 -29.26 81.04 23.63
CA GLU B 326 -29.26 80.12 24.77
C GLU B 326 -30.35 79.06 24.66
N ILE B 327 -31.56 79.47 24.30
CA ILE B 327 -32.67 78.56 24.16
C ILE B 327 -32.41 77.54 23.05
N PHE B 328 -31.78 78.00 21.98
CA PHE B 328 -31.40 77.12 20.88
C PHE B 328 -30.43 76.04 21.35
N LEU B 329 -29.36 76.48 22.01
CA LEU B 329 -28.31 75.58 22.48
C LEU B 329 -28.84 74.61 23.53
N LYS B 330 -29.79 75.07 24.33
CA LYS B 330 -30.31 74.26 25.43
C LYS B 330 -31.42 73.32 24.97
N ASN B 331 -31.88 73.49 23.73
CA ASN B 331 -32.91 72.62 23.18
C ASN B 331 -32.38 71.54 22.24
N LEU B 332 -31.09 71.60 21.93
CA LEU B 332 -30.46 70.57 21.12
C LEU B 332 -30.45 69.25 21.87
N LYS B 333 -30.75 68.16 21.18
CA LYS B 333 -30.75 66.83 21.81
C LYS B 333 -29.72 65.91 21.18
N LEU B 334 -29.33 66.21 19.96
CA LEU B 334 -28.29 65.42 19.30
C LEU B 334 -26.96 66.15 19.40
N PHE B 335 -26.94 67.43 19.02
CA PHE B 335 -25.78 68.27 19.28
C PHE B 335 -25.57 68.40 20.78
N THR B 336 -24.33 68.22 21.23
CA THR B 336 -24.02 68.35 22.64
C THR B 336 -23.40 69.71 22.91
N LEU B 337 -23.93 70.42 23.91
CA LEU B 337 -23.37 71.70 24.31
C LEU B 337 -22.04 71.50 25.03
N ALA B 338 -20.94 71.65 24.28
CA ALA B 338 -19.60 71.46 24.84
C ALA B 338 -18.55 72.13 23.98
N VAL B 339 -17.35 72.27 24.52
CA VAL B 339 -16.25 72.86 23.77
C VAL B 339 -15.51 71.79 22.99
N SER B 340 -14.45 72.20 22.30
CA SER B 340 -13.67 71.34 21.39
C SER B 340 -14.44 71.03 20.12
N LEU B 341 -13.82 70.27 19.23
CA LEU B 341 -14.38 70.00 17.91
C LEU B 341 -13.70 68.82 17.23
N GLY B 342 -14.21 68.44 16.06
CA GLY B 342 -13.55 67.47 15.21
C GLY B 342 -13.76 66.01 15.58
N GLY B 343 -14.67 65.75 16.51
CA GLY B 343 -14.96 64.40 16.92
C GLY B 343 -16.08 63.76 16.12
N PHE B 344 -16.32 62.48 16.36
CA PHE B 344 -17.39 61.76 15.68
C PHE B 344 -18.76 62.24 16.16
N GLU B 345 -18.79 62.88 17.33
CA GLU B 345 -20.04 63.38 17.87
C GLU B 345 -20.21 64.86 17.53
N SER B 346 -21.45 65.27 17.32
CA SER B 346 -21.73 66.66 16.98
C SER B 346 -21.68 67.54 18.21
N LEU B 347 -20.99 68.68 18.09
CA LEU B 347 -20.88 69.60 19.22
C LEU B 347 -21.41 70.98 18.83
N ALA B 348 -21.96 71.67 19.82
CA ALA B 348 -22.47 73.02 19.61
C ALA B 348 -21.97 73.90 20.74
N GLU B 349 -21.73 75.17 20.43
CA GLU B 349 -21.04 76.03 21.39
C GLU B 349 -21.21 77.51 21.07
N LEU B 350 -21.16 78.34 22.11
CA LEU B 350 -21.24 79.80 21.97
C LEU B 350 -19.91 80.44 22.40
N PRO B 351 -19.02 80.70 21.43
CA PRO B 351 -17.63 81.15 21.62
C PRO B 351 -17.45 82.36 22.53
N ALA B 352 -18.40 83.29 22.53
CA ALA B 352 -18.27 84.51 23.31
C ALA B 352 -18.13 84.21 24.81
N ILE B 353 -18.81 83.17 25.27
CA ILE B 353 -18.78 82.80 26.68
C ILE B 353 -17.85 81.61 26.91
N MET B 354 -17.55 80.85 25.86
CA MET B 354 -16.88 79.57 26.05
C MET B 354 -15.46 79.47 25.46
N THR B 355 -15.32 78.94 24.24
CA THR B 355 -13.99 78.64 23.70
C THR B 355 -13.13 79.88 23.40
N HIS B 356 -13.76 81.03 23.19
CA HIS B 356 -13.03 82.28 22.91
C HIS B 356 -13.36 83.36 23.93
N ALA B 357 -13.64 82.96 25.16
CA ALA B 357 -13.81 83.91 26.25
C ALA B 357 -12.46 84.49 26.68
N SER B 358 -11.39 83.85 26.22
CA SER B 358 -10.03 84.26 26.53
C SER B 358 -9.47 85.29 25.54
N VAL B 359 -10.32 85.78 24.64
CA VAL B 359 -9.92 86.84 23.72
C VAL B 359 -10.59 88.17 24.06
N LYS B 361 -12.27 91.18 24.78
CA LYS B 361 -13.69 91.38 24.52
C LYS B 361 -13.86 92.44 23.43
N ASN B 362 -12.95 93.40 23.42
CA ASN B 362 -12.96 94.47 22.43
C ASN B 362 -12.44 93.91 21.12
N ASP B 363 -11.69 92.82 21.26
CA ASP B 363 -11.20 92.07 20.12
C ASP B 363 -12.27 91.18 19.54
N ARG B 364 -13.21 90.73 20.37
CA ARG B 364 -14.30 89.91 19.87
C ARG B 364 -15.24 90.79 19.05
N ASP B 365 -15.41 92.04 19.48
CA ASP B 365 -16.30 92.96 18.79
C ASP B 365 -15.72 93.39 17.44
N VAL B 366 -14.40 93.56 17.39
CA VAL B 366 -13.74 93.90 16.14
C VAL B 366 -13.75 92.70 15.18
N LEU B 367 -13.58 91.50 15.73
CA LEU B 367 -13.52 90.30 14.91
C LEU B 367 -14.90 89.81 14.46
N GLY B 368 -15.93 90.20 15.20
CA GLY B 368 -17.30 89.85 14.83
C GLY B 368 -17.86 88.73 15.67
N ILE B 369 -17.14 88.35 16.73
CA ILE B 369 -17.59 87.29 17.62
C ILE B 369 -18.57 87.85 18.64
N SER B 370 -19.81 88.06 18.18
CA SER B 370 -20.85 88.64 19.02
C SER B 370 -21.48 87.62 19.95
N ASP B 371 -22.49 88.07 20.69
CA ASP B 371 -23.22 87.21 21.62
C ASP B 371 -24.18 86.28 20.91
N THR B 372 -24.29 86.45 19.59
CA THR B 372 -25.23 85.67 18.80
C THR B 372 -24.51 84.73 17.83
N LEU B 373 -23.18 84.71 17.91
CA LEU B 373 -22.37 83.83 17.08
C LEU B 373 -22.29 82.41 17.65
N ILE B 374 -22.69 81.43 16.85
CA ILE B 374 -22.68 80.03 17.29
C ILE B 374 -21.79 79.16 16.40
N ARG B 375 -20.91 78.39 17.04
CA ARG B 375 -20.04 77.46 16.32
C ARG B 375 -20.46 76.00 16.50
N LEU B 376 -20.63 75.32 15.37
CA LEU B 376 -21.02 73.90 15.34
C LEU B 376 -19.90 73.00 14.84
N SER B 377 -19.72 71.86 15.50
CA SER B 377 -18.86 70.82 14.98
C SER B 377 -19.70 69.63 14.55
N VAL B 378 -20.06 69.59 13.27
CA VAL B 378 -20.96 68.57 12.76
C VAL B 378 -20.26 67.22 12.70
N GLY B 379 -20.85 66.23 13.36
CA GLY B 379 -20.26 64.91 13.48
C GLY B 379 -20.63 63.92 12.40
N LEU B 380 -20.53 62.64 12.73
CA LEU B 380 -20.71 61.57 11.77
C LEU B 380 -22.07 60.89 11.90
N GLU B 381 -23.01 61.53 12.60
CA GLU B 381 -24.36 60.98 12.72
C GLU B 381 -25.08 61.10 11.38
N ASP B 382 -26.28 60.52 11.31
CA ASP B 382 -27.10 60.58 10.11
C ASP B 382 -27.54 62.01 9.80
N GLU B 383 -27.48 62.38 8.52
CA GLU B 383 -27.78 63.75 8.09
C GLU B 383 -29.17 64.22 8.51
N GLU B 384 -30.20 63.45 8.15
CA GLU B 384 -31.57 63.71 8.59
C GLU B 384 -31.70 64.02 10.09
N ASP B 385 -31.10 63.18 10.94
CA ASP B 385 -31.23 63.37 12.39
C ASP B 385 -30.54 64.66 12.85
N LEU B 386 -29.42 64.99 12.22
CA LEU B 386 -28.70 66.21 12.55
C LEU B 386 -29.51 67.43 12.12
N LEU B 387 -30.15 67.33 10.96
CA LEU B 387 -30.97 68.42 10.44
C LEU B 387 -32.23 68.63 11.27
N GLU B 388 -32.88 67.54 11.67
CA GLU B 388 -34.10 67.65 12.48
C GLU B 388 -33.81 68.26 13.84
N ASP B 389 -32.65 67.95 14.40
CA ASP B 389 -32.28 68.48 15.71
C ASP B 389 -32.10 69.99 15.66
N LEU B 390 -31.47 70.46 14.58
CA LEU B 390 -31.30 71.91 14.39
C LEU B 390 -32.63 72.59 14.13
N ASP B 391 -33.47 71.92 13.34
CA ASP B 391 -34.78 72.46 12.99
C ASP B 391 -35.67 72.66 14.21
N GLN B 392 -35.79 71.61 15.02
CA GLN B 392 -36.60 71.66 16.24
C GLN B 392 -36.08 72.67 17.25
N ALA B 393 -34.75 72.76 17.38
CA ALA B 393 -34.13 73.65 18.35
C ALA B 393 -34.28 75.12 17.96
N LEU B 394 -34.27 75.39 16.67
CA LEU B 394 -34.46 76.76 16.18
C LEU B 394 -35.91 77.19 16.37
N LYS B 395 -36.83 76.25 16.18
CA LYS B 395 -38.25 76.52 16.39
C LYS B 395 -38.51 76.79 17.86
N ALA B 396 -37.64 76.26 18.72
CA ALA B 396 -37.74 76.46 20.15
C ALA B 396 -37.29 77.84 20.63
N ALA B 397 -36.23 78.38 20.03
CA ALA B 397 -35.74 79.70 20.43
C ALA B 397 -36.65 80.83 19.99
N HIS B 398 -37.06 80.79 18.73
CA HIS B 398 -38.03 81.71 18.18
C HIS B 398 -39.37 81.01 18.09
N PRO B 399 -40.10 80.93 19.21
CA PRO B 399 -41.38 80.21 19.19
C PRO B 399 -42.49 80.96 18.47
N GLY C 10 -30.41 47.69 -5.75
CA GLY C 10 -31.52 46.78 -5.53
C GLY C 10 -31.45 46.09 -4.17
N PHE C 11 -30.47 46.48 -3.35
CA PHE C 11 -30.35 45.92 -2.01
C PHE C 11 -31.44 46.43 -1.08
N LEU C 12 -31.57 45.79 0.06
CA LEU C 12 -32.44 46.25 1.14
C LEU C 12 -32.02 47.66 1.55
N PRO C 13 -33.00 48.53 1.82
CA PRO C 13 -32.69 49.90 2.27
C PRO C 13 -31.90 49.92 3.58
N HIS C 14 -30.97 50.85 3.70
CA HIS C 14 -30.11 50.94 4.89
C HIS C 14 -30.91 51.21 6.16
N PHE C 15 -30.47 50.59 7.26
CA PHE C 15 -31.11 50.72 8.56
C PHE C 15 -31.06 52.16 9.09
N GLN C 16 -32.20 52.65 9.56
CA GLN C 16 -32.32 54.07 9.91
C GLN C 16 -31.65 54.34 11.26
N HIS C 17 -31.19 55.58 11.44
CA HIS C 17 -30.55 56.02 12.68
C HIS C 17 -29.32 55.19 13.07
N PHE C 18 -28.75 54.44 12.14
CA PHE C 18 -27.64 53.54 12.49
C PHE C 18 -26.42 54.28 13.02
N ALA C 19 -25.97 55.29 12.26
CA ALA C 19 -24.80 56.06 12.62
C ALA C 19 -25.04 56.84 13.92
N THR C 20 -26.23 57.43 14.02
CA THR C 20 -26.61 58.20 15.19
C THR C 20 -26.55 57.36 16.46
N GLN C 21 -27.08 56.14 16.37
CA GLN C 21 -27.14 55.26 17.53
C GLN C 21 -25.77 54.70 17.89
N ALA C 22 -24.98 54.37 16.89
CA ALA C 22 -23.63 53.85 17.10
C ALA C 22 -22.75 54.85 17.86
N ILE C 23 -23.07 56.14 17.71
CA ILE C 23 -22.29 57.20 18.34
C ILE C 23 -22.87 57.62 19.70
N HIS C 24 -24.19 57.47 19.87
CA HIS C 24 -24.84 58.03 21.05
C HIS C 24 -25.42 57.00 22.04
N VAL C 25 -25.84 55.85 21.56
CA VAL C 25 -26.46 54.88 22.46
C VAL C 25 -25.45 54.33 23.46
N GLY C 26 -25.76 54.48 24.74
CA GLY C 26 -24.87 54.05 25.80
C GLY C 26 -23.80 55.07 26.15
N GLN C 27 -23.72 56.15 25.36
CA GLN C 27 -22.64 57.12 25.50
C GLN C 27 -23.18 58.37 26.17
N ASP C 28 -24.38 58.24 26.73
CA ASP C 28 -25.09 59.36 27.33
C ASP C 28 -24.29 59.94 28.51
N PRO C 29 -23.89 61.22 28.40
CA PRO C 29 -23.03 61.95 29.34
C PRO C 29 -23.59 62.08 30.76
N GLU C 30 -24.88 61.86 30.94
CA GLU C 30 -25.51 62.05 32.25
C GLU C 30 -25.23 60.86 33.18
N GLN C 31 -24.54 59.86 32.66
CA GLN C 31 -24.18 58.69 33.45
C GLN C 31 -23.07 59.03 34.44
N TRP C 32 -22.30 60.06 34.11
CA TRP C 32 -21.10 60.39 34.85
C TRP C 32 -21.18 61.74 35.54
N THR C 33 -20.56 61.84 36.71
CA THR C 33 -20.56 63.07 37.49
C THR C 33 -19.87 64.22 36.76
N SER C 34 -18.94 63.87 35.86
CA SER C 34 -18.19 64.84 35.08
C SER C 34 -18.93 65.31 33.83
N ARG C 35 -19.97 64.58 33.45
CA ARG C 35 -20.73 64.81 32.23
C ARG C 35 -19.84 64.69 31.00
N ALA C 36 -18.86 63.79 31.08
CA ALA C 36 -17.95 63.52 29.97
C ALA C 36 -18.68 63.01 28.73
N VAL C 37 -18.27 63.52 27.57
CA VAL C 37 -18.88 63.14 26.30
C VAL C 37 -18.50 61.71 25.91
N VAL C 38 -17.30 61.30 26.29
CA VAL C 38 -16.87 59.92 26.07
C VAL C 38 -16.84 59.18 27.40
N PRO C 39 -17.49 58.01 27.46
CA PRO C 39 -17.52 57.18 28.67
C PRO C 39 -16.12 56.81 29.14
N PRO C 40 -15.86 56.97 30.45
CA PRO C 40 -14.59 56.59 31.05
C PRO C 40 -14.34 55.09 31.00
N ILE C 41 -13.07 54.71 31.04
CA ILE C 41 -12.72 53.31 31.16
C ILE C 41 -12.67 52.95 32.64
N SER C 42 -13.64 52.17 33.10
CA SER C 42 -13.70 51.79 34.51
C SER C 42 -13.06 50.43 34.69
N LEU C 43 -11.84 50.43 35.20
CA LEU C 43 -11.08 49.20 35.38
C LEU C 43 -11.43 48.46 36.66
N SER C 44 -11.97 49.19 37.63
CA SER C 44 -12.23 48.66 38.97
C SER C 44 -12.94 47.31 38.97
N THR C 45 -12.35 46.35 39.68
CA THR C 45 -12.89 45.01 39.75
C THR C 45 -14.09 44.93 40.69
N THR C 46 -14.11 45.82 41.68
CA THR C 46 -15.16 45.81 42.69
C THR C 46 -15.69 47.21 42.99
N PHE C 47 -16.84 47.27 43.65
CA PHE C 47 -17.56 48.53 43.85
C PHE C 47 -18.10 48.66 45.27
N LYS C 48 -18.09 49.89 45.78
CA LYS C 48 -18.59 50.16 47.13
C LYS C 48 -20.10 49.91 47.26
N GLN C 49 -20.47 49.19 48.32
CA GLN C 49 -21.87 48.87 48.62
C GLN C 49 -22.35 49.44 49.95
N GLY C 50 -23.65 49.67 50.05
CA GLY C 50 -24.27 50.11 51.28
C GLY C 50 -23.86 51.49 51.77
N ALA C 51 -24.34 52.50 51.07
CA ALA C 51 -24.00 53.88 51.38
C ALA C 51 -25.29 54.66 51.50
N PRO C 52 -25.26 55.76 52.26
CA PRO C 52 -26.47 56.57 52.42
C PRO C 52 -26.95 57.14 51.08
N GLY C 53 -28.21 56.87 50.75
CA GLY C 53 -28.76 57.23 49.46
C GLY C 53 -28.28 56.34 48.33
N SER C 56 -25.27 51.84 43.39
CA SER C 56 -25.77 50.62 44.00
C SER C 56 -25.95 49.53 42.94
N GLY C 57 -25.87 49.93 41.69
CA GLY C 57 -25.93 48.99 40.57
C GLY C 57 -24.88 47.92 40.49
N PHE C 58 -23.60 48.29 40.57
CA PHE C 58 -22.54 47.31 40.36
C PHE C 58 -22.00 46.71 41.65
N THR C 59 -21.61 45.44 41.59
CA THR C 59 -21.03 44.73 42.72
C THR C 59 -19.61 44.27 42.42
N TYR C 60 -19.46 43.61 41.27
CA TYR C 60 -18.20 43.01 40.87
C TYR C 60 -18.09 43.09 39.35
N SER C 61 -16.91 43.44 38.86
CA SER C 61 -16.70 43.74 37.44
C SER C 61 -17.15 42.64 36.49
N ARG C 62 -16.95 41.39 36.86
CA ARG C 62 -17.26 40.26 35.99
C ARG C 62 -18.76 40.16 35.74
N SER C 63 -19.54 40.49 36.75
CA SER C 63 -21.00 40.45 36.67
C SER C 63 -21.52 41.59 35.81
N GLY C 64 -20.87 42.74 35.93
CA GLY C 64 -21.21 43.90 35.15
C GLY C 64 -20.31 45.06 35.52
N ASN C 65 -20.06 45.93 34.56
CA ASN C 65 -19.24 47.10 34.78
C ASN C 65 -19.60 48.19 33.77
N PRO C 66 -19.36 49.47 34.13
CA PRO C 66 -19.80 50.61 33.32
C PRO C 66 -19.42 50.55 31.84
N THR C 67 -18.14 50.36 31.55
CA THR C 67 -17.65 50.42 30.18
C THR C 67 -18.17 49.29 29.31
N ARG C 68 -18.28 48.08 29.88
CA ARG C 68 -18.81 46.95 29.12
C ARG C 68 -20.30 47.14 28.82
N ASN C 69 -21.02 47.66 29.81
CA ASN C 69 -22.45 47.87 29.68
C ASN C 69 -22.81 48.91 28.61
N CYS C 70 -22.01 49.97 28.52
CA CYS C 70 -22.21 50.98 27.49
C CYS C 70 -22.06 50.37 26.11
N LEU C 71 -21.07 49.49 25.97
CA LEU C 71 -20.83 48.79 24.72
C LEU C 71 -21.99 47.87 24.37
N GLU C 72 -22.45 47.09 25.34
CA GLU C 72 -23.54 46.15 25.11
C GLU C 72 -24.83 46.85 24.73
N LYS C 73 -25.11 48.00 25.35
CA LYS C 73 -26.31 48.76 25.02
C LYS C 73 -26.25 49.31 23.61
N ALA C 74 -25.07 49.73 23.20
CA ALA C 74 -24.85 50.28 21.87
C ALA C 74 -24.99 49.21 20.78
N VAL C 75 -24.33 48.07 20.98
CA VAL C 75 -24.35 46.98 20.00
C VAL C 75 -25.77 46.43 19.83
N ALA C 76 -26.51 46.37 20.93
CA ALA C 76 -27.90 45.93 20.90
C ALA C 76 -28.72 46.79 19.94
N ALA C 77 -28.50 48.10 20.02
CA ALA C 77 -29.19 49.06 19.16
C ALA C 77 -28.88 48.83 17.70
N LEU C 78 -27.60 48.61 17.40
CA LEU C 78 -27.17 48.40 16.01
C LEU C 78 -27.73 47.11 15.44
N ASP C 79 -27.99 46.14 16.31
CA ASP C 79 -28.59 44.88 15.91
C ASP C 79 -30.10 44.93 15.86
N GLY C 80 -30.68 46.01 16.37
CA GLY C 80 -32.12 46.09 16.54
C GLY C 80 -32.56 45.12 17.63
N ALA C 81 -31.68 44.92 18.61
CA ALA C 81 -31.91 43.94 19.68
C ALA C 81 -32.31 44.61 20.98
N LYS C 82 -32.77 43.81 21.93
CA LYS C 82 -33.13 44.31 23.24
C LYS C 82 -31.94 44.19 24.19
N TYR C 83 -31.14 43.16 23.95
CA TYR C 83 -30.03 42.82 24.83
C TYR C 83 -28.77 42.46 24.06
N CYS C 84 -27.62 42.58 24.73
CA CYS C 84 -26.36 42.16 24.15
C CYS C 84 -25.38 41.75 25.24
N LEU C 85 -24.53 40.77 24.94
CA LEU C 85 -23.54 40.29 25.88
C LEU C 85 -22.17 40.26 25.23
N ALA C 86 -21.18 40.86 25.90
CA ALA C 86 -19.82 40.87 25.38
C ALA C 86 -19.00 39.76 26.00
N PHE C 87 -18.05 39.22 25.23
CA PHE C 87 -17.23 38.11 25.68
C PHE C 87 -15.77 38.27 25.30
N ALA C 88 -14.92 37.42 25.89
CA ALA C 88 -13.48 37.47 25.69
C ALA C 88 -13.09 37.22 24.23
N SER C 89 -13.92 36.47 23.52
CA SER C 89 -13.66 36.16 22.12
C SER C 89 -14.91 35.62 21.43
N GLY C 90 -14.82 35.50 20.11
CA GLY C 90 -15.89 34.90 19.33
C GLY C 90 -16.16 33.46 19.74
N LEU C 91 -15.09 32.70 19.91
CA LEU C 91 -15.20 31.31 20.36
C LEU C 91 -15.79 31.25 21.76
N ALA C 92 -15.41 32.20 22.61
CA ALA C 92 -15.93 32.28 23.97
C ALA C 92 -17.43 32.52 23.94
N ALA C 93 -17.87 33.35 23.00
CA ALA C 93 -19.28 33.60 22.80
C ALA C 93 -19.99 32.33 22.34
N THR C 94 -19.34 31.62 21.41
CA THR C 94 -19.89 30.36 20.88
C THR C 94 -20.02 29.30 21.97
N VAL C 95 -18.96 29.11 22.74
CA VAL C 95 -18.96 28.12 23.83
C VAL C 95 -20.00 28.44 24.90
N THR C 96 -20.14 29.72 25.23
CA THR C 96 -21.10 30.16 26.22
C THR C 96 -22.53 29.87 25.76
N ILE C 97 -22.82 30.14 24.49
CA ILE C 97 -24.11 29.85 23.91
C ILE C 97 -24.46 28.36 24.00
N THR C 98 -23.47 27.51 23.72
CA THR C 98 -23.67 26.07 23.76
C THR C 98 -24.00 25.58 25.17
N HIS C 99 -23.55 26.33 26.17
CA HIS C 99 -23.83 25.98 27.57
C HIS C 99 -25.29 26.17 27.96
N LEU C 100 -26.11 26.64 27.02
CA LEU C 100 -27.55 26.77 27.26
C LEU C 100 -28.22 25.40 27.28
N LEU C 101 -27.56 24.43 26.66
CA LEU C 101 -28.15 23.11 26.43
C LEU C 101 -27.87 22.14 27.56
N LYS C 102 -28.39 20.93 27.41
CA LYS C 102 -28.15 19.85 28.36
C LYS C 102 -27.47 18.65 27.71
N ALA C 103 -26.94 17.74 28.51
CA ALA C 103 -26.51 16.44 28.01
C ALA C 103 -27.72 15.74 27.43
N GLY C 104 -27.63 15.30 26.18
CA GLY C 104 -28.75 14.64 25.54
C GLY C 104 -29.29 15.43 24.36
N ASP C 105 -28.93 16.70 24.28
CA ASP C 105 -29.35 17.56 23.18
C ASP C 105 -28.50 17.31 21.93
N GLN C 106 -28.98 17.80 20.79
CA GLN C 106 -28.28 17.68 19.53
C GLN C 106 -28.13 19.06 18.93
N ILE C 107 -27.00 19.29 18.26
CA ILE C 107 -26.69 20.55 17.60
C ILE C 107 -26.57 20.32 16.10
N ILE C 108 -27.31 21.11 15.32
CA ILE C 108 -27.13 21.10 13.88
C ILE C 108 -26.28 22.30 13.50
N CYS C 109 -25.14 22.03 12.86
CA CYS C 109 -24.24 23.10 12.47
C CYS C 109 -24.06 23.12 10.96
N MET C 110 -23.92 24.33 10.42
CA MET C 110 -23.65 24.50 8.99
C MET C 110 -22.40 23.70 8.62
N ASP C 111 -22.40 23.12 7.42
CA ASP C 111 -21.32 22.22 7.03
C ASP C 111 -20.06 23.03 6.76
N ASP C 112 -20.23 24.23 6.22
CA ASP C 112 -19.11 25.14 6.05
C ASP C 112 -19.19 26.26 7.07
N VAL C 113 -18.30 26.25 8.05
CA VAL C 113 -18.20 27.26 9.09
C VAL C 113 -16.76 27.48 9.38
N TYR C 114 -16.44 28.50 10.13
CA TYR C 114 -15.09 28.78 10.58
C TYR C 114 -14.52 27.56 11.30
N GLY C 115 -13.26 27.25 11.02
CA GLY C 115 -12.61 26.05 11.55
C GLY C 115 -12.76 25.86 13.04
N GLY C 116 -12.65 26.95 13.79
CA GLY C 116 -12.76 26.90 15.24
C GLY C 116 -14.16 26.53 15.70
N THR C 117 -15.16 26.98 14.94
CA THR C 117 -16.54 26.63 15.24
C THR C 117 -16.72 25.13 15.00
N ASN C 118 -16.18 24.67 13.87
CA ASN C 118 -16.17 23.26 13.53
C ASN C 118 -15.45 22.44 14.61
N ARG C 119 -14.27 22.91 14.99
CA ARG C 119 -13.43 22.22 15.97
C ARG C 119 -14.07 22.06 17.35
N TYR C 120 -14.73 23.11 17.83
CA TYR C 120 -15.35 23.09 19.16
C TYR C 120 -16.47 22.05 19.21
N PHE C 121 -17.33 22.09 18.20
CA PHE C 121 -18.45 21.16 18.11
C PHE C 121 -17.97 19.71 17.95
N ARG C 122 -17.03 19.50 17.04
CA ARG C 122 -16.60 18.15 16.67
C ARG C 122 -15.70 17.48 17.72
N GLN C 123 -14.81 18.26 18.34
CA GLN C 123 -13.79 17.69 19.20
C GLN C 123 -14.01 17.93 20.70
N VAL C 124 -14.83 18.92 21.04
CA VAL C 124 -15.02 19.27 22.44
C VAL C 124 -16.46 19.09 22.89
N ALA C 125 -17.39 19.71 22.17
CA ALA C 125 -18.82 19.61 22.51
C ALA C 125 -19.29 18.16 22.41
N SER C 126 -18.69 17.42 21.48
CA SER C 126 -19.04 16.02 21.27
C SER C 126 -18.57 15.14 22.42
N GLU C 127 -17.83 15.72 23.35
CA GLU C 127 -17.26 14.97 24.46
C GLU C 127 -18.12 15.15 25.73
N PHE C 128 -19.31 15.73 25.57
CA PHE C 128 -20.16 16.02 26.71
C PHE C 128 -21.65 15.71 26.49
N GLY C 129 -21.91 14.59 25.81
CA GLY C 129 -23.26 14.12 25.63
C GLY C 129 -24.06 14.92 24.62
N LEU C 130 -23.35 15.61 23.74
CA LEU C 130 -23.99 16.38 22.67
C LEU C 130 -23.77 15.69 21.34
N LYS C 131 -24.83 15.58 20.54
CA LYS C 131 -24.68 14.97 19.22
C LYS C 131 -24.52 16.07 18.17
N ILE C 132 -23.51 15.92 17.32
CA ILE C 132 -23.19 16.94 16.33
C ILE C 132 -23.32 16.38 14.91
N SER C 133 -24.16 17.04 14.11
CA SER C 133 -24.32 16.68 12.72
C SER C 133 -24.07 17.92 11.87
N PHE C 134 -23.12 17.82 10.94
CA PHE C 134 -22.86 18.93 10.03
C PHE C 134 -23.74 18.82 8.81
N VAL C 135 -24.56 19.84 8.59
CA VAL C 135 -25.58 19.80 7.56
C VAL C 135 -25.54 21.05 6.70
N ASP C 136 -25.60 20.88 5.39
CA ASP C 136 -25.68 22.00 4.46
C ASP C 136 -27.05 22.66 4.58
N CYS C 137 -27.10 23.77 5.32
CA CYS C 137 -28.36 24.44 5.60
C CYS C 137 -28.82 25.41 4.52
N SER C 138 -28.08 25.51 3.43
CA SER C 138 -28.51 26.33 2.30
C SER C 138 -29.56 25.58 1.49
N LYS C 139 -29.43 24.27 1.49
CA LYS C 139 -30.41 23.37 0.88
C LYS C 139 -31.36 22.86 1.97
N ILE C 140 -32.57 23.38 1.95
CA ILE C 140 -33.51 23.28 3.07
C ILE C 140 -34.03 21.87 3.41
N LYS C 141 -33.97 20.95 2.47
CA LYS C 141 -34.45 19.58 2.73
C LYS C 141 -33.50 18.82 3.63
N LEU C 142 -32.24 19.27 3.66
CA LEU C 142 -31.21 18.58 4.41
C LEU C 142 -31.32 18.91 5.88
N LEU C 143 -31.84 20.11 6.15
CA LEU C 143 -32.03 20.59 7.50
C LEU C 143 -33.22 19.92 8.15
N GLU C 144 -34.29 19.76 7.37
CA GLU C 144 -35.54 19.17 7.83
C GLU C 144 -35.41 17.71 8.26
N ALA C 145 -34.58 16.96 7.55
CA ALA C 145 -34.34 15.55 7.88
C ALA C 145 -33.48 15.38 9.14
N ALA C 146 -32.64 16.38 9.41
CA ALA C 146 -31.71 16.32 10.53
C ALA C 146 -32.36 16.75 11.83
N ILE C 147 -33.44 17.53 11.73
CA ILE C 147 -34.16 17.97 12.90
C ILE C 147 -34.81 16.77 13.60
N THR C 148 -34.68 16.71 14.91
CA THR C 148 -35.26 15.64 15.71
C THR C 148 -36.03 16.30 16.84
N PRO C 149 -36.94 15.56 17.49
CA PRO C 149 -37.65 16.13 18.64
C PRO C 149 -36.71 16.56 19.75
N GLU C 150 -35.47 16.07 19.67
CA GLU C 150 -34.41 16.38 20.63
C GLU C 150 -33.58 17.61 20.28
N THR C 151 -33.80 18.18 19.10
CA THR C 151 -33.02 19.36 18.63
C THR C 151 -33.30 20.62 19.41
N LYS C 152 -32.24 21.26 19.91
CA LYS C 152 -32.34 22.47 20.73
C LYS C 152 -31.54 23.63 20.13
N LEU C 153 -30.67 23.33 19.18
CA LEU C 153 -29.81 24.35 18.60
C LEU C 153 -29.43 24.13 17.14
N VAL C 154 -29.64 25.16 16.33
CA VAL C 154 -29.15 25.17 14.96
C VAL C 154 -28.19 26.34 14.79
N TRP C 155 -26.96 26.05 14.41
CA TRP C 155 -25.93 27.07 14.26
C TRP C 155 -25.59 27.29 12.80
N ILE C 156 -25.90 28.46 12.27
CA ILE C 156 -25.60 28.77 10.88
C ILE C 156 -24.72 30.00 10.74
N GLU C 157 -24.00 30.07 9.62
CA GLU C 157 -23.13 31.18 9.32
C GLU C 157 -23.37 31.63 7.89
N THR C 158 -23.59 32.91 7.68
CA THR C 158 -23.85 33.40 6.33
C THR C 158 -23.38 34.83 6.08
N PRO C 159 -22.51 35.03 5.08
CA PRO C 159 -21.85 33.99 4.27
C PRO C 159 -20.88 33.13 5.08
N THR C 160 -20.67 31.90 4.63
CA THR C 160 -19.82 30.96 5.34
C THR C 160 -18.33 31.30 5.19
N ASN C 161 -17.52 30.78 6.10
CA ASN C 161 -16.08 31.01 6.07
C ASN C 161 -15.37 29.71 5.66
N PRO C 162 -14.66 29.74 4.53
CA PRO C 162 -14.42 30.87 3.63
C PRO C 162 -15.07 30.77 2.25
N THR C 163 -15.90 29.76 2.01
CA THR C 163 -16.47 29.56 0.68
C THR C 163 -17.64 30.50 0.45
N GLN C 164 -18.03 31.22 1.50
CA GLN C 164 -19.06 32.25 1.42
C GLN C 164 -20.38 31.74 0.82
N LYS C 165 -20.87 30.64 1.38
CA LYS C 165 -22.20 30.13 1.05
C LYS C 165 -23.26 30.94 1.77
N VAL C 166 -24.35 31.24 1.09
CA VAL C 166 -25.38 32.10 1.67
C VAL C 166 -26.62 31.29 2.06
N ILE C 167 -27.13 31.54 3.26
CA ILE C 167 -28.29 30.83 3.77
C ILE C 167 -29.49 31.77 3.85
N ASP C 168 -30.65 31.30 3.38
CA ASP C 168 -31.89 32.04 3.57
C ASP C 168 -32.24 32.03 5.05
N ILE C 169 -31.93 33.13 5.73
CA ILE C 169 -32.12 33.22 7.18
C ILE C 169 -33.60 33.17 7.55
N GLU C 170 -34.41 33.98 6.87
CA GLU C 170 -35.83 34.06 7.18
C GLU C 170 -36.51 32.72 6.86
N GLY C 171 -36.08 32.10 5.78
CA GLY C 171 -36.57 30.78 5.41
C GLY C 171 -36.14 29.71 6.40
N CYS C 172 -34.89 29.78 6.82
CA CYS C 172 -34.33 28.81 7.77
C CYS C 172 -34.98 28.91 9.15
N ALA C 173 -35.23 30.14 9.59
CA ALA C 173 -35.89 30.39 10.86
C ALA C 173 -37.29 29.78 10.86
N HIS C 174 -37.94 29.87 9.71
CA HIS C 174 -39.29 29.35 9.55
C HIS C 174 -39.34 27.84 9.76
N ILE C 175 -38.35 27.13 9.22
CA ILE C 175 -38.26 25.69 9.37
C ILE C 175 -37.96 25.29 10.82
N VAL C 176 -37.05 26.03 11.45
CA VAL C 176 -36.57 25.71 12.79
C VAL C 176 -37.60 25.99 13.90
N HIS C 177 -38.31 27.10 13.78
CA HIS C 177 -39.23 27.56 14.82
C HIS C 177 -40.61 26.89 14.73
N LYS C 178 -40.78 26.02 13.75
CA LYS C 178 -42.04 25.31 13.55
C LYS C 178 -42.38 24.30 14.65
N HIS C 179 -41.53 23.28 14.80
CA HIS C 179 -41.79 22.22 15.77
C HIS C 179 -40.86 22.22 16.98
N GLY C 180 -41.36 22.77 18.08
CA GLY C 180 -40.66 22.75 19.36
C GLY C 180 -39.86 23.99 19.71
N ASP C 181 -39.00 23.83 20.71
CA ASP C 181 -38.19 24.91 21.25
C ASP C 181 -36.77 24.78 20.72
N ILE C 182 -36.54 25.23 19.49
CA ILE C 182 -35.21 25.17 18.92
C ILE C 182 -34.66 26.57 18.66
N ILE C 183 -33.40 26.77 19.06
CA ILE C 183 -32.72 28.05 18.91
C ILE C 183 -31.93 28.15 17.61
N LEU C 184 -32.19 29.22 16.85
CA LEU C 184 -31.42 29.52 15.65
C LEU C 184 -30.40 30.62 15.91
N VAL C 185 -29.12 30.28 15.77
CA VAL C 185 -28.05 31.26 15.95
C VAL C 185 -27.43 31.59 14.60
N VAL C 186 -27.30 32.88 14.30
CA VAL C 186 -26.64 33.31 13.08
C VAL C 186 -25.31 33.99 13.39
N ASP C 187 -24.22 33.37 12.97
CA ASP C 187 -22.91 33.98 13.06
C ASP C 187 -22.81 35.08 12.01
N ASN C 188 -23.02 36.31 12.43
CA ASN C 188 -23.06 37.45 11.51
C ASN C 188 -21.74 38.20 11.45
N THR C 189 -20.64 37.49 11.59
CA THR C 189 -19.31 38.10 11.65
C THR C 189 -18.93 38.78 10.35
N PHE C 190 -19.17 38.08 9.25
CA PHE C 190 -18.80 38.56 7.93
C PHE C 190 -19.51 39.84 7.50
N MET C 191 -20.83 39.87 7.64
CA MET C 191 -21.63 41.01 7.18
C MET C 191 -21.53 42.26 8.06
N SER C 192 -21.74 42.06 9.36
CA SER C 192 -21.85 43.10 10.39
C SER C 192 -23.30 43.55 10.46
N PRO C 193 -23.70 44.22 11.57
CA PRO C 193 -25.10 44.63 11.68
C PRO C 193 -25.48 45.79 10.77
N TYR C 194 -24.49 46.42 10.14
CA TYR C 194 -24.77 47.52 9.21
C TYR C 194 -25.35 46.98 7.91
N PHE C 195 -25.00 45.74 7.58
CA PHE C 195 -25.43 45.14 6.32
C PHE C 195 -26.44 44.01 6.48
N GLN C 196 -26.52 43.42 7.68
CA GLN C 196 -27.44 42.31 7.91
C GLN C 196 -27.92 42.22 9.36
N ARG C 197 -29.23 42.10 9.53
CA ARG C 197 -29.83 41.98 10.85
C ARG C 197 -30.60 40.66 11.00
N PRO C 198 -29.91 39.58 11.39
CA PRO C 198 -30.49 38.25 11.58
C PRO C 198 -31.71 38.23 12.49
N LEU C 199 -31.72 39.03 13.54
CA LEU C 199 -32.86 39.09 14.46
C LEU C 199 -34.09 39.64 13.77
N ALA C 200 -33.87 40.56 12.85
CA ALA C 200 -34.96 41.13 12.05
C ALA C 200 -35.43 40.12 11.01
N LEU C 201 -34.63 39.07 10.80
CA LEU C 201 -34.95 38.05 9.82
C LEU C 201 -35.48 36.77 10.47
N GLY C 202 -35.65 36.80 11.78
CA GLY C 202 -36.27 35.68 12.48
C GLY C 202 -35.36 34.83 13.34
N ALA C 203 -34.06 35.13 13.32
CA ALA C 203 -33.10 34.40 14.16
C ALA C 203 -33.33 34.71 15.64
N ASP C 204 -32.93 33.79 16.51
CA ASP C 204 -33.07 34.01 17.94
C ASP C 204 -31.85 34.74 18.48
N ILE C 205 -30.69 34.45 17.89
CA ILE C 205 -29.44 35.07 18.31
C ILE C 205 -28.62 35.57 17.12
N SER C 206 -28.19 36.83 17.19
CA SER C 206 -27.24 37.38 16.23
C SER C 206 -25.89 37.46 16.91
N MET C 207 -24.95 36.62 16.47
CA MET C 207 -23.66 36.47 17.14
C MET C 207 -22.53 37.04 16.29
N TYR C 208 -21.57 37.69 16.96
CA TYR C 208 -20.44 38.29 16.26
C TYR C 208 -19.11 37.92 16.89
N SER C 209 -18.09 37.81 16.04
CA SER C 209 -16.72 37.96 16.49
C SER C 209 -16.33 39.41 16.27
N ALA C 210 -16.33 40.19 17.34
CA ALA C 210 -16.03 41.62 17.27
C ALA C 210 -14.57 41.87 16.92
N THR C 211 -13.78 40.80 16.98
CA THR C 211 -12.36 40.84 16.62
C THR C 211 -12.15 41.40 15.21
N1 5OW C 212 -16.69 33.04 13.76
C2 5OW C 212 -16.40 33.53 12.52
C3 5OW C 212 -15.13 34.03 12.26
C7 5OW C 212 -10.19 33.72 10.84
O8 5OW C 212 -9.47 34.43 10.11
CA 5OW C 212 -13.04 41.48 12.94
CB 5OW C 212 -13.74 40.34 12.22
CD 5OW C 212 -12.61 38.25 13.27
CE 5OW C 212 -13.46 36.99 13.17
CG 5OW C 212 -12.79 39.13 12.04
O9 5OW C 212 -10.63 32.61 10.48
C1 5OW C 212 -10.54 34.20 12.22
C10 5OW C 212 -9.59 33.61 13.24
S11 5OW C 212 -8.53 32.36 12.51
N4 5OW C 212 -11.86 33.73 12.58
C4' 5OW C 212 -12.82 34.58 12.90
C4 5OW C 212 -14.17 34.03 13.25
C5 5OW C 212 -14.49 33.54 14.50
C5' 5OW C 212 -13.46 33.52 15.61
OP4 5OW C 212 -13.70 34.62 16.48
P 5OW C 212 -12.67 34.93 17.67
OP3 5OW C 212 -12.88 33.78 18.63
OP2 5OW C 212 -11.31 34.94 16.99
OP1 5OW C 212 -13.10 36.28 18.20
C6 5OW C 212 -15.78 33.04 14.73
C2' 5OW C 212 -17.43 33.53 11.43
O3 5OW C 212 -14.83 34.51 11.02
NZ 5OW C 212 -12.56 35.88 12.88
N 5OW C 212 -13.16 41.19 14.37
C 5OW C 212 -13.62 42.83 12.59
O 5OW C 212 -12.93 43.85 12.81
N TYR C 213 -14.84 42.88 12.06
CA TYR C 213 -15.39 44.14 11.53
C TYR C 213 -15.91 45.11 12.59
N MET C 214 -16.52 44.59 13.65
CA MET C 214 -17.13 45.43 14.68
C MET C 214 -16.15 46.44 15.25
N ASN C 215 -15.03 45.94 15.76
CA ASN C 215 -13.94 46.80 16.21
C ASN C 215 -13.24 47.39 15.01
N GLY C 216 -12.90 46.52 14.06
CA GLY C 216 -12.39 46.94 12.76
C GLY C 216 -10.97 47.48 12.78
N HIS C 217 -10.30 47.37 13.92
CA HIS C 217 -8.96 47.95 14.04
C HIS C 217 -7.88 46.94 14.43
N SER C 218 -8.20 45.66 14.33
CA SER C 218 -7.23 44.58 14.52
C SER C 218 -6.46 44.64 15.84
N ASP C 219 -7.11 45.12 16.90
CA ASP C 219 -6.42 45.28 18.18
C ASP C 219 -7.27 44.82 19.37
N VAL C 220 -8.38 44.16 19.07
CA VAL C 220 -9.27 43.66 20.11
C VAL C 220 -9.77 42.26 19.75
N VAL C 221 -9.59 41.31 20.66
CA VAL C 221 -10.22 40.01 20.51
C VAL C 221 -11.46 39.99 21.39
N MET C 222 -12.62 39.78 20.77
CA MET C 222 -13.88 39.91 21.48
C MET C 222 -15.04 39.25 20.72
N GLY C 223 -16.01 38.75 21.47
CA GLY C 223 -17.23 38.22 20.89
C GLY C 223 -18.45 39.00 21.36
N LEU C 224 -19.50 39.00 20.56
CA LEU C 224 -20.72 39.71 20.90
C LEU C 224 -21.93 38.84 20.62
N VAL C 225 -22.92 38.90 21.51
CA VAL C 225 -24.13 38.09 21.37
C VAL C 225 -25.38 38.93 21.59
N SER C 226 -26.18 39.08 20.53
CA SER C 226 -27.42 39.87 20.62
C SER C 226 -28.66 38.98 20.58
N VAL C 227 -29.68 39.35 21.34
CA VAL C 227 -30.86 38.51 21.52
C VAL C 227 -32.10 39.34 21.85
N ASN C 228 -33.28 38.81 21.56
CA ASN C 228 -34.55 39.46 21.88
C ASN C 228 -35.33 38.74 22.97
N CYS C 229 -35.33 37.41 22.93
CA CYS C 229 -36.10 36.62 23.88
C CYS C 229 -35.64 36.85 25.32
N GLU C 230 -36.60 37.13 26.19
CA GLU C 230 -36.32 37.49 27.57
C GLU C 230 -35.70 36.34 28.37
N SER C 231 -36.28 35.16 28.25
CA SER C 231 -35.80 33.99 28.98
C SER C 231 -34.45 33.57 28.43
N LEU C 232 -34.27 33.73 27.12
CA LEU C 232 -33.01 33.39 26.46
C LEU C 232 -31.88 34.30 26.93
N HIS C 233 -32.20 35.58 27.12
CA HIS C 233 -31.23 36.54 27.61
C HIS C 233 -30.78 36.23 29.03
N ASN C 234 -31.75 35.93 29.90
CA ASN C 234 -31.47 35.64 31.30
C ASN C 234 -30.58 34.41 31.45
N ARG C 235 -30.79 33.42 30.59
CA ARG C 235 -29.96 32.22 30.59
C ARG C 235 -28.54 32.57 30.12
N LEU C 236 -28.46 33.45 29.13
CA LEU C 236 -27.16 33.90 28.63
C LEU C 236 -26.44 34.81 29.62
N ARG C 237 -27.18 35.69 30.27
CA ARG C 237 -26.60 36.63 31.23
C ARG C 237 -26.03 35.87 32.42
N PHE C 238 -26.70 34.79 32.79
CA PHE C 238 -26.24 33.92 33.85
C PHE C 238 -24.92 33.26 33.48
N LEU C 239 -24.82 32.77 32.25
CA LEU C 239 -23.64 32.04 31.79
C LEU C 239 -22.46 32.97 31.58
N GLN C 240 -22.74 34.22 31.21
CA GLN C 240 -21.68 35.21 31.04
C GLN C 240 -20.92 35.43 32.33
N ASN C 241 -21.67 35.49 33.43
CA ASN C 241 -21.09 35.71 34.75
C ASN C 241 -20.61 34.41 35.39
N SER C 242 -21.23 33.30 35.03
CA SER C 242 -20.92 32.02 35.65
C SER C 242 -19.71 31.35 35.01
N LEU C 243 -19.56 31.51 33.71
CA LEU C 243 -18.43 30.93 32.99
C LEU C 243 -17.25 31.90 32.97
N GLY C 244 -17.56 33.19 33.01
CA GLY C 244 -16.53 34.21 33.17
C GLY C 244 -15.67 34.51 31.95
N ALA C 245 -16.18 34.21 30.76
CA ALA C 245 -15.47 34.55 29.54
C ALA C 245 -15.71 36.01 29.19
N VAL C 246 -15.29 36.90 30.09
CA VAL C 246 -15.57 38.31 29.97
C VAL C 246 -14.44 39.08 29.29
N PRO C 247 -14.79 40.18 28.60
CA PRO C 247 -13.78 41.02 27.95
C PRO C 247 -13.22 42.07 28.91
N SER C 248 -12.01 42.55 28.64
CA SER C 248 -11.45 43.65 29.41
C SER C 248 -12.24 44.93 29.15
N PRO C 249 -12.44 45.74 30.20
CA PRO C 249 -13.09 47.05 30.05
C PRO C 249 -12.37 47.94 29.04
N ILE C 250 -11.06 47.83 28.96
CA ILE C 250 -10.28 48.63 28.02
C ILE C 250 -10.55 48.16 26.59
N ASP C 251 -10.66 46.85 26.42
CA ASP C 251 -11.03 46.28 25.12
C ASP C 251 -12.44 46.70 24.73
N CYS C 252 -13.34 46.70 25.71
CA CYS C 252 -14.71 47.16 25.50
C CYS C 252 -14.73 48.61 25.03
N TYR C 253 -13.92 49.45 25.67
CA TYR C 253 -13.82 50.84 25.28
C TYR C 253 -13.33 50.99 23.85
N LEU C 254 -12.27 50.24 23.50
CA LEU C 254 -11.68 50.31 22.18
C LEU C 254 -12.65 49.84 21.11
N CYS C 255 -13.41 48.78 21.41
CA CYS C 255 -14.39 48.27 20.48
C CYS C 255 -15.52 49.27 20.26
N ASN C 256 -15.95 49.93 21.34
CA ASN C 256 -16.99 50.94 21.25
C ASN C 256 -16.52 52.12 20.43
N ARG C 257 -15.22 52.41 20.55
CA ARG C 257 -14.56 53.44 19.76
C ARG C 257 -14.56 53.07 18.28
N GLY C 258 -14.32 51.79 18.00
CA GLY C 258 -14.34 51.29 16.63
C GLY C 258 -15.73 51.38 16.03
N LEU C 259 -16.74 51.17 16.86
CA LEU C 259 -18.13 51.25 16.44
C LEU C 259 -18.50 52.64 15.90
N LYS C 260 -17.83 53.66 16.44
CA LYS C 260 -18.12 55.05 16.06
C LYS C 260 -17.93 55.31 14.56
N THR C 261 -17.10 54.49 13.92
CA THR C 261 -16.86 54.64 12.48
C THR C 261 -17.27 53.41 11.69
N LEU C 262 -18.05 52.53 12.31
CA LEU C 262 -18.46 51.29 11.65
C LEU C 262 -19.19 51.53 10.34
N HIS C 263 -20.05 52.55 10.31
CA HIS C 263 -20.84 52.82 9.11
C HIS C 263 -20.01 53.31 7.93
N VAL C 264 -19.07 54.21 8.16
CA VAL C 264 -18.24 54.72 7.06
C VAL C 264 -17.17 53.72 6.65
N ARG C 265 -16.78 52.84 7.58
CA ARG C 265 -15.82 51.78 7.27
C ARG C 265 -16.44 50.72 6.39
N MET C 266 -17.62 50.23 6.79
CA MET C 266 -18.31 49.18 6.06
C MET C 266 -18.68 49.62 4.64
N GLU C 267 -18.95 50.91 4.48
CA GLU C 267 -19.28 51.44 3.15
C GLU C 267 -18.05 51.37 2.25
N LYS C 268 -16.88 51.64 2.82
CA LYS C 268 -15.65 51.60 2.05
C LYS C 268 -15.21 50.17 1.82
N HIS C 269 -15.47 49.30 2.79
CA HIS C 269 -15.22 47.86 2.63
C HIS C 269 -16.03 47.33 1.46
N PHE C 270 -17.26 47.81 1.34
CA PHE C 270 -18.15 47.42 0.24
C PHE C 270 -17.60 47.88 -1.10
N LYS C 271 -17.30 49.18 -1.19
CA LYS C 271 -16.86 49.76 -2.44
C LYS C 271 -15.51 49.17 -2.88
N ASN C 272 -14.62 48.96 -1.92
CA ASN C 272 -13.33 48.33 -2.22
C ASN C 272 -13.50 46.85 -2.54
N GLY C 273 -14.38 46.19 -1.79
CA GLY C 273 -14.64 44.77 -2.00
C GLY C 273 -15.22 44.44 -3.36
N MET C 274 -16.18 45.25 -3.81
CA MET C 274 -16.78 45.06 -5.12
C MET C 274 -15.78 45.22 -6.25
N ALA C 275 -14.95 46.26 -6.16
CA ALA C 275 -13.95 46.53 -7.18
C ALA C 275 -12.94 45.38 -7.29
N VAL C 276 -12.53 44.85 -6.14
CA VAL C 276 -11.60 43.73 -6.09
C VAL C 276 -12.20 42.48 -6.72
N ALA C 277 -13.45 42.18 -6.38
CA ALA C 277 -14.15 41.01 -6.91
C ALA C 277 -14.29 41.07 -8.42
N GLN C 278 -14.65 42.25 -8.91
CA GLN C 278 -14.85 42.47 -10.34
C GLN C 278 -13.53 42.37 -11.09
N PHE C 279 -12.46 42.87 -10.47
CA PHE C 279 -11.13 42.79 -11.06
C PHE C 279 -10.66 41.34 -11.20
N LEU C 280 -10.82 40.56 -10.14
CA LEU C 280 -10.38 39.18 -10.12
C LEU C 280 -11.14 38.28 -11.11
N GLU C 281 -12.43 38.52 -11.26
CA GLU C 281 -13.26 37.66 -12.11
C GLU C 281 -12.91 37.87 -13.59
N SER C 282 -12.50 39.07 -13.94
CA SER C 282 -12.10 39.35 -15.31
C SER C 282 -10.63 39.10 -15.56
N ASN C 283 -9.93 38.59 -14.55
CA ASN C 283 -8.50 38.38 -14.67
C ASN C 283 -8.22 36.99 -15.21
N PRO C 284 -7.37 36.90 -16.25
CA PRO C 284 -7.10 35.64 -16.96
C PRO C 284 -6.36 34.60 -16.11
N TRP C 285 -5.88 34.98 -14.93
CA TRP C 285 -5.15 34.05 -14.09
C TRP C 285 -6.00 33.58 -12.91
N VAL C 286 -7.29 33.89 -12.94
CA VAL C 286 -8.20 33.49 -11.88
C VAL C 286 -9.24 32.50 -12.40
N GLU C 287 -9.42 31.40 -11.67
CA GLU C 287 -10.33 30.33 -12.06
C GLU C 287 -11.78 30.66 -11.76
N LYS C 288 -12.04 31.23 -10.58
CA LYS C 288 -13.39 31.49 -10.13
C LYS C 288 -13.41 32.45 -8.94
N VAL C 289 -14.39 33.34 -8.92
CA VAL C 289 -14.55 34.28 -7.81
C VAL C 289 -15.89 34.08 -7.10
N ILE C 290 -15.84 34.06 -5.77
CA ILE C 290 -17.05 33.98 -4.96
C ILE C 290 -17.22 35.26 -4.14
N TYR C 291 -18.18 36.08 -4.55
CA TYR C 291 -18.47 37.32 -3.84
C TYR C 291 -19.96 37.67 -3.96
N PRO C 292 -20.66 37.75 -2.81
CA PRO C 292 -22.10 37.99 -2.73
C PRO C 292 -22.57 39.21 -3.53
N GLY C 293 -21.70 40.18 -3.73
CA GLY C 293 -22.06 41.37 -4.47
C GLY C 293 -22.07 41.17 -5.98
N LEU C 294 -21.45 40.07 -6.41
CA LEU C 294 -21.43 39.73 -7.84
C LEU C 294 -22.66 38.93 -8.23
N PRO C 295 -23.25 39.26 -9.40
CA PRO C 295 -24.38 38.52 -9.96
C PRO C 295 -24.03 37.07 -10.26
N SER C 296 -22.74 36.77 -10.38
CA SER C 296 -22.27 35.42 -10.66
C SER C 296 -22.45 34.49 -9.47
N HIS C 297 -22.68 35.06 -8.29
CA HIS C 297 -22.91 34.27 -7.09
C HIS C 297 -24.27 33.59 -7.16
N PRO C 298 -24.31 32.28 -6.91
CA PRO C 298 -25.53 31.47 -6.97
C PRO C 298 -26.67 32.06 -6.15
N GLN C 299 -26.34 32.69 -5.03
CA GLN C 299 -27.34 33.29 -4.15
C GLN C 299 -27.26 34.82 -4.12
N HIS C 300 -26.84 35.42 -5.23
CA HIS C 300 -26.72 36.88 -5.32
C HIS C 300 -28.04 37.61 -5.05
N GLU C 301 -29.14 37.06 -5.56
CA GLU C 301 -30.43 37.72 -5.45
C GLU C 301 -30.99 37.52 -4.04
N LEU C 302 -30.57 36.43 -3.41
CA LEU C 302 -30.92 36.16 -2.02
C LEU C 302 -30.23 37.18 -1.11
N VAL C 303 -28.97 37.45 -1.40
CA VAL C 303 -28.19 38.44 -0.65
C VAL C 303 -28.85 39.81 -0.65
N LYS C 304 -29.28 40.25 -1.83
CA LYS C 304 -29.95 41.54 -1.97
C LYS C 304 -31.27 41.60 -1.19
N ARG C 305 -31.87 40.44 -0.95
CA ARG C 305 -33.11 40.40 -0.19
C ARG C 305 -32.87 40.44 1.32
N GLN C 306 -31.72 39.95 1.76
CA GLN C 306 -31.43 39.88 3.19
C GLN C 306 -30.42 40.91 3.65
N CYS C 307 -29.79 41.60 2.72
CA CYS C 307 -28.74 42.54 3.10
C CYS C 307 -28.90 43.91 2.46
N THR C 308 -28.27 44.90 3.09
CA THR C 308 -28.30 46.27 2.61
C THR C 308 -27.04 46.59 1.83
N GLY C 309 -26.18 45.59 1.69
CA GLY C 309 -24.93 45.74 0.97
C GLY C 309 -24.02 44.55 1.24
N CYS C 310 -22.76 44.66 0.84
CA CYS C 310 -21.79 43.59 1.05
C CYS C 310 -20.50 44.11 1.67
N THR C 311 -19.67 43.20 2.16
CA THR C 311 -18.46 43.56 2.87
C THR C 311 -17.20 43.47 2.01
N GLY C 312 -16.04 43.40 2.65
CA GLY C 312 -14.78 43.35 1.94
C GLY C 312 -14.19 41.97 1.84
N MET C 313 -14.98 40.95 2.16
CA MET C 313 -14.52 39.57 2.07
C MET C 313 -14.68 39.00 0.66
N VAL C 314 -13.56 38.82 -0.03
CA VAL C 314 -13.56 38.28 -1.38
C VAL C 314 -12.82 36.96 -1.46
N THR C 315 -13.52 35.90 -1.84
CA THR C 315 -12.90 34.58 -1.98
C THR C 315 -12.72 34.26 -3.46
N PHE C 316 -11.60 33.66 -3.82
CA PHE C 316 -11.37 33.29 -5.22
C PHE C 316 -10.41 32.11 -5.38
N TYR C 317 -10.53 31.43 -6.52
CA TYR C 317 -9.63 30.35 -6.91
C TYR C 317 -8.59 30.80 -7.93
N ILE C 318 -7.32 30.53 -7.65
CA ILE C 318 -6.25 30.82 -8.61
C ILE C 318 -6.06 29.61 -9.54
N LYS C 319 -5.68 29.86 -10.79
CA LYS C 319 -5.44 28.77 -11.71
C LYS C 319 -4.17 28.01 -11.40
N GLY C 320 -4.24 26.71 -11.61
CA GLY C 320 -3.10 25.85 -11.40
C GLY C 320 -3.26 25.09 -10.11
N THR C 321 -2.14 24.89 -9.42
CA THR C 321 -2.06 24.14 -8.16
C THR C 321 -1.48 24.96 -6.99
N LEU C 322 -1.23 24.28 -5.87
CA LEU C 322 -0.73 24.92 -4.65
C LEU C 322 0.52 25.78 -4.81
N GLN C 323 1.40 25.39 -5.73
CA GLN C 323 2.63 26.14 -5.97
C GLN C 323 2.36 27.53 -6.56
N HIS C 324 1.33 27.62 -7.40
CA HIS C 324 0.98 28.88 -8.04
C HIS C 324 0.37 29.84 -7.02
N ALA C 325 -0.42 29.29 -6.11
CA ALA C 325 -1.06 30.06 -5.05
C ALA C 325 -0.04 30.67 -4.09
N GLU C 326 1.04 29.95 -3.83
CA GLU C 326 2.07 30.39 -2.91
C GLU C 326 2.88 31.55 -3.48
N ILE C 327 3.23 31.46 -4.75
CA ILE C 327 4.00 32.52 -5.40
C ILE C 327 3.19 33.82 -5.41
N PHE C 328 1.89 33.70 -5.62
CA PHE C 328 1.00 34.85 -5.59
C PHE C 328 0.99 35.53 -4.23
N LEU C 329 0.78 34.74 -3.17
CA LEU C 329 0.68 35.26 -1.82
C LEU C 329 1.97 35.92 -1.34
N LYS C 330 3.11 35.42 -1.80
CA LYS C 330 4.40 35.91 -1.36
C LYS C 330 4.84 37.15 -2.14
N ASN C 331 4.10 37.51 -3.18
CA ASN C 331 4.44 38.67 -4.00
C ASN C 331 3.60 39.90 -3.68
N LEU C 332 2.61 39.73 -2.81
CA LEU C 332 1.78 40.85 -2.37
C LEU C 332 2.59 41.85 -1.55
N LYS C 333 2.35 43.13 -1.78
CA LYS C 333 3.10 44.18 -1.08
C LYS C 333 2.21 45.06 -0.20
N LEU C 334 0.93 45.15 -0.54
CA LEU C 334 -0.03 45.88 0.29
C LEU C 334 -0.82 44.92 1.13
N PHE C 335 -1.39 43.90 0.49
CA PHE C 335 -2.02 42.81 1.21
C PHE C 335 -0.97 42.12 2.06
N THR C 336 -1.31 41.89 3.33
CA THR C 336 -0.39 41.20 4.22
C THR C 336 -0.81 39.74 4.31
N LEU C 337 0.14 38.84 4.11
CA LEU C 337 -0.14 37.41 4.24
C LEU C 337 -0.37 37.11 5.72
N ALA C 338 -1.63 37.06 6.11
CA ALA C 338 -1.97 36.86 7.52
C ALA C 338 -3.37 36.32 7.72
N VAL C 339 -3.63 35.86 8.94
CA VAL C 339 -4.92 35.32 9.35
C VAL C 339 -5.80 36.48 9.87
N SER C 340 -7.05 36.19 10.23
CA SER C 340 -8.05 37.17 10.67
C SER C 340 -8.53 38.03 9.50
N LEU C 341 -9.45 38.94 9.80
CA LEU C 341 -10.09 39.74 8.75
C LEU C 341 -10.85 40.92 9.35
N GLY C 342 -11.41 41.76 8.49
CA GLY C 342 -12.31 42.82 8.91
C GLY C 342 -11.65 44.08 9.44
N GLY C 343 -10.34 44.18 9.30
CA GLY C 343 -9.62 45.36 9.74
C GLY C 343 -9.50 46.38 8.64
N PHE C 344 -8.94 47.55 8.98
CA PHE C 344 -8.73 48.60 8.00
C PHE C 344 -7.62 48.22 7.00
N GLU C 345 -6.81 47.23 7.36
CA GLU C 345 -5.71 46.80 6.50
C GLU C 345 -6.13 45.57 5.68
N SER C 346 -5.62 45.47 4.45
CA SER C 346 -5.94 44.36 3.56
C SER C 346 -5.17 43.09 3.91
N LEU C 347 -5.87 41.96 3.99
CA LEU C 347 -5.25 40.69 4.33
C LEU C 347 -5.49 39.63 3.26
N ALA C 348 -4.54 38.70 3.12
CA ALA C 348 -4.66 37.60 2.17
C ALA C 348 -4.26 36.30 2.85
N GLU C 349 -4.87 35.19 2.45
CA GLU C 349 -4.69 33.93 3.18
C GLU C 349 -5.09 32.68 2.38
N LEU C 350 -4.46 31.55 2.71
CA LEU C 350 -4.77 30.28 2.09
C LEU C 350 -5.40 29.33 3.12
N PRO C 351 -6.74 29.31 3.17
CA PRO C 351 -7.55 28.63 4.19
C PRO C 351 -7.24 27.14 4.41
N ALA C 352 -6.87 26.43 3.34
CA ALA C 352 -6.60 25.00 3.43
C ALA C 352 -5.46 24.69 4.39
N ILE C 353 -4.46 25.56 4.41
CA ILE C 353 -3.28 25.36 5.23
C ILE C 353 -3.34 26.19 6.52
N MET C 354 -4.17 27.22 6.52
CA MET C 354 -4.14 28.21 7.61
C MET C 354 -5.40 28.19 8.47
N THR C 355 -6.39 29.03 8.17
CA THR C 355 -7.55 29.16 9.06
C THR C 355 -8.39 27.89 9.15
N HIS C 356 -8.31 27.03 8.14
CA HIS C 356 -9.14 25.83 8.10
C HIS C 356 -8.31 24.55 8.02
N ALA C 357 -7.10 24.58 8.58
CA ALA C 357 -6.29 23.37 8.72
C ALA C 357 -6.84 22.51 9.85
N SER C 358 -7.71 23.10 10.67
CA SER C 358 -8.34 22.40 11.78
C SER C 358 -9.60 21.68 11.32
N VAL C 359 -9.81 21.70 10.01
CA VAL C 359 -10.90 20.95 9.40
C VAL C 359 -10.31 19.77 8.63
N LEU C 360 -10.92 18.60 8.80
CA LEU C 360 -10.44 17.37 8.18
C LEU C 360 -10.22 17.54 6.69
N LYS C 361 -9.19 16.87 6.17
CA LYS C 361 -8.82 16.97 4.76
C LYS C 361 -9.99 16.54 3.90
N ASN C 362 -10.75 15.59 4.42
CA ASN C 362 -11.90 15.02 3.71
C ASN C 362 -13.12 15.93 3.73
N ASP C 363 -13.19 16.81 4.72
CA ASP C 363 -14.26 17.82 4.74
C ASP C 363 -13.96 19.03 3.86
N ARG C 364 -12.70 19.38 3.66
CA ARG C 364 -12.41 20.54 2.83
C ARG C 364 -12.67 20.22 1.36
N ASP C 365 -12.44 18.97 0.98
CA ASP C 365 -12.67 18.55 -0.40
C ASP C 365 -14.15 18.51 -0.69
N VAL C 366 -14.96 18.14 0.30
CA VAL C 366 -16.41 18.17 0.15
C VAL C 366 -16.89 19.61 0.09
N LEU C 367 -16.29 20.48 0.91
CA LEU C 367 -16.68 21.87 0.98
C LEU C 367 -16.09 22.70 -0.16
N GLY C 368 -14.97 22.23 -0.72
CA GLY C 368 -14.36 22.90 -1.85
C GLY C 368 -13.15 23.71 -1.46
N ILE C 369 -12.70 23.55 -0.21
CA ILE C 369 -11.55 24.28 0.29
C ILE C 369 -10.25 23.63 -0.15
N SER C 370 -9.91 23.80 -1.42
CA SER C 370 -8.70 23.21 -1.99
C SER C 370 -7.47 24.07 -1.72
N ASP C 371 -6.33 23.64 -2.24
CA ASP C 371 -5.07 24.38 -2.07
C ASP C 371 -4.96 25.62 -2.95
N THR C 372 -5.95 25.86 -3.79
CA THR C 372 -5.90 27.01 -4.69
C THR C 372 -6.98 28.02 -4.32
N LEU C 373 -7.70 27.73 -3.25
CA LEU C 373 -8.71 28.63 -2.74
C LEU C 373 -8.05 29.71 -1.89
N ILE C 374 -8.24 30.96 -2.26
CA ILE C 374 -7.64 32.08 -1.54
C ILE C 374 -8.71 33.02 -0.99
N ARG C 375 -8.61 33.37 0.28
CA ARG C 375 -9.54 34.31 0.89
C ARG C 375 -8.89 35.68 1.04
N LEU C 376 -9.55 36.72 0.55
CA LEU C 376 -9.04 38.07 0.69
C LEU C 376 -9.92 38.87 1.64
N SER C 377 -9.29 39.62 2.54
CA SER C 377 -9.99 40.59 3.37
C SER C 377 -9.61 41.99 2.93
N VAL C 378 -10.41 42.56 2.04
CA VAL C 378 -10.09 43.85 1.43
C VAL C 378 -10.30 44.98 2.43
N GLY C 379 -9.27 45.78 2.63
CA GLY C 379 -9.30 46.84 3.63
C GLY C 379 -9.76 48.18 3.10
N LEU C 380 -9.37 49.25 3.81
CA LEU C 380 -9.84 50.59 3.51
C LEU C 380 -8.80 51.43 2.77
N GLU C 381 -7.78 50.79 2.22
CA GLU C 381 -6.76 51.49 1.46
C GLU C 381 -7.34 51.98 0.13
N ASP C 382 -6.58 52.76 -0.62
CA ASP C 382 -7.04 53.24 -1.92
C ASP C 382 -7.26 52.09 -2.91
N GLU C 383 -8.38 52.17 -3.63
CA GLU C 383 -8.79 51.16 -4.60
C GLU C 383 -7.75 50.88 -5.66
N GLU C 384 -7.28 51.95 -6.30
CA GLU C 384 -6.20 51.87 -7.28
C GLU C 384 -5.03 50.97 -6.85
N ASP C 385 -4.52 51.21 -5.65
CA ASP C 385 -3.35 50.48 -5.15
C ASP C 385 -3.58 49.01 -4.86
N LEU C 386 -4.77 48.66 -4.38
CA LEU C 386 -5.09 47.28 -4.08
C LEU C 386 -5.18 46.44 -5.36
N LEU C 387 -5.73 47.04 -6.40
CA LEU C 387 -5.83 46.36 -7.69
C LEU C 387 -4.44 46.15 -8.25
N GLU C 388 -3.58 47.16 -8.07
CA GLU C 388 -2.22 47.13 -8.57
C GLU C 388 -1.43 46.00 -7.90
N ASP C 389 -1.67 45.79 -6.61
CA ASP C 389 -0.99 44.73 -5.87
C ASP C 389 -1.43 43.35 -6.31
N LEU C 390 -2.73 43.18 -6.53
CA LEU C 390 -3.28 41.91 -6.98
C LEU C 390 -2.81 41.57 -8.39
N ASP C 391 -2.77 42.58 -9.25
CA ASP C 391 -2.36 42.41 -10.63
C ASP C 391 -0.90 41.95 -10.75
N GLN C 392 0.00 42.67 -10.09
CA GLN C 392 1.42 42.34 -10.12
C GLN C 392 1.71 40.95 -9.54
N ALA C 393 1.00 40.61 -8.46
CA ALA C 393 1.21 39.33 -7.79
C ALA C 393 0.69 38.16 -8.63
N LEU C 394 -0.38 38.39 -9.38
CA LEU C 394 -0.90 37.38 -10.28
C LEU C 394 0.03 37.21 -11.48
N LYS C 395 0.60 38.32 -11.93
CA LYS C 395 1.57 38.29 -13.02
C LYS C 395 2.85 37.59 -12.56
N ALA C 396 3.09 37.66 -11.25
CA ALA C 396 4.23 37.00 -10.62
C ALA C 396 4.01 35.50 -10.47
N ALA C 397 2.77 35.12 -10.18
CA ALA C 397 2.42 33.71 -10.00
C ALA C 397 2.48 32.97 -11.34
N HIS C 398 1.99 33.62 -12.39
CA HIS C 398 2.05 33.01 -13.71
C HIS C 398 2.80 33.91 -14.69
N PRO C 399 4.15 33.93 -14.60
CA PRO C 399 4.94 34.76 -15.52
C PRO C 399 5.06 34.13 -16.90
N GLY D 10 8.96 30.17 61.97
CA GLY D 10 8.93 28.72 61.85
C GLY D 10 8.30 28.27 60.56
N PHE D 11 8.00 29.22 59.69
CA PHE D 11 7.42 28.93 58.38
C PHE D 11 8.45 28.32 57.42
N LEU D 12 7.96 27.83 56.29
CA LEU D 12 8.83 27.39 55.20
C LEU D 12 9.72 28.54 54.75
N PRO D 13 11.00 28.23 54.46
CA PRO D 13 11.89 29.28 53.96
C PRO D 13 11.37 29.85 52.65
N HIS D 14 11.53 31.16 52.46
CA HIS D 14 11.03 31.82 51.27
C HIS D 14 11.70 31.27 50.02
N PHE D 15 10.91 31.20 48.95
CA PHE D 15 11.38 30.67 47.67
C PHE D 15 12.53 31.52 47.16
N GLN D 16 13.57 30.83 46.68
CA GLN D 16 14.91 31.38 46.56
C GLN D 16 15.21 32.44 45.48
N HIS D 17 14.42 32.53 44.42
CA HIS D 17 14.67 33.53 43.38
C HIS D 17 13.41 34.25 42.93
N PHE D 18 12.40 34.28 43.80
CA PHE D 18 11.07 34.78 43.45
C PHE D 18 11.05 36.24 42.99
N ALA D 19 11.64 37.14 43.76
CA ALA D 19 11.63 38.56 43.41
C ALA D 19 12.37 38.83 42.10
N THR D 20 13.53 38.19 41.95
CA THR D 20 14.34 38.32 40.75
C THR D 20 13.58 37.87 39.50
N GLN D 21 12.91 36.72 39.62
CA GLN D 21 12.19 36.13 38.50
C GLN D 21 10.94 36.91 38.13
N ALA D 22 10.22 37.39 39.14
CA ALA D 22 9.01 38.17 38.93
C ALA D 22 9.29 39.43 38.11
N ILE D 23 10.53 39.93 38.22
CA ILE D 23 10.90 41.16 37.54
C ILE D 23 11.52 40.91 36.16
N HIS D 24 12.16 39.76 35.98
CA HIS D 24 12.92 39.55 34.74
C HIS D 24 12.42 38.44 33.81
N VAL D 25 11.79 37.40 34.36
CA VAL D 25 11.37 36.29 33.52
C VAL D 25 10.31 36.72 32.51
N GLY D 26 10.61 36.51 31.24
CA GLY D 26 9.73 36.93 30.16
C GLY D 26 9.97 38.37 29.77
N GLN D 27 10.82 39.05 30.53
CA GLN D 27 11.01 40.49 30.38
C GLN D 27 12.31 40.81 29.66
N ASP D 28 12.93 39.79 29.08
CA ASP D 28 14.23 39.94 28.43
C ASP D 28 14.15 40.93 27.29
N PRO D 29 14.89 42.05 27.40
CA PRO D 29 14.88 43.15 26.42
C PRO D 29 15.32 42.73 25.02
N GLU D 30 15.99 41.59 24.90
CA GLU D 30 16.55 41.17 23.62
C GLU D 30 15.44 40.58 22.73
N GLN D 31 14.23 40.52 23.27
CA GLN D 31 13.06 40.04 22.54
C GLN D 31 12.55 41.05 21.53
N TRP D 32 12.85 42.32 21.78
CA TRP D 32 12.29 43.41 21.00
C TRP D 32 13.36 44.18 20.23
N THR D 33 12.98 44.68 19.06
CA THR D 33 13.91 45.42 18.21
C THR D 33 14.38 46.70 18.90
N SER D 34 13.56 47.21 19.81
CA SER D 34 13.88 48.43 20.53
C SER D 34 14.76 48.16 21.75
N ARG D 35 14.84 46.89 22.15
CA ARG D 35 15.57 46.49 23.35
C ARG D 35 14.99 47.18 24.58
N ALA D 36 13.67 47.38 24.56
CA ALA D 36 12.94 47.99 25.67
C ALA D 36 13.09 47.20 26.96
N VAL D 37 13.31 47.90 28.06
CA VAL D 37 13.48 47.28 29.36
C VAL D 37 12.14 46.72 29.83
N VAL D 38 11.06 47.39 29.45
CA VAL D 38 9.72 46.88 29.71
C VAL D 38 9.08 46.45 28.39
N PRO D 39 8.55 45.21 28.35
CA PRO D 39 7.88 44.67 27.16
C PRO D 39 6.72 45.54 26.68
N PRO D 40 6.67 45.81 25.37
CA PRO D 40 5.59 46.59 24.76
C PRO D 40 4.24 45.87 24.86
N ILE D 41 3.16 46.64 24.79
CA ILE D 41 1.82 46.06 24.75
C ILE D 41 1.42 45.78 23.31
N SER D 42 1.32 44.50 22.96
CA SER D 42 0.97 44.12 21.60
C SER D 42 -0.52 43.84 21.50
N LEU D 43 -1.27 44.79 20.95
CA LEU D 43 -2.72 44.66 20.82
C LEU D 43 -3.09 43.85 19.60
N SER D 44 -2.17 43.79 18.64
CA SER D 44 -2.38 43.18 17.34
C SER D 44 -3.05 41.81 17.40
N THR D 45 -4.13 41.65 16.67
CA THR D 45 -4.87 40.40 16.64
C THR D 45 -4.18 39.37 15.74
N THR D 46 -3.49 39.85 14.71
CA THR D 46 -2.85 38.96 13.76
C THR D 46 -1.42 39.40 13.44
N PHE D 47 -0.67 38.49 12.83
CA PHE D 47 0.75 38.69 12.62
C PHE D 47 1.13 38.26 11.20
N LYS D 48 2.07 38.97 10.59
CA LYS D 48 2.49 38.64 9.23
C LYS D 48 3.16 37.27 9.16
N GLN D 49 2.76 36.48 8.17
CA GLN D 49 3.35 35.17 7.93
C GLN D 49 4.01 35.12 6.55
N GLY D 50 5.05 34.30 6.42
CA GLY D 50 5.77 34.17 5.16
C GLY D 50 7.13 34.84 5.22
N ALA D 51 8.01 34.45 4.31
CA ALA D 51 9.36 34.99 4.29
C ALA D 51 9.77 35.48 2.90
N SER D 56 8.65 30.66 11.70
CA SER D 56 8.28 30.70 13.11
C SER D 56 7.40 31.90 13.43
N GLY D 57 7.22 32.17 14.72
CA GLY D 57 6.52 33.34 15.20
C GLY D 57 5.04 33.14 15.49
N PHE D 58 4.31 34.25 15.59
CA PHE D 58 2.90 34.23 15.99
C PHE D 58 1.95 34.18 14.79
N THR D 59 0.78 33.59 15.01
CA THR D 59 -0.22 33.48 13.95
C THR D 59 -1.49 34.28 14.25
N TYR D 60 -2.05 34.09 15.44
CA TYR D 60 -3.29 34.74 15.83
C TYR D 60 -3.30 34.98 17.33
N SER D 61 -3.77 36.16 17.73
CA SER D 61 -3.68 36.62 19.11
C SER D 61 -4.25 35.63 20.12
N ARG D 62 -5.37 34.99 19.77
CA ARG D 62 -6.06 34.11 20.70
C ARG D 62 -5.22 32.88 21.02
N SER D 63 -4.49 32.38 20.03
CA SER D 63 -3.62 31.22 20.20
C SER D 63 -2.40 31.59 21.02
N GLY D 64 -1.90 32.80 20.78
CA GLY D 64 -0.76 33.32 21.49
C GLY D 64 -0.39 34.71 21.00
N ASN D 65 0.17 35.51 21.89
CA ASN D 65 0.61 36.86 21.53
C ASN D 65 1.74 37.26 22.48
N PRO D 66 2.61 38.19 22.05
CA PRO D 66 3.82 38.54 22.81
C PRO D 66 3.59 38.88 24.29
N THR D 67 2.70 39.83 24.56
CA THR D 67 2.51 40.33 25.91
C THR D 67 1.93 39.26 26.84
N ARG D 68 1.02 38.43 26.33
CA ARG D 68 0.46 37.35 27.14
C ARG D 68 1.49 36.29 27.43
N ASN D 69 2.34 35.99 26.45
CA ASN D 69 3.38 34.98 26.60
C ASN D 69 4.42 35.38 27.65
N CYS D 70 4.76 36.67 27.68
CA CYS D 70 5.68 37.19 28.68
C CYS D 70 5.12 36.97 30.08
N LEU D 71 3.82 37.23 30.22
CA LEU D 71 3.14 37.04 31.50
C LEU D 71 3.11 35.58 31.91
N GLU D 72 2.76 34.70 30.97
CA GLU D 72 2.66 33.28 31.26
C GLU D 72 4.00 32.68 31.67
N LYS D 73 5.09 33.13 31.04
CA LYS D 73 6.42 32.66 31.41
C LYS D 73 6.80 33.13 32.81
N ALA D 74 6.38 34.34 33.15
CA ALA D 74 6.68 34.91 34.47
C ALA D 74 5.94 34.15 35.56
N VAL D 75 4.65 33.94 35.36
CA VAL D 75 3.82 33.25 36.33
C VAL D 75 4.26 31.80 36.50
N ALA D 76 4.65 31.17 35.39
CA ALA D 76 5.17 29.81 35.42
C ALA D 76 6.37 29.71 36.36
N ALA D 77 7.27 30.68 36.24
CA ALA D 77 8.46 30.73 37.08
C ALA D 77 8.10 30.89 38.56
N LEU D 78 7.17 31.78 38.84
CA LEU D 78 6.76 32.07 40.21
C LEU D 78 6.09 30.87 40.87
N ASP D 79 5.45 30.03 40.06
CA ASP D 79 4.81 28.82 40.54
C ASP D 79 5.78 27.66 40.63
N GLY D 80 6.98 27.85 40.06
CA GLY D 80 7.92 26.76 39.92
C GLY D 80 7.44 25.78 38.87
N ALA D 81 6.73 26.29 37.87
CA ALA D 81 6.13 25.48 36.83
C ALA D 81 6.90 25.60 35.53
N LYS D 82 6.60 24.72 34.58
CA LYS D 82 7.21 24.76 33.27
C LYS D 82 6.34 25.56 32.32
N TYR D 83 5.03 25.50 32.56
CA TYR D 83 4.06 26.15 31.70
C TYR D 83 3.01 26.89 32.50
N CYS D 84 2.38 27.88 31.87
CA CYS D 84 1.28 28.60 32.48
C CYS D 84 0.35 29.16 31.41
N LEU D 85 -0.95 29.23 31.73
CA LEU D 85 -1.94 29.74 30.79
C LEU D 85 -2.79 30.83 31.42
N ALA D 86 -2.92 31.95 30.72
CA ALA D 86 -3.71 33.08 31.22
C ALA D 86 -5.14 33.04 30.67
N PHE D 87 -6.10 33.52 31.45
CA PHE D 87 -7.50 33.47 31.04
C PHE D 87 -8.25 34.75 31.37
N ALA D 88 -9.46 34.88 30.82
CA ALA D 88 -10.27 36.07 30.98
C ALA D 88 -10.66 36.30 32.44
N SER D 89 -10.71 35.22 33.21
CA SER D 89 -11.06 35.30 34.63
C SER D 89 -10.71 33.99 35.33
N GLY D 90 -10.76 34.02 36.66
CA GLY D 90 -10.56 32.82 37.45
C GLY D 90 -11.58 31.75 37.09
N LEU D 91 -12.84 32.15 37.00
CA LEU D 91 -13.91 31.24 36.63
C LEU D 91 -13.69 30.69 35.22
N ALA D 92 -13.20 31.54 34.32
CA ALA D 92 -12.90 31.10 32.96
C ALA D 92 -11.82 30.02 32.99
N ALA D 93 -10.84 30.20 33.88
CA ALA D 93 -9.79 29.21 34.09
C ALA D 93 -10.37 27.92 34.64
N THR D 94 -11.29 28.06 35.59
CA THR D 94 -11.95 26.91 36.21
C THR D 94 -12.73 26.10 35.16
N VAL D 95 -13.52 26.80 34.36
CA VAL D 95 -14.31 26.17 33.31
C VAL D 95 -13.42 25.48 32.27
N THR D 96 -12.32 26.11 31.89
CA THR D 96 -11.41 25.54 30.91
C THR D 96 -10.79 24.25 31.43
N ILE D 97 -10.38 24.25 32.69
CA ILE D 97 -9.82 23.05 33.32
C ILE D 97 -10.83 21.90 33.32
N THR D 98 -12.08 22.20 33.61
CA THR D 98 -13.14 21.19 33.65
C THR D 98 -13.39 20.57 32.27
N HIS D 99 -13.12 21.33 31.22
CA HIS D 99 -13.31 20.84 29.86
C HIS D 99 -12.29 19.76 29.46
N LEU D 100 -11.38 19.42 30.36
CA LEU D 100 -10.43 18.34 30.12
C LEU D 100 -11.11 16.97 30.16
N LEU D 101 -12.26 16.91 30.83
CA LEU D 101 -12.94 15.66 31.10
C LEU D 101 -13.93 15.24 30.03
N LYS D 102 -14.56 14.08 30.22
CA LYS D 102 -15.59 13.59 29.31
C LYS D 102 -16.93 13.49 30.00
N ALA D 103 -17.99 13.36 29.20
CA ALA D 103 -19.30 13.00 29.73
C ALA D 103 -19.23 11.64 30.40
N GLY D 104 -19.65 11.58 31.66
CA GLY D 104 -19.63 10.33 32.40
C GLY D 104 -18.64 10.35 33.55
N ASP D 105 -17.73 11.32 33.53
CA ASP D 105 -16.72 11.44 34.58
C ASP D 105 -17.31 12.12 35.82
N GLN D 106 -16.57 12.04 36.93
CA GLN D 106 -17.00 12.65 38.18
C GLN D 106 -15.94 13.61 38.72
N ILE D 107 -16.40 14.69 39.35
CA ILE D 107 -15.51 15.66 39.97
C ILE D 107 -15.76 15.71 41.46
N ILE D 108 -14.71 15.59 42.25
CA ILE D 108 -14.85 15.78 43.70
C ILE D 108 -14.40 17.18 44.07
N CYS D 109 -15.33 17.94 44.63
CA CYS D 109 -15.06 19.32 45.00
C CYS D 109 -15.21 19.60 46.49
N MET D 110 -14.36 20.47 46.99
CA MET D 110 -14.42 20.91 48.37
C MET D 110 -15.77 21.54 48.75
N ASP D 111 -16.20 21.28 49.98
CA ASP D 111 -17.53 21.73 50.41
C ASP D 111 -17.56 23.23 50.67
N ASP D 112 -16.47 23.78 51.17
CA ASP D 112 -16.36 25.23 51.35
C ASP D 112 -15.44 25.79 50.27
N VAL D 113 -16.04 26.20 49.17
CA VAL D 113 -15.30 26.73 48.04
C VAL D 113 -15.85 28.11 47.69
N TYR D 114 -15.19 28.81 46.77
CA TYR D 114 -15.70 30.10 46.29
C TYR D 114 -17.07 29.92 45.65
N GLY D 115 -17.98 30.83 45.95
CA GLY D 115 -19.36 30.74 45.50
C GLY D 115 -19.54 30.46 44.02
N GLY D 116 -18.75 31.13 43.19
CA GLY D 116 -18.82 30.94 41.75
C GLY D 116 -18.36 29.57 41.34
N THR D 117 -17.37 29.04 42.06
CA THR D 117 -16.87 27.70 41.82
C THR D 117 -17.94 26.68 42.19
N ASN D 118 -18.56 26.91 43.34
CA ASN D 118 -19.68 26.10 43.81
C ASN D 118 -20.80 26.11 42.78
N ARG D 119 -21.15 27.31 42.32
CA ARG D 119 -22.23 27.51 41.36
C ARG D 119 -21.99 26.82 40.01
N TYR D 120 -20.76 26.87 39.49
CA TYR D 120 -20.47 26.26 38.19
C TYR D 120 -20.59 24.74 38.22
N PHE D 121 -19.95 24.12 39.22
CA PHE D 121 -19.96 22.66 39.33
C PHE D 121 -21.37 22.13 39.55
N ARG D 122 -22.08 22.73 40.50
CA ARG D 122 -23.38 22.23 40.94
C ARG D 122 -24.52 22.57 39.98
N GLN D 123 -24.47 23.74 39.36
CA GLN D 123 -25.60 24.21 38.55
C GLN D 123 -25.38 24.18 37.04
N VAL D 124 -24.13 24.12 36.60
CA VAL D 124 -23.85 24.18 35.15
C VAL D 124 -23.15 22.94 34.62
N ALA D 125 -22.00 22.62 35.20
CA ALA D 125 -21.19 21.49 34.74
C ALA D 125 -21.88 20.14 34.94
N SER D 126 -22.71 20.05 35.98
CA SER D 126 -23.37 18.79 36.33
C SER D 126 -24.43 18.33 35.34
N GLU D 127 -24.79 19.18 34.39
CA GLU D 127 -25.88 18.86 33.48
C GLU D 127 -25.36 18.49 32.08
N PHE D 128 -24.10 18.06 32.03
CA PHE D 128 -23.41 17.65 30.80
C PHE D 128 -22.69 16.32 31.01
N GLY D 129 -23.36 15.42 31.72
CA GLY D 129 -22.85 14.08 31.94
C GLY D 129 -21.70 14.08 32.93
N LEU D 130 -21.63 15.13 33.75
CA LEU D 130 -20.61 15.23 34.78
C LEU D 130 -21.21 15.04 36.17
N LYS D 131 -20.56 14.22 36.98
CA LYS D 131 -20.98 13.97 38.36
C LYS D 131 -20.20 14.83 39.34
N ILE D 132 -20.92 15.47 40.26
CA ILE D 132 -20.27 16.36 41.22
C ILE D 132 -20.51 15.91 42.66
N SER D 133 -19.43 15.74 43.41
CA SER D 133 -19.55 15.39 44.82
C SER D 133 -18.84 16.41 45.70
N PHE D 134 -19.61 17.01 46.61
CA PHE D 134 -19.02 17.95 47.56
C PHE D 134 -18.58 17.19 48.80
N VAL D 135 -17.28 17.23 49.07
CA VAL D 135 -16.68 16.40 50.10
C VAL D 135 -15.80 17.25 51.02
N ASP D 136 -15.95 17.06 52.33
CA ASP D 136 -15.09 17.72 53.29
C ASP D 136 -13.68 17.14 53.17
N CYS D 137 -12.82 17.84 52.43
CA CYS D 137 -11.47 17.34 52.17
C CYS D 137 -10.52 17.71 53.30
N SER D 138 -11.07 18.35 54.33
CA SER D 138 -10.29 18.63 55.53
C SER D 138 -10.22 17.29 56.25
N LYS D 139 -11.21 16.45 55.99
CA LYS D 139 -11.16 15.08 56.45
C LYS D 139 -10.55 14.26 55.34
N ILE D 140 -9.24 14.04 55.43
CA ILE D 140 -8.51 13.41 54.33
C ILE D 140 -8.93 11.94 54.26
N LYS D 141 -9.46 11.44 55.38
CA LYS D 141 -9.90 10.07 55.50
C LYS D 141 -11.22 9.90 54.73
N LEU D 142 -11.95 11.01 54.57
CA LEU D 142 -13.25 11.02 53.88
C LEU D 142 -13.12 11.09 52.35
N LEU D 143 -12.00 11.61 51.89
CA LEU D 143 -11.74 11.82 50.48
C LEU D 143 -11.61 10.50 49.74
N GLU D 144 -10.97 9.54 50.39
CA GLU D 144 -10.75 8.21 49.83
C GLU D 144 -12.08 7.49 49.59
N ALA D 145 -13.04 7.73 50.48
CA ALA D 145 -14.35 7.10 50.40
C ALA D 145 -15.17 7.63 49.25
N ALA D 146 -14.90 8.88 48.86
CA ALA D 146 -15.64 9.52 47.78
C ALA D 146 -15.04 9.15 46.43
N ILE D 147 -13.76 8.80 46.43
CA ILE D 147 -13.09 8.43 45.18
C ILE D 147 -13.65 7.13 44.61
N THR D 148 -13.92 7.16 43.31
CA THR D 148 -14.44 6.02 42.58
C THR D 148 -13.60 5.89 41.31
N PRO D 149 -13.65 4.74 40.64
CA PRO D 149 -12.89 4.63 39.38
C PRO D 149 -13.31 5.66 38.32
N GLU D 150 -14.44 6.30 38.50
CA GLU D 150 -14.90 7.34 37.58
C GLU D 150 -14.38 8.73 37.94
N THR D 151 -13.74 8.86 39.10
CA THR D 151 -13.19 10.16 39.51
C THR D 151 -12.00 10.54 38.64
N LYS D 152 -12.06 11.73 38.03
CA LYS D 152 -11.00 12.16 37.13
C LYS D 152 -10.40 13.49 37.57
N LEU D 153 -11.08 14.17 38.48
CA LEU D 153 -10.65 15.50 38.91
C LEU D 153 -11.01 15.77 40.38
N VAL D 154 -10.04 16.25 41.14
CA VAL D 154 -10.27 16.70 42.50
C VAL D 154 -9.92 18.19 42.61
N TRP D 155 -10.90 18.98 43.04
CA TRP D 155 -10.73 20.42 43.10
C TRP D 155 -10.59 20.89 44.54
N ILE D 156 -9.41 21.42 44.87
CA ILE D 156 -9.18 21.86 46.24
C ILE D 156 -8.84 23.35 46.30
N GLU D 157 -9.24 23.99 47.40
CA GLU D 157 -8.98 25.40 47.67
C GLU D 157 -8.48 25.55 49.11
N THR D 158 -7.33 26.19 49.29
CA THR D 158 -6.77 26.35 50.63
C THR D 158 -5.91 27.61 50.78
N PRO D 159 -6.22 28.44 51.79
CA PRO D 159 -7.36 28.34 52.72
C PRO D 159 -8.70 28.58 52.04
N THR D 160 -9.77 28.03 52.60
CA THR D 160 -11.09 28.18 51.99
C THR D 160 -11.62 29.59 52.19
N ASN D 161 -12.56 29.97 51.35
CA ASN D 161 -13.18 31.28 51.42
C ASN D 161 -14.62 31.12 51.89
N PRO D 162 -14.98 31.71 53.05
CA PRO D 162 -14.18 32.57 53.93
C PRO D 162 -13.84 32.00 55.31
N THR D 163 -14.16 30.74 55.59
CA THR D 163 -13.94 30.20 56.93
C THR D 163 -12.48 29.81 57.12
N GLN D 164 -11.73 29.87 56.02
CA GLN D 164 -10.28 29.67 56.02
C GLN D 164 -9.84 28.38 56.70
N LYS D 165 -10.47 27.26 56.38
CA LYS D 165 -9.97 25.98 56.82
C LYS D 165 -8.84 25.55 55.87
N VAL D 166 -7.80 24.96 56.43
CA VAL D 166 -6.61 24.62 55.67
C VAL D 166 -6.51 23.14 55.35
N ILE D 167 -6.16 22.85 54.11
CA ILE D 167 -6.06 21.47 53.65
C ILE D 167 -4.61 21.04 53.38
N ASP D 168 -4.27 19.85 53.87
CA ASP D 168 -2.98 19.24 53.57
C ASP D 168 -2.91 18.84 52.10
N ILE D 169 -2.24 19.67 51.31
CA ILE D 169 -2.13 19.46 49.87
C ILE D 169 -1.32 18.20 49.59
N GLU D 170 -0.20 18.07 50.27
CA GLU D 170 0.71 16.97 50.04
C GLU D 170 0.05 15.66 50.42
N GLY D 171 -0.74 15.67 51.49
CA GLY D 171 -1.49 14.50 51.87
C GLY D 171 -2.56 14.20 50.83
N CYS D 172 -3.25 15.23 50.37
CA CYS D 172 -4.32 15.05 49.38
C CYS D 172 -3.80 14.62 48.01
N ALA D 173 -2.70 15.20 47.56
CA ALA D 173 -2.09 14.85 46.29
C ALA D 173 -1.72 13.38 46.32
N HIS D 174 -1.23 12.98 47.48
CA HIS D 174 -0.77 11.63 47.76
C HIS D 174 -1.89 10.59 47.69
N ILE D 175 -3.04 10.91 48.28
CA ILE D 175 -4.22 10.05 48.22
C ILE D 175 -4.77 9.96 46.80
N VAL D 176 -4.76 11.10 46.13
CA VAL D 176 -5.33 11.22 44.80
C VAL D 176 -4.49 10.46 43.76
N HIS D 177 -3.18 10.50 43.91
CA HIS D 177 -2.29 9.92 42.90
C HIS D 177 -2.11 8.41 43.05
N LYS D 178 -2.67 7.83 44.11
CA LYS D 178 -2.65 6.39 44.28
C LYS D 178 -3.57 5.68 43.28
N HIS D 179 -4.60 6.37 42.81
CA HIS D 179 -5.56 5.74 41.91
C HIS D 179 -5.37 6.17 40.46
N GLY D 180 -4.12 6.23 40.00
CA GLY D 180 -3.88 6.55 38.62
C GLY D 180 -4.30 7.95 38.22
N ASP D 181 -4.80 8.07 37.00
CA ASP D 181 -5.18 9.34 36.41
C ASP D 181 -6.31 10.11 37.10
N ILE D 182 -5.99 10.74 38.23
CA ILE D 182 -6.90 11.71 38.84
C ILE D 182 -6.14 13.03 38.91
N ILE D 183 -6.78 14.12 38.51
CA ILE D 183 -6.14 15.43 38.53
C ILE D 183 -6.39 16.17 39.84
N LEU D 184 -5.32 16.63 40.48
CA LEU D 184 -5.46 17.46 41.67
C LEU D 184 -5.22 18.94 41.34
N VAL D 185 -6.27 19.75 41.50
CA VAL D 185 -6.16 21.18 41.28
C VAL D 185 -6.26 21.93 42.60
N VAL D 186 -5.31 22.83 42.84
CA VAL D 186 -5.37 23.69 44.02
C VAL D 186 -5.65 25.14 43.63
N ASP D 187 -6.80 25.65 44.05
CA ASP D 187 -7.12 27.06 43.85
C ASP D 187 -6.27 27.88 44.83
N ASN D 188 -5.19 28.44 44.33
CA ASN D 188 -4.21 29.15 45.15
C ASN D 188 -4.42 30.66 45.17
N THR D 189 -5.67 31.09 45.11
CA THR D 189 -6.00 32.51 45.02
C THR D 189 -5.62 33.28 46.29
N PHE D 190 -5.95 32.71 47.45
CA PHE D 190 -5.68 33.37 48.73
C PHE D 190 -4.22 33.63 49.02
N MET D 191 -3.40 32.60 48.90
CA MET D 191 -2.00 32.68 49.26
C MET D 191 -1.16 33.46 48.26
N SER D 192 -1.12 32.94 47.03
CA SER D 192 -0.30 33.41 45.89
C SER D 192 0.94 32.53 45.83
N PRO D 193 1.67 32.52 44.71
CA PRO D 193 2.83 31.65 44.66
C PRO D 193 3.98 32.11 45.56
N TYR D 194 3.87 33.31 46.11
CA TYR D 194 4.89 33.81 47.01
C TYR D 194 4.83 33.11 48.37
N PHE D 195 3.64 32.65 48.75
CA PHE D 195 3.45 32.03 50.07
C PHE D 195 3.18 30.54 50.01
N GLN D 196 2.69 30.06 48.87
CA GLN D 196 2.35 28.65 48.71
C GLN D 196 2.47 28.18 47.26
N ARG D 197 3.18 27.07 47.09
CA ARG D 197 3.39 26.47 45.79
C ARG D 197 2.82 25.06 45.72
N PRO D 198 1.53 24.94 45.37
CA PRO D 198 0.85 23.65 45.27
C PRO D 198 1.59 22.61 44.42
N LEU D 199 2.21 23.04 43.34
CA LEU D 199 2.92 22.12 42.45
C LEU D 199 4.12 21.48 43.14
N ALA D 200 4.78 22.25 44.01
CA ALA D 200 5.91 21.75 44.77
C ALA D 200 5.44 20.83 45.89
N LEU D 201 4.14 20.86 46.16
CA LEU D 201 3.55 20.08 47.24
C LEU D 201 2.82 18.86 46.69
N GLY D 202 2.93 18.66 45.39
CA GLY D 202 2.39 17.48 44.75
C GLY D 202 1.19 17.67 43.85
N ALA D 203 0.66 18.89 43.80
CA ALA D 203 -0.48 19.18 42.94
C ALA D 203 -0.09 19.09 41.46
N ASP D 204 -1.08 18.80 40.61
CA ASP D 204 -0.86 18.73 39.17
C ASP D 204 -1.13 20.09 38.52
N ILE D 205 -2.05 20.83 39.10
CA ILE D 205 -2.42 22.15 38.58
C ILE D 205 -2.48 23.19 39.69
N SER D 206 -1.78 24.30 39.49
CA SER D 206 -1.88 25.45 40.38
C SER D 206 -2.71 26.55 39.71
N MET D 207 -3.90 26.80 40.24
CA MET D 207 -4.85 27.71 39.61
C MET D 207 -5.03 29.00 40.40
N TYR D 208 -5.15 30.11 39.68
CA TYR D 208 -5.34 31.41 40.31
C TYR D 208 -6.48 32.22 39.72
N SER D 209 -7.11 33.01 40.58
CA SER D 209 -7.83 34.18 40.11
C SER D 209 -6.87 35.35 40.24
N ALA D 210 -6.28 35.75 39.11
CA ALA D 210 -5.28 36.82 39.13
C ALA D 210 -5.92 38.15 39.48
N THR D 211 -7.24 38.18 39.47
CA THR D 211 -8.03 39.34 39.86
C THR D 211 -7.71 39.81 41.28
N1 5OW D 212 -11.48 31.61 42.99
C2 5OW D 212 -11.35 32.06 44.26
C3 5OW D 212 -11.73 33.35 44.59
C7 5OW D 212 -14.73 37.17 46.11
O8 5OW D 212 -15.22 38.23 46.55
CA 5OW D 212 -7.03 39.18 43.53
CB 5OW D 212 -7.42 37.93 44.32
CD 5OW D 212 -9.89 37.91 43.57
CE 5OW D 212 -10.44 36.50 43.47
CG 5OW D 212 -8.89 38.00 44.72
O9 5OW D 212 -14.48 36.18 46.84
C1 5OW D 212 -14.42 37.08 44.65
C10 5OW D 212 -15.69 37.19 43.82
S11 5OW D 212 -16.60 38.73 44.06
N4 5OW D 212 -13.93 35.75 44.31
C4' 5OW D 212 -12.69 35.55 43.93
C4 5OW D 212 -12.25 34.16 43.61
C5 5OW D 212 -12.39 33.68 42.32
C5' 5OW D 212 -12.97 34.61 41.27
OP4 5OW D 212 -12.48 34.32 39.98
P 5OW D 212 -12.57 35.48 38.87
OP3 5OW D 212 -13.43 34.87 37.78
OP2 5OW D 212 -13.22 36.63 39.60
OP1 5OW D 212 -11.14 35.75 38.47
C6 5OW D 212 -11.99 32.38 42.02
C2' 5OW D 212 -10.78 31.17 45.33
O3 5OW D 212 -11.60 33.82 45.85
NZ 5OW D 212 -11.83 36.57 43.86
N 5OW D 212 -7.23 38.89 42.11
C 5OW D 212 -5.61 39.59 43.83
O 5OW D 212 -5.21 40.71 43.43
N TYR D 213 -4.85 38.75 44.50
CA TYR D 213 -3.51 39.13 44.96
C TYR D 213 -2.49 39.27 43.83
N MET D 214 -2.60 38.42 42.82
CA MET D 214 -1.63 38.38 41.73
C MET D 214 -1.46 39.75 41.07
N ASN D 215 -2.56 40.31 40.58
CA ASN D 215 -2.54 41.66 40.06
C ASN D 215 -2.43 42.63 41.23
N GLY D 216 -3.27 42.43 42.23
CA GLY D 216 -3.16 43.16 43.49
C GLY D 216 -3.58 44.62 43.42
N HIS D 217 -4.11 45.05 42.28
CA HIS D 217 -4.47 46.44 42.12
C HIS D 217 -5.94 46.68 41.76
N SER D 218 -6.75 45.65 41.92
CA SER D 218 -8.21 45.76 41.79
C SER D 218 -8.69 46.39 40.48
N ASP D 219 -7.95 46.15 39.40
CA ASP D 219 -8.31 46.76 38.12
C ASP D 219 -8.18 45.79 36.94
N VAL D 220 -7.98 44.51 37.26
CA VAL D 220 -7.84 43.48 36.24
C VAL D 220 -8.60 42.22 36.62
N VAL D 221 -9.45 41.75 35.72
CA VAL D 221 -10.08 40.45 35.89
C VAL D 221 -9.31 39.43 35.04
N MET D 222 -8.79 38.40 35.68
CA MET D 222 -7.94 37.43 34.98
C MET D 222 -7.77 36.12 35.76
N GLY D 223 -7.61 35.02 35.03
CA GLY D 223 -7.30 33.74 35.63
C GLY D 223 -5.97 33.21 35.14
N LEU D 224 -5.32 32.39 35.96
CA LEU D 224 -4.04 31.82 35.62
C LEU D 224 -3.97 30.34 35.99
N VAL D 225 -3.36 29.54 35.13
CA VAL D 225 -3.21 28.10 35.39
C VAL D 225 -1.78 27.64 35.09
N SER D 226 -1.07 27.20 36.12
CA SER D 226 0.29 26.70 35.93
C SER D 226 0.34 25.19 36.08
N VAL D 227 1.17 24.54 35.28
CA VAL D 227 1.19 23.08 35.21
C VAL D 227 2.58 22.56 34.82
N ASN D 228 2.87 21.33 35.21
CA ASN D 228 4.16 20.70 34.90
C ASN D 228 4.02 19.57 33.90
N CYS D 229 2.97 18.77 34.04
CA CYS D 229 2.77 17.61 33.19
C CYS D 229 2.68 18.04 31.73
N GLU D 230 3.47 17.38 30.89
CA GLU D 230 3.59 17.77 29.49
C GLU D 230 2.27 17.55 28.75
N SER D 231 1.66 16.39 28.95
CA SER D 231 0.42 16.06 28.28
C SER D 231 -0.74 16.91 28.79
N LEU D 232 -0.72 17.22 30.08
CA LEU D 232 -1.77 18.05 30.68
C LEU D 232 -1.70 19.47 30.12
N HIS D 233 -0.49 19.95 29.90
CA HIS D 233 -0.29 21.28 29.32
C HIS D 233 -0.82 21.32 27.89
N ASN D 234 -0.50 20.29 27.12
CA ASN D 234 -0.94 20.22 25.72
C ASN D 234 -2.45 20.23 25.62
N ARG D 235 -3.11 19.54 26.55
CA ARG D 235 -4.57 19.53 26.60
C ARG D 235 -5.12 20.88 27.05
N LEU D 236 -4.43 21.51 27.99
CA LEU D 236 -4.83 22.83 28.47
C LEU D 236 -4.57 23.93 27.44
N ARG D 237 -3.45 23.82 26.74
CA ARG D 237 -3.10 24.80 25.71
C ARG D 237 -4.09 24.71 24.55
N PHE D 238 -4.55 23.50 24.27
CA PHE D 238 -5.56 23.28 23.23
C PHE D 238 -6.88 23.94 23.60
N LEU D 239 -7.30 23.79 24.85
CA LEU D 239 -8.58 24.32 25.31
C LEU D 239 -8.54 25.84 25.43
N GLN D 240 -7.37 26.39 25.74
CA GLN D 240 -7.21 27.83 25.83
C GLN D 240 -7.54 28.50 24.51
N ASN D 241 -7.09 27.89 23.42
CA ASN D 241 -7.32 28.42 22.08
C ASN D 241 -8.67 28.00 21.51
N SER D 242 -9.18 26.85 21.97
CA SER D 242 -10.41 26.28 21.42
C SER D 242 -11.65 26.89 22.03
N LEU D 243 -11.58 27.20 23.33
CA LEU D 243 -12.71 27.82 24.01
C LEU D 243 -12.61 29.33 23.91
N GLY D 244 -11.38 29.84 23.86
CA GLY D 244 -11.14 31.25 23.60
C GLY D 244 -11.44 32.20 24.75
N ALA D 245 -11.44 31.69 25.98
CA ALA D 245 -11.63 32.55 27.14
C ALA D 245 -10.31 33.23 27.50
N VAL D 246 -9.80 34.02 26.57
CA VAL D 246 -8.48 34.63 26.67
C VAL D 246 -8.53 36.04 27.25
N PRO D 247 -7.44 36.45 27.92
CA PRO D 247 -7.36 37.81 28.47
C PRO D 247 -6.85 38.83 27.44
N SER D 248 -7.21 40.09 27.65
CA SER D 248 -6.67 41.17 26.84
C SER D 248 -5.17 41.37 27.09
N PRO D 249 -4.42 41.70 26.03
CA PRO D 249 -2.99 42.02 26.15
C PRO D 249 -2.74 43.16 27.14
N ILE D 250 -3.66 44.13 27.21
CA ILE D 250 -3.51 45.25 28.12
C ILE D 250 -3.67 44.77 29.56
N ASP D 251 -4.62 43.86 29.77
CA ASP D 251 -4.82 43.25 31.06
C ASP D 251 -3.60 42.41 31.46
N CYS D 252 -3.04 41.72 30.47
CA CYS D 252 -1.82 40.94 30.67
C CYS D 252 -0.66 41.81 31.11
N TYR D 253 -0.52 42.96 30.45
CA TYR D 253 0.53 43.91 30.81
C TYR D 253 0.32 44.44 32.22
N LEU D 254 -0.91 44.82 32.53
CA LEU D 254 -1.23 45.38 33.84
C LEU D 254 -0.99 44.36 34.95
N CYS D 255 -1.38 43.11 34.70
CA CYS D 255 -1.15 42.04 35.65
C CYS D 255 0.34 41.76 35.81
N ASN D 256 1.08 41.79 34.70
CA ASN D 256 2.51 41.56 34.72
C ASN D 256 3.23 42.67 35.49
N ARG D 257 2.71 43.88 35.38
CA ARG D 257 3.18 45.04 36.12
C ARG D 257 2.94 44.85 37.61
N GLY D 258 1.77 44.31 37.96
CA GLY D 258 1.44 44.04 39.34
C GLY D 258 2.33 42.99 39.98
N LEU D 259 2.70 41.97 39.20
CA LEU D 259 3.59 40.92 39.68
C LEU D 259 4.95 41.46 40.11
N LYS D 260 5.36 42.55 39.47
CA LYS D 260 6.66 43.16 39.75
C LYS D 260 6.81 43.56 41.21
N THR D 261 5.68 43.77 41.88
CA THR D 261 5.67 44.15 43.30
C THR D 261 4.96 43.12 44.17
N LEU D 262 4.73 41.92 43.64
CA LEU D 262 4.02 40.88 44.40
C LEU D 262 4.72 40.56 45.71
N HIS D 263 6.05 40.47 45.67
CA HIS D 263 6.80 40.10 46.86
C HIS D 263 6.75 41.17 47.94
N VAL D 264 6.89 42.44 47.56
CA VAL D 264 6.86 43.52 48.54
C VAL D 264 5.43 43.82 48.99
N ARG D 265 4.44 43.51 48.15
CA ARG D 265 3.04 43.66 48.54
C ARG D 265 2.59 42.62 49.54
N MET D 266 2.86 41.35 49.25
CA MET D 266 2.42 40.26 50.12
C MET D 266 3.04 40.33 51.51
N GLU D 267 4.25 40.85 51.60
CA GLU D 267 4.93 40.99 52.89
C GLU D 267 4.23 42.00 53.79
N LYS D 268 3.72 43.07 53.19
CA LYS D 268 3.03 44.11 53.95
C LYS D 268 1.63 43.63 54.32
N HIS D 269 1.02 42.85 53.43
CA HIS D 269 -0.26 42.20 53.71
C HIS D 269 -0.14 41.30 54.93
N PHE D 270 1.00 40.60 55.00
CA PHE D 270 1.30 39.70 56.11
C PHE D 270 1.43 40.50 57.40
N LYS D 271 2.25 41.55 57.37
CA LYS D 271 2.51 42.37 58.55
C LYS D 271 1.24 43.05 59.03
N ASN D 272 0.46 43.56 58.09
CA ASN D 272 -0.80 44.22 58.43
C ASN D 272 -1.88 43.21 58.85
N GLY D 273 -1.93 42.08 58.15
CA GLY D 273 -2.88 41.04 58.46
C GLY D 273 -2.66 40.44 59.83
N MET D 274 -1.38 40.19 60.15
CA MET D 274 -1.00 39.66 61.44
C MET D 274 -1.38 40.63 62.54
N ALA D 275 -1.09 41.91 62.31
CA ALA D 275 -1.37 42.97 63.27
C ALA D 275 -2.88 43.14 63.51
N VAL D 276 -3.66 43.11 62.44
CA VAL D 276 -5.12 43.21 62.55
C VAL D 276 -5.69 42.02 63.31
N ALA D 277 -5.22 40.82 62.96
CA ALA D 277 -5.69 39.60 63.59
C ALA D 277 -5.41 39.58 65.09
N GLN D 278 -4.21 40.02 65.46
CA GLN D 278 -3.81 40.06 66.86
C GLN D 278 -4.62 41.11 67.64
N PHE D 279 -4.88 42.24 67.00
CA PHE D 279 -5.69 43.28 67.60
C PHE D 279 -7.11 42.79 67.84
N LEU D 280 -7.68 42.15 66.82
CA LEU D 280 -9.04 41.65 66.88
C LEU D 280 -9.22 40.54 67.91
N GLU D 281 -8.23 39.67 68.05
CA GLU D 281 -8.35 38.53 68.96
C GLU D 281 -8.32 38.96 70.42
N SER D 282 -7.60 40.04 70.71
CA SER D 282 -7.53 40.54 72.08
C SER D 282 -8.60 41.60 72.34
N ASN D 283 -9.48 41.82 71.37
CA ASN D 283 -10.54 42.82 71.49
C ASN D 283 -11.81 42.22 72.11
N PRO D 284 -12.37 42.91 73.12
CA PRO D 284 -13.51 42.39 73.89
C PRO D 284 -14.81 42.26 73.09
N TRP D 285 -14.84 42.80 71.88
CA TRP D 285 -16.06 42.76 71.08
C TRP D 285 -15.95 41.79 69.92
N VAL D 286 -14.92 40.96 69.95
CA VAL D 286 -14.74 39.94 68.94
C VAL D 286 -14.92 38.59 69.59
N GLU D 287 -15.77 37.76 68.98
CA GLU D 287 -16.12 36.47 69.56
C GLU D 287 -15.02 35.47 69.24
N LYS D 288 -14.50 35.55 68.03
CA LYS D 288 -13.50 34.59 67.53
C LYS D 288 -12.82 35.14 66.28
N VAL D 289 -11.51 34.91 66.18
CA VAL D 289 -10.76 35.32 65.00
C VAL D 289 -10.17 34.10 64.29
N ILE D 290 -10.30 34.06 62.97
CA ILE D 290 -9.70 33.00 62.17
C ILE D 290 -8.60 33.55 61.28
N TYR D 291 -7.35 33.25 61.63
CA TYR D 291 -6.21 33.70 60.85
C TYR D 291 -5.07 32.69 60.98
N PRO D 292 -4.65 32.10 59.84
CA PRO D 292 -3.61 31.05 59.78
C PRO D 292 -2.31 31.40 60.49
N GLY D 293 -2.01 32.69 60.61
CA GLY D 293 -0.79 33.13 61.27
C GLY D 293 -0.89 33.10 62.78
N LEU D 294 -2.11 32.99 63.29
CA LEU D 294 -2.34 32.91 64.73
C LEU D 294 -2.26 31.47 65.23
N PRO D 295 -1.63 31.26 66.39
CA PRO D 295 -1.57 29.94 67.01
C PRO D 295 -2.95 29.37 67.35
N SER D 296 -3.94 30.25 67.47
CA SER D 296 -5.30 29.83 67.78
C SER D 296 -5.99 29.15 66.60
N HIS D 297 -5.40 29.29 65.41
CA HIS D 297 -5.94 28.63 64.23
C HIS D 297 -5.73 27.13 64.32
N PRO D 298 -6.81 26.35 64.12
CA PRO D 298 -6.79 24.89 64.21
C PRO D 298 -5.69 24.24 63.38
N GLN D 299 -5.35 24.83 62.24
CA GLN D 299 -4.30 24.28 61.38
C GLN D 299 -3.08 25.18 61.29
N HIS D 300 -2.77 25.91 62.35
CA HIS D 300 -1.63 26.82 62.37
C HIS D 300 -0.31 26.09 62.07
N GLU D 301 -0.16 24.88 62.58
CA GLU D 301 1.09 24.15 62.42
C GLU D 301 1.18 23.54 61.03
N LEU D 302 0.03 23.23 60.45
CA LEU D 302 -0.03 22.76 59.06
C LEU D 302 0.36 23.86 58.10
N VAL D 303 -0.15 25.06 58.36
CA VAL D 303 0.15 26.23 57.54
C VAL D 303 1.66 26.45 57.47
N LYS D 304 2.32 26.40 58.62
CA LYS D 304 3.76 26.61 58.70
C LYS D 304 4.58 25.56 57.93
N ARG D 305 4.01 24.37 57.72
CA ARG D 305 4.74 23.33 57.00
C ARG D 305 4.64 23.46 55.49
N GLN D 306 3.52 23.98 55.00
CA GLN D 306 3.30 24.06 53.56
C GLN D 306 3.31 25.50 53.04
N CYS D 307 3.42 26.48 53.93
CA CYS D 307 3.41 27.87 53.50
C CYS D 307 4.60 28.65 54.05
N THR D 308 4.94 29.73 53.37
CA THR D 308 6.07 30.57 53.77
C THR D 308 5.61 31.82 54.53
N GLY D 309 4.30 31.93 54.72
CA GLY D 309 3.73 33.06 55.42
C GLY D 309 2.23 33.11 55.26
N CYS D 310 1.63 34.23 55.65
CA CYS D 310 0.18 34.38 55.54
C CYS D 310 -0.17 35.70 54.86
N THR D 311 -1.42 35.82 54.43
CA THR D 311 -1.85 37.00 53.68
C THR D 311 -2.58 37.98 54.58
N GLY D 312 -3.34 38.89 53.96
CA GLY D 312 -4.06 39.92 54.69
C GLY D 312 -5.52 39.56 54.86
N MET D 313 -5.86 38.31 54.58
CA MET D 313 -7.22 37.86 54.71
C MET D 313 -7.51 37.46 56.15
N VAL D 314 -8.28 38.28 56.84
CA VAL D 314 -8.63 38.04 58.24
C VAL D 314 -10.13 37.88 58.42
N THR D 315 -10.55 36.71 58.89
CA THR D 315 -11.94 36.43 59.16
C THR D 315 -12.20 36.46 60.66
N PHE D 316 -13.33 37.03 61.07
CA PHE D 316 -13.67 37.06 62.48
C PHE D 316 -15.17 37.14 62.73
N TYR D 317 -15.60 36.69 63.90
CA TYR D 317 -16.99 36.82 64.34
C TYR D 317 -17.08 37.99 65.31
N ILE D 318 -18.00 38.91 65.05
CA ILE D 318 -18.25 40.01 65.97
C ILE D 318 -19.29 39.56 67.00
N LYS D 319 -19.19 40.08 68.22
CA LYS D 319 -20.17 39.72 69.23
C LYS D 319 -21.52 40.35 68.94
N GLY D 320 -22.58 39.63 69.26
CA GLY D 320 -23.94 40.11 69.06
C GLY D 320 -24.67 39.47 67.89
N THR D 321 -25.46 40.27 67.19
CA THR D 321 -26.30 39.78 66.10
C THR D 321 -25.93 40.43 64.77
N LEU D 322 -26.76 40.18 63.75
CA LEU D 322 -26.59 40.76 62.42
C LEU D 322 -26.50 42.27 62.50
N GLN D 323 -27.19 42.83 63.50
CA GLN D 323 -27.26 44.27 63.71
C GLN D 323 -25.90 44.91 63.99
N HIS D 324 -25.10 44.21 64.78
CA HIS D 324 -23.80 44.71 65.17
C HIS D 324 -22.79 44.66 64.04
N ALA D 325 -22.88 43.61 63.23
CA ALA D 325 -22.01 43.45 62.08
C ALA D 325 -22.23 44.55 61.07
N GLU D 326 -23.48 44.97 60.90
CA GLU D 326 -23.80 46.02 59.93
C GLU D 326 -23.31 47.40 60.42
N ILE D 327 -23.55 47.70 61.69
CA ILE D 327 -23.11 48.97 62.26
C ILE D 327 -21.59 49.07 62.19
N PHE D 328 -20.93 47.95 62.44
CA PHE D 328 -19.48 47.87 62.35
C PHE D 328 -19.03 48.17 60.93
N LEU D 329 -19.62 47.46 59.96
CA LEU D 329 -19.23 47.60 58.56
C LEU D 329 -19.51 48.99 57.99
N LYS D 330 -20.59 49.62 58.44
CA LYS D 330 -21.00 50.91 57.89
C LYS D 330 -20.28 52.08 58.54
N ASN D 331 -19.55 51.81 59.62
CA ASN D 331 -18.80 52.86 60.31
C ASN D 331 -17.31 52.87 59.98
N LEU D 332 -16.86 51.87 59.23
CA LEU D 332 -15.48 51.83 58.77
C LEU D 332 -15.22 52.98 57.80
N LYS D 333 -14.05 53.59 57.90
CA LYS D 333 -13.70 54.72 57.04
C LYS D 333 -12.55 54.34 56.12
N LEU D 334 -11.76 53.36 56.53
CA LEU D 334 -10.63 52.92 55.73
C LEU D 334 -10.96 51.66 54.95
N PHE D 335 -11.46 50.63 55.64
CA PHE D 335 -11.99 49.45 54.95
C PHE D 335 -13.20 49.84 54.13
N THR D 336 -13.24 49.41 52.88
CA THR D 336 -14.39 49.71 52.02
C THR D 336 -15.30 48.50 51.95
N LEU D 337 -16.60 48.74 52.16
CA LEU D 337 -17.60 47.68 52.06
C LEU D 337 -17.78 47.25 50.60
N ALA D 338 -17.10 46.18 50.22
CA ALA D 338 -17.15 45.67 48.87
C ALA D 338 -16.71 44.21 48.80
N VAL D 339 -17.00 43.57 47.66
CA VAL D 339 -16.59 42.19 47.44
C VAL D 339 -15.20 42.18 46.82
N SER D 340 -14.70 40.98 46.52
CA SER D 340 -13.34 40.74 46.02
C SER D 340 -12.32 40.96 47.14
N LEU D 341 -11.05 40.76 46.82
CA LEU D 341 -10.00 40.80 47.83
C LEU D 341 -8.63 40.91 47.20
N GLY D 342 -7.60 41.06 48.03
CA GLY D 342 -6.23 41.01 47.56
C GLY D 342 -5.69 42.27 46.94
N GLY D 343 -6.42 43.37 47.06
CA GLY D 343 -5.98 44.62 46.49
C GLY D 343 -5.15 45.42 47.48
N PHE D 344 -4.58 46.54 47.01
CA PHE D 344 -3.78 47.39 47.88
C PHE D 344 -4.65 48.11 48.90
N GLU D 345 -5.95 48.18 48.63
CA GLU D 345 -6.88 48.84 49.53
C GLU D 345 -7.56 47.81 50.42
N SER D 346 -7.88 48.21 51.65
CA SER D 346 -8.52 47.31 52.59
C SER D 346 -10.00 47.15 52.29
N LEU D 347 -10.48 45.90 52.28
CA LEU D 347 -11.87 45.62 52.01
C LEU D 347 -12.53 44.86 53.15
N ALA D 348 -13.83 45.09 53.34
CA ALA D 348 -14.60 44.42 54.37
C ALA D 348 -15.90 43.92 53.77
N GLU D 349 -16.41 42.80 54.29
CA GLU D 349 -17.54 42.15 53.66
C GLU D 349 -18.27 41.17 54.60
N LEU D 350 -19.56 41.00 54.37
CA LEU D 350 -20.38 40.05 55.14
C LEU D 350 -20.89 38.93 54.25
N PRO D 351 -20.15 37.80 54.19
CA PRO D 351 -20.39 36.69 53.27
C PRO D 351 -21.81 36.15 53.26
N ALA D 352 -22.49 36.18 54.41
CA ALA D 352 -23.85 35.66 54.50
C ALA D 352 -24.77 36.41 53.55
N ILE D 353 -24.53 37.72 53.40
CA ILE D 353 -25.36 38.55 52.55
C ILE D 353 -24.69 38.87 51.21
N MET D 354 -23.38 38.75 51.13
CA MET D 354 -22.66 39.25 49.96
C MET D 354 -21.97 38.20 49.08
N THR D 355 -20.68 37.93 49.30
CA THR D 355 -19.92 37.08 48.39
C THR D 355 -20.39 35.62 48.39
N HIS D 356 -21.00 35.17 49.48
CA HIS D 356 -21.41 33.78 49.57
C HIS D 356 -22.92 33.65 49.75
N ALA D 357 -23.64 34.59 49.16
CA ALA D 357 -25.08 34.48 49.02
C ALA D 357 -25.37 33.46 47.92
N SER D 358 -24.34 33.13 47.16
CA SER D 358 -24.44 32.16 46.06
C SER D 358 -24.21 30.73 46.55
N VAL D 359 -24.07 30.58 47.87
CA VAL D 359 -23.98 29.26 48.49
C VAL D 359 -25.26 29.02 49.29
N LEU D 360 -25.82 27.82 49.16
CA LEU D 360 -27.08 27.45 49.82
C LEU D 360 -27.13 27.74 51.32
N LYS D 361 -28.30 28.16 51.80
CA LYS D 361 -28.48 28.55 53.19
C LYS D 361 -28.25 27.37 54.15
N ASN D 362 -28.62 26.17 53.74
CA ASN D 362 -28.46 25.02 54.61
C ASN D 362 -26.99 24.60 54.65
N ASP D 363 -26.24 24.97 53.63
CA ASP D 363 -24.80 24.77 53.62
C ASP D 363 -24.04 25.84 54.39
N ARG D 364 -24.58 27.06 54.48
CA ARG D 364 -23.93 28.12 55.24
C ARG D 364 -23.99 27.87 56.74
N ASP D 365 -25.06 27.23 57.18
CA ASP D 365 -25.25 26.96 58.59
C ASP D 365 -24.23 25.92 59.04
N VAL D 366 -23.95 24.96 58.17
CA VAL D 366 -22.96 23.93 58.44
C VAL D 366 -21.52 24.45 58.38
N LEU D 367 -21.26 25.36 57.45
CA LEU D 367 -19.90 25.86 57.24
C LEU D 367 -19.47 26.89 58.28
N GLY D 368 -20.44 27.54 58.92
CA GLY D 368 -20.14 28.50 59.97
C GLY D 368 -20.29 29.95 59.54
N ILE D 369 -20.86 30.15 58.35
CA ILE D 369 -21.08 31.49 57.84
C ILE D 369 -22.36 32.10 58.40
N SER D 370 -22.30 32.53 59.65
CA SER D 370 -23.46 33.11 60.32
C SER D 370 -23.63 34.58 59.95
N ASP D 371 -24.60 35.25 60.57
CA ASP D 371 -24.85 36.66 60.32
C ASP D 371 -23.79 37.55 60.97
N THR D 372 -22.88 36.93 61.72
CA THR D 372 -21.87 37.69 62.44
C THR D 372 -20.45 37.42 61.93
N LEU D 373 -20.33 36.60 60.90
CA LEU D 373 -19.01 36.34 60.30
C LEU D 373 -18.62 37.44 59.33
N ILE D 374 -17.48 38.07 59.59
CA ILE D 374 -17.01 39.15 58.74
C ILE D 374 -15.64 38.84 58.13
N ARG D 375 -15.52 39.03 56.83
CA ARG D 375 -14.25 38.82 56.13
C ARG D 375 -13.57 40.13 55.79
N LEU D 376 -12.32 40.24 56.21
CA LEU D 376 -11.52 41.42 55.96
C LEU D 376 -10.39 41.11 54.98
N SER D 377 -10.19 42.01 54.02
CA SER D 377 -9.02 41.96 53.17
C SER D 377 -8.12 43.13 53.54
N VAL D 378 -7.17 42.87 54.42
CA VAL D 378 -6.32 43.94 54.94
C VAL D 378 -5.32 44.40 53.89
N GLY D 379 -5.32 45.71 53.63
CA GLY D 379 -4.51 46.28 52.59
C GLY D 379 -3.14 46.76 53.04
N LEU D 380 -2.57 47.69 52.28
CA LEU D 380 -1.20 48.13 52.50
C LEU D 380 -1.12 49.49 53.18
N GLU D 381 -2.22 49.93 53.78
CA GLU D 381 -2.23 51.19 54.49
C GLU D 381 -1.39 51.09 55.76
N ASP D 382 -1.19 52.21 56.43
CA ASP D 382 -0.43 52.21 57.68
C ASP D 382 -1.17 51.39 58.74
N GLU D 383 -0.42 50.56 59.45
CA GLU D 383 -0.97 49.66 60.46
C GLU D 383 -1.79 50.39 61.51
N GLU D 384 -1.19 51.42 62.08
CA GLU D 384 -1.85 52.32 63.03
C GLU D 384 -3.27 52.70 62.61
N ASP D 385 -3.40 53.18 61.38
CA ASP D 385 -4.67 53.66 60.84
C ASP D 385 -5.70 52.56 60.67
N LEU D 386 -5.23 51.37 60.30
CA LEU D 386 -6.12 50.22 60.11
C LEU D 386 -6.69 49.77 61.45
N LEU D 387 -5.86 49.74 62.48
CA LEU D 387 -6.29 49.35 63.80
C LEU D 387 -7.23 50.40 64.38
N GLU D 388 -6.90 51.66 64.17
CA GLU D 388 -7.70 52.78 64.66
C GLU D 388 -9.09 52.75 64.03
N ASP D 389 -9.15 52.39 62.75
CA ASP D 389 -10.40 52.31 62.02
C ASP D 389 -11.28 51.19 62.58
N LEU D 390 -10.65 50.04 62.87
CA LEU D 390 -11.34 48.89 63.43
C LEU D 390 -11.83 49.17 64.85
N ASP D 391 -11.00 49.85 65.63
CA ASP D 391 -11.33 50.18 67.02
C ASP D 391 -12.56 51.08 67.07
N GLN D 392 -12.52 52.15 66.30
CA GLN D 392 -13.61 53.11 66.23
C GLN D 392 -14.92 52.46 65.75
N ALA D 393 -14.81 51.57 64.77
CA ALA D 393 -15.98 50.92 64.20
C ALA D 393 -16.60 49.88 65.15
N LEU D 394 -15.76 49.20 65.91
CA LEU D 394 -16.23 48.23 66.89
C LEU D 394 -16.91 48.93 68.05
N LYS D 395 -16.38 50.09 68.41
CA LYS D 395 -16.97 50.92 69.46
C LYS D 395 -18.32 51.49 69.00
N ALA D 396 -18.53 51.56 67.70
CA ALA D 396 -19.82 52.04 67.20
C ALA D 396 -20.90 50.96 67.39
N ALA D 397 -20.52 49.71 67.17
CA ALA D 397 -21.43 48.59 67.36
C ALA D 397 -21.64 48.31 68.86
N HIS D 398 -20.54 48.42 69.62
CA HIS D 398 -20.54 48.19 71.06
C HIS D 398 -19.85 49.34 71.80
N PRO D 399 -20.58 50.44 72.03
CA PRO D 399 -20.06 51.65 72.70
C PRO D 399 -19.79 51.50 74.19
N PRO D 400 -18.82 52.25 74.72
CA PRO D 400 -18.52 52.29 76.15
C PRO D 400 -19.74 52.68 76.99
N GLY E 10 27.34 -48.78 7.56
CA GLY E 10 27.49 -47.44 8.11
C GLY E 10 26.89 -46.37 7.22
N PHE E 11 26.24 -46.81 6.14
CA PHE E 11 25.59 -45.90 5.21
C PHE E 11 24.34 -45.25 5.80
N LEU E 12 23.83 -44.25 5.12
CA LEU E 12 22.54 -43.66 5.45
C LEU E 12 21.48 -44.75 5.42
N PRO E 13 20.56 -44.75 6.39
CA PRO E 13 19.48 -45.76 6.39
C PRO E 13 18.65 -45.64 5.13
N HIS E 14 18.19 -46.78 4.59
CA HIS E 14 17.42 -46.78 3.35
C HIS E 14 16.14 -45.98 3.52
N PHE E 15 15.75 -45.26 2.47
CA PHE E 15 14.55 -44.44 2.50
C PHE E 15 13.31 -45.29 2.70
N GLN E 16 12.47 -44.93 3.66
CA GLN E 16 11.36 -45.82 4.00
C GLN E 16 10.25 -45.63 2.98
N HIS E 17 9.52 -46.70 2.73
CA HIS E 17 8.39 -46.76 1.79
C HIS E 17 8.83 -46.60 0.33
N PHE E 18 10.12 -46.77 0.05
CA PHE E 18 10.63 -46.53 -1.31
C PHE E 18 10.02 -47.51 -2.29
N ALA E 19 10.11 -48.79 -1.97
CA ALA E 19 9.59 -49.85 -2.82
C ALA E 19 8.09 -49.72 -2.96
N THR E 20 7.43 -49.44 -1.84
CA THR E 20 5.99 -49.26 -1.81
C THR E 20 5.55 -48.14 -2.75
N GLN E 21 6.25 -47.02 -2.69
CA GLN E 21 5.90 -45.86 -3.49
C GLN E 21 6.23 -46.08 -4.98
N ALA E 22 7.35 -46.72 -5.25
CA ALA E 22 7.77 -46.99 -6.62
C ALA E 22 6.74 -47.87 -7.35
N ILE E 23 6.04 -48.70 -6.59
CA ILE E 23 5.08 -49.64 -7.17
C ILE E 23 3.66 -49.06 -7.21
N HIS E 24 3.34 -48.17 -6.28
CA HIS E 24 1.95 -47.74 -6.13
C HIS E 24 1.69 -46.27 -6.46
N VAL E 25 2.67 -45.39 -6.27
CA VAL E 25 2.44 -43.98 -6.53
C VAL E 25 2.18 -43.71 -8.01
N GLY E 26 1.04 -43.08 -8.29
CA GLY E 26 0.63 -42.79 -9.65
C GLY E 26 -0.11 -43.94 -10.31
N GLN E 27 -0.17 -45.08 -9.64
CA GLN E 27 -0.71 -46.29 -10.25
C GLN E 27 -2.10 -46.65 -9.72
N ASP E 28 -2.74 -45.71 -9.05
CA ASP E 28 -4.05 -45.94 -8.43
C ASP E 28 -5.09 -46.34 -9.47
N PRO E 29 -5.64 -47.55 -9.33
CA PRO E 29 -6.60 -48.14 -10.29
C PRO E 29 -7.89 -47.32 -10.41
N GLU E 30 -8.13 -46.41 -9.48
CA GLU E 30 -9.37 -45.63 -9.48
C GLU E 30 -9.30 -44.50 -10.50
N GLN E 31 -8.16 -44.39 -11.19
CA GLN E 31 -7.97 -43.39 -12.23
C GLN E 31 -8.70 -43.77 -13.51
N TRP E 32 -8.94 -45.06 -13.69
CA TRP E 32 -9.48 -45.58 -14.94
C TRP E 32 -10.85 -46.22 -14.75
N THR E 33 -11.70 -46.11 -15.75
CA THR E 33 -13.05 -46.69 -15.68
C THR E 33 -12.99 -48.21 -15.55
N SER E 34 -11.91 -48.81 -16.02
CA SER E 34 -11.73 -50.25 -15.97
C SER E 34 -11.18 -50.74 -14.63
N ARG E 35 -10.65 -49.82 -13.84
CA ARG E 35 -9.99 -50.13 -12.57
C ARG E 35 -8.80 -51.06 -12.76
N ALA E 36 -8.09 -50.88 -13.87
CA ALA E 36 -6.87 -51.63 -14.18
C ALA E 36 -5.77 -51.42 -13.14
N VAL E 37 -5.09 -52.49 -12.77
CA VAL E 37 -4.02 -52.44 -11.78
C VAL E 37 -2.77 -51.74 -12.34
N VAL E 38 -2.54 -51.89 -13.63
CA VAL E 38 -1.47 -51.22 -14.32
C VAL E 38 -2.03 -50.13 -15.22
N PRO E 39 -1.50 -48.90 -15.11
CA PRO E 39 -1.97 -47.78 -15.94
C PRO E 39 -1.87 -48.12 -17.43
N PRO E 40 -2.95 -47.86 -18.18
CA PRO E 40 -2.94 -48.09 -19.64
C PRO E 40 -1.98 -47.15 -20.36
N ILE E 41 -1.53 -47.56 -21.53
CA ILE E 41 -0.70 -46.70 -22.39
C ILE E 41 -1.61 -45.85 -23.27
N SER E 42 -1.63 -44.55 -23.02
CA SER E 42 -2.48 -43.64 -23.79
C SER E 42 -1.69 -42.95 -24.89
N LEU E 43 -1.87 -43.42 -26.13
CA LEU E 43 -1.14 -42.86 -27.27
C LEU E 43 -1.80 -41.60 -27.81
N SER E 44 -3.09 -41.43 -27.52
CA SER E 44 -3.89 -40.34 -28.07
C SER E 44 -3.21 -38.98 -27.97
N THR E 45 -3.09 -38.31 -29.10
CA THR E 45 -2.44 -37.01 -29.16
C THR E 45 -3.36 -35.90 -28.66
N THR E 46 -4.67 -36.11 -28.80
CA THR E 46 -5.65 -35.11 -28.44
C THR E 46 -6.81 -35.69 -27.64
N PHE E 47 -7.59 -34.81 -27.03
CA PHE E 47 -8.64 -35.22 -26.11
C PHE E 47 -9.91 -34.41 -26.35
N LYS E 48 -11.06 -35.07 -26.25
CA LYS E 48 -12.34 -34.41 -26.46
C LYS E 48 -12.65 -33.38 -25.37
N GLN E 49 -13.11 -32.21 -25.79
CA GLN E 49 -13.47 -31.14 -24.86
C GLN E 49 -14.95 -30.80 -24.92
N GLY E 50 -15.50 -30.36 -23.80
CA GLY E 50 -16.91 -30.00 -23.73
C GLY E 50 -17.78 -31.05 -23.08
N GLY E 57 -9.53 -31.28 -17.98
CA GLY E 57 -8.71 -32.47 -18.07
C GLY E 57 -7.53 -32.28 -19.00
N PHE E 58 -7.36 -33.21 -19.93
CA PHE E 58 -6.24 -33.14 -20.85
C PHE E 58 -6.69 -32.46 -22.15
N THR E 59 -5.76 -31.77 -22.80
CA THR E 59 -6.07 -31.06 -24.03
C THR E 59 -5.26 -31.61 -25.21
N TYR E 60 -3.96 -31.73 -25.01
CA TYR E 60 -3.03 -32.15 -26.05
C TYR E 60 -1.88 -32.93 -25.41
N SER E 61 -1.47 -34.01 -26.07
CA SER E 61 -0.51 -34.96 -25.50
C SER E 61 0.79 -34.32 -25.00
N ARG E 62 1.30 -33.35 -25.75
CA ARG E 62 2.59 -32.75 -25.41
C ARG E 62 2.52 -31.94 -24.11
N SER E 63 1.38 -31.30 -23.87
CA SER E 63 1.19 -30.50 -22.67
C SER E 63 1.06 -31.39 -21.45
N GLY E 64 0.40 -32.52 -21.63
CA GLY E 64 0.24 -33.51 -20.58
C GLY E 64 -0.61 -34.66 -21.07
N ASN E 65 -0.33 -35.85 -20.55
CA ASN E 65 -1.10 -37.04 -20.91
C ASN E 65 -1.01 -38.04 -19.76
N PRO E 66 -2.03 -38.91 -19.63
CA PRO E 66 -2.15 -39.83 -18.48
C PRO E 66 -0.89 -40.65 -18.18
N THR E 67 -0.36 -41.34 -19.18
CA THR E 67 0.76 -42.26 -18.95
C THR E 67 2.03 -41.53 -18.50
N ARG E 68 2.28 -40.37 -19.08
CA ARG E 68 3.45 -39.58 -18.69
C ARG E 68 3.27 -39.01 -17.29
N ASN E 69 2.04 -38.59 -16.99
CA ASN E 69 1.72 -38.02 -15.68
C ASN E 69 1.87 -39.04 -14.57
N CYS E 70 1.46 -40.28 -14.84
CA CYS E 70 1.62 -41.36 -13.88
C CYS E 70 3.10 -41.59 -13.55
N LEU E 71 3.95 -41.56 -14.57
CA LEU E 71 5.38 -41.75 -14.40
C LEU E 71 6.01 -40.61 -13.59
N GLU E 72 5.67 -39.37 -13.95
CA GLU E 72 6.22 -38.19 -13.30
C GLU E 72 5.85 -38.14 -11.82
N LYS E 73 4.62 -38.56 -11.54
CA LYS E 73 4.11 -38.59 -10.18
C LYS E 73 4.89 -39.59 -9.33
N ALA E 74 5.25 -40.72 -9.94
CA ALA E 74 6.01 -41.77 -9.28
C ALA E 74 7.45 -41.35 -9.00
N VAL E 75 8.10 -40.80 -10.03
CA VAL E 75 9.50 -40.39 -9.94
C VAL E 75 9.65 -39.27 -8.91
N ALA E 76 8.68 -38.36 -8.90
CA ALA E 76 8.67 -37.27 -7.92
C ALA E 76 8.71 -37.81 -6.50
N ALA E 77 7.90 -38.83 -6.23
CA ALA E 77 7.84 -39.44 -4.92
C ALA E 77 9.17 -40.08 -4.53
N LEU E 78 9.77 -40.80 -5.46
CA LEU E 78 11.03 -41.52 -5.22
C LEU E 78 12.19 -40.56 -4.95
N ASP E 79 12.10 -39.35 -5.50
CA ASP E 79 13.12 -38.34 -5.25
C ASP E 79 12.83 -37.59 -3.94
N GLY E 80 11.67 -37.84 -3.36
CA GLY E 80 11.22 -37.06 -2.22
C GLY E 80 10.86 -35.67 -2.69
N ALA E 81 10.37 -35.58 -3.92
CA ALA E 81 10.07 -34.31 -4.56
C ALA E 81 8.58 -34.00 -4.57
N LYS E 82 8.27 -32.76 -4.91
CA LYS E 82 6.89 -32.30 -5.02
C LYS E 82 6.43 -32.41 -6.47
N TYR E 83 7.37 -32.23 -7.40
CA TYR E 83 7.09 -32.26 -8.83
C TYR E 83 8.15 -33.01 -9.62
N CYS E 84 7.78 -33.47 -10.81
CA CYS E 84 8.73 -34.11 -11.72
C CYS E 84 8.30 -33.95 -13.19
N LEU E 85 9.30 -33.85 -14.07
CA LEU E 85 9.05 -33.70 -15.50
C LEU E 85 9.84 -34.70 -16.34
N ALA E 86 9.16 -35.39 -17.26
CA ALA E 86 9.82 -36.36 -18.12
C ALA E 86 10.20 -35.73 -19.45
N PHE E 87 11.31 -36.19 -20.04
CA PHE E 87 11.82 -35.65 -21.30
C PHE E 87 12.30 -36.75 -22.23
N ALA E 88 12.55 -36.37 -23.49
CA ALA E 88 12.96 -37.31 -24.53
C ALA E 88 14.30 -37.99 -24.24
N SER E 89 15.15 -37.31 -23.48
CA SER E 89 16.46 -37.84 -23.14
C SER E 89 17.09 -37.08 -21.98
N GLY E 90 18.18 -37.60 -21.45
CA GLY E 90 18.94 -36.94 -20.41
C GLY E 90 19.42 -35.58 -20.89
N LEU E 91 19.97 -35.54 -22.09
CA LEU E 91 20.43 -34.28 -22.68
C LEU E 91 19.28 -33.30 -22.91
N ALA E 92 18.11 -33.83 -23.30
CA ALA E 92 16.93 -32.99 -23.52
C ALA E 92 16.49 -32.29 -22.25
N ALA E 93 16.59 -33.00 -21.14
CA ALA E 93 16.28 -32.42 -19.83
C ALA E 93 17.27 -31.32 -19.50
N THR E 94 18.54 -31.56 -19.82
CA THR E 94 19.60 -30.61 -19.58
C THR E 94 19.38 -29.31 -20.36
N VAL E 95 19.08 -29.45 -21.64
CA VAL E 95 18.83 -28.30 -22.51
C VAL E 95 17.63 -27.50 -22.02
N THR E 96 16.59 -28.21 -21.58
CA THR E 96 15.39 -27.56 -21.07
C THR E 96 15.68 -26.75 -19.80
N ILE E 97 16.45 -27.35 -18.89
CA ILE E 97 16.85 -26.66 -17.66
C ILE E 97 17.65 -25.39 -17.96
N THR E 98 18.53 -25.49 -18.95
CA THR E 98 19.37 -24.36 -19.34
C THR E 98 18.53 -23.21 -19.90
N HIS E 99 17.38 -23.53 -20.48
CA HIS E 99 16.48 -22.51 -21.02
C HIS E 99 15.80 -21.67 -19.95
N LEU E 100 16.07 -21.97 -18.69
CA LEU E 100 15.54 -21.18 -17.58
C LEU E 100 16.23 -19.82 -17.52
N LEU E 101 17.43 -19.73 -18.07
CA LEU E 101 18.27 -18.56 -17.95
C LEU E 101 18.01 -17.56 -19.08
N LYS E 102 18.72 -16.44 -19.03
CA LYS E 102 18.69 -15.43 -20.08
C LYS E 102 20.10 -15.23 -20.63
N ALA E 103 20.21 -14.58 -21.78
CA ALA E 103 21.49 -14.13 -22.27
C ALA E 103 22.16 -13.20 -21.29
N GLY E 104 23.39 -13.53 -20.89
CA GLY E 104 24.14 -12.73 -19.95
C GLY E 104 24.40 -13.45 -18.65
N ASP E 105 23.66 -14.53 -18.41
CA ASP E 105 23.84 -15.33 -17.21
C ASP E 105 25.06 -16.25 -17.39
N GLN E 106 25.56 -16.84 -16.31
CA GLN E 106 26.68 -17.76 -16.42
C GLN E 106 26.35 -19.11 -15.81
N ILE E 107 26.96 -20.14 -16.37
CA ILE E 107 26.78 -21.50 -15.85
C ILE E 107 28.12 -22.02 -15.34
N ILE E 108 28.13 -22.50 -14.10
CA ILE E 108 29.28 -23.20 -13.56
C ILE E 108 29.03 -24.70 -13.64
N CYS E 109 29.91 -25.40 -14.33
CA CYS E 109 29.77 -26.84 -14.48
C CYS E 109 30.95 -27.58 -13.86
N MET E 110 30.66 -28.73 -13.25
CA MET E 110 31.68 -29.60 -12.69
C MET E 110 32.69 -29.97 -13.79
N ASP E 111 33.95 -30.09 -13.42
CA ASP E 111 35.01 -30.28 -14.41
C ASP E 111 34.98 -31.68 -15.04
N ASP E 112 34.56 -32.68 -14.28
CA ASP E 112 34.39 -34.01 -14.84
C ASP E 112 32.91 -34.36 -15.01
N VAL E 113 32.38 -34.14 -16.21
CA VAL E 113 30.99 -34.46 -16.48
C VAL E 113 30.88 -35.39 -17.69
N TYR E 114 29.66 -35.88 -17.92
CA TYR E 114 29.40 -36.67 -19.11
C TYR E 114 29.71 -35.83 -20.34
N GLY E 115 30.34 -36.44 -21.33
CA GLY E 115 30.80 -35.74 -22.52
C GLY E 115 29.78 -34.84 -23.18
N GLY E 116 28.53 -35.31 -23.26
CA GLY E 116 27.47 -34.55 -23.89
C GLY E 116 27.08 -33.29 -23.14
N THR E 117 27.16 -33.35 -21.82
CA THR E 117 26.89 -32.18 -20.99
C THR E 117 28.00 -31.16 -21.23
N ASN E 118 29.24 -31.66 -21.25
CA ASN E 118 30.39 -30.84 -21.58
C ASN E 118 30.23 -30.24 -22.97
N ARG E 119 29.88 -31.10 -23.93
CA ARG E 119 29.73 -30.69 -25.33
C ARG E 119 28.63 -29.65 -25.51
N TYR E 120 27.49 -29.82 -24.83
CA TYR E 120 26.39 -28.90 -24.97
C TYR E 120 26.73 -27.51 -24.44
N PHE E 121 27.28 -27.44 -23.24
CA PHE E 121 27.65 -26.17 -22.63
C PHE E 121 28.74 -25.46 -23.43
N ARG E 122 29.78 -26.21 -23.78
CA ARG E 122 30.98 -25.63 -24.38
C ARG E 122 30.76 -25.22 -25.83
N GLN E 123 30.01 -26.01 -26.59
CA GLN E 123 29.89 -25.79 -28.03
C GLN E 123 28.55 -25.21 -28.48
N VAL E 124 27.52 -25.32 -27.64
CA VAL E 124 26.20 -24.88 -28.07
C VAL E 124 25.65 -23.75 -27.20
N ALA E 125 25.59 -23.98 -25.89
CA ALA E 125 25.05 -22.98 -24.97
C ALA E 125 25.89 -21.71 -24.95
N SER E 126 27.20 -21.87 -25.18
CA SER E 126 28.14 -20.76 -25.14
C SER E 126 27.98 -19.82 -26.34
N GLU E 127 27.14 -20.21 -27.29
CA GLU E 127 26.97 -19.43 -28.52
C GLU E 127 25.68 -18.59 -28.48
N PHE E 128 25.14 -18.43 -27.28
CA PHE E 128 23.91 -17.68 -27.06
C PHE E 128 23.98 -16.75 -25.87
N GLY E 129 25.13 -16.09 -25.69
CA GLY E 129 25.27 -15.10 -24.64
C GLY E 129 25.40 -15.71 -23.25
N LEU E 130 25.81 -16.96 -23.19
CA LEU E 130 26.02 -17.65 -21.92
C LEU E 130 27.50 -17.86 -21.64
N LYS E 131 27.94 -17.57 -20.42
CA LYS E 131 29.32 -17.79 -20.03
C LYS E 131 29.42 -19.13 -19.33
N ILE E 132 30.39 -19.95 -19.75
CA ILE E 132 30.52 -21.30 -19.24
C ILE E 132 31.85 -21.46 -18.53
N SER E 133 31.81 -21.90 -17.28
CA SER E 133 33.03 -22.13 -16.52
C SER E 133 33.11 -23.55 -15.97
N PHE E 134 34.16 -24.27 -16.32
CA PHE E 134 34.38 -25.60 -15.79
C PHE E 134 35.22 -25.55 -14.51
N VAL E 135 34.63 -25.99 -13.41
CA VAL E 135 35.24 -25.85 -12.09
C VAL E 135 35.20 -27.14 -11.27
N ASP E 136 36.32 -27.47 -10.64
CA ASP E 136 36.35 -28.57 -9.68
C ASP E 136 35.53 -28.15 -8.46
N CYS E 137 34.27 -28.60 -8.40
CA CYS E 137 33.37 -28.16 -7.34
C CYS E 137 33.55 -28.95 -6.05
N SER E 138 34.49 -29.90 -6.07
CA SER E 138 34.85 -30.62 -4.86
C SER E 138 35.81 -29.78 -4.03
N LYS E 139 36.54 -28.90 -4.70
CA LYS E 139 37.45 -27.96 -4.05
C LYS E 139 36.78 -26.61 -3.77
N ILE E 140 36.49 -26.37 -2.50
CA ILE E 140 35.62 -25.27 -2.09
C ILE E 140 36.21 -23.87 -2.33
N LYS E 141 37.53 -23.77 -2.35
CA LYS E 141 38.15 -22.47 -2.60
C LYS E 141 38.05 -22.14 -4.09
N LEU E 142 37.93 -23.18 -4.91
CA LEU E 142 37.82 -23.00 -6.35
C LEU E 142 36.39 -22.66 -6.76
N LEU E 143 35.42 -23.13 -5.99
CA LEU E 143 34.01 -22.92 -6.30
C LEU E 143 33.55 -21.50 -6.02
N GLU E 144 33.96 -20.97 -4.88
CA GLU E 144 33.62 -19.60 -4.48
C GLU E 144 34.30 -18.57 -5.39
N ALA E 145 35.50 -18.92 -5.85
CA ALA E 145 36.28 -18.03 -6.71
C ALA E 145 35.66 -17.88 -8.09
N ALA E 146 34.93 -18.90 -8.52
CA ALA E 146 34.31 -18.88 -9.85
C ALA E 146 32.94 -18.20 -9.85
N ILE E 147 32.27 -18.19 -8.72
CA ILE E 147 30.95 -17.58 -8.62
C ILE E 147 31.01 -16.06 -8.78
N THR E 148 30.09 -15.52 -9.57
CA THR E 148 29.97 -14.10 -9.82
C THR E 148 28.51 -13.69 -9.59
N PRO E 149 28.24 -12.39 -9.43
CA PRO E 149 26.84 -11.98 -9.24
C PRO E 149 25.87 -12.34 -10.37
N GLU E 150 26.37 -12.66 -11.56
CA GLU E 150 25.48 -13.06 -12.65
C GLU E 150 25.23 -14.56 -12.69
N THR E 151 25.90 -15.31 -11.82
CA THR E 151 25.76 -16.77 -11.80
C THR E 151 24.35 -17.17 -11.44
N LYS E 152 23.74 -17.97 -12.30
CA LYS E 152 22.35 -18.33 -12.13
C LYS E 152 22.16 -19.84 -12.09
N LEU E 153 23.21 -20.58 -12.44
CA LEU E 153 23.14 -22.04 -12.49
C LEU E 153 24.47 -22.71 -12.16
N VAL E 154 24.42 -23.68 -11.26
CA VAL E 154 25.57 -24.53 -10.96
C VAL E 154 25.21 -25.98 -11.27
N TRP E 155 25.94 -26.60 -12.18
CA TRP E 155 25.65 -27.97 -12.61
C TRP E 155 26.69 -28.95 -12.10
N ILE E 156 26.28 -29.83 -11.20
CA ILE E 156 27.21 -30.83 -10.67
C ILE E 156 26.71 -32.24 -10.91
N GLU E 157 27.67 -33.16 -10.93
CA GLU E 157 27.40 -34.57 -11.14
C GLU E 157 28.20 -35.36 -10.10
N THR E 158 27.55 -36.24 -9.35
CA THR E 158 28.26 -36.99 -8.32
C THR E 158 27.65 -38.37 -8.04
N PRO E 159 28.47 -39.44 -8.14
CA PRO E 159 29.86 -39.43 -8.61
C PRO E 159 30.00 -39.05 -10.08
N THR E 160 31.15 -38.50 -10.45
CA THR E 160 31.38 -38.05 -11.81
C THR E 160 31.60 -39.21 -12.79
N ASN E 161 31.40 -38.93 -14.06
CA ASN E 161 31.60 -39.91 -15.12
C ASN E 161 32.85 -39.54 -15.94
N PRO E 162 33.86 -40.42 -15.94
CA PRO E 162 33.93 -41.74 -15.31
C PRO E 162 34.91 -41.88 -14.14
N THR E 163 35.52 -40.79 -13.67
CA THR E 163 36.53 -40.89 -12.62
C THR E 163 35.90 -41.01 -11.23
N GLN E 164 34.58 -40.86 -11.18
CA GLN E 164 33.78 -41.06 -9.96
C GLN E 164 34.28 -40.27 -8.75
N LYS E 165 34.48 -38.96 -8.94
CA LYS E 165 34.73 -38.06 -7.83
C LYS E 165 33.41 -37.73 -7.17
N VAL E 166 33.40 -37.68 -5.84
CA VAL E 166 32.17 -37.46 -5.10
C VAL E 166 32.16 -36.05 -4.51
N ILE E 167 31.04 -35.36 -4.64
CA ILE E 167 30.91 -34.00 -4.14
C ILE E 167 29.99 -33.95 -2.92
N ASP E 168 30.41 -33.22 -1.88
CA ASP E 168 29.53 -32.94 -0.77
C ASP E 168 28.43 -32.02 -1.27
N ILE E 169 27.26 -32.60 -1.53
CA ILE E 169 26.14 -31.85 -2.09
C ILE E 169 25.63 -30.80 -1.10
N GLU E 170 25.46 -31.21 0.15
CA GLU E 170 24.94 -30.31 1.17
C GLU E 170 25.90 -29.16 1.43
N GLY E 171 27.20 -29.45 1.40
CA GLY E 171 28.22 -28.43 1.52
C GLY E 171 28.21 -27.51 0.31
N CYS E 172 28.05 -28.12 -0.87
CA CYS E 172 28.00 -27.37 -2.12
C CYS E 172 26.74 -26.51 -2.19
N ALA E 173 25.62 -27.07 -1.76
CA ALA E 173 24.35 -26.35 -1.74
C ALA E 173 24.41 -25.12 -0.84
N HIS E 174 25.07 -25.27 0.31
CA HIS E 174 25.20 -24.18 1.28
C HIS E 174 25.99 -23.01 0.69
N ILE E 175 27.07 -23.34 0.00
CA ILE E 175 27.92 -22.35 -0.63
C ILE E 175 27.21 -21.64 -1.78
N VAL E 176 26.46 -22.41 -2.56
CA VAL E 176 25.80 -21.89 -3.74
C VAL E 176 24.62 -21.01 -3.35
N HIS E 177 23.88 -21.43 -2.32
CA HIS E 177 22.68 -20.72 -1.90
C HIS E 177 22.97 -19.56 -0.96
N LYS E 178 24.25 -19.39 -0.61
CA LYS E 178 24.67 -18.25 0.19
C LYS E 178 24.50 -17.00 -0.64
N HIS E 179 24.49 -17.17 -1.96
CA HIS E 179 24.40 -16.03 -2.85
C HIS E 179 22.98 -15.98 -3.43
N GLY E 180 22.59 -14.84 -3.97
CA GLY E 180 21.27 -14.62 -4.51
C GLY E 180 20.83 -15.29 -5.80
N ASP E 181 19.75 -16.05 -5.69
CA ASP E 181 19.14 -16.80 -6.80
C ASP E 181 20.09 -17.58 -7.70
N ILE E 182 20.65 -18.67 -7.17
CA ILE E 182 21.44 -19.55 -8.00
C ILE E 182 20.84 -20.96 -7.96
N ILE E 183 20.70 -21.58 -9.12
CA ILE E 183 20.15 -22.93 -9.19
C ILE E 183 21.25 -23.97 -9.13
N LEU E 184 21.15 -24.89 -8.18
CA LEU E 184 22.06 -26.04 -8.11
C LEU E 184 21.39 -27.29 -8.63
N VAL E 185 21.93 -27.84 -9.71
CA VAL E 185 21.39 -29.06 -10.31
C VAL E 185 22.33 -30.23 -10.05
N VAL E 186 21.78 -31.33 -9.57
CA VAL E 186 22.56 -32.55 -9.39
C VAL E 186 22.12 -33.62 -10.38
N ASP E 187 23.03 -33.96 -11.30
CA ASP E 187 22.81 -35.07 -12.21
C ASP E 187 22.96 -36.37 -11.42
N ASN E 188 21.83 -36.94 -11.01
CA ASN E 188 21.85 -38.10 -10.13
C ASN E 188 21.71 -39.40 -10.91
N THR E 189 22.29 -39.42 -12.12
CA THR E 189 22.15 -40.57 -13.02
C THR E 189 22.83 -41.82 -12.48
N PHE E 190 24.05 -41.68 -11.97
CA PHE E 190 24.82 -42.81 -11.47
C PHE E 190 24.19 -43.52 -10.28
N MET E 191 23.81 -42.76 -9.27
CA MET E 191 23.27 -43.32 -8.03
C MET E 191 21.83 -43.80 -8.13
N SER E 192 20.93 -42.89 -8.52
CA SER E 192 19.48 -43.06 -8.60
C SER E 192 18.89 -42.64 -7.24
N PRO E 193 17.58 -42.37 -7.18
CA PRO E 193 17.00 -41.91 -5.91
C PRO E 193 16.94 -42.99 -4.84
N TYR E 194 17.22 -44.24 -5.19
CA TYR E 194 17.26 -45.30 -4.20
C TYR E 194 18.49 -45.18 -3.31
N PHE E 195 19.56 -44.60 -3.87
CA PHE E 195 20.81 -44.49 -3.15
C PHE E 195 21.15 -43.06 -2.77
N GLN E 196 20.57 -42.08 -3.46
CA GLN E 196 20.87 -40.69 -3.19
C GLN E 196 19.72 -39.74 -3.51
N ARG E 197 19.40 -38.87 -2.56
CA ARG E 197 18.35 -37.88 -2.73
C ARG E 197 18.90 -36.45 -2.63
N PRO E 198 19.38 -35.91 -3.76
CA PRO E 198 19.95 -34.56 -3.85
C PRO E 198 19.05 -33.46 -3.27
N LEU E 199 17.74 -33.57 -3.46
CA LEU E 199 16.81 -32.55 -2.96
C LEU E 199 16.78 -32.48 -1.44
N ALA E 200 16.93 -33.64 -0.80
CA ALA E 200 16.95 -33.70 0.66
C ALA E 200 18.28 -33.18 1.19
N LEU E 201 19.25 -33.01 0.29
CA LEU E 201 20.58 -32.56 0.66
C LEU E 201 20.82 -31.10 0.28
N GLY E 202 19.78 -30.44 -0.23
CA GLY E 202 19.86 -29.02 -0.49
C GLY E 202 19.89 -28.59 -1.94
N ALA E 203 19.95 -29.56 -2.86
CA ALA E 203 19.93 -29.24 -4.28
C ALA E 203 18.55 -28.70 -4.69
N ASP E 204 18.52 -27.89 -5.74
CA ASP E 204 17.27 -27.33 -6.23
C ASP E 204 16.61 -28.23 -7.28
N ILE E 205 17.44 -28.91 -8.06
CA ILE E 205 16.94 -29.81 -9.10
C ILE E 205 17.66 -31.15 -9.07
N SER E 206 16.88 -32.23 -9.04
CA SER E 206 17.43 -33.57 -9.18
C SER E 206 17.14 -34.10 -10.57
N MET E 207 18.19 -34.23 -11.36
CA MET E 207 18.07 -34.58 -12.78
C MET E 207 18.60 -35.99 -13.06
N TYR E 208 17.92 -36.69 -13.96
CA TYR E 208 18.33 -38.03 -14.34
C TYR E 208 18.40 -38.22 -15.84
N SER E 209 19.33 -39.03 -16.29
CA SER E 209 19.18 -39.70 -17.56
C SER E 209 18.55 -41.04 -17.25
N ALA E 210 17.24 -41.13 -17.47
CA ALA E 210 16.49 -42.33 -17.10
C ALA E 210 16.90 -43.49 -17.99
N THR E 211 17.64 -43.17 -19.05
CA THR E 211 18.19 -44.14 -19.98
C THR E 211 19.06 -45.16 -19.27
N1 5OW E 212 24.15 -37.73 -17.89
C2 5OW E 212 24.93 -38.71 -17.40
C3 5OW E 212 25.17 -39.86 -18.13
C7 5OW E 212 27.56 -42.96 -21.51
O8 5OW E 212 27.84 -44.15 -21.77
CA 5OW E 212 20.61 -45.58 -17.41
CB 5OW E 212 21.66 -44.63 -16.86
CD 5OW E 212 22.55 -43.94 -19.18
CE 5OW E 212 22.87 -42.46 -19.22
CG 5OW E 212 22.85 -44.51 -17.80
O9 5OW E 212 28.39 -42.16 -21.03
C1 5OW E 212 26.17 -42.47 -21.78
C10 5OW E 212 26.01 -42.03 -23.23
S11 5OW E 212 27.27 -42.73 -24.33
N4 5OW E 212 25.87 -41.29 -21.00
C4' 5OW E 212 24.83 -41.24 -20.17
C4 5OW E 212 24.59 -40.00 -19.37
C5 5OW E 212 23.78 -38.99 -19.86
C5' 5OW E 212 23.15 -39.16 -21.22
OP4 5OW E 212 21.80 -38.71 -21.25
P 5OW E 212 20.87 -39.31 -22.43
OP3 5OW E 212 20.55 -38.11 -23.30
OP2 5OW E 212 21.78 -40.31 -23.10
OP1 5OW E 212 19.70 -39.90 -21.71
C6 5OW E 212 23.57 -37.85 -19.09
C2' 5OW E 212 25.58 -38.55 -16.04
O3 5OW E 212 25.97 -40.84 -17.63
NZ 5OW E 212 24.04 -42.31 -20.06
N 5OW E 212 19.62 -44.76 -18.13
C 5OW E 212 19.96 -46.43 -16.34
O 5OW E 212 19.30 -47.42 -16.70
N TYR E 213 20.13 -46.09 -15.08
CA TYR E 213 19.66 -46.94 -13.98
C TYR E 213 18.16 -46.90 -13.73
N MET E 214 17.56 -45.74 -13.93
CA MET E 214 16.14 -45.53 -13.64
C MET E 214 15.26 -46.56 -14.37
N ASN E 215 15.37 -46.59 -15.70
CA ASN E 215 14.70 -47.62 -16.48
C ASN E 215 15.39 -48.98 -16.32
N GLY E 216 16.70 -49.00 -16.48
CA GLY E 216 17.50 -50.17 -16.18
C GLY E 216 17.41 -51.36 -17.13
N HIS E 217 16.71 -51.19 -18.24
CA HIS E 217 16.51 -52.32 -19.15
C HIS E 217 17.03 -52.06 -20.55
N SER E 218 17.83 -51.00 -20.69
CA SER E 218 18.54 -50.69 -21.93
C SER E 218 17.64 -50.57 -23.15
N ASP E 219 16.41 -50.09 -22.97
CA ASP E 219 15.48 -50.00 -24.09
C ASP E 219 14.70 -48.69 -24.12
N VAL E 220 15.07 -47.75 -23.27
CA VAL E 220 14.38 -46.46 -23.21
C VAL E 220 15.36 -45.31 -23.05
N VAL E 221 15.28 -44.33 -23.95
CA VAL E 221 16.02 -43.08 -23.80
C VAL E 221 15.08 -42.02 -23.23
N MET E 222 15.46 -41.46 -22.09
CA MET E 222 14.58 -40.54 -21.37
C MET E 222 15.32 -39.70 -20.34
N GLY E 223 14.82 -38.49 -20.10
CA GLY E 223 15.33 -37.66 -19.03
C GLY E 223 14.26 -37.36 -18.01
N LEU E 224 14.69 -37.13 -16.77
CA LEU E 224 13.77 -36.84 -15.68
C LEU E 224 14.30 -35.67 -14.85
N VAL E 225 13.39 -34.81 -14.41
CA VAL E 225 13.75 -33.65 -13.61
C VAL E 225 12.81 -33.49 -12.42
N SER E 226 13.34 -33.66 -11.21
CA SER E 226 12.53 -33.50 -10.00
C SER E 226 12.90 -32.21 -9.27
N VAL E 227 11.89 -31.55 -8.72
CA VAL E 227 12.07 -30.23 -8.13
C VAL E 227 11.02 -29.99 -7.03
N ASN E 228 11.33 -29.11 -6.09
CA ASN E 228 10.42 -28.77 -5.01
C ASN E 228 9.89 -27.34 -5.16
N CYS E 229 10.78 -26.43 -5.56
CA CYS E 229 10.43 -25.01 -5.66
C CYS E 229 9.26 -24.80 -6.60
N GLU E 230 8.27 -24.05 -6.13
CA GLU E 230 7.02 -23.85 -6.85
C GLU E 230 7.25 -23.06 -8.14
N SER E 231 7.99 -21.96 -8.04
CA SER E 231 8.26 -21.10 -9.19
C SER E 231 9.18 -21.76 -10.20
N LEU E 232 10.13 -22.55 -9.71
CA LEU E 232 11.07 -23.25 -10.57
C LEU E 232 10.34 -24.30 -11.39
N HIS E 233 9.35 -24.94 -10.76
CA HIS E 233 8.53 -25.93 -11.43
C HIS E 233 7.69 -25.31 -12.55
N ASN E 234 7.08 -24.16 -12.27
CA ASN E 234 6.24 -23.48 -13.24
C ASN E 234 7.00 -23.08 -14.49
N ARG E 235 8.24 -22.64 -14.30
CA ARG E 235 9.10 -22.27 -15.40
C ARG E 235 9.53 -23.52 -16.18
N LEU E 236 9.77 -24.60 -15.45
CA LEU E 236 10.12 -25.87 -16.07
C LEU E 236 8.94 -26.50 -16.80
N ARG E 237 7.75 -26.41 -16.19
CA ARG E 237 6.54 -26.96 -16.80
C ARG E 237 6.19 -26.22 -18.08
N PHE E 238 6.44 -24.92 -18.08
CA PHE E 238 6.22 -24.10 -19.26
C PHE E 238 7.15 -24.52 -20.39
N LEU E 239 8.42 -24.75 -20.05
CA LEU E 239 9.43 -25.09 -21.05
C LEU E 239 9.27 -26.51 -21.61
N GLN E 240 8.77 -27.42 -20.78
CA GLN E 240 8.54 -28.79 -21.23
C GLN E 240 7.55 -28.79 -22.39
N ASN E 241 6.54 -27.95 -22.29
CA ASN E 241 5.49 -27.86 -23.29
C ASN E 241 5.88 -26.94 -24.45
N SER E 242 6.74 -25.97 -24.18
CA SER E 242 7.12 -24.95 -25.16
C SER E 242 8.24 -25.43 -26.08
N LEU E 243 9.16 -26.21 -25.53
CA LEU E 243 10.28 -26.73 -26.30
C LEU E 243 9.91 -28.05 -26.95
N GLY E 244 9.02 -28.79 -26.31
CA GLY E 244 8.44 -29.99 -26.90
C GLY E 244 9.36 -31.20 -26.94
N ALA E 245 10.39 -31.21 -26.10
CA ALA E 245 11.27 -32.36 -26.00
C ALA E 245 10.65 -33.41 -25.07
N VAL E 246 9.46 -33.88 -25.45
CA VAL E 246 8.70 -34.78 -24.60
C VAL E 246 8.95 -36.25 -24.95
N PRO E 247 8.80 -37.14 -23.96
CA PRO E 247 8.99 -38.57 -24.20
C PRO E 247 7.74 -39.23 -24.76
N SER E 248 7.91 -40.35 -25.45
CA SER E 248 6.77 -41.13 -25.89
C SER E 248 6.07 -41.74 -24.69
N PRO E 249 4.73 -41.78 -24.73
CA PRO E 249 3.92 -42.43 -23.70
C PRO E 249 4.30 -43.90 -23.49
N ILE E 250 4.71 -44.57 -24.55
CA ILE E 250 5.13 -45.97 -24.45
C ILE E 250 6.44 -46.09 -23.69
N ASP E 251 7.37 -45.17 -23.95
CA ASP E 251 8.62 -45.11 -23.21
C ASP E 251 8.35 -44.77 -21.75
N CYS E 252 7.38 -43.88 -21.53
CA CYS E 252 6.96 -43.52 -20.17
C CYS E 252 6.46 -44.76 -19.45
N TYR E 253 5.65 -45.57 -20.15
CA TYR E 253 5.14 -46.80 -19.57
C TYR E 253 6.29 -47.76 -19.27
N LEU E 254 7.21 -47.90 -20.23
CA LEU E 254 8.34 -48.81 -20.10
C LEU E 254 9.27 -48.41 -18.97
N CYS E 255 9.51 -47.11 -18.83
CA CYS E 255 10.37 -46.62 -17.76
C CYS E 255 9.74 -46.87 -16.40
N ASN E 256 8.43 -46.65 -16.31
CA ASN E 256 7.69 -46.87 -15.07
C ASN E 256 7.65 -48.35 -14.72
N ARG E 257 7.60 -49.20 -15.74
CA ARG E 257 7.65 -50.64 -15.56
C ARG E 257 8.99 -51.04 -14.95
N GLY E 258 10.06 -50.43 -15.46
CA GLY E 258 11.40 -50.67 -14.94
C GLY E 258 11.56 -50.16 -13.52
N LEU E 259 10.90 -49.04 -13.23
CA LEU E 259 10.95 -48.41 -11.92
C LEU E 259 10.45 -49.34 -10.82
N LYS E 260 9.51 -50.22 -11.19
CA LYS E 260 8.90 -51.17 -10.25
C LYS E 260 9.92 -52.10 -9.60
N THR E 261 11.06 -52.28 -10.26
CA THR E 261 12.09 -53.17 -9.75
C THR E 261 13.39 -52.43 -9.44
N LEU E 262 13.31 -51.11 -9.35
CA LEU E 262 14.51 -50.30 -9.11
C LEU E 262 15.20 -50.69 -7.80
N HIS E 263 14.42 -50.93 -6.75
CA HIS E 263 15.01 -51.22 -5.45
C HIS E 263 15.76 -52.55 -5.42
N VAL E 264 15.17 -53.59 -6.01
CA VAL E 264 15.82 -54.90 -6.03
C VAL E 264 16.95 -54.97 -7.05
N ARG E 265 16.88 -54.13 -8.08
CA ARG E 265 17.94 -54.05 -9.06
C ARG E 265 19.18 -53.38 -8.47
N MET E 266 18.98 -52.22 -7.84
CA MET E 266 20.08 -51.46 -7.26
C MET E 266 20.82 -52.21 -6.15
N GLU E 267 20.09 -53.04 -5.39
CA GLU E 267 20.71 -53.82 -4.33
C GLU E 267 21.68 -54.84 -4.89
N LYS E 268 21.32 -55.43 -6.02
CA LYS E 268 22.14 -56.45 -6.65
C LYS E 268 23.31 -55.79 -7.37
N HIS E 269 23.08 -54.61 -7.93
CA HIS E 269 24.13 -53.79 -8.50
C HIS E 269 25.17 -53.47 -7.43
N PHE E 270 24.69 -53.23 -6.23
CA PHE E 270 25.56 -52.93 -5.10
C PHE E 270 26.44 -54.15 -4.77
N LYS E 271 25.82 -55.32 -4.59
CA LYS E 271 26.57 -56.51 -4.22
C LYS E 271 27.56 -56.93 -5.31
N ASN E 272 27.11 -56.88 -6.56
CA ASN E 272 27.96 -57.24 -7.68
C ASN E 272 29.05 -56.20 -7.90
N GLY E 273 28.69 -54.93 -7.78
CA GLY E 273 29.64 -53.85 -7.95
C GLY E 273 30.72 -53.95 -6.89
N MET E 274 30.30 -54.23 -5.66
CA MET E 274 31.23 -54.39 -4.56
C MET E 274 32.17 -55.57 -4.78
N ALA E 275 31.61 -56.70 -5.20
CA ALA E 275 32.39 -57.91 -5.45
C ALA E 275 33.40 -57.73 -6.58
N VAL E 276 32.96 -57.08 -7.66
CA VAL E 276 33.84 -56.80 -8.80
C VAL E 276 34.97 -55.87 -8.38
N ALA E 277 34.61 -54.82 -7.63
CA ALA E 277 35.60 -53.85 -7.16
C ALA E 277 36.64 -54.49 -6.24
N GLN E 278 36.19 -55.35 -5.34
CA GLN E 278 37.10 -56.02 -4.41
C GLN E 278 38.04 -56.98 -5.13
N PHE E 279 37.51 -57.67 -6.13
CA PHE E 279 38.30 -58.59 -6.94
C PHE E 279 39.39 -57.83 -7.70
N LEU E 280 39.01 -56.72 -8.31
CA LEU E 280 39.93 -55.94 -9.13
C LEU E 280 41.07 -55.32 -8.31
N GLU E 281 40.78 -54.88 -7.10
CA GLU E 281 41.77 -54.17 -6.30
C GLU E 281 42.87 -55.09 -5.78
N SER E 282 42.52 -56.34 -5.50
CA SER E 282 43.50 -57.31 -5.01
C SER E 282 44.12 -58.08 -6.18
N ASN E 283 43.79 -57.67 -7.40
CA ASN E 283 44.32 -58.32 -8.59
C ASN E 283 45.64 -57.68 -8.98
N PRO E 284 46.66 -58.51 -9.22
CA PRO E 284 48.02 -58.02 -9.50
C PRO E 284 48.16 -57.28 -10.82
N TRP E 285 47.12 -57.32 -11.66
CA TRP E 285 47.21 -56.69 -12.97
C TRP E 285 46.38 -55.42 -13.06
N VAL E 286 45.90 -54.96 -11.91
CA VAL E 286 45.14 -53.72 -11.85
C VAL E 286 45.93 -52.70 -11.03
N GLU E 287 46.08 -51.50 -11.58
CA GLU E 287 46.89 -50.47 -10.93
C GLU E 287 46.14 -49.79 -9.79
N LYS E 288 44.85 -49.54 -10.02
CA LYS E 288 44.05 -48.77 -9.09
C LYS E 288 42.57 -48.98 -9.38
N VAL E 289 41.77 -49.09 -8.33
CA VAL E 289 40.33 -49.24 -8.50
C VAL E 289 39.60 -48.06 -7.87
N ILE E 290 38.64 -47.51 -8.60
CA ILE E 290 37.83 -46.43 -8.07
C ILE E 290 36.38 -46.88 -7.92
N TYR E 291 35.98 -47.12 -6.68
CA TYR E 291 34.61 -47.53 -6.38
C TYR E 291 34.24 -47.03 -4.98
N PRO E 292 33.20 -46.18 -4.90
CA PRO E 292 32.74 -45.54 -3.67
C PRO E 292 32.49 -46.49 -2.49
N GLY E 293 32.20 -47.75 -2.79
CA GLY E 293 31.94 -48.72 -1.74
C GLY E 293 33.22 -49.24 -1.10
N LEU E 294 34.35 -49.00 -1.77
CA LEU E 294 35.65 -49.41 -1.26
C LEU E 294 36.23 -48.35 -0.32
N PRO E 295 36.83 -48.79 0.80
CA PRO E 295 37.49 -47.87 1.74
C PRO E 295 38.64 -47.10 1.11
N SER E 296 39.19 -47.63 0.01
CA SER E 296 40.30 -47.00 -0.68
C SER E 296 39.89 -45.75 -1.44
N HIS E 297 38.59 -45.59 -1.65
CA HIS E 297 38.06 -44.39 -2.33
C HIS E 297 38.18 -43.18 -1.41
N PRO E 298 38.80 -42.09 -1.91
CA PRO E 298 39.04 -40.86 -1.15
C PRO E 298 37.81 -40.29 -0.46
N GLN E 299 36.64 -40.45 -1.04
CA GLN E 299 35.41 -39.91 -0.44
C GLN E 299 34.47 -41.02 0.02
N HIS E 300 35.04 -42.15 0.41
CA HIS E 300 34.25 -43.29 0.88
C HIS E 300 33.33 -42.97 2.06
N GLU E 301 33.82 -42.17 3.00
CA GLU E 301 33.04 -41.86 4.19
C GLU E 301 32.00 -40.79 3.91
N LEU E 302 32.27 -39.93 2.93
CA LEU E 302 31.31 -38.94 2.49
C LEU E 302 30.11 -39.65 1.87
N VAL E 303 30.40 -40.67 1.06
CA VAL E 303 29.36 -41.49 0.45
C VAL E 303 28.42 -42.09 1.49
N LYS E 304 28.98 -42.69 2.54
CA LYS E 304 28.16 -43.29 3.59
C LYS E 304 27.29 -42.28 4.31
N ARG E 305 27.73 -41.02 4.32
CA ARG E 305 26.99 -39.95 4.96
C ARG E 305 25.93 -39.38 4.03
N GLN E 306 26.18 -39.48 2.73
CA GLN E 306 25.35 -38.85 1.73
C GLN E 306 24.50 -39.84 0.90
N CYS E 307 24.81 -41.13 1.03
CA CYS E 307 24.12 -42.16 0.26
C CYS E 307 23.71 -43.36 1.11
N THR E 308 22.75 -44.14 0.60
CA THR E 308 22.29 -45.33 1.31
C THR E 308 22.97 -46.61 0.78
N GLY E 309 23.86 -46.44 -0.18
CA GLY E 309 24.56 -47.57 -0.78
C GLY E 309 25.31 -47.17 -2.04
N CYS E 310 25.78 -48.15 -2.79
CA CYS E 310 26.51 -47.84 -4.02
C CYS E 310 25.99 -48.64 -5.21
N THR E 311 26.35 -48.21 -6.41
CA THR E 311 25.83 -48.81 -7.63
C THR E 311 26.83 -49.79 -8.25
N GLY E 312 26.64 -50.11 -9.53
CA GLY E 312 27.50 -51.07 -10.19
C GLY E 312 28.55 -50.44 -11.07
N MET E 313 28.75 -49.14 -10.93
CA MET E 313 29.77 -48.46 -11.72
C MET E 313 31.14 -48.60 -11.08
N VAL E 314 31.98 -49.41 -11.68
CA VAL E 314 33.33 -49.64 -11.17
C VAL E 314 34.37 -49.18 -12.18
N THR E 315 35.16 -48.20 -11.80
CA THR E 315 36.21 -47.65 -12.64
C THR E 315 37.57 -48.15 -12.16
N PHE E 316 38.46 -48.49 -13.08
CA PHE E 316 39.80 -48.92 -12.69
C PHE E 316 40.86 -48.68 -13.77
N TYR E 317 42.11 -48.60 -13.33
CA TYR E 317 43.24 -48.49 -14.25
C TYR E 317 43.91 -49.84 -14.39
N ILE E 318 44.08 -50.28 -15.63
CA ILE E 318 44.80 -51.52 -15.90
C ILE E 318 46.28 -51.22 -16.01
N LYS E 319 47.12 -52.17 -15.61
CA LYS E 319 48.56 -51.99 -15.73
C LYS E 319 48.96 -52.08 -17.21
N GLY E 320 49.95 -51.29 -17.59
CA GLY E 320 50.45 -51.31 -18.95
C GLY E 320 50.01 -50.11 -19.77
N THR E 321 49.75 -50.34 -21.05
CA THR E 321 49.39 -49.28 -21.99
C THR E 321 48.01 -49.49 -22.61
N LEU E 322 47.70 -48.65 -23.60
CA LEU E 322 46.45 -48.73 -24.36
C LEU E 322 46.28 -50.14 -24.91
N GLN E 323 47.41 -50.79 -25.15
CA GLN E 323 47.45 -52.15 -25.69
C GLN E 323 46.80 -53.16 -24.78
N HIS E 324 47.06 -53.02 -23.49
CA HIS E 324 46.55 -53.95 -22.50
C HIS E 324 45.06 -53.76 -22.26
N ALA E 325 44.63 -52.51 -22.28
CA ALA E 325 43.22 -52.18 -22.12
C ALA E 325 42.40 -52.76 -23.27
N GLU E 326 42.97 -52.74 -24.47
CA GLU E 326 42.27 -53.26 -25.64
C GLU E 326 42.15 -54.78 -25.59
N ILE E 327 43.23 -55.45 -25.24
CA ILE E 327 43.24 -56.91 -25.13
C ILE E 327 42.27 -57.38 -24.06
N PHE E 328 42.23 -56.67 -22.93
CA PHE E 328 41.33 -56.99 -21.85
C PHE E 328 39.87 -56.88 -22.28
N LEU E 329 39.53 -55.74 -22.86
CA LEU E 329 38.15 -55.44 -23.24
C LEU E 329 37.61 -56.40 -24.31
N LYS E 330 38.50 -56.82 -25.21
CA LYS E 330 38.08 -57.64 -26.34
C LYS E 330 38.04 -59.13 -26.01
N ASN E 331 38.53 -59.49 -24.83
CA ASN E 331 38.53 -60.89 -24.41
C ASN E 331 37.40 -61.20 -23.44
N LEU E 332 36.67 -60.16 -23.03
CA LEU E 332 35.51 -60.32 -22.16
C LEU E 332 34.40 -61.08 -22.88
N LYS E 333 33.72 -61.96 -22.15
CA LYS E 333 32.69 -62.81 -22.73
C LYS E 333 31.29 -62.53 -22.17
N LEU E 334 31.22 -62.00 -20.96
CA LEU E 334 29.95 -61.63 -20.33
C LEU E 334 29.73 -60.13 -20.43
N PHE E 335 30.74 -59.37 -20.02
CA PHE E 335 30.75 -57.93 -20.22
C PHE E 335 30.73 -57.63 -21.70
N THR E 336 29.87 -56.72 -22.12
CA THR E 336 29.80 -56.34 -23.52
C THR E 336 30.54 -55.03 -23.75
N LEU E 337 31.41 -55.01 -24.75
CA LEU E 337 32.12 -53.79 -25.11
C LEU E 337 31.14 -52.82 -25.75
N ALA E 338 30.62 -51.90 -24.95
CA ALA E 338 29.63 -50.93 -25.44
C ALA E 338 29.53 -49.71 -24.53
N VAL E 339 28.89 -48.67 -25.03
CA VAL E 339 28.65 -47.46 -24.25
C VAL E 339 27.34 -47.59 -23.48
N SER E 340 26.99 -46.55 -22.74
CA SER E 340 25.85 -46.50 -21.82
C SER E 340 26.14 -47.35 -20.58
N LEU E 341 25.18 -47.36 -19.65
CA LEU E 341 25.37 -48.04 -18.37
C LEU E 341 24.04 -48.19 -17.65
N GLY E 342 24.05 -48.89 -16.52
CA GLY E 342 22.88 -48.97 -15.67
C GLY E 342 21.83 -50.00 -16.08
N GLY E 343 22.18 -50.84 -17.05
CA GLY E 343 21.27 -51.88 -17.51
C GLY E 343 21.44 -53.16 -16.74
N PHE E 344 20.58 -54.14 -17.00
CA PHE E 344 20.67 -55.44 -16.33
C PHE E 344 21.90 -56.24 -16.78
N GLU E 345 22.45 -55.87 -17.92
CA GLU E 345 23.61 -56.57 -18.47
C GLU E 345 24.90 -55.82 -18.14
N SER E 346 25.99 -56.56 -17.97
CA SER E 346 27.28 -55.95 -17.67
C SER E 346 27.91 -55.35 -18.92
N LEU E 347 28.38 -54.11 -18.81
CA LEU E 347 29.02 -53.42 -19.93
C LEU E 347 30.43 -52.97 -19.54
N ALA E 348 31.31 -52.91 -20.54
CA ALA E 348 32.68 -52.47 -20.35
C ALA E 348 33.05 -51.46 -21.42
N GLU E 349 33.91 -50.50 -21.10
CA GLU E 349 34.15 -49.39 -22.02
C GLU E 349 35.46 -48.65 -21.69
N LEU E 350 36.06 -48.06 -22.72
CA LEU E 350 37.28 -47.25 -22.54
C LEU E 350 36.99 -45.79 -22.88
N PRO E 351 36.65 -44.98 -21.86
CA PRO E 351 36.17 -43.60 -21.99
C PRO E 351 37.02 -42.66 -22.85
N ALA E 352 38.34 -42.83 -22.82
CA ALA E 352 39.23 -41.94 -23.58
C ALA E 352 38.93 -41.99 -25.08
N ILE E 353 38.58 -43.17 -25.56
CA ILE E 353 38.33 -43.37 -26.98
C ILE E 353 36.82 -43.42 -27.30
N MET E 354 35.99 -43.67 -26.30
CA MET E 354 34.57 -43.92 -26.56
C MET E 354 33.66 -42.82 -25.99
N THR E 355 33.16 -42.99 -24.77
CA THR E 355 32.15 -42.06 -24.24
C THR E 355 32.64 -40.63 -24.02
N HIS E 356 33.95 -40.46 -23.85
CA HIS E 356 34.50 -39.13 -23.57
C HIS E 356 35.49 -38.65 -24.61
N ALA E 357 35.26 -39.06 -25.85
CA ALA E 357 36.02 -38.51 -26.97
C ALA E 357 35.54 -37.10 -27.28
N SER E 358 34.39 -36.73 -26.70
CA SER E 358 33.81 -35.41 -26.89
C SER E 358 34.35 -34.40 -25.87
N VAL E 359 35.32 -34.84 -25.08
CA VAL E 359 36.03 -33.95 -24.17
C VAL E 359 37.44 -33.76 -24.71
N LEU E 360 37.90 -32.51 -24.72
CA LEU E 360 39.21 -32.17 -25.27
C LEU E 360 40.30 -33.03 -24.65
N LYS E 361 41.28 -33.42 -25.47
CA LYS E 361 42.31 -34.36 -25.04
C LYS E 361 43.09 -33.76 -23.88
N ASN E 362 43.19 -32.43 -23.87
CA ASN E 362 43.94 -31.70 -22.87
C ASN E 362 43.15 -31.66 -21.55
N ASP E 363 41.83 -31.74 -21.66
CA ASP E 363 40.99 -31.84 -20.47
C ASP E 363 40.94 -33.26 -19.90
N ARG E 364 41.12 -34.28 -20.76
CA ARG E 364 41.10 -35.64 -20.26
C ARG E 364 42.36 -35.99 -19.47
N ASP E 365 43.50 -35.44 -19.86
CA ASP E 365 44.76 -35.74 -19.19
C ASP E 365 44.77 -35.16 -17.78
N VAL E 366 44.14 -34.00 -17.62
CA VAL E 366 44.01 -33.34 -16.34
C VAL E 366 43.06 -34.10 -15.41
N LEU E 367 42.01 -34.66 -15.97
CA LEU E 367 41.01 -35.38 -15.17
C LEU E 367 41.47 -36.78 -14.80
N GLY E 368 42.40 -37.33 -15.56
CA GLY E 368 42.94 -38.64 -15.26
C GLY E 368 42.39 -39.73 -16.17
N ILE E 369 41.67 -39.31 -17.20
CA ILE E 369 41.09 -40.25 -18.16
C ILE E 369 42.12 -40.66 -19.21
N SER E 370 43.03 -41.54 -18.80
CA SER E 370 44.11 -42.02 -19.66
C SER E 370 43.70 -43.15 -20.60
N ASP E 371 44.68 -43.69 -21.32
CA ASP E 371 44.45 -44.81 -22.23
C ASP E 371 44.28 -46.13 -21.49
N THR E 372 44.48 -46.10 -20.18
CA THR E 372 44.41 -47.31 -19.36
C THR E 372 43.23 -47.28 -18.41
N LEU E 373 42.42 -46.23 -18.52
CA LEU E 373 41.23 -46.11 -17.69
C LEU E 373 40.07 -46.89 -18.30
N ILE E 374 39.50 -47.82 -17.53
CA ILE E 374 38.40 -48.65 -17.98
C ILE E 374 37.17 -48.45 -17.10
N ARG E 375 36.01 -48.22 -17.70
CA ARG E 375 34.78 -48.09 -16.92
C ARG E 375 33.92 -49.34 -17.04
N LEU E 376 33.52 -49.91 -15.91
CA LEU E 376 32.64 -51.06 -15.92
C LEU E 376 31.27 -50.70 -15.40
N SER E 377 30.23 -51.17 -16.07
CA SER E 377 28.87 -51.08 -15.56
C SER E 377 28.40 -52.48 -15.18
N VAL E 378 28.57 -52.85 -13.93
CA VAL E 378 28.27 -54.20 -13.49
C VAL E 378 26.78 -54.45 -13.41
N GLY E 379 26.34 -55.50 -14.12
CA GLY E 379 24.93 -55.81 -14.22
C GLY E 379 24.44 -56.80 -13.18
N LEU E 380 23.36 -57.48 -13.49
CA LEU E 380 22.68 -58.34 -12.51
C LEU E 380 22.97 -59.81 -12.74
N GLU E 381 24.02 -60.12 -13.50
CA GLU E 381 24.40 -61.50 -13.73
C GLU E 381 24.95 -62.11 -12.45
N ASP E 382 25.19 -63.41 -12.47
CA ASP E 382 25.73 -64.12 -11.32
C ASP E 382 27.15 -63.67 -10.98
N GLU E 383 27.41 -63.49 -9.70
CA GLU E 383 28.71 -63.01 -9.24
C GLU E 383 29.88 -63.90 -9.67
N GLU E 384 29.80 -65.20 -9.38
CA GLU E 384 30.82 -66.15 -9.83
C GLU E 384 31.22 -65.92 -11.29
N ASP E 385 30.23 -65.83 -12.18
CA ASP E 385 30.48 -65.71 -13.61
C ASP E 385 31.12 -64.39 -14.03
N LEU E 386 30.74 -63.29 -13.37
CA LEU E 386 31.31 -61.98 -13.69
C LEU E 386 32.78 -61.86 -13.32
N LEU E 387 33.14 -62.41 -12.17
CA LEU E 387 34.52 -62.38 -11.70
C LEU E 387 35.42 -63.24 -12.59
N GLU E 388 34.89 -64.39 -12.98
CA GLU E 388 35.60 -65.34 -13.81
C GLU E 388 35.92 -64.71 -15.17
N ASP E 389 34.98 -63.90 -15.67
CA ASP E 389 35.14 -63.20 -16.94
C ASP E 389 36.25 -62.15 -16.85
N LEU E 390 36.27 -61.43 -15.73
CA LEU E 390 37.29 -60.41 -15.48
C LEU E 390 38.66 -61.05 -15.30
N ASP E 391 38.68 -62.16 -14.58
CA ASP E 391 39.91 -62.89 -14.31
C ASP E 391 40.56 -63.37 -15.59
N GLN E 392 39.79 -64.06 -16.41
CA GLN E 392 40.25 -64.59 -17.68
C GLN E 392 40.71 -63.49 -18.63
N ALA E 393 39.99 -62.38 -18.66
CA ALA E 393 40.31 -61.28 -19.56
C ALA E 393 41.58 -60.54 -19.11
N LEU E 394 41.79 -60.46 -17.81
CA LEU E 394 43.00 -59.85 -17.27
C LEU E 394 44.20 -60.75 -17.52
N LYS E 395 43.99 -62.06 -17.43
CA LYS E 395 45.04 -63.03 -17.71
C LYS E 395 45.46 -63.05 -19.18
N ALA E 396 44.55 -62.63 -20.07
CA ALA E 396 44.87 -62.58 -21.49
C ALA E 396 45.79 -61.41 -21.79
N ALA E 397 45.56 -60.29 -21.12
CA ALA E 397 46.39 -59.11 -21.28
C ALA E 397 47.76 -59.33 -20.62
N HIS E 398 47.72 -59.98 -19.46
CA HIS E 398 48.92 -60.28 -18.68
C HIS E 398 49.02 -61.76 -18.33
N PRO E 399 49.56 -62.57 -19.25
CA PRO E 399 49.65 -64.01 -19.02
C PRO E 399 50.66 -64.37 -17.93
N PRO E 400 50.40 -65.48 -17.20
CA PRO E 400 51.26 -66.05 -16.17
C PRO E 400 52.66 -66.37 -16.66
N GLY F 10 -6.12 -28.99 -62.90
CA GLY F 10 -5.17 -27.92 -63.20
C GLY F 10 -4.10 -27.79 -62.14
N PHE F 11 -4.13 -28.68 -61.16
CA PHE F 11 -3.11 -28.71 -60.12
C PHE F 11 -1.79 -29.21 -60.68
N LEU F 12 -0.73 -29.06 -59.89
CA LEU F 12 0.55 -29.67 -60.21
C LEU F 12 0.35 -31.17 -60.31
N PRO F 13 0.98 -31.81 -61.30
CA PRO F 13 0.85 -33.27 -61.43
C PRO F 13 1.39 -33.96 -60.18
N HIS F 14 0.74 -35.07 -59.80
CA HIS F 14 1.13 -35.79 -58.59
C HIS F 14 2.56 -36.28 -58.67
N PHE F 15 3.25 -36.21 -57.55
CA PHE F 15 4.65 -36.65 -57.48
C PHE F 15 4.80 -38.13 -57.78
N GLN F 16 5.76 -38.45 -58.64
CA GLN F 16 5.90 -39.79 -59.20
C GLN F 16 6.54 -40.72 -58.18
N HIS F 17 6.14 -41.99 -58.21
CA HIS F 17 6.66 -43.03 -57.33
C HIS F 17 6.41 -42.78 -55.83
N PHE F 18 5.47 -41.89 -55.50
CA PHE F 18 5.27 -41.51 -54.11
C PHE F 18 4.84 -42.70 -53.26
N ALA F 19 3.82 -43.42 -53.71
CA ALA F 19 3.31 -44.57 -52.97
C ALA F 19 4.34 -45.68 -52.86
N THR F 20 5.05 -45.95 -53.96
CA THR F 20 6.09 -46.97 -53.98
C THR F 20 7.19 -46.69 -52.95
N GLN F 21 7.66 -45.46 -52.93
CA GLN F 21 8.75 -45.07 -52.04
C GLN F 21 8.31 -45.00 -50.59
N ALA F 22 7.11 -44.49 -50.36
CA ALA F 22 6.56 -44.41 -49.00
C ALA F 22 6.45 -45.79 -48.38
N ILE F 23 6.29 -46.80 -49.23
CA ILE F 23 6.13 -48.17 -48.78
C ILE F 23 7.46 -48.95 -48.74
N HIS F 24 8.42 -48.59 -49.59
CA HIS F 24 9.63 -49.41 -49.73
C HIS F 24 10.94 -48.76 -49.28
N VAL F 25 11.05 -47.44 -49.37
CA VAL F 25 12.30 -46.79 -49.01
C VAL F 25 12.58 -46.93 -47.52
N GLY F 26 13.75 -47.49 -47.20
CA GLY F 26 14.16 -47.73 -45.83
C GLY F 26 13.61 -49.02 -45.27
N GLN F 27 12.74 -49.67 -46.03
CA GLN F 27 12.00 -50.83 -45.57
C GLN F 27 12.62 -52.08 -46.15
N ASP F 28 13.80 -51.88 -46.73
CA ASP F 28 14.54 -52.93 -47.43
C ASP F 28 14.87 -54.11 -46.51
N PRO F 29 14.30 -55.28 -46.81
CA PRO F 29 14.47 -56.51 -46.02
C PRO F 29 15.90 -57.03 -45.94
N GLU F 30 16.80 -56.57 -46.80
CA GLU F 30 18.15 -57.10 -46.83
C GLU F 30 18.98 -56.49 -45.71
N GLN F 31 18.34 -55.60 -44.95
CA GLN F 31 18.96 -54.96 -43.80
C GLN F 31 19.04 -55.87 -42.58
N TRP F 32 18.15 -56.86 -42.51
CA TRP F 32 18.02 -57.69 -41.31
C TRP F 32 18.37 -59.14 -41.61
N THR F 33 18.99 -59.81 -40.64
CA THR F 33 19.39 -61.20 -40.81
C THR F 33 18.19 -62.12 -41.02
N SER F 34 17.03 -61.68 -40.54
CA SER F 34 15.81 -62.46 -40.68
C SER F 34 15.15 -62.22 -42.04
N ARG F 35 15.57 -61.16 -42.71
CA ARG F 35 15.01 -60.73 -43.99
C ARG F 35 13.52 -60.38 -43.84
N ALA F 36 13.18 -59.82 -42.68
CA ALA F 36 11.81 -59.38 -42.41
C ALA F 36 11.33 -58.31 -43.40
N VAL F 37 10.09 -58.45 -43.83
CA VAL F 37 9.48 -57.52 -44.76
C VAL F 37 9.17 -56.18 -44.09
N VAL F 38 8.87 -56.23 -42.79
CA VAL F 38 8.69 -55.02 -42.01
C VAL F 38 9.86 -54.86 -41.03
N PRO F 39 10.50 -53.67 -41.03
CA PRO F 39 11.62 -53.38 -40.14
C PRO F 39 11.27 -53.58 -38.67
N PRO F 40 12.14 -54.27 -37.92
CA PRO F 40 11.94 -54.46 -36.48
C PRO F 40 12.02 -53.15 -35.70
N ILE F 41 11.36 -53.12 -34.54
CA ILE F 41 11.47 -51.98 -33.65
C ILE F 41 12.67 -52.23 -32.73
N SER F 42 13.72 -51.44 -32.90
CA SER F 42 14.94 -51.61 -32.12
C SER F 42 14.97 -50.66 -30.93
N LEU F 43 14.68 -51.20 -29.74
CA LEU F 43 14.63 -50.39 -28.52
C LEU F 43 16.01 -50.18 -27.89
N SER F 44 16.94 -51.08 -28.17
CA SER F 44 18.26 -51.07 -27.54
C SER F 44 18.91 -49.70 -27.53
N THR F 45 19.33 -49.27 -26.35
CA THR F 45 19.95 -47.95 -26.21
C THR F 45 21.38 -47.99 -26.70
N THR F 46 22.01 -49.16 -26.62
CA THR F 46 23.42 -49.28 -26.99
C THR F 46 23.71 -50.51 -27.84
N PHE F 47 24.88 -50.53 -28.45
CA PHE F 47 25.25 -51.54 -29.43
C PHE F 47 26.67 -52.04 -29.21
N LYS F 48 26.88 -53.34 -29.45
CA LYS F 48 28.20 -53.95 -29.27
C LYS F 48 29.23 -53.42 -30.25
N GLN F 49 30.40 -53.06 -29.74
CA GLN F 49 31.51 -52.59 -30.55
C GLN F 49 32.66 -53.57 -30.39
N GLY F 50 33.47 -53.76 -31.42
CA GLY F 50 34.59 -54.67 -31.33
C GLY F 50 35.02 -55.25 -32.65
N HIS F 55 34.98 -52.85 -39.62
CA HIS F 55 33.65 -52.88 -39.03
C HIS F 55 33.12 -51.48 -38.72
N SER F 56 31.82 -51.41 -38.43
CA SER F 56 31.13 -50.16 -38.16
C SER F 56 29.67 -50.40 -37.78
N GLY F 57 28.98 -49.35 -37.36
CA GLY F 57 27.54 -49.41 -37.15
C GLY F 57 27.00 -48.38 -36.17
N PHE F 58 26.18 -48.84 -35.24
CA PHE F 58 25.54 -47.95 -34.30
C PHE F 58 26.30 -47.87 -32.98
N THR F 59 26.21 -46.73 -32.32
CA THR F 59 26.90 -46.51 -31.06
C THR F 59 25.92 -46.32 -29.90
N TYR F 60 24.99 -45.41 -30.08
CA TYR F 60 24.05 -45.02 -29.04
C TYR F 60 22.73 -44.61 -29.66
N SER F 61 21.63 -45.01 -29.05
CA SER F 61 20.30 -44.83 -29.65
C SER F 61 20.03 -43.37 -30.02
N ARG F 62 20.45 -42.45 -29.17
CA ARG F 62 20.18 -41.03 -29.39
C ARG F 62 20.92 -40.52 -30.63
N SER F 63 22.12 -41.05 -30.86
CA SER F 63 22.92 -40.64 -32.02
C SER F 63 22.33 -41.18 -33.31
N GLY F 64 21.82 -42.41 -33.25
CA GLY F 64 21.20 -43.05 -34.38
C GLY F 64 20.76 -44.44 -33.99
N ASN F 65 19.70 -44.93 -34.63
CA ASN F 65 19.21 -46.28 -34.36
C ASN F 65 18.48 -46.81 -35.59
N PRO F 66 18.41 -48.14 -35.75
CA PRO F 66 17.86 -48.75 -36.96
C PRO F 66 16.48 -48.24 -37.35
N THR F 67 15.52 -48.30 -36.43
CA THR F 67 14.14 -47.96 -36.73
C THR F 67 13.95 -46.48 -37.07
N ARG F 68 14.66 -45.61 -36.36
CA ARG F 68 14.58 -44.17 -36.65
C ARG F 68 15.20 -43.84 -38.00
N ASN F 69 16.31 -44.50 -38.31
CA ASN F 69 17.02 -44.26 -39.56
C ASN F 69 16.18 -44.67 -40.77
N CYS F 70 15.47 -45.79 -40.62
CA CYS F 70 14.56 -46.26 -41.66
C CYS F 70 13.47 -45.22 -41.93
N LEU F 71 12.95 -44.63 -40.86
CA LEU F 71 11.92 -43.60 -40.99
C LEU F 71 12.44 -42.34 -41.66
N GLU F 72 13.61 -41.87 -41.20
CA GLU F 72 14.20 -40.65 -41.74
C GLU F 72 14.50 -40.80 -43.22
N LYS F 73 14.94 -41.98 -43.63
CA LYS F 73 15.23 -42.24 -45.04
C LYS F 73 13.96 -42.20 -45.88
N ALA F 74 12.86 -42.69 -45.33
CA ALA F 74 11.58 -42.71 -46.03
C ALA F 74 11.03 -41.30 -46.21
N VAL F 75 11.01 -40.52 -45.13
CA VAL F 75 10.47 -39.17 -45.18
C VAL F 75 11.30 -38.30 -46.13
N ALA F 76 12.62 -38.50 -46.11
CA ALA F 76 13.53 -37.81 -47.00
C ALA F 76 13.14 -38.02 -48.45
N ALA F 77 12.83 -39.26 -48.80
CA ALA F 77 12.42 -39.61 -50.16
C ALA F 77 11.13 -38.90 -50.55
N LEU F 78 10.16 -38.89 -49.63
CA LEU F 78 8.86 -38.30 -49.90
C LEU F 78 8.95 -36.79 -50.09
N ASP F 79 9.94 -36.17 -49.47
CA ASP F 79 10.17 -34.73 -49.63
C ASP F 79 10.99 -34.42 -50.87
N GLY F 80 11.53 -35.47 -51.50
CA GLY F 80 12.48 -35.27 -52.57
C GLY F 80 13.77 -34.71 -51.99
N ALA F 81 14.05 -35.12 -50.76
CA ALA F 81 15.20 -34.61 -50.03
C ALA F 81 16.34 -35.62 -50.02
N LYS F 82 17.52 -35.17 -49.60
CA LYS F 82 18.67 -36.02 -49.49
C LYS F 82 18.75 -36.55 -48.07
N TYR F 83 18.29 -35.74 -47.12
CA TYR F 83 18.39 -36.07 -45.71
C TYR F 83 17.11 -35.77 -44.94
N CYS F 84 16.95 -36.43 -43.80
CA CYS F 84 15.84 -36.13 -42.90
C CYS F 84 16.20 -36.46 -41.46
N LEU F 85 15.66 -35.67 -40.54
CA LEU F 85 15.92 -35.86 -39.11
C LEU F 85 14.61 -35.90 -38.33
N ALA F 86 14.45 -36.92 -37.50
CA ALA F 86 13.23 -37.04 -36.70
C ALA F 86 13.44 -36.48 -35.30
N PHE F 87 12.39 -35.92 -34.73
CA PHE F 87 12.48 -35.29 -33.41
C PHE F 87 11.29 -35.64 -32.53
N ALA F 88 11.40 -35.33 -31.25
CA ALA F 88 10.37 -35.69 -30.27
C ALA F 88 9.02 -35.05 -30.58
N SER F 89 9.04 -33.91 -31.27
CA SER F 89 7.81 -33.21 -31.63
C SER F 89 8.11 -32.16 -32.68
N GLY F 90 7.05 -31.57 -33.25
CA GLY F 90 7.20 -30.49 -34.20
C GLY F 90 7.93 -29.30 -33.58
N LEU F 91 7.53 -28.95 -32.36
CA LEU F 91 8.18 -27.86 -31.62
C LEU F 91 9.65 -28.16 -31.35
N ALA F 92 9.95 -29.42 -31.05
CA ALA F 92 11.33 -29.83 -30.79
C ALA F 92 12.20 -29.62 -32.03
N ALA F 93 11.62 -29.90 -33.19
CA ALA F 93 12.28 -29.69 -34.46
C ALA F 93 12.53 -28.20 -34.68
N THR F 94 11.54 -27.39 -34.33
CA THR F 94 11.65 -25.94 -34.46
C THR F 94 12.79 -25.41 -33.60
N VAL F 95 12.82 -25.85 -32.35
CA VAL F 95 13.85 -25.42 -31.41
C VAL F 95 15.24 -25.86 -31.88
N THR F 96 15.35 -27.07 -32.40
CA THR F 96 16.63 -27.58 -32.90
C THR F 96 17.13 -26.76 -34.09
N ILE F 97 16.22 -26.47 -35.01
CA ILE F 97 16.55 -25.64 -36.16
C ILE F 97 17.04 -24.27 -35.71
N THR F 98 16.37 -23.71 -34.70
CA THR F 98 16.71 -22.40 -34.19
C THR F 98 18.12 -22.38 -33.56
N HIS F 99 18.56 -23.51 -33.04
CA HIS F 99 19.88 -23.62 -32.44
C HIS F 99 21.02 -23.56 -33.44
N LEU F 100 20.69 -23.46 -34.72
CA LEU F 100 21.70 -23.32 -35.77
C LEU F 100 22.35 -21.94 -35.70
N LEU F 101 21.63 -21.00 -35.09
CA LEU F 101 22.05 -19.60 -35.11
C LEU F 101 22.93 -19.28 -33.90
N LYS F 102 23.42 -18.05 -33.84
CA LYS F 102 24.13 -17.57 -32.65
C LYS F 102 23.45 -16.30 -32.12
N ALA F 103 23.81 -15.89 -30.90
CA ALA F 103 23.35 -14.61 -30.38
C ALA F 103 23.78 -13.47 -31.30
N GLY F 104 22.81 -12.67 -31.70
CA GLY F 104 23.06 -11.56 -32.60
C GLY F 104 22.37 -11.72 -33.94
N ASP F 105 21.93 -12.93 -34.25
CA ASP F 105 21.24 -13.20 -35.51
C ASP F 105 19.80 -12.72 -35.42
N GLN F 106 19.12 -12.63 -36.57
CA GLN F 106 17.74 -12.20 -36.58
C GLN F 106 16.86 -13.23 -37.26
N ILE F 107 15.65 -13.40 -36.75
CA ILE F 107 14.70 -14.33 -37.33
C ILE F 107 13.47 -13.59 -37.84
N ILE F 108 13.13 -13.83 -39.10
CA ILE F 108 11.87 -13.34 -39.64
C ILE F 108 10.86 -14.49 -39.62
N CYS F 109 9.75 -14.29 -38.93
CA CYS F 109 8.75 -15.32 -38.82
C CYS F 109 7.43 -14.85 -39.42
N MET F 110 6.72 -15.76 -40.06
CA MET F 110 5.40 -15.46 -40.61
C MET F 110 4.50 -14.93 -39.50
N ASP F 111 3.66 -13.95 -39.82
CA ASP F 111 2.86 -13.29 -38.79
C ASP F 111 1.74 -14.20 -38.30
N ASP F 112 1.22 -15.03 -39.19
CA ASP F 112 0.23 -16.03 -38.82
C ASP F 112 0.82 -17.43 -38.83
N VAL F 113 1.27 -17.89 -37.67
CA VAL F 113 1.83 -19.23 -37.54
C VAL F 113 1.10 -19.98 -36.43
N TYR F 114 1.40 -21.26 -36.29
CA TYR F 114 0.85 -22.03 -35.19
C TYR F 114 1.25 -21.37 -33.87
N GLY F 115 0.31 -21.28 -32.94
CA GLY F 115 0.49 -20.58 -31.68
C GLY F 115 1.78 -20.90 -30.94
N GLY F 116 2.13 -22.18 -30.90
CA GLY F 116 3.32 -22.63 -30.21
C GLY F 116 4.62 -22.14 -30.83
N THR F 117 4.62 -22.02 -32.15
CA THR F 117 5.79 -21.49 -32.85
C THR F 117 5.94 -20.02 -32.50
N ASN F 118 4.82 -19.31 -32.49
CA ASN F 118 4.76 -17.92 -32.06
C ASN F 118 5.31 -17.78 -30.65
N ARG F 119 4.83 -18.65 -29.77
CA ARG F 119 5.20 -18.63 -28.35
C ARG F 119 6.70 -18.84 -28.13
N TYR F 120 7.30 -19.78 -28.88
CA TYR F 120 8.72 -20.07 -28.71
C TYR F 120 9.62 -18.91 -29.14
N PHE F 121 9.36 -18.37 -30.32
CA PHE F 121 10.15 -17.25 -30.84
C PHE F 121 10.02 -16.00 -29.97
N ARG F 122 8.79 -15.68 -29.61
CA ARG F 122 8.50 -14.43 -28.91
C ARG F 122 8.89 -14.46 -27.43
N GLN F 123 8.69 -15.60 -26.78
CA GLN F 123 8.87 -15.68 -25.33
C GLN F 123 10.14 -16.42 -24.85
N VAL F 124 10.73 -17.25 -25.71
CA VAL F 124 11.88 -18.04 -25.28
C VAL F 124 13.16 -17.73 -26.06
N ALA F 125 13.08 -17.82 -27.38
CA ALA F 125 14.23 -17.58 -28.24
C ALA F 125 14.71 -16.13 -28.13
N SER F 126 13.77 -15.23 -27.87
CA SER F 126 14.07 -13.80 -27.79
C SER F 126 14.90 -13.43 -26.56
N GLU F 127 15.12 -14.38 -25.66
CA GLU F 127 15.84 -14.10 -24.42
C GLU F 127 17.29 -14.60 -24.47
N PHE F 128 17.77 -14.89 -25.68
CA PHE F 128 19.11 -15.44 -25.90
C PHE F 128 19.86 -14.80 -27.08
N GLY F 129 19.73 -13.50 -27.24
CA GLY F 129 20.47 -12.76 -28.26
C GLY F 129 19.95 -12.96 -29.68
N LEU F 130 18.70 -13.38 -29.80
CA LEU F 130 18.06 -13.55 -31.10
C LEU F 130 17.01 -12.48 -31.33
N LYS F 131 17.00 -11.91 -32.54
CA LYS F 131 16.02 -10.90 -32.90
C LYS F 131 14.85 -11.54 -33.63
N ILE F 132 13.63 -11.23 -33.18
CA ILE F 132 12.44 -11.83 -33.76
C ILE F 132 11.52 -10.77 -34.35
N SER F 133 11.21 -10.91 -35.64
CA SER F 133 10.29 -9.99 -36.32
C SER F 133 9.16 -10.75 -37.01
N PHE F 134 7.92 -10.42 -36.65
CA PHE F 134 6.75 -11.02 -37.30
C PHE F 134 6.29 -10.20 -38.49
N VAL F 135 6.32 -10.81 -39.68
CA VAL F 135 6.04 -10.10 -40.92
C VAL F 135 5.04 -10.86 -41.78
N ASP F 136 4.07 -10.15 -42.33
CA ASP F 136 3.13 -10.73 -43.27
C ASP F 136 3.88 -11.06 -44.56
N CYS F 137 4.31 -12.31 -44.70
CA CYS F 137 5.14 -12.69 -45.85
C CYS F 137 4.31 -13.07 -47.07
N SER F 138 2.99 -13.01 -46.95
CA SER F 138 2.11 -13.23 -48.09
C SER F 138 2.12 -11.97 -48.94
N LYS F 139 2.38 -10.84 -48.30
CA LYS F 139 2.60 -9.63 -49.06
C LYS F 139 4.10 -9.67 -49.24
N ILE F 140 4.47 -10.13 -50.42
CA ILE F 140 5.82 -10.59 -50.70
C ILE F 140 6.85 -9.46 -50.72
N LYS F 141 6.38 -8.23 -50.90
CA LYS F 141 7.27 -7.07 -50.87
C LYS F 141 7.68 -6.70 -49.46
N LEU F 142 6.87 -7.13 -48.49
CA LEU F 142 7.06 -6.75 -47.10
C LEU F 142 8.22 -7.53 -46.50
N LEU F 143 8.54 -8.66 -47.12
CA LEU F 143 9.63 -9.50 -46.70
C LEU F 143 10.94 -8.79 -46.99
N GLU F 144 10.96 -8.09 -48.12
CA GLU F 144 12.13 -7.34 -48.55
C GLU F 144 12.51 -6.25 -47.55
N ALA F 145 11.50 -5.65 -46.93
CA ALA F 145 11.71 -4.57 -45.97
C ALA F 145 12.27 -5.02 -44.62
N ALA F 146 11.95 -6.25 -44.22
CA ALA F 146 12.37 -6.76 -42.91
C ALA F 146 13.75 -7.40 -42.91
N ILE F 147 14.21 -7.84 -44.07
CA ILE F 147 15.51 -8.48 -44.18
C ILE F 147 16.62 -7.49 -43.89
N THR F 148 17.56 -7.93 -43.06
CA THR F 148 18.73 -7.14 -42.69
C THR F 148 19.95 -8.04 -42.86
N PRO F 149 21.15 -7.45 -42.91
CA PRO F 149 22.33 -8.31 -43.01
C PRO F 149 22.48 -9.28 -41.82
N GLU F 150 21.76 -9.03 -40.74
CA GLU F 150 21.79 -9.91 -39.58
C GLU F 150 20.74 -11.02 -39.65
N THR F 151 19.84 -10.95 -40.64
CA THR F 151 18.80 -11.96 -40.80
C THR F 151 19.43 -13.29 -41.24
N LYS F 152 19.16 -14.34 -40.48
CA LYS F 152 19.77 -15.64 -40.77
C LYS F 152 18.75 -16.75 -40.97
N LEU F 153 17.50 -16.48 -40.60
CA LEU F 153 16.45 -17.50 -40.68
C LEU F 153 15.09 -16.87 -40.98
N VAL F 154 14.40 -17.41 -41.97
CA VAL F 154 13.04 -16.99 -42.29
C VAL F 154 12.10 -18.18 -42.12
N TRP F 155 11.10 -18.03 -41.27
CA TRP F 155 10.20 -19.12 -40.95
C TRP F 155 8.84 -18.88 -41.58
N ILE F 156 8.47 -19.74 -42.52
CA ILE F 156 7.21 -19.59 -43.23
C ILE F 156 6.31 -20.80 -42.99
N GLU F 157 5.01 -20.57 -43.03
CA GLU F 157 4.03 -21.62 -42.87
C GLU F 157 2.97 -21.42 -43.95
N THR F 158 2.70 -22.43 -44.76
CA THR F 158 1.73 -22.28 -45.84
C THR F 158 1.04 -23.59 -46.21
N PRO F 159 -0.30 -23.62 -46.18
CA PRO F 159 -1.20 -22.54 -45.72
C PRO F 159 -1.06 -22.28 -44.23
N THR F 160 -1.37 -21.06 -43.81
CA THR F 160 -1.22 -20.70 -42.41
C THR F 160 -2.30 -21.31 -41.53
N ASN F 161 -2.01 -21.38 -40.23
CA ASN F 161 -2.94 -21.92 -39.25
C ASN F 161 -3.46 -20.80 -38.35
N PRO F 162 -4.79 -20.57 -38.38
CA PRO F 162 -5.83 -21.27 -39.13
C PRO F 162 -6.49 -20.47 -40.24
N THR F 163 -6.00 -19.28 -40.55
CA THR F 163 -6.67 -18.42 -41.53
C THR F 163 -6.38 -18.87 -42.96
N GLN F 164 -5.45 -19.80 -43.07
CA GLN F 164 -5.12 -20.46 -44.34
C GLN F 164 -4.84 -19.50 -45.49
N LYS F 165 -4.01 -18.49 -45.23
CA LYS F 165 -3.50 -17.63 -46.28
C LYS F 165 -2.32 -18.33 -46.93
N VAL F 166 -2.18 -18.21 -48.25
CA VAL F 166 -1.17 -18.96 -48.98
C VAL F 166 0.02 -18.09 -49.40
N ILE F 167 1.23 -18.63 -49.19
CA ILE F 167 2.46 -17.93 -49.50
C ILE F 167 3.12 -18.53 -50.73
N ASP F 168 3.55 -17.68 -51.66
CA ASP F 168 4.36 -18.12 -52.79
C ASP F 168 5.75 -18.53 -52.30
N ILE F 169 5.96 -19.85 -52.17
CA ILE F 169 7.21 -20.37 -51.64
C ILE F 169 8.38 -20.08 -52.57
N GLU F 170 8.19 -20.32 -53.87
CA GLU F 170 9.27 -20.10 -54.83
C GLU F 170 9.62 -18.62 -54.90
N GLY F 171 8.60 -17.76 -54.80
CA GLY F 171 8.81 -16.33 -54.76
C GLY F 171 9.55 -15.90 -53.51
N CYS F 172 9.17 -16.46 -52.36
CA CYS F 172 9.84 -16.14 -51.11
C CYS F 172 11.27 -16.65 -51.08
N ALA F 173 11.47 -17.86 -51.60
CA ALA F 173 12.80 -18.44 -51.67
C ALA F 173 13.71 -17.58 -52.54
N HIS F 174 13.15 -17.06 -53.62
CA HIS F 174 13.88 -16.22 -54.56
C HIS F 174 14.35 -14.89 -53.96
N ILE F 175 13.47 -14.21 -53.25
CA ILE F 175 13.80 -12.94 -52.61
C ILE F 175 14.80 -13.14 -51.48
N VAL F 176 14.60 -14.22 -50.73
CA VAL F 176 15.40 -14.50 -49.56
C VAL F 176 16.84 -14.87 -49.93
N HIS F 177 17.00 -15.60 -51.02
CA HIS F 177 18.32 -16.10 -51.41
C HIS F 177 19.13 -15.05 -52.16
N LYS F 178 18.56 -13.87 -52.33
CA LYS F 178 19.27 -12.74 -52.89
C LYS F 178 20.32 -12.32 -51.87
N HIS F 179 20.04 -12.62 -50.60
CA HIS F 179 20.91 -12.29 -49.50
C HIS F 179 21.56 -13.60 -49.06
N GLY F 180 22.80 -13.84 -49.48
CA GLY F 180 23.50 -15.06 -49.09
C GLY F 180 23.52 -15.39 -47.61
N ASP F 181 23.72 -16.68 -47.31
CA ASP F 181 23.77 -17.23 -45.95
C ASP F 181 22.47 -17.07 -45.14
N ILE F 182 21.31 -17.14 -45.79
CA ILE F 182 20.06 -17.12 -45.05
C ILE F 182 19.23 -18.39 -45.32
N ILE F 183 18.69 -18.96 -44.24
CA ILE F 183 17.88 -20.17 -44.31
C ILE F 183 16.37 -19.93 -44.44
N LEU F 184 15.75 -20.51 -45.46
CA LEU F 184 14.30 -20.49 -45.58
C LEU F 184 13.69 -21.82 -45.14
N VAL F 185 12.89 -21.78 -44.09
CA VAL F 185 12.22 -22.98 -43.59
C VAL F 185 10.71 -22.91 -43.85
N VAL F 186 10.16 -23.97 -44.41
CA VAL F 186 8.71 -24.06 -44.61
C VAL F 186 8.08 -25.13 -43.70
N ASP F 187 7.23 -24.69 -42.78
CA ASP F 187 6.45 -25.62 -41.98
C ASP F 187 5.36 -26.22 -42.85
N ASN F 188 5.61 -27.43 -43.35
CA ASN F 188 4.73 -28.07 -44.31
C ASN F 188 3.77 -29.06 -43.65
N THR F 189 3.35 -28.76 -42.43
CA THR F 189 2.52 -29.68 -41.65
C THR F 189 1.13 -29.88 -42.26
N PHE F 190 0.50 -28.79 -42.68
CA PHE F 190 -0.85 -28.85 -43.22
C PHE F 190 -0.96 -29.66 -44.51
N MET F 191 -0.11 -29.38 -45.49
CA MET F 191 -0.20 -30.03 -46.80
C MET F 191 0.33 -31.46 -46.85
N SER F 192 1.46 -31.69 -46.19
CA SER F 192 2.21 -32.95 -46.20
C SER F 192 2.97 -33.03 -47.55
N PRO F 193 3.97 -33.92 -47.64
CA PRO F 193 4.74 -33.99 -48.89
C PRO F 193 3.98 -34.57 -50.07
N TYR F 194 2.81 -35.13 -49.81
CA TYR F 194 2.00 -35.69 -50.89
C TYR F 194 1.39 -34.57 -51.72
N PHE F 195 1.18 -33.42 -51.10
CA PHE F 195 0.53 -32.30 -51.77
C PHE F 195 1.46 -31.11 -52.05
N GLN F 196 2.54 -31.01 -51.29
CA GLN F 196 3.47 -29.88 -51.45
C GLN F 196 4.91 -30.26 -51.06
N ARG F 197 5.84 -29.93 -51.95
CA ARG F 197 7.27 -30.16 -51.73
C ARG F 197 8.06 -28.86 -51.74
N PRO F 198 8.17 -28.21 -50.57
CA PRO F 198 8.90 -26.94 -50.41
C PRO F 198 10.33 -26.96 -50.98
N LEU F 199 11.02 -28.09 -50.85
CA LEU F 199 12.40 -28.19 -51.31
C LEU F 199 12.53 -28.06 -52.82
N ALA F 200 11.52 -28.54 -53.55
CA ALA F 200 11.49 -28.42 -55.00
C ALA F 200 11.14 -27.00 -55.40
N LEU F 201 10.68 -26.21 -54.43
CA LEU F 201 10.27 -24.84 -54.70
C LEU F 201 11.32 -23.84 -54.24
N GLY F 202 12.44 -24.35 -53.77
CA GLY F 202 13.57 -23.49 -53.44
C GLY F 202 13.81 -23.35 -51.95
N ALA F 203 12.94 -23.93 -51.13
CA ALA F 203 13.13 -23.86 -49.68
C ALA F 203 14.37 -24.65 -49.28
N ASP F 204 14.97 -24.25 -48.17
CA ASP F 204 16.17 -24.90 -47.68
C ASP F 204 15.84 -26.05 -46.73
N ILE F 205 14.77 -25.88 -45.98
CA ILE F 205 14.32 -26.89 -45.01
C ILE F 205 12.83 -27.14 -45.12
N SER F 206 12.46 -28.41 -45.24
CA SER F 206 11.06 -28.81 -45.19
C SER F 206 10.74 -29.42 -43.84
N MET F 207 9.95 -28.71 -43.04
CA MET F 207 9.69 -29.13 -41.66
C MET F 207 8.24 -29.57 -41.46
N TYR F 208 8.04 -30.61 -40.67
CA TYR F 208 6.71 -31.12 -40.38
C TYR F 208 6.47 -31.32 -38.90
N SER F 209 5.21 -31.15 -38.49
CA SER F 209 4.75 -31.80 -37.28
C SER F 209 4.13 -33.11 -37.71
N ALA F 210 4.87 -34.20 -37.54
CA ALA F 210 4.42 -35.52 -38.00
C ALA F 210 3.25 -36.00 -37.16
N THR F 211 3.02 -35.30 -36.05
CA THR F 211 1.90 -35.55 -35.17
C THR F 211 0.57 -35.46 -35.92
N1 5OW F 212 3.40 -26.68 -36.46
C2 5OW F 212 2.17 -26.60 -37.03
C3 5OW F 212 1.09 -27.19 -36.41
C7 5OW F 212 -3.02 -27.57 -33.37
O8 5OW F 212 -4.14 -28.04 -33.08
CA 5OW F 212 -0.65 -34.36 -37.73
CB 5OW F 212 -0.55 -32.92 -38.22
CD 5OW F 212 -0.60 -31.89 -35.87
CE 5OW F 212 0.33 -30.68 -35.75
CG 5OW F 212 -1.22 -31.94 -37.25
O9 5OW F 212 -2.89 -26.47 -33.97
C1 5OW F 212 -1.79 -28.34 -33.01
C10 5OW F 212 -1.44 -28.20 -31.53
S11 5OW F 212 -2.88 -28.18 -30.45
N4 5OW F 212 -0.63 -27.79 -33.68
C4' 5OW F 212 0.07 -28.51 -34.56
C4 5OW F 212 1.25 -27.87 -35.23
C5 5OW F 212 2.51 -27.94 -34.67
C5' 5OW F 212 2.72 -28.68 -33.37
OP4 5OW F 212 3.94 -29.42 -33.41
P 5OW F 212 4.13 -30.63 -32.37
OP3 5OW F 212 5.25 -30.15 -31.48
OP2 5OW F 212 2.79 -30.70 -31.67
OP1 5OW F 212 4.46 -31.83 -33.20
C6 5OW F 212 3.59 -27.34 -35.32
C2' 5OW F 212 1.97 -25.86 -38.33
O3 5OW F 212 -0.15 -27.10 -36.98
NZ 5OW F 212 -0.30 -29.75 -34.83
N 5OW F 212 0.57 -34.66 -36.99
C 5OW F 212 -0.87 -35.34 -38.87
O 5OW F 212 -1.28 -36.48 -38.59
N TYR F 213 -0.61 -34.93 -40.11
CA TYR F 213 -0.94 -35.76 -41.27
C TYR F 213 0.01 -36.93 -41.54
N MET F 214 1.29 -36.72 -41.31
CA MET F 214 2.30 -37.72 -41.61
C MET F 214 2.00 -39.07 -40.96
N ASN F 215 1.85 -39.05 -39.64
CA ASN F 215 1.43 -40.25 -38.93
C ASN F 215 -0.05 -40.52 -39.21
N GLY F 216 -0.87 -39.48 -39.05
CA GLY F 216 -2.26 -39.53 -39.47
C GLY F 216 -3.20 -40.39 -38.65
N HIS F 217 -2.72 -40.92 -37.54
CA HIS F 217 -3.56 -41.80 -36.72
C HIS F 217 -3.71 -41.28 -35.30
N SER F 218 -3.33 -40.02 -35.09
CA SER F 218 -3.53 -39.32 -33.83
C SER F 218 -2.97 -40.04 -32.62
N ASP F 219 -1.85 -40.73 -32.79
CA ASP F 219 -1.28 -41.49 -31.68
C ASP F 219 0.22 -41.36 -31.55
N VAL F 220 0.81 -40.42 -32.30
CA VAL F 220 2.25 -40.21 -32.24
C VAL F 220 2.55 -38.73 -32.26
N VAL F 221 3.32 -38.26 -31.28
CA VAL F 221 3.82 -36.90 -31.30
C VAL F 221 5.25 -36.90 -31.83
N MET F 222 5.48 -36.18 -32.92
CA MET F 222 6.76 -36.22 -33.61
C MET F 222 6.97 -35.05 -34.58
N GLY F 223 8.22 -34.66 -34.76
CA GLY F 223 8.57 -33.65 -35.74
C GLY F 223 9.52 -34.20 -36.78
N LEU F 224 9.51 -33.62 -37.97
CA LEU F 224 10.37 -34.07 -39.06
C LEU F 224 11.01 -32.89 -39.78
N VAL F 225 12.26 -33.06 -40.16
CA VAL F 225 13.01 -32.01 -40.86
C VAL F 225 13.74 -32.60 -42.05
N SER F 226 13.36 -32.18 -43.26
CA SER F 226 14.01 -32.67 -44.47
C SER F 226 14.87 -31.57 -45.08
N VAL F 227 16.02 -31.94 -45.62
CA VAL F 227 17.00 -30.96 -46.06
C VAL F 227 17.87 -31.51 -47.20
N ASN F 228 18.41 -30.62 -48.02
CA ASN F 228 19.27 -31.01 -49.13
C ASN F 228 20.72 -30.56 -48.92
N CYS F 229 20.88 -29.35 -48.39
CA CYS F 229 22.21 -28.74 -48.23
C CYS F 229 23.10 -29.61 -47.33
N GLU F 230 24.31 -29.86 -47.80
CA GLU F 230 25.23 -30.77 -47.14
C GLU F 230 25.66 -30.27 -45.78
N SER F 231 26.06 -29.00 -45.72
CA SER F 231 26.51 -28.39 -44.47
C SER F 231 25.34 -28.16 -43.51
N LEU F 232 24.18 -27.84 -44.07
CA LEU F 232 22.99 -27.58 -43.27
C LEU F 232 22.53 -28.86 -42.56
N HIS F 233 22.67 -29.99 -43.25
CA HIS F 233 22.33 -31.28 -42.67
C HIS F 233 23.25 -31.65 -41.51
N ASN F 234 24.55 -31.47 -41.71
CA ASN F 234 25.54 -31.82 -40.68
C ASN F 234 25.36 -31.03 -39.40
N ARG F 235 25.02 -29.76 -39.54
CA ARG F 235 24.78 -28.92 -38.37
C ARG F 235 23.51 -29.35 -37.66
N LEU F 236 22.50 -29.75 -38.43
CA LEU F 236 21.26 -30.26 -37.87
C LEU F 236 21.47 -31.63 -37.24
N ARG F 237 22.29 -32.46 -37.87
CA ARG F 237 22.57 -33.80 -37.36
C ARG F 237 23.34 -33.72 -36.05
N PHE F 238 24.21 -32.73 -35.93
CA PHE F 238 24.96 -32.49 -34.70
C PHE F 238 24.01 -32.10 -33.57
N LEU F 239 23.07 -31.21 -33.88
CA LEU F 239 22.15 -30.70 -32.87
C LEU F 239 21.13 -31.76 -32.45
N GLN F 240 20.79 -32.66 -33.37
CA GLN F 240 19.87 -33.74 -33.06
C GLN F 240 20.43 -34.62 -31.93
N ASN F 241 21.72 -34.89 -32.00
CA ASN F 241 22.38 -35.73 -31.01
C ASN F 241 22.81 -34.95 -29.77
N SER F 242 23.06 -33.66 -29.95
CA SER F 242 23.57 -32.81 -28.87
C SER F 242 22.47 -32.26 -27.97
N LEU F 243 21.32 -31.94 -28.57
CA LEU F 243 20.21 -31.39 -27.80
C LEU F 243 19.33 -32.52 -27.27
N GLY F 244 19.30 -33.63 -27.98
CA GLY F 244 18.63 -34.83 -27.51
C GLY F 244 17.13 -34.87 -27.56
N ALA F 245 16.53 -34.04 -28.42
CA ALA F 245 15.08 -34.07 -28.62
C ALA F 245 14.70 -35.17 -29.60
N VAL F 246 15.02 -36.42 -29.24
CA VAL F 246 14.84 -37.55 -30.14
C VAL F 246 13.50 -38.27 -29.91
N PRO F 247 12.96 -38.89 -30.97
CA PRO F 247 11.73 -39.66 -30.85
C PRO F 247 12.00 -41.09 -30.40
N SER F 248 11.00 -41.72 -29.77
CA SER F 248 11.10 -43.13 -29.43
C SER F 248 11.09 -43.97 -30.70
N PRO F 249 11.87 -45.05 -30.72
CA PRO F 249 11.87 -45.99 -31.84
C PRO F 249 10.47 -46.55 -32.13
N ILE F 250 9.67 -46.74 -31.10
CA ILE F 250 8.31 -47.25 -31.27
C ILE F 250 7.44 -46.20 -31.95
N ASP F 251 7.62 -44.95 -31.59
CA ASP F 251 6.93 -43.84 -32.25
C ASP F 251 7.39 -43.75 -33.70
N CYS F 252 8.68 -43.97 -33.93
CA CYS F 252 9.22 -43.98 -35.28
C CYS F 252 8.57 -45.06 -36.12
N TYR F 253 8.42 -46.24 -35.54
CA TYR F 253 7.77 -47.34 -36.23
C TYR F 253 6.30 -47.02 -36.55
N LEU F 254 5.60 -46.47 -35.57
CA LEU F 254 4.19 -46.15 -35.75
C LEU F 254 4.00 -45.07 -36.81
N CYS F 255 4.89 -44.07 -36.81
CA CYS F 255 4.85 -43.02 -37.81
C CYS F 255 5.17 -43.56 -39.20
N ASN F 256 6.14 -44.46 -39.26
CA ASN F 256 6.51 -45.09 -40.53
C ASN F 256 5.37 -45.94 -41.07
N ARG F 257 4.64 -46.56 -40.14
CA ARG F 257 3.45 -47.35 -40.46
C ARG F 257 2.33 -46.46 -41.04
N GLY F 258 2.17 -45.28 -40.45
CA GLY F 258 1.17 -44.33 -40.92
C GLY F 258 1.48 -43.81 -42.31
N LEU F 259 2.77 -43.64 -42.61
CA LEU F 259 3.21 -43.18 -43.92
C LEU F 259 2.78 -44.12 -45.04
N LYS F 260 2.67 -45.42 -44.72
CA LYS F 260 2.32 -46.44 -45.70
C LYS F 260 0.97 -46.18 -46.37
N THR F 261 0.09 -45.45 -45.69
CA THR F 261 -1.23 -45.15 -46.22
C THR F 261 -1.43 -43.66 -46.43
N LEU F 262 -0.35 -42.90 -46.38
CA LEU F 262 -0.44 -41.45 -46.52
C LEU F 262 -1.06 -41.06 -47.84
N HIS F 263 -0.71 -41.76 -48.91
CA HIS F 263 -1.20 -41.39 -50.23
C HIS F 263 -2.71 -41.62 -50.36
N VAL F 264 -3.21 -42.74 -49.84
CA VAL F 264 -4.64 -43.03 -49.91
C VAL F 264 -5.43 -42.23 -48.86
N ARG F 265 -4.77 -41.86 -47.77
CA ARG F 265 -5.39 -41.03 -46.74
C ARG F 265 -5.57 -39.60 -47.25
N MET F 266 -4.49 -39.02 -47.79
CA MET F 266 -4.54 -37.65 -48.29
C MET F 266 -5.54 -37.47 -49.43
N GLU F 267 -5.74 -38.51 -50.24
CA GLU F 267 -6.71 -38.43 -51.34
C GLU F 267 -8.15 -38.31 -50.82
N LYS F 268 -8.45 -39.04 -49.74
CA LYS F 268 -9.79 -38.99 -49.14
C LYS F 268 -9.98 -37.70 -48.36
N HIS F 269 -8.91 -37.22 -47.72
CA HIS F 269 -8.94 -35.92 -47.05
C HIS F 269 -9.27 -34.83 -48.05
N PHE F 270 -8.69 -34.95 -49.24
CA PHE F 270 -8.93 -34.03 -50.34
C PHE F 270 -10.40 -34.10 -50.76
N LYS F 271 -10.86 -35.32 -51.04
CA LYS F 271 -12.21 -35.52 -51.55
C LYS F 271 -13.26 -35.12 -50.53
N ASN F 272 -13.03 -35.47 -49.26
CA ASN F 272 -13.95 -35.10 -48.19
C ASN F 272 -13.89 -33.61 -47.85
N GLY F 273 -12.66 -33.08 -47.84
CA GLY F 273 -12.45 -31.67 -47.54
C GLY F 273 -13.10 -30.77 -48.58
N MET F 274 -12.96 -31.16 -49.85
CA MET F 274 -13.55 -30.42 -50.95
C MET F 274 -15.07 -30.38 -50.85
N ALA F 275 -15.67 -31.54 -50.56
CA ALA F 275 -17.11 -31.65 -50.42
C ALA F 275 -17.64 -30.82 -49.25
N VAL F 276 -16.93 -30.88 -48.12
CA VAL F 276 -17.30 -30.12 -46.94
C VAL F 276 -17.22 -28.63 -47.22
N ALA F 277 -16.15 -28.19 -47.87
CA ALA F 277 -15.95 -26.78 -48.17
C ALA F 277 -17.02 -26.24 -49.11
N GLN F 278 -17.38 -27.00 -50.14
CA GLN F 278 -18.39 -26.57 -51.10
C GLN F 278 -19.77 -26.49 -50.47
N PHE F 279 -20.06 -27.43 -49.57
CA PHE F 279 -21.33 -27.46 -48.86
C PHE F 279 -21.49 -26.21 -47.99
N LEU F 280 -20.45 -25.88 -47.24
CA LEU F 280 -20.47 -24.74 -46.33
C LEU F 280 -20.62 -23.40 -47.04
N GLU F 281 -19.99 -23.27 -48.21
CA GLU F 281 -20.00 -21.99 -48.92
C GLU F 281 -21.38 -21.68 -49.48
N SER F 282 -22.13 -22.74 -49.82
CA SER F 282 -23.48 -22.58 -50.35
C SER F 282 -24.53 -22.59 -49.25
N ASN F 283 -24.07 -22.64 -48.00
CA ASN F 283 -24.96 -22.69 -46.85
C ASN F 283 -25.33 -21.30 -46.32
N PRO F 284 -26.63 -21.06 -46.10
CA PRO F 284 -27.19 -19.77 -45.68
C PRO F 284 -26.77 -19.34 -44.28
N TRP F 285 -26.14 -20.23 -43.52
CA TRP F 285 -25.78 -19.92 -42.14
C TRP F 285 -24.29 -19.69 -41.89
N VAL F 286 -23.50 -19.64 -42.95
CA VAL F 286 -22.07 -19.35 -42.83
C VAL F 286 -21.72 -18.07 -43.57
N GLU F 287 -20.91 -17.22 -42.95
CA GLU F 287 -20.55 -15.93 -43.51
C GLU F 287 -19.49 -16.02 -44.61
N LYS F 288 -18.51 -16.89 -44.41
CA LYS F 288 -17.37 -16.98 -45.32
C LYS F 288 -16.62 -18.28 -45.11
N VAL F 289 -16.17 -18.88 -46.21
CA VAL F 289 -15.39 -20.11 -46.14
C VAL F 289 -13.99 -19.88 -46.70
N ILE F 290 -12.98 -20.37 -45.99
CA ILE F 290 -11.60 -20.28 -46.47
C ILE F 290 -11.04 -21.67 -46.77
N TYR F 291 -10.93 -22.00 -48.04
CA TYR F 291 -10.37 -23.29 -48.44
C TYR F 291 -9.67 -23.20 -49.79
N PRO F 292 -8.35 -23.51 -49.82
CA PRO F 292 -7.49 -23.41 -51.00
C PRO F 292 -8.05 -24.12 -52.24
N GLY F 293 -8.91 -25.12 -52.05
CA GLY F 293 -9.49 -25.83 -53.18
C GLY F 293 -10.63 -25.08 -53.85
N LEU F 294 -11.16 -24.07 -53.16
CA LEU F 294 -12.23 -23.25 -53.71
C LEU F 294 -11.67 -22.09 -54.52
N PRO F 295 -12.27 -21.80 -55.67
CA PRO F 295 -11.88 -20.65 -56.50
C PRO F 295 -12.09 -19.32 -55.78
N SER F 296 -12.94 -19.31 -54.77
CA SER F 296 -13.21 -18.11 -54.00
C SER F 296 -12.04 -17.73 -53.10
N HIS F 297 -11.12 -18.68 -52.89
CA HIS F 297 -9.92 -18.41 -52.11
C HIS F 297 -9.00 -17.49 -52.91
N PRO F 298 -8.58 -16.37 -52.29
CA PRO F 298 -7.75 -15.34 -52.91
C PRO F 298 -6.51 -15.86 -53.63
N GLN F 299 -5.90 -16.93 -53.12
CA GLN F 299 -4.69 -17.47 -53.73
C GLN F 299 -4.91 -18.86 -54.33
N HIS F 300 -6.13 -19.11 -54.80
CA HIS F 300 -6.49 -20.40 -55.40
C HIS F 300 -5.60 -20.77 -56.59
N GLU F 301 -5.23 -19.77 -57.39
CA GLU F 301 -4.47 -20.04 -58.60
C GLU F 301 -3.02 -20.34 -58.24
N LEU F 302 -2.58 -19.77 -57.12
CA LEU F 302 -1.25 -20.07 -56.60
C LEU F 302 -1.20 -21.51 -56.10
N VAL F 303 -2.26 -21.93 -55.41
CA VAL F 303 -2.36 -23.30 -54.91
C VAL F 303 -2.23 -24.32 -56.04
N LYS F 304 -2.95 -24.10 -57.14
CA LYS F 304 -2.91 -25.00 -58.29
C LYS F 304 -1.52 -25.04 -58.91
N ARG F 305 -0.78 -23.94 -58.75
CA ARG F 305 0.56 -23.79 -59.29
C ARG F 305 1.62 -24.39 -58.37
N GLN F 306 1.33 -24.40 -57.07
CA GLN F 306 2.29 -24.77 -56.06
C GLN F 306 2.04 -26.11 -55.37
N CYS F 307 0.85 -26.67 -55.60
CA CYS F 307 0.45 -27.90 -54.93
C CYS F 307 -0.15 -28.93 -55.90
N THR F 308 -0.16 -30.19 -55.49
CA THR F 308 -0.72 -31.26 -56.31
C THR F 308 -2.16 -31.57 -55.88
N GLY F 309 -2.64 -30.84 -54.88
CA GLY F 309 -3.97 -31.02 -54.37
C GLY F 309 -4.17 -30.27 -53.06
N CYS F 310 -5.26 -30.55 -52.37
CA CYS F 310 -5.54 -29.89 -51.09
C CYS F 310 -5.88 -30.90 -50.01
N THR F 311 -5.82 -30.46 -48.76
CA THR F 311 -6.04 -31.35 -47.63
C THR F 311 -7.46 -31.23 -47.09
N GLY F 312 -7.66 -31.68 -45.86
CA GLY F 312 -8.99 -31.66 -45.26
C GLY F 312 -9.19 -30.53 -44.28
N MET F 313 -8.28 -29.57 -44.28
CA MET F 313 -8.40 -28.41 -43.39
C MET F 313 -9.30 -27.35 -43.99
N VAL F 314 -10.49 -27.21 -43.42
CA VAL F 314 -11.46 -26.23 -43.88
C VAL F 314 -11.78 -25.21 -42.80
N THR F 315 -11.46 -23.94 -43.06
CA THR F 315 -11.73 -22.87 -42.12
C THR F 315 -12.91 -22.03 -42.62
N PHE F 316 -13.78 -21.61 -41.69
CA PHE F 316 -14.92 -20.78 -42.06
C PHE F 316 -15.40 -19.89 -40.92
N TYR F 317 -16.07 -18.81 -41.28
CA TYR F 317 -16.70 -17.93 -40.29
C TYR F 317 -18.20 -18.21 -40.24
N ILE F 318 -18.71 -18.44 -39.04
CA ILE F 318 -20.15 -18.62 -38.85
C ILE F 318 -20.81 -17.26 -38.64
N LYS F 319 -22.06 -17.13 -39.07
CA LYS F 319 -22.80 -15.88 -38.90
C LYS F 319 -23.13 -15.65 -37.43
N GLY F 320 -23.10 -14.40 -37.01
CA GLY F 320 -23.48 -14.04 -35.66
C GLY F 320 -22.31 -13.70 -34.76
N THR F 321 -22.42 -14.10 -33.49
CA THR F 321 -21.41 -13.80 -32.49
C THR F 321 -20.81 -15.07 -31.92
N LEU F 322 -19.99 -14.90 -30.87
CA LEU F 322 -19.34 -16.01 -30.20
C LEU F 322 -20.33 -17.08 -29.71
N GLN F 323 -21.54 -16.64 -29.37
CA GLN F 323 -22.56 -17.55 -28.83
C GLN F 323 -23.06 -18.59 -29.84
N HIS F 324 -23.20 -18.19 -31.11
CA HIS F 324 -23.67 -19.12 -32.15
C HIS F 324 -22.65 -20.18 -32.51
N ALA F 325 -21.38 -19.81 -32.50
CA ALA F 325 -20.30 -20.72 -32.82
C ALA F 325 -20.22 -21.87 -31.81
N GLU F 326 -20.51 -21.58 -30.54
CA GLU F 326 -20.43 -22.58 -29.50
C GLU F 326 -21.55 -23.62 -29.59
N ILE F 327 -22.77 -23.16 -29.85
CA ILE F 327 -23.92 -24.06 -29.97
C ILE F 327 -23.73 -25.03 -31.12
N PHE F 328 -23.16 -24.53 -32.21
CA PHE F 328 -22.84 -25.33 -33.38
C PHE F 328 -21.87 -26.45 -33.04
N LEU F 329 -20.79 -26.08 -32.38
CA LEU F 329 -19.72 -27.00 -32.03
C LEU F 329 -20.22 -28.09 -31.09
N LYS F 330 -21.18 -27.72 -30.25
CA LYS F 330 -21.69 -28.59 -29.21
C LYS F 330 -22.76 -29.54 -29.74
N ASN F 331 -23.19 -29.29 -30.98
CA ASN F 331 -24.21 -30.13 -31.62
C ASN F 331 -23.61 -31.12 -32.61
N LEU F 332 -22.31 -31.01 -32.85
CA LEU F 332 -21.63 -31.94 -33.73
C LEU F 332 -21.60 -33.33 -33.11
N LYS F 333 -21.83 -34.36 -33.93
CA LYS F 333 -21.89 -35.73 -33.43
C LYS F 333 -20.79 -36.59 -34.02
N LEU F 334 -20.32 -36.21 -35.20
CA LEU F 334 -19.22 -36.91 -35.85
C LEU F 334 -17.93 -36.15 -35.65
N PHE F 335 -17.97 -34.85 -35.94
CA PHE F 335 -16.84 -33.99 -35.61
C PHE F 335 -16.67 -33.96 -34.10
N THR F 336 -15.44 -34.15 -33.64
CA THR F 336 -15.14 -34.13 -32.22
C THR F 336 -14.52 -32.78 -31.85
N LEU F 337 -15.04 -32.16 -30.81
CA LEU F 337 -14.50 -30.92 -30.31
C LEU F 337 -13.16 -31.16 -29.62
N ALA F 338 -12.07 -30.96 -30.35
CA ALA F 338 -10.73 -31.19 -29.82
C ALA F 338 -9.68 -30.45 -30.64
N VAL F 339 -8.47 -30.34 -30.08
CA VAL F 339 -7.36 -29.70 -30.78
C VAL F 339 -6.60 -30.73 -31.61
N SER F 340 -5.54 -30.29 -32.28
CA SER F 340 -4.75 -31.08 -33.22
C SER F 340 -5.55 -31.30 -34.51
N LEU F 341 -4.93 -31.98 -35.48
CA LEU F 341 -5.55 -32.15 -36.79
C LEU F 341 -4.82 -33.24 -37.58
N GLY F 342 -5.36 -33.56 -38.75
CA GLY F 342 -4.68 -34.45 -39.69
C GLY F 342 -4.85 -35.93 -39.39
N GLY F 343 -5.73 -36.26 -38.46
CA GLY F 343 -5.99 -37.65 -38.13
C GLY F 343 -7.11 -38.18 -38.99
N PHE F 344 -7.38 -39.48 -38.89
CA PHE F 344 -8.45 -40.09 -39.66
C PHE F 344 -9.83 -39.66 -39.17
N GLU F 345 -9.89 -39.14 -37.95
CA GLU F 345 -11.16 -38.71 -37.39
C GLU F 345 -11.35 -37.21 -37.59
N SER F 346 -12.60 -36.81 -37.81
CA SER F 346 -12.93 -35.41 -38.04
C SER F 346 -12.95 -34.62 -36.73
N LEU F 347 -12.29 -33.47 -36.72
CA LEU F 347 -12.23 -32.62 -35.55
C LEU F 347 -12.74 -31.22 -35.83
N ALA F 348 -13.30 -30.58 -34.80
CA ALA F 348 -13.78 -29.21 -34.91
C ALA F 348 -13.26 -28.42 -33.73
N GLU F 349 -13.00 -27.13 -33.94
CA GLU F 349 -12.31 -26.34 -32.94
C GLU F 349 -12.48 -24.83 -33.18
N LEU F 350 -12.44 -24.05 -32.10
CA LEU F 350 -12.52 -22.60 -32.18
C LEU F 350 -11.22 -21.97 -31.70
N PRO F 351 -10.31 -21.65 -32.65
CA PRO F 351 -8.95 -21.18 -32.42
C PRO F 351 -8.80 -20.04 -31.42
N ALA F 352 -9.77 -19.13 -31.39
CA ALA F 352 -9.71 -17.97 -30.50
C ALA F 352 -9.64 -18.38 -29.03
N ILE F 353 -10.31 -19.48 -28.69
CA ILE F 353 -10.33 -19.93 -27.30
C ILE F 353 -9.35 -21.07 -27.09
N MET F 354 -8.98 -21.74 -28.18
CA MET F 354 -8.24 -23.00 -28.05
C MET F 354 -6.82 -22.96 -28.61
N THR F 355 -6.64 -23.38 -29.87
CA THR F 355 -5.28 -23.54 -30.40
C THR F 355 -4.50 -22.24 -30.54
N HIS F 356 -5.20 -21.13 -30.68
CA HIS F 356 -4.54 -19.84 -30.85
C HIS F 356 -4.97 -18.84 -29.78
N LYS F 361 -4.04 -11.33 -27.83
CA LYS F 361 -5.35 -10.83 -28.18
C LYS F 361 -5.31 -9.80 -29.31
N ASN F 362 -4.28 -8.96 -29.30
CA ASN F 362 -4.14 -7.95 -30.33
C ASN F 362 -3.53 -8.61 -31.57
N ASP F 363 -2.96 -9.79 -31.41
CA ASP F 363 -2.47 -10.55 -32.56
C ASP F 363 -3.57 -11.24 -33.37
N ARG F 364 -4.66 -11.58 -32.71
CA ARG F 364 -5.80 -12.23 -33.37
C ARG F 364 -6.67 -11.34 -34.25
N ASP F 365 -6.86 -10.09 -33.83
CA ASP F 365 -7.73 -9.17 -34.55
C ASP F 365 -7.13 -8.72 -35.88
N VAL F 366 -5.82 -8.51 -35.92
CA VAL F 366 -5.14 -8.15 -37.16
C VAL F 366 -5.08 -9.34 -38.11
N LEU F 367 -4.87 -10.53 -37.56
CA LEU F 367 -4.73 -11.73 -38.37
C LEU F 367 -6.08 -12.27 -38.84
N GLY F 368 -7.15 -11.92 -38.14
CA GLY F 368 -8.49 -12.31 -38.56
C GLY F 368 -9.10 -13.45 -37.76
N ILE F 369 -8.45 -13.84 -36.67
CA ILE F 369 -8.94 -14.92 -35.82
C ILE F 369 -10.00 -14.38 -34.87
N SER F 370 -11.20 -14.18 -35.40
CA SER F 370 -12.30 -13.60 -34.63
C SER F 370 -12.98 -14.62 -33.72
N ASP F 371 -14.05 -14.18 -33.06
CA ASP F 371 -14.80 -15.05 -32.16
C ASP F 371 -15.67 -16.05 -32.90
N THR F 372 -15.73 -15.91 -34.23
CA THR F 372 -16.59 -16.75 -35.06
C THR F 372 -15.82 -17.62 -36.05
N LEU F 373 -14.49 -17.60 -35.98
CA LEU F 373 -13.70 -18.43 -36.87
C LEU F 373 -13.61 -19.86 -36.35
N ILE F 374 -14.03 -20.80 -37.18
CA ILE F 374 -14.03 -22.21 -36.82
C ILE F 374 -13.12 -23.00 -37.75
N ARG F 375 -12.25 -23.82 -37.18
CA ARG F 375 -11.36 -24.65 -37.98
C ARG F 375 -11.84 -26.11 -37.97
N LEU F 376 -11.99 -26.69 -39.15
CA LEU F 376 -12.37 -28.09 -39.26
C LEU F 376 -11.21 -28.94 -39.79
N SER F 377 -11.01 -30.09 -39.16
CA SER F 377 -10.09 -31.09 -39.69
C SER F 377 -10.92 -32.27 -40.18
N VAL F 378 -11.23 -32.26 -41.48
CA VAL F 378 -12.11 -33.28 -42.03
C VAL F 378 -11.38 -34.62 -42.14
N GLY F 379 -11.99 -35.65 -41.56
CA GLY F 379 -11.36 -36.96 -41.51
C GLY F 379 -11.74 -37.86 -42.68
N LEU F 380 -11.64 -39.16 -42.47
CA LEU F 380 -11.82 -40.13 -43.55
C LEU F 380 -13.17 -40.83 -43.49
N GLU F 381 -14.11 -40.28 -42.74
CA GLU F 381 -15.45 -40.85 -42.68
C GLU F 381 -16.18 -40.64 -44.00
N ASP F 382 -17.37 -41.23 -44.12
CA ASP F 382 -18.19 -41.08 -45.32
C ASP F 382 -18.64 -39.63 -45.51
N GLU F 383 -18.59 -39.17 -46.76
CA GLU F 383 -18.94 -37.80 -47.10
C GLU F 383 -20.35 -37.42 -46.66
N GLU F 384 -21.34 -38.22 -47.07
CA GLU F 384 -22.72 -38.05 -46.64
C GLU F 384 -22.88 -37.81 -45.12
N ASP F 385 -22.27 -38.66 -44.29
CA ASP F 385 -22.43 -38.54 -42.85
C ASP F 385 -21.79 -37.27 -42.29
N LEU F 386 -20.66 -36.87 -42.85
CA LEU F 386 -20.00 -35.65 -42.40
C LEU F 386 -20.83 -34.42 -42.78
N LEU F 387 -21.43 -34.46 -43.96
CA LEU F 387 -22.28 -33.36 -44.42
C LEU F 387 -23.54 -33.25 -43.56
N GLU F 388 -24.14 -34.39 -43.25
CA GLU F 388 -25.34 -34.41 -42.42
C GLU F 388 -25.05 -33.87 -41.01
N ASP F 389 -23.87 -34.16 -40.49
CA ASP F 389 -23.49 -33.69 -39.17
C ASP F 389 -23.35 -32.17 -39.14
N LEU F 390 -22.74 -31.63 -40.18
CA LEU F 390 -22.57 -30.18 -40.29
C LEU F 390 -23.91 -29.49 -40.53
N ASP F 391 -24.74 -30.09 -41.37
CA ASP F 391 -26.05 -29.52 -41.70
C ASP F 391 -26.94 -29.41 -40.48
N GLN F 392 -27.07 -30.52 -39.75
CA GLN F 392 -27.90 -30.58 -38.55
C GLN F 392 -27.41 -29.60 -37.47
N ALA F 393 -26.09 -29.50 -37.34
CA ALA F 393 -25.49 -28.64 -36.33
C ALA F 393 -25.69 -27.17 -36.67
N LEU F 394 -25.69 -26.86 -37.96
CA LEU F 394 -25.92 -25.49 -38.41
C LEU F 394 -27.38 -25.08 -38.23
N LYS F 395 -28.30 -26.01 -38.43
CA LYS F 395 -29.72 -25.74 -38.20
C LYS F 395 -29.98 -25.54 -36.71
N ALA F 396 -29.12 -26.12 -35.89
CA ALA F 396 -29.19 -25.99 -34.44
C ALA F 396 -28.69 -24.62 -34.00
N ALA F 397 -27.68 -24.12 -34.70
CA ALA F 397 -27.11 -22.82 -34.39
C ALA F 397 -28.07 -21.71 -34.75
N HIS F 398 -28.78 -21.88 -35.86
CA HIS F 398 -29.76 -20.90 -36.32
C HIS F 398 -31.11 -21.60 -36.48
N PRO F 399 -31.83 -21.82 -35.37
CA PRO F 399 -33.11 -22.53 -35.37
C PRO F 399 -34.23 -21.76 -36.05
N GLY G 10 -21.51 -52.63 -61.70
CA GLY G 10 -22.59 -53.60 -61.62
C GLY G 10 -22.49 -54.48 -60.38
N PHE G 11 -21.53 -54.17 -59.53
CA PHE G 11 -21.36 -54.90 -58.27
C PHE G 11 -22.45 -54.52 -57.29
N LEU G 12 -22.56 -55.26 -56.20
CA LEU G 12 -23.43 -54.89 -55.09
C LEU G 12 -23.04 -53.51 -54.59
N PRO G 13 -24.04 -52.67 -54.26
CA PRO G 13 -23.74 -51.33 -53.75
C PRO G 13 -22.91 -51.36 -52.47
N HIS G 14 -22.01 -50.39 -52.30
CA HIS G 14 -21.15 -50.36 -51.12
C HIS G 14 -21.94 -50.24 -49.84
N PHE G 15 -21.47 -50.93 -48.81
CA PHE G 15 -22.13 -50.93 -47.51
C PHE G 15 -22.13 -49.54 -46.89
N GLN G 16 -23.30 -49.14 -46.40
CA GLN G 16 -23.51 -47.77 -45.99
C GLN G 16 -22.89 -47.54 -44.61
N HIS G 17 -22.26 -46.37 -44.44
CA HIS G 17 -21.63 -45.95 -43.18
C HIS G 17 -20.38 -46.75 -42.81
N PHE G 18 -19.79 -47.46 -43.76
CA PHE G 18 -18.65 -48.33 -43.46
C PHE G 18 -17.46 -47.55 -42.92
N ALA G 19 -17.07 -46.51 -43.63
CA ALA G 19 -15.92 -45.70 -43.26
C ALA G 19 -16.13 -45.01 -41.93
N THR G 20 -17.33 -44.45 -41.75
CA THR G 20 -17.69 -43.76 -40.52
C THR G 20 -17.55 -44.70 -39.33
N GLN G 21 -18.04 -45.93 -39.50
CA GLN G 21 -18.03 -46.89 -38.41
C GLN G 21 -16.67 -47.46 -38.07
N ALA G 22 -15.89 -47.72 -39.09
CA ALA G 22 -14.55 -48.25 -38.91
C ALA G 22 -13.70 -47.30 -38.07
N ILE G 23 -14.05 -46.02 -38.13
CA ILE G 23 -13.31 -44.98 -37.43
C ILE G 23 -13.87 -44.68 -36.03
N HIS G 24 -15.17 -44.87 -35.84
CA HIS G 24 -15.81 -44.41 -34.60
C HIS G 24 -16.36 -45.50 -33.69
N VAL G 25 -16.79 -46.64 -34.22
CA VAL G 25 -17.39 -47.67 -33.39
C VAL G 25 -16.38 -48.28 -32.41
N GLY G 26 -16.71 -48.23 -31.11
CA GLY G 26 -15.83 -48.73 -30.07
C GLY G 26 -14.80 -47.69 -29.65
N GLN G 27 -14.78 -46.58 -30.38
CA GLN G 27 -13.75 -45.56 -30.24
C GLN G 27 -14.26 -44.34 -29.47
N ASP G 28 -15.42 -44.52 -28.85
CA ASP G 28 -16.10 -43.45 -28.12
C ASP G 28 -15.27 -42.88 -26.97
N PRO G 29 -14.94 -41.58 -27.03
CA PRO G 29 -14.09 -40.89 -26.05
C PRO G 29 -14.62 -40.88 -24.60
N GLU G 30 -15.92 -41.12 -24.42
CA GLU G 30 -16.56 -41.07 -23.10
C GLU G 30 -16.30 -42.34 -22.30
N GLN G 31 -15.59 -43.29 -22.89
CA GLN G 31 -15.23 -44.52 -22.20
C GLN G 31 -14.12 -44.29 -21.20
N TRP G 32 -13.33 -43.24 -21.43
CA TRP G 32 -12.14 -43.01 -20.63
C TRP G 32 -12.24 -41.70 -19.84
N THR G 33 -11.69 -41.71 -18.64
CA THR G 33 -11.72 -40.54 -17.78
C THR G 33 -10.98 -39.37 -18.43
N SER G 34 -10.06 -39.70 -19.32
CA SER G 34 -9.24 -38.70 -20.00
C SER G 34 -9.94 -38.09 -21.22
N ARG G 35 -11.03 -38.72 -21.67
CA ARG G 35 -11.75 -38.30 -22.88
C ARG G 35 -10.85 -38.37 -24.12
N ALA G 36 -9.92 -39.31 -24.13
CA ALA G 36 -9.02 -39.52 -25.27
C ALA G 36 -9.77 -39.88 -26.55
N VAL G 37 -9.33 -39.30 -27.67
CA VAL G 37 -9.94 -39.57 -28.96
C VAL G 37 -9.57 -40.98 -29.43
N VAL G 38 -8.38 -41.43 -29.06
CA VAL G 38 -7.95 -42.80 -29.35
C VAL G 38 -7.91 -43.63 -28.09
N PRO G 39 -8.54 -44.82 -28.12
CA PRO G 39 -8.56 -45.73 -26.97
C PRO G 39 -7.15 -46.09 -26.50
N PRO G 40 -6.91 -46.01 -25.19
CA PRO G 40 -5.62 -46.42 -24.63
C PRO G 40 -5.37 -47.91 -24.78
N ILE G 41 -4.11 -48.31 -24.77
CA ILE G 41 -3.77 -49.72 -24.77
C ILE G 41 -3.69 -50.19 -23.32
N SER G 42 -4.65 -51.02 -22.92
CA SER G 42 -4.69 -51.51 -21.55
C SER G 42 -4.03 -52.87 -21.46
N LEU G 43 -2.80 -52.89 -20.96
CA LEU G 43 -2.02 -54.12 -20.84
C LEU G 43 -2.33 -54.90 -19.59
N SER G 44 -2.87 -54.20 -18.58
CA SER G 44 -3.11 -54.79 -17.26
C SER G 44 -3.79 -56.15 -17.35
N THR G 45 -3.20 -57.15 -16.71
CA THR G 45 -3.73 -58.50 -16.73
C THR G 45 -4.93 -58.63 -15.80
N THR G 46 -4.94 -57.82 -14.75
CA THR G 46 -6.00 -57.92 -13.76
C THR G 46 -6.53 -56.54 -13.39
N PHE G 47 -7.68 -56.52 -12.74
CA PHE G 47 -8.40 -55.28 -12.48
C PHE G 47 -8.92 -55.27 -11.05
N LYS G 48 -8.88 -54.10 -10.42
CA LYS G 48 -9.35 -53.96 -9.05
C LYS G 48 -10.86 -54.18 -8.97
N GLN G 49 -11.29 -54.93 -7.96
CA GLN G 49 -12.70 -55.20 -7.77
C GLN G 49 -13.21 -54.57 -6.47
N GLY G 50 -14.47 -54.17 -6.47
CA GLY G 50 -15.07 -53.56 -5.29
C GLY G 50 -15.33 -54.61 -4.24
N ALA G 51 -15.91 -55.71 -4.69
CA ALA G 51 -16.24 -56.86 -3.81
C ALA G 51 -15.80 -58.16 -4.47
N PRO G 52 -15.54 -59.22 -3.69
CA PRO G 52 -15.07 -60.50 -4.17
C PRO G 52 -16.14 -61.14 -5.00
N GLY G 53 -15.88 -61.52 -6.24
CA GLY G 53 -16.97 -62.02 -7.07
C GLY G 53 -17.86 -60.88 -7.49
N GLN G 54 -17.16 -59.81 -7.84
CA GLN G 54 -17.70 -58.55 -8.29
C GLN G 54 -18.91 -58.74 -9.19
N GLY G 57 -17.31 -54.76 -13.90
CA GLY G 57 -16.42 -54.38 -14.98
C GLY G 57 -15.56 -55.55 -15.43
N PHE G 58 -14.26 -55.33 -15.49
CA PHE G 58 -13.33 -56.35 -15.96
C PHE G 58 -12.75 -57.10 -14.76
N THR G 59 -12.45 -58.37 -14.95
CA THR G 59 -11.87 -59.17 -13.87
C THR G 59 -10.47 -59.62 -14.24
N TYR G 60 -10.33 -60.17 -15.44
CA TYR G 60 -9.07 -60.73 -15.89
C TYR G 60 -8.96 -60.53 -17.40
N SER G 61 -7.76 -60.16 -17.86
CA SER G 61 -7.56 -59.76 -19.24
C SER G 61 -8.02 -60.79 -20.27
N ARG G 62 -7.80 -62.07 -19.97
CA ARG G 62 -8.12 -63.13 -20.90
C ARG G 62 -9.64 -63.24 -21.09
N SER G 63 -10.37 -62.97 -20.01
CA SER G 63 -11.83 -63.02 -20.03
C SER G 63 -12.37 -61.81 -20.79
N GLY G 64 -11.70 -60.68 -20.61
CA GLY G 64 -12.06 -59.45 -21.31
C GLY G 64 -11.15 -58.32 -20.88
N ASN G 65 -10.92 -57.38 -21.80
CA ASN G 65 -10.10 -56.22 -21.51
C ASN G 65 -10.50 -55.08 -22.45
N PRO G 66 -10.26 -53.82 -22.03
CA PRO G 66 -10.74 -52.65 -22.79
C PRO G 66 -10.36 -52.61 -24.27
N THR G 67 -9.07 -52.74 -24.58
CA THR G 67 -8.59 -52.58 -25.94
C THR G 67 -9.11 -53.66 -26.89
N ARG G 68 -9.19 -54.89 -26.40
CA ARG G 68 -9.72 -55.98 -27.21
C ARG G 68 -11.21 -55.80 -27.45
N ASN G 69 -11.92 -55.33 -26.42
CA ASN G 69 -13.36 -55.13 -26.52
C ASN G 69 -13.72 -54.04 -27.54
N CYS G 70 -12.94 -52.96 -27.57
CA CYS G 70 -13.14 -51.90 -28.54
C CYS G 70 -12.97 -52.41 -29.97
N LEU G 71 -11.96 -53.24 -30.18
CA LEU G 71 -11.71 -53.83 -31.49
C LEU G 71 -12.84 -54.74 -31.92
N GLU G 72 -13.27 -55.61 -31.01
CA GLU G 72 -14.34 -56.55 -31.31
C GLU G 72 -15.65 -55.83 -31.65
N LYS G 73 -15.91 -54.74 -30.94
CA LYS G 73 -17.12 -53.97 -31.21
C LYS G 73 -17.07 -53.32 -32.59
N ALA G 74 -15.87 -52.90 -33.00
CA ALA G 74 -15.67 -52.26 -34.29
C ALA G 74 -15.87 -53.24 -35.44
N VAL G 75 -15.25 -54.41 -35.34
CA VAL G 75 -15.35 -55.42 -36.40
C VAL G 75 -16.78 -55.94 -36.57
N ALA G 76 -17.48 -56.10 -35.46
CA ALA G 76 -18.88 -56.54 -35.48
C ALA G 76 -19.73 -55.61 -36.34
N ALA G 77 -19.53 -54.31 -36.18
CA ALA G 77 -20.25 -53.32 -36.95
C ALA G 77 -19.95 -53.47 -38.44
N LEU G 78 -18.67 -53.66 -38.77
CA LEU G 78 -18.24 -53.78 -40.16
C LEU G 78 -18.79 -55.04 -40.82
N ASP G 79 -19.02 -56.08 -40.02
CA ASP G 79 -19.58 -57.33 -40.51
C ASP G 79 -21.11 -57.27 -40.57
N GLY G 80 -21.68 -56.22 -40.01
CA GLY G 80 -23.12 -56.13 -39.83
C GLY G 80 -23.56 -57.12 -38.78
N ALA G 81 -22.68 -57.37 -37.81
CA ALA G 81 -22.91 -58.36 -36.78
C ALA G 81 -23.29 -57.76 -35.43
N LYS G 82 -23.74 -58.61 -34.52
CA LYS G 82 -24.09 -58.21 -33.17
C LYS G 82 -22.92 -58.42 -32.22
N TYR G 83 -22.12 -59.44 -32.51
CA TYR G 83 -21.02 -59.82 -31.64
C TYR G 83 -19.75 -60.12 -32.45
N CYS G 84 -18.61 -60.03 -31.78
CA CYS G 84 -17.34 -60.40 -32.42
C CYS G 84 -16.33 -60.88 -31.39
N LEU G 85 -15.49 -61.83 -31.80
CA LEU G 85 -14.46 -62.37 -30.92
C LEU G 85 -13.10 -62.36 -31.60
N ALA G 86 -12.09 -61.82 -30.91
CA ALA G 86 -10.73 -61.77 -31.43
C ALA G 86 -9.89 -62.94 -30.92
N PHE G 87 -8.93 -63.38 -31.73
CA PHE G 87 -8.09 -64.52 -31.37
C PHE G 87 -6.62 -64.31 -31.73
N ALA G 88 -5.77 -65.19 -31.20
CA ALA G 88 -4.32 -65.09 -31.37
C ALA G 88 -3.90 -65.20 -32.83
N SER G 89 -4.72 -65.88 -33.64
CA SER G 89 -4.43 -66.04 -35.05
C SER G 89 -5.66 -66.53 -35.79
N GLY G 90 -5.60 -66.51 -37.11
CA GLY G 90 -6.67 -67.05 -37.94
C GLY G 90 -6.89 -68.51 -37.64
N LEU G 91 -5.80 -69.27 -37.55
CA LEU G 91 -5.89 -70.69 -37.22
C LEU G 91 -6.49 -70.88 -35.82
N ALA G 92 -6.13 -70.02 -34.90
CA ALA G 92 -6.67 -70.08 -33.53
C ALA G 92 -8.17 -69.89 -33.53
N ALA G 93 -8.65 -69.00 -34.38
CA ALA G 93 -10.08 -68.78 -34.53
C ALA G 93 -10.74 -70.03 -35.07
N THR G 94 -10.10 -70.67 -36.04
CA THR G 94 -10.59 -71.90 -36.65
C THR G 94 -10.71 -73.01 -35.62
N VAL G 95 -9.64 -73.22 -34.84
CA VAL G 95 -9.61 -74.25 -33.82
C VAL G 95 -10.68 -74.02 -32.75
N THR G 96 -10.86 -72.76 -32.36
CA THR G 96 -11.87 -72.40 -31.36
C THR G 96 -13.27 -72.73 -31.86
N ILE G 97 -13.55 -72.39 -33.11
CA ILE G 97 -14.83 -72.67 -33.75
C ILE G 97 -15.12 -74.16 -33.76
N THR G 98 -14.10 -74.96 -34.07
CA THR G 98 -14.24 -76.41 -34.13
C THR G 98 -14.56 -77.01 -32.75
N HIS G 99 -14.14 -76.34 -31.69
CA HIS G 99 -14.41 -76.81 -30.33
C HIS G 99 -15.88 -76.69 -29.93
N LEU G 100 -16.70 -76.14 -30.83
CA LEU G 100 -18.13 -76.06 -30.61
C LEU G 100 -18.78 -77.44 -30.73
N LEU G 101 -18.10 -78.35 -31.44
CA LEU G 101 -18.68 -79.64 -31.74
C LEU G 101 -18.38 -80.67 -30.66
N LYS G 102 -18.89 -81.88 -30.85
CA LYS G 102 -18.56 -83.00 -29.98
C LYS G 102 -17.94 -84.13 -30.78
N ALA G 103 -17.34 -85.10 -30.08
CA ALA G 103 -16.90 -86.33 -30.72
C ALA G 103 -18.07 -87.07 -31.36
N GLY G 104 -17.94 -87.39 -32.65
CA GLY G 104 -19.00 -88.09 -33.37
C GLY G 104 -19.59 -87.21 -34.45
N ASP G 105 -19.32 -85.92 -34.37
CA ASP G 105 -19.83 -84.96 -35.34
C ASP G 105 -19.05 -84.99 -36.65
N GLN G 106 -19.60 -84.36 -37.68
CA GLN G 106 -18.94 -84.34 -38.98
C GLN G 106 -18.70 -82.93 -39.50
N ILE G 107 -17.58 -82.74 -40.17
CA ILE G 107 -17.25 -81.46 -40.76
C ILE G 107 -17.15 -81.57 -42.28
N ILE G 108 -17.88 -80.72 -42.98
CA ILE G 108 -17.72 -80.58 -44.41
C ILE G 108 -16.88 -79.34 -44.68
N CYS G 109 -15.75 -79.54 -45.34
CA CYS G 109 -14.85 -78.41 -45.63
C CYS G 109 -14.69 -78.26 -47.14
N MET G 110 -14.59 -77.01 -47.60
CA MET G 110 -14.35 -76.72 -49.01
C MET G 110 -13.09 -77.43 -49.50
N ASP G 111 -13.10 -77.91 -50.73
CA ASP G 111 -12.00 -78.75 -51.21
C ASP G 111 -10.74 -77.93 -51.45
N ASP G 112 -10.90 -76.68 -51.87
CA ASP G 112 -9.77 -75.78 -52.01
C ASP G 112 -9.77 -74.79 -50.86
N VAL G 113 -9.03 -75.10 -49.81
CA VAL G 113 -8.98 -74.22 -48.65
C VAL G 113 -7.52 -73.87 -48.36
N TYR G 114 -7.30 -72.93 -47.44
CA TYR G 114 -5.95 -72.60 -47.01
C TYR G 114 -5.26 -73.83 -46.41
N GLY G 115 -3.99 -74.00 -46.77
CA GLY G 115 -3.23 -75.17 -46.37
C GLY G 115 -3.31 -75.52 -44.90
N GLY G 116 -3.23 -74.51 -44.05
CA GLY G 116 -3.32 -74.72 -42.62
C GLY G 116 -4.69 -75.18 -42.18
N THR G 117 -5.72 -74.68 -42.87
CA THR G 117 -7.09 -75.07 -42.59
C THR G 117 -7.28 -76.53 -42.98
N ASN G 118 -6.76 -76.87 -44.16
CA ASN G 118 -6.73 -78.25 -44.64
C ASN G 118 -6.01 -79.13 -43.64
N ARG G 119 -4.82 -78.69 -43.23
CA ARG G 119 -3.96 -79.43 -42.31
C ARG G 119 -4.58 -79.69 -40.94
N TYR G 120 -5.25 -78.68 -40.38
CA TYR G 120 -5.85 -78.83 -39.06
C TYR G 120 -6.97 -79.85 -39.06
N PHE G 121 -7.89 -79.73 -40.02
CA PHE G 121 -9.02 -80.63 -40.14
C PHE G 121 -8.55 -82.06 -40.42
N ARG G 122 -7.64 -82.20 -41.37
CA ARG G 122 -7.25 -83.51 -41.87
C ARG G 122 -6.34 -84.26 -40.89
N GLN G 123 -5.45 -83.55 -40.22
CA GLN G 123 -4.43 -84.18 -39.40
C GLN G 123 -4.63 -84.05 -37.89
N VAL G 124 -5.44 -83.09 -37.46
CA VAL G 124 -5.59 -82.85 -36.02
C VAL G 124 -7.02 -83.08 -35.53
N ALA G 125 -7.99 -82.42 -36.16
CA ALA G 125 -9.38 -82.55 -35.75
C ALA G 125 -9.86 -83.99 -35.93
N SER G 126 -9.28 -84.66 -36.93
CA SER G 126 -9.64 -86.03 -37.25
C SER G 126 -9.16 -87.00 -36.17
N GLU G 127 -8.39 -86.49 -35.20
CA GLU G 127 -7.81 -87.31 -34.15
C GLU G 127 -8.64 -87.25 -32.88
N PHE G 128 -9.83 -86.68 -32.99
CA PHE G 128 -10.70 -86.48 -31.84
C PHE G 128 -12.16 -86.78 -32.11
N GLY G 129 -12.42 -87.83 -32.88
CA GLY G 129 -13.78 -88.27 -33.14
C GLY G 129 -14.56 -87.38 -34.08
N LEU G 130 -13.83 -86.61 -34.89
CA LEU G 130 -14.48 -85.76 -35.89
C LEU G 130 -14.25 -86.34 -37.28
N LYS G 131 -15.31 -86.41 -38.08
CA LYS G 131 -15.22 -86.92 -39.43
C LYS G 131 -15.07 -85.77 -40.42
N ILE G 132 -14.11 -85.87 -41.32
CA ILE G 132 -13.82 -84.77 -42.23
C ILE G 132 -13.99 -85.15 -43.70
N SER G 133 -14.81 -84.40 -44.42
CA SER G 133 -14.98 -84.58 -45.85
C SER G 133 -14.73 -83.29 -46.61
N PHE G 134 -13.79 -83.35 -47.54
CA PHE G 134 -13.51 -82.22 -48.40
C PHE G 134 -14.40 -82.31 -49.64
N VAL G 135 -15.23 -81.29 -49.83
CA VAL G 135 -16.25 -81.31 -50.86
C VAL G 135 -16.22 -80.02 -51.69
N ASP G 136 -16.29 -80.17 -53.01
CA ASP G 136 -16.40 -79.01 -53.89
C ASP G 136 -17.76 -78.33 -53.72
N CYS G 137 -17.79 -77.28 -52.91
CA CYS G 137 -19.03 -76.59 -52.60
C CYS G 137 -19.34 -75.52 -53.64
N SER G 138 -18.50 -75.40 -54.67
CA SER G 138 -18.78 -74.48 -55.75
C SER G 138 -19.84 -75.12 -56.64
N LYS G 139 -19.83 -76.45 -56.66
CA LYS G 139 -20.91 -77.19 -57.29
C LYS G 139 -21.87 -77.51 -56.15
N ILE G 140 -22.95 -76.76 -56.14
CA ILE G 140 -23.84 -76.65 -55.00
C ILE G 140 -24.58 -77.96 -54.71
N LYS G 141 -24.68 -78.81 -55.72
CA LYS G 141 -25.34 -80.11 -55.62
C LYS G 141 -24.50 -81.21 -54.95
N LEU G 142 -23.18 -81.04 -54.91
CA LEU G 142 -22.29 -82.00 -54.26
C LEU G 142 -22.36 -81.84 -52.75
N LEU G 143 -22.76 -80.66 -52.33
CA LEU G 143 -22.87 -80.33 -50.92
C LEU G 143 -24.05 -81.08 -50.32
N GLU G 144 -25.14 -81.19 -51.06
CA GLU G 144 -26.34 -81.90 -50.60
C GLU G 144 -26.09 -83.39 -50.39
N ALA G 145 -25.28 -83.98 -51.26
CA ALA G 145 -24.97 -85.40 -51.18
C ALA G 145 -24.06 -85.71 -50.00
N ALA G 146 -23.27 -84.72 -49.60
CA ALA G 146 -22.30 -84.89 -48.52
C ALA G 146 -22.91 -84.64 -47.14
N ILE G 147 -23.98 -83.85 -47.07
CA ILE G 147 -24.62 -83.56 -45.79
C ILE G 147 -25.23 -84.83 -45.20
N THR G 148 -24.97 -85.04 -43.91
CA THR G 148 -25.43 -86.24 -43.22
C THR G 148 -26.06 -85.75 -41.90
N PRO G 149 -26.91 -86.56 -41.24
CA PRO G 149 -27.40 -86.07 -39.95
C PRO G 149 -26.34 -85.79 -38.88
N GLU G 150 -25.12 -86.29 -39.06
CA GLU G 150 -24.04 -85.99 -38.12
C GLU G 150 -23.29 -84.71 -38.49
N THR G 151 -23.61 -84.13 -39.65
CA THR G 151 -22.96 -82.88 -40.05
C THR G 151 -23.42 -81.73 -39.16
N LYS G 152 -22.45 -81.05 -38.55
CA LYS G 152 -22.70 -79.93 -37.65
C LYS G 152 -21.98 -78.66 -38.09
N LEU G 153 -21.06 -78.79 -39.03
CA LEU G 153 -20.27 -77.65 -39.46
C LEU G 153 -19.89 -77.73 -40.94
N VAL G 154 -20.15 -76.64 -41.66
CA VAL G 154 -19.70 -76.52 -43.04
C VAL G 154 -18.75 -75.33 -43.15
N TRP G 155 -17.52 -75.60 -43.55
CA TRP G 155 -16.48 -74.58 -43.61
C TRP G 155 -16.12 -74.25 -45.06
N ILE G 156 -16.44 -73.04 -45.49
CA ILE G 156 -16.12 -72.64 -46.86
C ILE G 156 -15.26 -71.38 -46.92
N GLU G 157 -14.59 -71.22 -48.06
CA GLU G 157 -13.74 -70.10 -48.35
C GLU G 157 -14.16 -69.55 -49.70
N THR G 158 -14.40 -68.24 -49.78
CA THR G 158 -14.73 -67.68 -51.08
C THR G 158 -14.28 -66.22 -51.16
N PRO G 159 -13.41 -65.90 -52.14
CA PRO G 159 -12.77 -66.85 -53.05
C PRO G 159 -11.82 -67.77 -52.31
N THR G 160 -11.59 -68.96 -52.85
CA THR G 160 -10.76 -69.95 -52.19
C THR G 160 -9.28 -69.58 -52.28
N ASN G 161 -8.49 -70.17 -51.40
CA ASN G 161 -7.05 -69.96 -51.37
C ASN G 161 -6.36 -71.23 -51.84
N PRO G 162 -5.63 -71.17 -52.97
CA PRO G 162 -5.37 -69.99 -53.79
C PRO G 162 -6.00 -70.00 -55.20
N THR G 163 -6.82 -71.00 -55.52
CA THR G 163 -7.37 -71.10 -56.88
C THR G 163 -8.56 -70.16 -57.08
N GLN G 164 -8.99 -69.54 -56.00
CA GLN G 164 -10.03 -68.52 -56.00
C GLN G 164 -11.32 -68.99 -56.66
N LYS G 165 -11.81 -70.14 -56.22
CA LYS G 165 -13.14 -70.61 -56.62
C LYS G 165 -14.17 -69.86 -55.78
N VAL G 166 -15.27 -69.45 -56.41
CA VAL G 166 -16.27 -68.65 -55.72
C VAL G 166 -17.50 -69.49 -55.39
N ILE G 167 -17.98 -69.37 -54.16
CA ILE G 167 -19.12 -70.13 -53.69
C ILE G 167 -20.35 -69.23 -53.52
N ASP G 168 -21.49 -69.71 -54.00
CA ASP G 168 -22.76 -69.03 -53.75
C ASP G 168 -23.08 -69.18 -52.27
N ILE G 169 -22.80 -68.13 -51.50
CA ILE G 169 -22.95 -68.16 -50.05
C ILE G 169 -24.41 -68.32 -49.64
N GLU G 170 -25.29 -67.53 -50.25
CA GLU G 170 -26.71 -67.57 -49.93
C GLU G 170 -27.30 -68.92 -50.35
N GLY G 171 -26.84 -69.44 -51.48
CA GLY G 171 -27.27 -70.76 -51.94
C GLY G 171 -26.80 -71.87 -51.01
N CYS G 172 -25.55 -71.79 -50.56
CA CYS G 172 -25.03 -72.77 -49.62
C CYS G 172 -25.71 -72.65 -48.27
N ALA G 173 -25.94 -71.42 -47.83
CA ALA G 173 -26.62 -71.17 -46.57
C ALA G 173 -28.02 -71.77 -46.58
N HIS G 174 -28.71 -71.65 -47.71
CA HIS G 174 -30.05 -72.19 -47.84
C HIS G 174 -30.04 -73.72 -47.74
N ILE G 175 -29.08 -74.35 -48.41
CA ILE G 175 -28.95 -75.81 -48.37
C ILE G 175 -28.52 -76.34 -47.02
N VAL G 176 -27.58 -75.66 -46.38
CA VAL G 176 -27.01 -76.12 -45.12
C VAL G 176 -28.06 -76.01 -44.03
N HIS G 177 -28.84 -74.93 -44.09
CA HIS G 177 -29.85 -74.63 -43.09
C HIS G 177 -31.21 -75.31 -43.31
N LYS G 178 -31.34 -76.10 -44.38
CA LYS G 178 -32.62 -76.75 -44.64
C LYS G 178 -33.01 -77.82 -43.61
N HIS G 179 -32.03 -78.50 -43.04
CA HIS G 179 -32.32 -79.55 -42.07
C HIS G 179 -31.31 -79.64 -40.92
N GLY G 180 -31.83 -79.82 -39.71
CA GLY G 180 -31.00 -79.98 -38.54
C GLY G 180 -30.40 -78.67 -38.06
N ASP G 181 -29.39 -78.78 -37.20
CA ASP G 181 -28.72 -77.63 -36.60
C ASP G 181 -27.27 -77.61 -37.08
N ILE G 182 -27.05 -77.09 -38.27
CA ILE G 182 -25.70 -77.03 -38.83
C ILE G 182 -25.20 -75.59 -38.97
N ILE G 183 -23.96 -75.37 -38.57
CA ILE G 183 -23.30 -74.07 -38.65
C ILE G 183 -22.56 -73.89 -39.96
N LEU G 184 -22.84 -72.80 -40.66
CA LEU G 184 -22.08 -72.44 -41.86
C LEU G 184 -21.08 -71.34 -41.56
N VAL G 185 -19.80 -71.65 -41.74
CA VAL G 185 -18.74 -70.66 -41.54
C VAL G 185 -18.13 -70.23 -42.86
N VAL G 186 -18.04 -68.91 -43.06
CA VAL G 186 -17.36 -68.38 -44.24
C VAL G 186 -16.07 -67.67 -43.84
N ASP G 187 -14.94 -68.23 -44.27
CA ASP G 187 -13.65 -67.59 -44.09
C ASP G 187 -13.56 -66.41 -45.06
N ASN G 188 -13.80 -65.22 -44.55
CA ASN G 188 -13.89 -64.03 -45.38
C ASN G 188 -12.56 -63.26 -45.42
N THR G 189 -11.46 -64.00 -45.35
CA THR G 189 -10.13 -63.40 -45.28
C THR G 189 -9.75 -62.65 -46.55
N PHE G 190 -9.99 -63.26 -47.70
CA PHE G 190 -9.61 -62.66 -48.98
C PHE G 190 -10.35 -61.36 -49.27
N MET G 191 -11.67 -61.37 -49.13
CA MET G 191 -12.50 -60.20 -49.47
C MET G 191 -12.40 -59.06 -48.48
N SER G 192 -12.66 -59.36 -47.21
CA SER G 192 -12.77 -58.42 -46.09
C SER G 192 -14.23 -57.95 -46.02
N PRO G 193 -14.66 -57.38 -44.89
CA PRO G 193 -16.06 -56.96 -44.78
C PRO G 193 -16.42 -55.75 -45.62
N TYR G 194 -15.42 -55.08 -46.19
CA TYR G 194 -15.67 -53.93 -47.05
C TYR G 194 -16.26 -54.39 -48.39
N PHE G 195 -15.92 -55.62 -48.77
CA PHE G 195 -16.31 -56.15 -50.07
C PHE G 195 -17.33 -57.30 -49.97
N GLN G 196 -17.42 -57.95 -48.82
CA GLN G 196 -18.33 -59.07 -48.65
C GLN G 196 -18.83 -59.27 -47.22
N ARG G 197 -20.13 -59.41 -47.06
CA ARG G 197 -20.73 -59.65 -45.75
C ARG G 197 -21.49 -60.98 -45.72
N PRO G 198 -20.77 -62.08 -45.43
CA PRO G 198 -21.34 -63.44 -45.35
C PRO G 198 -22.58 -63.55 -44.44
N LEU G 199 -22.58 -62.83 -43.33
CA LEU G 199 -23.70 -62.89 -42.40
C LEU G 199 -24.97 -62.33 -43.03
N ALA G 200 -24.80 -61.32 -43.88
CA ALA G 200 -25.92 -60.73 -44.60
C ALA G 200 -26.39 -61.67 -45.71
N LEU G 201 -25.58 -62.67 -46.03
CA LEU G 201 -25.89 -63.62 -47.09
C LEU G 201 -26.35 -64.96 -46.53
N GLY G 202 -26.48 -65.05 -45.21
CA GLY G 202 -27.03 -66.25 -44.58
C GLY G 202 -26.07 -67.11 -43.79
N ALA G 203 -24.79 -66.76 -43.80
CA ALA G 203 -23.80 -67.50 -43.03
C ALA G 203 -24.03 -67.35 -41.54
N ASP G 204 -23.59 -68.33 -40.77
CA ASP G 204 -23.73 -68.28 -39.32
C ASP G 204 -22.52 -67.61 -38.68
N ILE G 205 -21.36 -67.81 -39.28
CA ILE G 205 -20.13 -67.23 -38.77
C ILE G 205 -19.33 -66.58 -39.88
N SER G 206 -18.94 -65.32 -39.68
CA SER G 206 -18.03 -64.66 -40.60
C SER G 206 -16.65 -64.59 -39.95
N MET G 207 -15.71 -65.36 -40.48
CA MET G 207 -14.39 -65.53 -39.87
C MET G 207 -13.30 -64.89 -40.70
N TYR G 208 -12.32 -64.29 -40.02
CA TYR G 208 -11.18 -63.67 -40.69
C TYR G 208 -9.85 -64.12 -40.11
N SER G 209 -8.85 -64.17 -40.97
CA SER G 209 -7.49 -64.09 -40.51
C SER G 209 -7.10 -62.62 -40.60
N ALA G 210 -7.10 -61.94 -39.46
CA ALA G 210 -6.85 -60.50 -39.44
C ALA G 210 -5.41 -60.16 -39.80
N THR G 211 -4.56 -61.19 -39.83
CA THR G 211 -3.17 -61.06 -40.24
C THR G 211 -3.04 -60.48 -41.64
N1 5OW G 212 -7.38 -68.50 -43.47
C2 5OW G 212 -7.06 -68.00 -44.69
C3 5OW G 212 -5.78 -67.53 -44.93
C7 5OW G 212 -0.96 -67.66 -46.53
O8 5OW G 212 -0.27 -66.82 -47.15
CA 5OW G 212 -4.07 -60.29 -43.85
CB 5OW G 212 -4.78 -61.43 -44.58
CD 5OW G 212 -3.21 -63.37 -43.84
CE 5OW G 212 -4.01 -64.66 -43.73
CG 5OW G 212 -3.76 -62.50 -44.96
O9 5OW G 212 -1.46 -68.66 -47.10
C1 5OW G 212 -1.20 -67.45 -45.07
C10 5OW G 212 -0.24 -68.31 -44.26
S11 5OW G 212 1.48 -67.88 -44.62
N4 5OW G 212 -2.54 -67.89 -44.70
C4' 5OW G 212 -3.45 -67.04 -44.27
C4 5OW G 212 -4.83 -67.56 -43.94
C5 5OW G 212 -5.16 -68.07 -42.71
C5' 5OW G 212 -4.14 -68.14 -41.60
OP4 5OW G 212 -4.57 -67.36 -40.48
P 5OW G 212 -3.45 -66.89 -39.42
OP3 5OW G 212 -3.39 -68.05 -38.46
OP2 5OW G 212 -2.21 -66.73 -40.28
OP1 5OW G 212 -3.98 -65.61 -38.83
C6 5OW G 212 -6.46 -68.54 -42.50
C2' 5OW G 212 -8.09 -67.95 -45.78
O3 5OW G 212 -5.47 -67.02 -46.17
NZ 5OW G 212 -3.14 -65.75 -44.18
N 5OW G 212 -4.11 -60.59 -42.40
C 5OW G 212 -4.62 -58.91 -44.15
O 5OW G 212 -4.26 -57.96 -43.44
N TYR G 213 -5.86 -58.81 -44.60
CA TYR G 213 -6.41 -57.52 -45.01
C TYR G 213 -6.93 -56.64 -43.87
N MET G 214 -7.51 -57.27 -42.85
CA MET G 214 -8.11 -56.52 -41.76
C MET G 214 -7.12 -55.55 -41.10
N ASN G 215 -6.00 -56.10 -40.62
CA ASN G 215 -4.94 -55.25 -40.09
C ASN G 215 -4.21 -54.54 -41.23
N GLY G 216 -3.83 -55.31 -42.25
CA GLY G 216 -3.31 -54.75 -43.48
C GLY G 216 -1.91 -54.16 -43.46
N HIS G 217 -1.19 -54.31 -42.35
CA HIS G 217 0.13 -53.72 -42.24
C HIS G 217 1.23 -54.73 -41.94
N SER G 218 0.92 -56.00 -42.12
CA SER G 218 1.91 -57.09 -42.04
C SER G 218 2.70 -57.12 -40.74
N ASP G 219 2.06 -56.74 -39.64
CA ASP G 219 2.76 -56.69 -38.36
C ASP G 219 1.95 -57.26 -37.20
N VAL G 220 0.82 -57.88 -37.52
CA VAL G 220 -0.04 -58.45 -36.50
C VAL G 220 -0.56 -59.80 -36.95
N VAL G 221 -0.37 -60.82 -36.12
CA VAL G 221 -0.99 -62.11 -36.35
C VAL G 221 -2.22 -62.18 -35.46
N MET G 222 -3.39 -62.38 -36.08
CA MET G 222 -4.66 -62.31 -35.36
C MET G 222 -5.79 -62.94 -36.15
N GLY G 223 -6.76 -63.50 -35.43
CA GLY G 223 -7.98 -64.02 -36.03
C GLY G 223 -9.19 -63.30 -35.50
N LEU G 224 -10.26 -63.28 -36.29
CA LEU G 224 -11.50 -62.61 -35.91
C LEU G 224 -12.72 -63.45 -36.25
N VAL G 225 -13.71 -63.43 -35.37
CA VAL G 225 -14.94 -64.19 -35.57
C VAL G 225 -16.19 -63.36 -35.28
N SER G 226 -17.00 -63.10 -36.30
CA SER G 226 -18.24 -62.35 -36.13
C SER G 226 -19.47 -63.24 -36.24
N VAL G 227 -20.48 -62.94 -35.43
CA VAL G 227 -21.66 -63.81 -35.32
C VAL G 227 -22.89 -62.99 -34.89
N ASN G 228 -24.08 -63.49 -35.22
CA ASN G 228 -25.33 -62.84 -34.84
C ASN G 228 -26.10 -63.64 -33.80
N CYS G 229 -26.09 -64.96 -33.96
CA CYS G 229 -26.85 -65.86 -33.09
C CYS G 229 -26.41 -65.76 -31.63
N GLU G 230 -27.39 -65.60 -30.75
CA GLU G 230 -27.12 -65.40 -29.33
C GLU G 230 -26.47 -66.61 -28.67
N SER G 231 -27.01 -67.79 -28.93
CA SER G 231 -26.49 -69.01 -28.31
C SER G 231 -25.11 -69.35 -28.88
N LEU G 232 -24.91 -69.06 -30.16
CA LEU G 232 -23.64 -69.31 -30.80
C LEU G 232 -22.54 -68.42 -30.23
N HIS G 233 -22.89 -67.17 -29.93
CA HIS G 233 -21.94 -66.24 -29.34
C HIS G 233 -21.51 -66.69 -27.95
N ASN G 234 -22.48 -67.08 -27.13
CA ASN G 234 -22.21 -67.52 -25.77
C ASN G 234 -21.29 -68.74 -25.73
N ARG G 235 -21.51 -69.67 -26.66
CA ARG G 235 -20.67 -70.85 -26.76
C ARG G 235 -19.27 -70.49 -27.23
N LEU G 236 -19.18 -69.53 -28.14
CA LEU G 236 -17.88 -69.05 -28.63
C LEU G 236 -17.15 -68.24 -27.57
N ARG G 237 -17.89 -67.43 -26.82
CA ARG G 237 -17.30 -66.61 -25.78
C ARG G 237 -16.74 -67.48 -24.65
N PHE G 238 -17.42 -68.59 -24.38
CA PHE G 238 -16.96 -69.53 -23.37
C PHE G 238 -15.62 -70.13 -23.80
N LEU G 239 -15.53 -70.50 -25.07
CA LEU G 239 -14.33 -71.15 -25.61
C LEU G 239 -13.15 -70.19 -25.75
N GLN G 240 -13.44 -68.92 -26.03
CA GLN G 240 -12.40 -67.91 -26.14
C GLN G 240 -11.64 -67.79 -24.83
N ASN G 241 -12.40 -67.83 -23.74
CA ASN G 241 -11.85 -67.69 -22.41
C ASN G 241 -11.34 -69.02 -21.87
N SER G 242 -11.91 -70.12 -22.34
CA SER G 242 -11.58 -71.45 -21.83
C SER G 242 -10.36 -72.03 -22.53
N LEU G 243 -10.22 -71.76 -23.82
CA LEU G 243 -9.07 -72.25 -24.57
C LEU G 243 -7.91 -71.28 -24.50
N GLY G 244 -8.23 -69.99 -24.35
CA GLY G 244 -7.22 -68.97 -24.10
C GLY G 244 -6.35 -68.56 -25.28
N ALA G 245 -6.83 -68.78 -26.49
CA ALA G 245 -6.11 -68.33 -27.67
C ALA G 245 -6.41 -66.87 -27.94
N VAL G 246 -6.06 -66.03 -26.97
CA VAL G 246 -6.40 -64.61 -27.00
C VAL G 246 -5.26 -63.77 -27.58
N PRO G 247 -5.63 -62.62 -28.19
CA PRO G 247 -4.61 -61.72 -28.74
C PRO G 247 -4.05 -60.78 -27.70
N SER G 248 -2.84 -60.27 -27.93
CA SER G 248 -2.28 -59.24 -27.07
C SER G 248 -3.09 -57.96 -27.25
N PRO G 249 -3.29 -57.22 -26.16
CA PRO G 249 -3.97 -55.93 -26.25
C PRO G 249 -3.28 -54.96 -27.22
N ILE G 250 -1.95 -55.03 -27.31
CA ILE G 250 -1.21 -54.15 -28.21
C ILE G 250 -1.48 -54.51 -29.66
N ASP G 251 -1.58 -55.80 -29.95
CA ASP G 251 -1.94 -56.25 -31.29
C ASP G 251 -3.36 -55.80 -31.63
N CYS G 252 -4.26 -55.85 -30.64
CA CYS G 252 -5.63 -55.38 -30.82
C CYS G 252 -5.66 -53.90 -31.18
N TYR G 253 -4.83 -53.11 -30.50
CA TYR G 253 -4.75 -51.69 -30.80
C TYR G 253 -4.27 -51.48 -32.23
N LEU G 254 -3.23 -52.21 -32.61
CA LEU G 254 -2.63 -52.08 -33.93
C LEU G 254 -3.60 -52.48 -35.03
N CYS G 255 -4.33 -53.56 -34.80
CA CYS G 255 -5.32 -54.03 -35.75
C CYS G 255 -6.47 -53.04 -35.88
N ASN G 256 -6.88 -52.45 -34.76
CA ASN G 256 -7.95 -51.47 -34.80
C ASN G 256 -7.49 -50.23 -35.57
N ARG G 257 -6.21 -49.92 -35.44
CA ARG G 257 -5.56 -48.84 -36.15
C ARG G 257 -5.55 -49.08 -37.67
N GLY G 258 -5.26 -50.31 -38.05
CA GLY G 258 -5.26 -50.70 -39.45
C GLY G 258 -6.66 -50.61 -40.03
N LEU G 259 -7.64 -50.93 -39.20
CA LEU G 259 -9.04 -50.88 -39.58
C LEU G 259 -9.45 -49.46 -39.99
N LYS G 260 -8.82 -48.47 -39.36
CA LYS G 260 -9.14 -47.06 -39.62
C LYS G 260 -8.95 -46.65 -41.07
N THR G 261 -8.11 -47.38 -41.79
CA THR G 261 -7.85 -47.07 -43.19
C THR G 261 -8.25 -48.23 -44.11
N LEU G 262 -9.03 -49.17 -43.58
CA LEU G 262 -9.43 -50.33 -44.35
C LEU G 262 -10.17 -49.97 -45.63
N HIS G 263 -11.06 -48.98 -45.56
CA HIS G 263 -11.87 -48.62 -46.72
C HIS G 263 -11.03 -48.02 -47.85
N VAL G 264 -10.09 -47.14 -47.52
CA VAL G 264 -9.25 -46.53 -48.54
C VAL G 264 -8.16 -47.48 -49.02
N ARG G 265 -7.79 -48.44 -48.18
CA ARG G 265 -6.84 -49.47 -48.58
C ARG G 265 -7.45 -50.46 -49.56
N MET G 266 -8.63 -50.98 -49.21
CA MET G 266 -9.31 -51.96 -50.06
C MET G 266 -9.67 -51.39 -51.43
N GLU G 267 -9.96 -50.10 -51.49
CA GLU G 267 -10.28 -49.45 -52.76
C GLU G 267 -9.05 -49.45 -53.67
N LYS G 268 -7.89 -49.25 -53.08
CA LYS G 268 -6.62 -49.26 -53.83
C LYS G 268 -6.17 -50.66 -54.21
N HIS G 269 -6.41 -51.62 -53.33
CA HIS G 269 -6.14 -53.02 -53.65
C HIS G 269 -6.97 -53.43 -54.88
N PHE G 270 -8.19 -52.93 -54.95
CA PHE G 270 -9.09 -53.22 -56.06
C PHE G 270 -8.56 -52.68 -57.38
N LYS G 271 -8.25 -51.39 -57.44
CA LYS G 271 -7.79 -50.78 -58.68
C LYS G 271 -6.47 -51.36 -59.16
N ASN G 272 -5.55 -51.57 -58.21
CA ASN G 272 -4.25 -52.13 -58.54
C ASN G 272 -4.35 -53.61 -58.92
N GLY G 273 -5.17 -54.36 -58.19
CA GLY G 273 -5.37 -55.77 -58.46
C GLY G 273 -5.99 -55.99 -59.83
N MET G 274 -6.98 -55.17 -60.15
CA MET G 274 -7.65 -55.22 -61.45
C MET G 274 -6.67 -54.93 -62.59
N ALA G 275 -5.84 -53.89 -62.39
CA ALA G 275 -4.86 -53.51 -63.39
C ALA G 275 -3.84 -54.61 -63.60
N VAL G 276 -3.39 -55.21 -62.50
CA VAL G 276 -2.45 -56.33 -62.56
C VAL G 276 -3.08 -57.51 -63.28
N ALA G 277 -4.32 -57.83 -62.94
CA ALA G 277 -5.04 -58.94 -63.55
C ALA G 277 -5.21 -58.75 -65.05
N GLN G 278 -5.59 -57.53 -65.45
CA GLN G 278 -5.80 -57.23 -66.86
C GLN G 278 -4.49 -57.28 -67.64
N PHE G 279 -3.42 -56.81 -67.03
CA PHE G 279 -2.09 -56.86 -67.64
C PHE G 279 -1.61 -58.28 -67.89
N LEU G 280 -1.75 -59.13 -66.88
CA LEU G 280 -1.26 -60.50 -66.95
C LEU G 280 -1.98 -61.30 -68.04
N GLU G 281 -3.27 -61.05 -68.19
CA GLU G 281 -4.09 -61.81 -69.13
C GLU G 281 -3.73 -61.46 -70.57
N SER G 282 -3.25 -60.23 -70.78
CA SER G 282 -2.85 -59.78 -72.11
C SER G 282 -1.38 -60.06 -72.38
N ASN G 283 -0.70 -60.71 -71.44
CA ASN G 283 0.73 -61.00 -71.57
C ASN G 283 0.98 -62.36 -72.22
N PRO G 284 1.87 -62.40 -73.23
CA PRO G 284 2.11 -63.62 -74.03
C PRO G 284 2.76 -64.77 -73.26
N TRP G 285 3.24 -64.51 -72.06
CA TRP G 285 3.91 -65.56 -71.27
C TRP G 285 3.05 -66.04 -70.10
N VAL G 286 1.77 -65.67 -70.12
CA VAL G 286 0.84 -66.12 -69.09
C VAL G 286 -0.19 -67.05 -69.71
N GLU G 287 -0.36 -68.21 -69.11
CA GLU G 287 -1.24 -69.24 -69.63
C GLU G 287 -2.71 -68.97 -69.28
N LYS G 288 -2.94 -68.53 -68.05
CA LYS G 288 -4.29 -68.33 -67.54
C LYS G 288 -4.29 -67.46 -66.29
N VAL G 289 -5.29 -66.59 -66.18
CA VAL G 289 -5.43 -65.73 -65.01
C VAL G 289 -6.74 -66.00 -64.26
N ILE G 290 -6.65 -66.09 -62.94
CA ILE G 290 -7.84 -66.24 -62.10
C ILE G 290 -8.02 -65.00 -61.22
N TYR G 291 -9.00 -64.17 -61.56
CA TYR G 291 -9.31 -62.99 -60.77
C TYR G 291 -10.80 -62.67 -60.88
N PRO G 292 -11.51 -62.69 -59.73
CA PRO G 292 -12.96 -62.49 -59.64
C PRO G 292 -13.45 -61.22 -60.35
N GLY G 293 -12.58 -60.22 -60.47
CA GLY G 293 -12.94 -58.98 -61.13
C GLY G 293 -12.92 -59.08 -62.64
N LEU G 294 -12.32 -60.15 -63.16
CA LEU G 294 -12.27 -60.39 -64.59
C LEU G 294 -13.49 -61.15 -65.07
N PRO G 295 -14.04 -60.74 -66.23
CA PRO G 295 -15.16 -61.45 -66.86
C PRO G 295 -14.78 -62.88 -67.23
N SER G 296 -13.48 -63.15 -67.32
CA SER G 296 -12.99 -64.49 -67.65
C SER G 296 -13.13 -65.48 -66.49
N HIS G 297 -13.37 -64.95 -65.29
CA HIS G 297 -13.56 -65.80 -64.12
C HIS G 297 -14.91 -66.51 -64.23
N PRO G 298 -14.91 -67.83 -64.05
CA PRO G 298 -16.11 -68.67 -64.18
C PRO G 298 -17.29 -68.18 -63.35
N GLN G 299 -17.05 -67.59 -62.19
CA GLN G 299 -18.12 -67.10 -61.33
C GLN G 299 -18.14 -65.58 -61.23
N HIS G 300 -17.71 -64.90 -62.28
CA HIS G 300 -17.65 -63.44 -62.30
C HIS G 300 -19.00 -62.78 -62.04
N GLU G 301 -20.07 -63.38 -62.57
CA GLU G 301 -21.40 -62.77 -62.46
C GLU G 301 -21.93 -63.01 -61.05
N LEU G 302 -21.51 -64.12 -60.46
CA LEU G 302 -21.84 -64.44 -59.07
C LEU G 302 -21.18 -63.46 -58.12
N VAL G 303 -19.90 -63.16 -58.38
CA VAL G 303 -19.15 -62.20 -57.59
C VAL G 303 -19.84 -60.84 -57.54
N LYS G 304 -20.29 -60.38 -58.71
CA LYS G 304 -21.00 -59.10 -58.81
C LYS G 304 -22.30 -59.12 -58.00
N ARG G 305 -22.85 -60.32 -57.77
CA ARG G 305 -24.07 -60.44 -56.98
C ARG G 305 -23.80 -60.47 -55.47
N GLN G 306 -22.64 -60.96 -55.04
CA GLN G 306 -22.36 -61.09 -53.60
C GLN G 306 -21.35 -60.08 -53.10
N CYS G 307 -20.71 -59.34 -54.00
CA CYS G 307 -19.64 -58.46 -53.56
C CYS G 307 -19.80 -57.04 -54.06
N THR G 308 -19.16 -56.12 -53.36
CA THR G 308 -19.20 -54.71 -53.72
C THR G 308 -17.94 -54.34 -54.49
N GLY G 309 -17.08 -55.33 -54.71
CA GLY G 309 -15.84 -55.14 -55.42
C GLY G 309 -14.93 -56.34 -55.24
N CYS G 310 -13.67 -56.19 -55.64
CA CYS G 310 -12.69 -57.26 -55.53
C CYS G 310 -11.41 -56.77 -54.89
N THR G 311 -10.57 -57.71 -54.45
CA THR G 311 -9.35 -57.38 -53.73
C THR G 311 -8.11 -57.40 -54.62
N GLY G 312 -6.94 -57.50 -54.00
CA GLY G 312 -5.69 -57.47 -54.72
C GLY G 312 -5.08 -58.85 -54.91
N MET G 313 -5.86 -59.89 -54.63
CA MET G 313 -5.37 -61.26 -54.80
C MET G 313 -5.55 -61.72 -56.25
N VAL G 314 -4.44 -61.83 -56.97
CA VAL G 314 -4.44 -62.27 -58.35
C VAL G 314 -3.65 -63.57 -58.53
N THR G 315 -4.34 -64.61 -58.99
CA THR G 315 -3.71 -65.89 -59.24
C THR G 315 -3.51 -66.10 -60.74
N PHE G 316 -2.37 -66.66 -61.13
CA PHE G 316 -2.14 -66.95 -62.54
C PHE G 316 -1.16 -68.08 -62.77
N TYR G 317 -1.27 -68.71 -63.93
CA TYR G 317 -0.36 -69.75 -64.37
C TYR G 317 0.66 -69.18 -65.34
N ILE G 318 1.94 -69.42 -65.07
CA ILE G 318 2.97 -69.00 -66.02
C ILE G 318 3.17 -70.11 -67.04
N LYS G 319 3.51 -69.74 -68.27
CA LYS G 319 3.75 -70.73 -69.31
C LYS G 319 5.07 -71.44 -69.02
N GLY G 320 5.15 -72.72 -69.36
CA GLY G 320 6.39 -73.45 -69.19
C GLY G 320 6.41 -74.37 -68.01
N THR G 321 7.56 -74.44 -67.35
CA THR G 321 7.77 -75.34 -66.23
C THR G 321 8.08 -74.58 -64.94
N LEU G 322 8.41 -75.34 -63.89
CA LEU G 322 8.73 -74.78 -62.58
C LEU G 322 9.88 -73.75 -62.60
N GLN G 323 10.86 -73.94 -63.47
CA GLN G 323 12.00 -73.02 -63.55
C GLN G 323 11.59 -71.64 -64.03
N HIS G 324 10.62 -71.59 -64.94
CA HIS G 324 10.18 -70.32 -65.48
C HIS G 324 9.45 -69.56 -64.39
N ALA G 325 8.72 -70.30 -63.56
CA ALA G 325 8.05 -69.71 -62.42
C ALA G 325 9.09 -69.16 -61.45
N GLU G 326 10.20 -69.87 -61.32
CA GLU G 326 11.27 -69.46 -60.41
C GLU G 326 12.05 -68.26 -60.93
N ILE G 327 12.39 -68.27 -62.22
CA ILE G 327 13.12 -67.14 -62.80
C ILE G 327 12.27 -65.88 -62.69
N PHE G 328 10.98 -66.04 -62.90
CA PHE G 328 10.04 -64.94 -62.73
C PHE G 328 10.05 -64.41 -61.31
N LEU G 329 9.90 -65.32 -60.33
CA LEU G 329 9.83 -64.94 -58.92
C LEU G 329 11.12 -64.31 -58.41
N LYS G 330 12.27 -64.77 -58.91
CA LYS G 330 13.54 -64.22 -58.43
C LYS G 330 13.93 -62.95 -59.17
N ASN G 331 13.19 -62.61 -60.21
CA ASN G 331 13.49 -61.39 -60.95
C ASN G 331 12.59 -60.22 -60.58
N LEU G 332 11.59 -60.47 -59.75
CA LEU G 332 10.74 -59.41 -59.21
C LEU G 332 11.54 -58.50 -58.28
N LYS G 333 11.30 -57.20 -58.37
CA LYS G 333 12.01 -56.23 -57.54
C LYS G 333 11.10 -55.46 -56.60
N LEU G 334 9.83 -55.34 -56.96
CA LEU G 334 8.86 -54.67 -56.11
C LEU G 334 8.04 -55.69 -55.35
N PHE G 335 7.50 -56.66 -56.07
CA PHE G 335 6.89 -57.81 -55.44
C PHE G 335 7.96 -58.54 -54.66
N THR G 336 7.67 -58.89 -53.41
CA THR G 336 8.63 -59.59 -52.59
C THR G 336 8.29 -61.07 -52.54
N LEU G 337 9.28 -61.92 -52.78
CA LEU G 337 9.07 -63.35 -52.67
C LEU G 337 8.92 -63.73 -51.20
N ALA G 338 7.66 -63.83 -50.77
CA ALA G 338 7.34 -64.14 -49.40
C ALA G 338 5.91 -64.66 -49.30
N VAL G 339 5.57 -65.27 -48.18
CA VAL G 339 4.22 -65.75 -47.95
C VAL G 339 3.38 -64.66 -47.29
N SER G 340 2.12 -65.00 -46.98
CA SER G 340 1.11 -64.09 -46.46
C SER G 340 0.60 -63.15 -47.53
N LEU G 341 -0.35 -62.30 -47.16
CA LEU G 341 -1.02 -61.43 -48.11
C LEU G 341 -1.80 -60.35 -47.38
N GLY G 342 -2.39 -59.43 -48.14
CA GLY G 342 -3.29 -58.45 -47.59
C GLY G 342 -2.60 -57.27 -46.95
N GLY G 343 -1.29 -57.19 -47.14
CA GLY G 343 -0.52 -56.08 -46.61
C GLY G 343 -0.42 -54.95 -47.59
N PHE G 344 0.15 -53.83 -47.17
CA PHE G 344 0.32 -52.69 -48.06
C PHE G 344 1.38 -52.94 -49.14
N GLU G 345 2.23 -53.94 -48.91
CA GLU G 345 3.27 -54.27 -49.87
C GLU G 345 2.86 -55.43 -50.78
N SER G 346 3.32 -55.40 -52.03
CA SER G 346 3.00 -56.46 -52.97
C SER G 346 3.84 -57.70 -52.70
N LEU G 347 3.17 -58.85 -52.67
CA LEU G 347 3.84 -60.12 -52.41
C LEU G 347 3.63 -61.11 -53.55
N ALA G 348 4.60 -61.98 -53.76
CA ALA G 348 4.51 -63.02 -54.79
C ALA G 348 4.94 -64.36 -54.20
N GLU G 349 4.34 -65.44 -54.69
CA GLU G 349 4.50 -66.74 -54.07
C GLU G 349 4.13 -67.92 -54.98
N LEU G 350 4.75 -69.08 -54.76
CA LEU G 350 4.43 -70.29 -55.50
C LEU G 350 3.83 -71.32 -54.55
N PRO G 351 2.49 -71.35 -54.44
CA PRO G 351 1.71 -72.12 -53.46
C PRO G 351 2.04 -73.61 -53.34
N ALA G 352 2.38 -74.25 -54.45
CA ALA G 352 2.67 -75.69 -54.44
C ALA G 352 3.84 -76.02 -53.52
N ILE G 353 4.81 -75.11 -53.47
CA ILE G 353 6.03 -75.33 -52.69
C ILE G 353 5.97 -74.59 -51.35
N MET G 354 5.12 -73.58 -51.26
CA MET G 354 5.14 -72.67 -50.11
C MET G 354 3.88 -72.76 -49.25
N THR G 355 2.88 -71.91 -49.49
CA THR G 355 1.72 -71.84 -48.59
C THR G 355 0.88 -73.12 -48.58
N HIS G 356 0.95 -73.90 -49.64
CA HIS G 356 0.12 -75.11 -49.73
C HIS G 356 0.94 -76.38 -49.90
N ALA G 357 2.14 -76.40 -49.33
CA ALA G 357 2.94 -77.62 -49.26
C ALA G 357 2.37 -78.57 -48.22
N SER G 358 1.48 -78.05 -47.38
CA SER G 358 0.84 -78.83 -46.34
C SER G 358 -0.42 -79.50 -46.88
N VAL G 359 -0.62 -79.37 -48.19
CA VAL G 359 -1.71 -80.05 -48.86
C VAL G 359 -1.11 -81.16 -49.72
N LEU G 360 -1.72 -82.35 -49.63
CA LEU G 360 -1.24 -83.53 -50.34
C LEU G 360 -1.05 -83.28 -51.83
N LYS G 361 -0.01 -83.86 -52.40
CA LYS G 361 0.34 -83.64 -53.80
C LYS G 361 -0.78 -84.04 -54.75
N ASN G 362 -1.49 -85.11 -54.40
CA ASN G 362 -2.57 -85.58 -55.25
C ASN G 362 -3.82 -84.73 -55.08
N ASP G 363 -3.91 -84.04 -53.95
CA ASP G 363 -4.98 -83.07 -53.75
C ASP G 363 -4.68 -81.74 -54.43
N ARG G 364 -3.40 -81.38 -54.56
CA ARG G 364 -3.08 -80.13 -55.24
C ARG G 364 -3.28 -80.25 -56.74
N ASP G 365 -3.02 -81.43 -57.30
CA ASP G 365 -3.16 -81.63 -58.73
C ASP G 365 -4.62 -81.61 -59.16
N VAL G 366 -5.48 -82.14 -58.30
CA VAL G 366 -6.92 -82.12 -58.56
C VAL G 366 -7.46 -80.69 -58.46
N LEU G 367 -6.92 -79.92 -57.52
CA LEU G 367 -7.38 -78.55 -57.30
C LEU G 367 -6.80 -77.59 -58.35
N GLY G 368 -5.68 -77.97 -58.95
CA GLY G 368 -5.08 -77.17 -60.00
C GLY G 368 -3.86 -76.40 -59.53
N ILE G 369 -3.41 -76.69 -58.32
CA ILE G 369 -2.25 -76.04 -57.74
C ILE G 369 -0.96 -76.69 -58.25
N SER G 370 -0.62 -76.42 -59.49
CA SER G 370 0.56 -77.01 -60.13
C SER G 370 1.84 -76.25 -59.79
N ASP G 371 2.95 -76.66 -60.42
CA ASP G 371 4.24 -76.02 -60.21
C ASP G 371 4.35 -74.68 -60.91
N THR G 372 3.33 -74.33 -61.70
CA THR G 372 3.37 -73.09 -62.46
C THR G 372 2.30 -72.11 -62.00
N LEU G 373 1.56 -72.49 -60.96
CA LEU G 373 0.55 -71.59 -60.39
C LEU G 373 1.21 -70.61 -59.43
N ILE G 374 0.99 -69.32 -59.68
CA ILE G 374 1.56 -68.26 -58.87
C ILE G 374 0.47 -67.41 -58.23
N ARG G 375 0.59 -67.16 -56.94
CA ARG G 375 -0.37 -66.30 -56.25
C ARG G 375 0.25 -64.93 -55.99
N LEU G 376 -0.45 -63.87 -56.40
CA LEU G 376 0.01 -62.52 -56.16
C LEU G 376 -0.87 -61.81 -55.14
N SER G 377 -0.24 -61.11 -54.21
CA SER G 377 -0.95 -60.21 -53.32
C SER G 377 -0.58 -58.78 -53.69
N VAL G 378 -1.40 -58.15 -54.53
CA VAL G 378 -1.10 -56.83 -55.05
C VAL G 378 -1.29 -55.77 -53.96
N GLY G 379 -0.25 -54.98 -53.73
CA GLY G 379 -0.25 -53.99 -52.67
C GLY G 379 -0.71 -52.60 -53.07
N LEU G 380 -0.30 -51.60 -52.30
CA LEU G 380 -0.78 -50.25 -52.48
C LEU G 380 0.25 -49.35 -53.16
N GLU G 381 1.28 -49.95 -53.76
CA GLU G 381 2.27 -49.17 -54.49
C GLU G 381 1.66 -48.60 -55.76
N ASP G 382 2.41 -47.78 -56.49
CA ASP G 382 1.93 -47.22 -57.73
C ASP G 382 1.69 -48.29 -58.79
N GLU G 383 0.57 -48.15 -59.50
CA GLU G 383 0.16 -49.09 -60.53
C GLU G 383 1.24 -49.25 -61.59
N GLU G 384 1.69 -48.10 -62.12
CA GLU G 384 2.79 -48.01 -63.08
C GLU G 384 3.97 -48.91 -62.71
N ASP G 385 4.47 -48.79 -61.48
CA ASP G 385 5.64 -49.50 -61.02
C ASP G 385 5.39 -51.00 -60.86
N LEU G 386 4.18 -51.35 -60.42
CA LEU G 386 3.80 -52.75 -60.25
C LEU G 386 3.70 -53.48 -61.58
N LEU G 387 3.14 -52.80 -62.59
CA LEU G 387 3.01 -53.40 -63.92
C LEU G 387 4.37 -53.59 -64.57
N GLU G 388 5.24 -52.60 -64.42
CA GLU G 388 6.59 -52.68 -64.99
C GLU G 388 7.41 -53.80 -64.34
N ASP G 389 7.20 -54.02 -63.06
CA ASP G 389 7.91 -55.07 -62.35
C ASP G 389 7.54 -56.45 -62.87
N LEU G 390 6.24 -56.63 -63.13
CA LEU G 390 5.72 -57.89 -63.66
C LEU G 390 6.20 -58.12 -65.09
N ASP G 391 6.22 -57.04 -65.88
CA ASP G 391 6.62 -57.09 -67.28
C ASP G 391 8.07 -57.55 -67.42
N GLN G 392 8.96 -56.88 -66.70
CA GLN G 392 10.38 -57.19 -66.70
C GLN G 392 10.69 -58.59 -66.18
N ALA G 393 9.96 -59.01 -65.14
CA ALA G 393 10.20 -60.31 -64.53
C ALA G 393 9.74 -61.45 -65.43
N LEU G 394 8.67 -61.21 -66.19
CA LEU G 394 8.17 -62.18 -67.14
C LEU G 394 9.10 -62.29 -68.35
N LYS G 395 9.66 -61.15 -68.75
CA LYS G 395 10.60 -61.10 -69.87
C LYS G 395 11.92 -61.78 -69.54
N ALA G 396 12.28 -61.83 -68.26
CA ALA G 396 13.51 -62.49 -67.85
C ALA G 396 13.31 -63.99 -67.90
N ALA G 397 12.12 -64.43 -67.53
CA ALA G 397 11.76 -65.84 -67.58
C ALA G 397 11.54 -66.31 -69.01
N HIS G 398 10.92 -65.43 -69.80
CA HIS G 398 10.50 -65.65 -71.19
C HIS G 398 10.21 -67.11 -71.54
N PRO G 399 9.05 -67.62 -71.09
CA PRO G 399 8.71 -69.01 -71.40
C PRO G 399 8.32 -69.19 -72.86
N GLY H 10 18.42 -75.32 4.29
CA GLY H 10 18.36 -76.74 4.00
C GLY H 10 17.76 -77.02 2.63
N PHE H 11 17.48 -75.96 1.88
CA PHE H 11 16.93 -76.07 0.54
C PHE H 11 17.98 -76.57 -0.45
N LEU H 12 17.54 -76.96 -1.64
CA LEU H 12 18.45 -77.25 -2.73
C LEU H 12 19.31 -76.04 -3.05
N PRO H 13 20.60 -76.26 -3.34
CA PRO H 13 21.47 -75.14 -3.74
C PRO H 13 20.93 -74.49 -5.01
N HIS H 14 21.07 -73.18 -5.11
CA HIS H 14 20.56 -72.44 -6.26
C HIS H 14 21.23 -72.92 -7.55
N PHE H 15 20.44 -72.93 -8.62
CA PHE H 15 20.90 -73.36 -9.95
C PHE H 15 22.05 -72.47 -10.41
N GLN H 16 23.07 -73.09 -11.01
CA GLN H 16 24.41 -72.51 -11.13
C GLN H 16 24.68 -71.32 -12.06
N HIS H 17 23.80 -71.04 -13.01
CA HIS H 17 24.04 -69.91 -13.92
C HIS H 17 22.77 -69.17 -14.29
N PHE H 18 21.77 -69.26 -13.42
CA PHE H 18 20.43 -68.76 -13.73
C PHE H 18 20.37 -67.27 -14.08
N ALA H 19 20.93 -66.41 -13.25
CA ALA H 19 20.88 -64.98 -13.51
C ALA H 19 21.64 -64.64 -14.80
N THR H 20 22.82 -65.23 -14.96
CA THR H 20 23.64 -65.03 -16.13
C THR H 20 22.91 -65.44 -17.40
N GLN H 21 22.27 -66.60 -17.36
CA GLN H 21 21.58 -67.15 -18.52
C GLN H 21 20.29 -66.39 -18.84
N ALA H 22 19.56 -66.01 -17.81
CA ALA H 22 18.31 -65.26 -17.99
C ALA H 22 18.56 -63.94 -18.71
N ILE H 23 19.76 -63.40 -18.55
CA ILE H 23 20.11 -62.11 -19.12
C ILE H 23 20.76 -62.24 -20.51
N HIS H 24 21.44 -63.35 -20.78
CA HIS H 24 22.20 -63.47 -22.02
C HIS H 24 21.72 -64.51 -23.02
N VAL H 25 21.12 -65.61 -22.54
CA VAL H 25 20.72 -66.67 -23.45
C VAL H 25 19.64 -66.17 -24.40
N GLY H 26 19.91 -66.27 -25.70
CA GLY H 26 19.01 -65.78 -26.73
C GLY H 26 19.22 -64.30 -27.02
N GLN H 27 20.06 -63.66 -26.22
CA GLN H 27 20.21 -62.20 -26.27
C GLN H 27 21.49 -61.75 -26.97
N ASP H 28 22.16 -62.68 -27.63
CA ASP H 28 23.44 -62.41 -28.29
C ASP H 28 23.33 -61.34 -29.38
N PRO H 29 24.04 -60.22 -29.20
CA PRO H 29 24.03 -59.10 -30.14
C PRO H 29 24.50 -59.48 -31.54
N GLU H 30 25.17 -60.62 -31.67
CA GLU H 30 25.77 -60.99 -32.95
C GLU H 30 24.68 -61.54 -33.89
N GLN H 31 23.46 -61.64 -33.38
CA GLN H 31 22.30 -62.11 -34.14
C GLN H 31 21.81 -61.05 -35.10
N TRP H 32 22.11 -59.80 -34.78
CA TRP H 32 21.56 -58.66 -35.50
C TRP H 32 22.66 -57.86 -36.19
N THR H 33 22.34 -57.31 -37.36
CA THR H 33 23.29 -56.51 -38.12
C THR H 33 23.69 -55.24 -37.36
N SER H 34 22.82 -54.80 -36.45
CA SER H 34 23.08 -53.60 -35.67
C SER H 34 23.95 -53.89 -34.44
N ARG H 35 24.08 -55.17 -34.12
CA ARG H 35 24.79 -55.62 -32.92
C ARG H 35 24.17 -55.05 -31.65
N ALA H 36 22.84 -54.87 -31.68
CA ALA H 36 22.09 -54.38 -30.54
C ALA H 36 22.21 -55.28 -29.31
N VAL H 37 22.36 -54.66 -28.14
CA VAL H 37 22.49 -55.39 -26.88
C VAL H 37 21.14 -56.00 -26.48
N VAL H 38 20.07 -55.32 -26.83
CA VAL H 38 18.72 -55.84 -26.62
C VAL H 38 18.10 -56.21 -27.95
N PRO H 39 17.56 -57.44 -28.05
CA PRO H 39 16.92 -57.92 -29.28
C PRO H 39 15.78 -57.04 -29.72
N PRO H 40 15.75 -56.71 -31.02
CA PRO H 40 14.66 -55.91 -31.58
C PRO H 40 13.32 -56.64 -31.52
N ILE H 41 12.24 -55.88 -31.50
CA ILE H 41 10.91 -56.46 -31.58
C ILE H 41 10.53 -56.60 -33.06
N SER H 42 10.46 -57.83 -33.53
CA SER H 42 10.14 -58.08 -34.93
C SER H 42 8.65 -58.37 -35.08
N LEU H 43 7.90 -57.39 -35.55
CA LEU H 43 6.46 -57.51 -35.72
C LEU H 43 6.09 -58.18 -37.03
N SER H 44 7.01 -58.10 -37.99
CA SER H 44 6.77 -58.58 -39.35
C SER H 44 6.15 -59.97 -39.39
N THR H 45 5.03 -60.09 -40.07
CA THR H 45 4.32 -61.37 -40.16
C THR H 45 5.01 -62.29 -41.15
N THR H 46 5.70 -61.71 -42.13
CA THR H 46 6.32 -62.51 -43.17
C THR H 46 7.75 -62.09 -43.47
N PHE H 47 8.47 -62.95 -44.18
CA PHE H 47 9.89 -62.75 -44.41
C PHE H 47 10.23 -63.07 -45.86
N LYS H 48 11.14 -62.28 -46.43
CA LYS H 48 11.59 -62.47 -47.80
C LYS H 48 12.36 -63.77 -47.97
N GLN H 49 12.09 -64.49 -49.04
CA GLN H 49 12.80 -65.74 -49.32
C GLN H 49 13.60 -65.61 -50.62
N GLY H 50 14.74 -66.28 -50.66
CA GLY H 50 15.61 -66.22 -51.82
C GLY H 50 15.13 -67.15 -52.91
N ALA H 51 14.63 -68.30 -52.48
CA ALA H 51 14.10 -69.32 -53.40
C ALA H 51 12.75 -69.79 -52.89
N PRO H 52 11.88 -70.27 -53.79
CA PRO H 52 10.60 -70.81 -53.36
C PRO H 52 10.77 -72.05 -52.48
N SER H 56 16.17 -70.72 -45.90
CA SER H 56 17.21 -70.55 -44.89
C SER H 56 16.86 -69.45 -43.90
N GLY H 57 15.86 -69.70 -43.07
CA GLY H 57 15.51 -68.78 -41.99
C GLY H 57 14.04 -68.82 -41.63
N PHE H 58 13.43 -67.64 -41.56
CA PHE H 58 12.02 -67.53 -41.17
C PHE H 58 11.11 -67.47 -42.38
N THR H 59 9.89 -67.99 -42.24
CA THR H 59 8.92 -67.97 -43.34
C THR H 59 7.68 -67.17 -42.98
N TYR H 60 7.10 -67.48 -41.82
CA TYR H 60 5.87 -66.85 -41.37
C TYR H 60 5.87 -66.75 -39.86
N SER H 61 5.39 -65.62 -39.34
CA SER H 61 5.50 -65.30 -37.93
C SER H 61 4.95 -66.37 -37.01
N ARG H 62 3.84 -67.00 -37.42
CA ARG H 62 3.18 -67.98 -36.58
C ARG H 62 4.07 -69.22 -36.40
N SER H 63 4.82 -69.56 -37.44
CA SER H 63 5.72 -70.70 -37.39
C SER H 63 6.96 -70.41 -36.55
N GLY H 64 7.44 -69.18 -36.65
CA GLY H 64 8.59 -68.74 -35.89
C GLY H 64 8.95 -67.31 -36.24
N ASN H 65 9.51 -66.60 -35.27
CA ASN H 65 9.94 -65.23 -35.46
C ASN H 65 11.03 -64.89 -34.44
N PRO H 66 11.90 -63.91 -34.77
CA PRO H 66 13.08 -63.61 -33.95
C PRO H 66 12.81 -63.40 -32.47
N THR H 67 11.89 -62.50 -32.14
CA THR H 67 11.66 -62.13 -30.74
C THR H 67 11.11 -63.30 -29.92
N ARG H 68 10.21 -64.08 -30.52
CA ARG H 68 9.64 -65.22 -29.82
C ARG H 68 10.69 -66.30 -29.61
N ASN H 69 11.53 -66.50 -30.63
CA ASN H 69 12.58 -67.51 -30.57
C ASN H 69 13.62 -67.18 -29.51
N CYS H 70 13.95 -65.90 -29.38
CA CYS H 70 14.88 -65.45 -28.34
C CYS H 70 14.35 -65.76 -26.96
N LEU H 71 13.05 -65.52 -26.76
CA LEU H 71 12.40 -65.80 -25.48
C LEU H 71 12.40 -67.29 -25.18
N GLU H 72 12.00 -68.09 -26.17
CA GLU H 72 11.92 -69.53 -26.01
C GLU H 72 13.28 -70.15 -25.69
N LYS H 73 14.33 -69.65 -26.33
CA LYS H 73 15.67 -70.15 -26.09
C LYS H 73 16.13 -69.81 -24.67
N ALA H 74 15.72 -68.63 -24.19
CA ALA H 74 16.07 -68.19 -22.84
C ALA H 74 15.35 -69.00 -21.77
N VAL H 75 14.03 -69.17 -21.95
CA VAL H 75 13.22 -69.91 -20.98
C VAL H 75 13.66 -71.37 -20.90
N ALA H 76 14.02 -71.95 -22.03
CA ALA H 76 14.54 -73.31 -22.09
C ALA H 76 15.74 -73.46 -21.17
N ALA H 77 16.63 -72.48 -21.22
CA ALA H 77 17.83 -72.47 -20.39
C ALA H 77 17.49 -72.44 -18.91
N LEU H 78 16.53 -71.59 -18.55
CA LEU H 78 16.15 -71.43 -17.15
C LEU H 78 15.53 -72.70 -16.59
N ASP H 79 14.90 -73.48 -17.46
CA ASP H 79 14.31 -74.77 -17.07
C ASP H 79 15.33 -75.90 -17.11
N GLY H 80 16.51 -75.60 -17.66
CA GLY H 80 17.49 -76.64 -17.92
C GLY H 80 17.00 -77.55 -19.03
N ALA H 81 16.26 -76.97 -19.95
CA ALA H 81 15.63 -77.73 -21.03
C ALA H 81 16.38 -77.55 -22.35
N LYS H 82 16.03 -78.38 -23.32
CA LYS H 82 16.62 -78.30 -24.65
C LYS H 82 15.74 -77.44 -25.54
N TYR H 83 14.45 -77.47 -25.28
CA TYR H 83 13.48 -76.74 -26.09
C TYR H 83 12.43 -76.04 -25.25
N CYS H 84 11.81 -75.02 -25.83
CA CYS H 84 10.70 -74.33 -25.20
C CYS H 84 9.76 -73.73 -26.23
N LEU H 85 8.47 -73.69 -25.92
CA LEU H 85 7.46 -73.14 -26.81
C LEU H 85 6.59 -72.12 -26.09
N ALA H 86 6.44 -70.94 -26.68
CA ALA H 86 5.62 -69.88 -26.09
C ALA H 86 4.21 -69.89 -26.69
N PHE H 87 3.23 -69.49 -25.88
CA PHE H 87 1.84 -69.50 -26.31
C PHE H 87 1.09 -68.25 -25.86
N ALA H 88 -0.10 -68.06 -26.42
CA ALA H 88 -0.92 -66.88 -26.16
C ALA H 88 -1.33 -66.74 -24.69
N SER H 89 -1.40 -67.88 -23.99
CA SER H 89 -1.77 -67.89 -22.58
C SER H 89 -1.43 -69.23 -21.96
N GLY H 90 -1.54 -69.32 -20.64
CA GLY H 90 -1.33 -70.56 -19.93
C GLY H 90 -2.31 -71.63 -20.37
N LEU H 91 -3.58 -71.26 -20.45
CA LEU H 91 -4.60 -72.19 -20.92
C LEU H 91 -4.34 -72.63 -22.35
N ALA H 92 -3.88 -71.70 -23.18
CA ALA H 92 -3.56 -72.02 -24.57
C ALA H 92 -2.45 -73.05 -24.65
N ALA H 93 -1.47 -72.94 -23.76
CA ALA H 93 -0.39 -73.91 -23.68
C ALA H 93 -0.94 -75.26 -23.24
N THR H 94 -1.85 -75.23 -22.27
CA THR H 94 -2.49 -76.43 -21.75
C THR H 94 -3.30 -77.15 -22.83
N VAL H 95 -4.11 -76.39 -23.56
CA VAL H 95 -4.94 -76.93 -24.64
C VAL H 95 -4.07 -77.53 -25.74
N THR H 96 -2.97 -76.87 -26.04
CA THR H 96 -2.04 -77.33 -27.08
C THR H 96 -1.41 -78.68 -26.69
N ILE H 97 -1.00 -78.79 -25.44
CA ILE H 97 -0.42 -80.03 -24.93
C ILE H 97 -1.42 -81.18 -25.04
N THR H 98 -2.68 -80.90 -24.73
CA THR H 98 -3.73 -81.92 -24.77
C THR H 98 -3.95 -82.43 -26.20
N HIS H 99 -3.65 -81.61 -27.18
CA HIS H 99 -3.79 -81.99 -28.59
C HIS H 99 -2.76 -83.03 -29.02
N LEU H 100 -1.86 -83.41 -28.11
CA LEU H 100 -0.90 -84.47 -28.37
C LEU H 100 -1.58 -85.83 -28.42
N LEU H 101 -2.73 -85.92 -27.76
CA LEU H 101 -3.41 -87.19 -27.61
C LEU H 101 -4.39 -87.46 -28.74
N LYS H 102 -5.02 -88.62 -28.71
CA LYS H 102 -6.09 -88.98 -29.63
C LYS H 102 -7.36 -89.32 -28.85
N ALA H 103 -8.49 -89.36 -29.53
CA ALA H 103 -9.74 -89.83 -28.94
C ALA H 103 -9.64 -91.26 -28.43
N GLY H 104 -10.00 -91.45 -27.17
CA GLY H 104 -9.97 -92.76 -26.54
C GLY H 104 -8.94 -92.82 -25.42
N ASP H 105 -8.04 -91.86 -25.40
CA ASP H 105 -7.00 -91.82 -24.37
C ASP H 105 -7.56 -91.25 -23.07
N GLN H 106 -6.80 -91.40 -21.99
CA GLN H 106 -7.25 -90.92 -20.69
C GLN H 106 -6.27 -89.93 -20.06
N ILE H 107 -6.81 -88.94 -19.37
CA ILE H 107 -5.99 -87.96 -18.69
C ILE H 107 -6.21 -87.99 -17.19
N ILE H 108 -5.12 -88.11 -16.44
CA ILE H 108 -5.19 -87.98 -14.99
C ILE H 108 -4.75 -86.59 -14.58
N CYS H 109 -5.62 -85.87 -13.89
CA CYS H 109 -5.34 -84.51 -13.47
C CYS H 109 -5.34 -84.42 -11.95
N MET H 110 -4.44 -83.61 -11.40
CA MET H 110 -4.40 -83.36 -9.96
C MET H 110 -5.76 -82.84 -9.52
N ASP H 111 -6.18 -83.23 -8.32
CA ASP H 111 -7.53 -82.91 -7.86
C ASP H 111 -7.68 -81.43 -7.53
N ASP H 112 -6.61 -80.83 -7.02
CA ASP H 112 -6.60 -79.40 -6.78
C ASP H 112 -5.74 -78.65 -7.79
N VAL H 113 -6.37 -78.17 -8.86
CA VAL H 113 -5.65 -77.41 -9.88
C VAL H 113 -6.34 -76.07 -10.08
N TYR H 114 -5.73 -75.20 -10.89
CA TYR H 114 -6.33 -73.92 -11.22
C TYR H 114 -7.69 -74.14 -11.87
N GLY H 115 -8.67 -73.31 -11.48
CA GLY H 115 -10.05 -73.45 -11.92
C GLY H 115 -10.23 -73.63 -13.42
N GLY H 116 -9.47 -72.88 -14.21
CA GLY H 116 -9.56 -72.97 -15.65
C GLY H 116 -9.05 -74.28 -16.22
N THR H 117 -8.02 -74.85 -15.59
CA THR H 117 -7.49 -76.14 -16.00
C THR H 117 -8.53 -77.22 -15.73
N ASN H 118 -9.14 -77.15 -14.55
CA ASN H 118 -10.24 -78.03 -14.18
C ASN H 118 -11.37 -77.90 -15.21
N ARG H 119 -11.72 -76.65 -15.51
CA ARG H 119 -12.81 -76.35 -16.42
C ARG H 119 -12.56 -76.90 -17.83
N TYR H 120 -11.31 -76.80 -18.30
CA TYR H 120 -10.98 -77.26 -19.64
C TYR H 120 -11.12 -78.77 -19.78
N PHE H 121 -10.53 -79.51 -18.84
CA PHE H 121 -10.58 -80.97 -18.88
C PHE H 121 -12.01 -81.49 -18.76
N ARG H 122 -12.73 -80.96 -17.79
CA ARG H 122 -14.06 -81.46 -17.43
C ARG H 122 -15.17 -81.07 -18.41
N GLN H 123 -15.11 -79.85 -18.94
CA GLN H 123 -16.21 -79.33 -19.75
C GLN H 123 -15.91 -79.29 -21.25
N VAL H 124 -14.64 -79.35 -21.63
CA VAL H 124 -14.28 -79.23 -23.04
C VAL H 124 -13.59 -80.47 -23.61
N ALA H 125 -12.49 -80.87 -22.98
CA ALA H 125 -11.72 -82.03 -23.45
C ALA H 125 -12.54 -83.31 -23.38
N SER H 126 -13.44 -83.38 -22.41
CA SER H 126 -14.26 -84.57 -22.19
C SER H 126 -15.29 -84.79 -23.28
N GLU H 127 -15.43 -83.83 -24.18
CA GLU H 127 -16.44 -83.88 -25.24
C GLU H 127 -15.81 -84.31 -26.56
N PHE H 128 -14.59 -84.85 -26.48
CA PHE H 128 -13.85 -85.24 -27.67
C PHE H 128 -13.15 -86.59 -27.52
N GLY H 129 -13.83 -87.53 -26.88
CA GLY H 129 -13.34 -88.89 -26.77
C GLY H 129 -12.17 -89.02 -25.80
N LEU H 130 -12.02 -88.05 -24.91
CA LEU H 130 -10.98 -88.11 -23.89
C LEU H 130 -11.62 -88.37 -22.52
N LYS H 131 -11.07 -89.31 -21.77
CA LYS H 131 -11.60 -89.60 -20.44
C LYS H 131 -10.75 -88.90 -19.38
N ILE H 132 -11.40 -88.16 -18.50
CA ILE H 132 -10.68 -87.39 -17.48
C ILE H 132 -11.10 -87.79 -16.07
N SER H 133 -10.11 -88.14 -15.25
CA SER H 133 -10.34 -88.48 -13.86
C SER H 133 -9.47 -87.59 -12.96
N PHE H 134 -10.11 -86.92 -12.00
CA PHE H 134 -9.39 -86.08 -11.07
C PHE H 134 -8.92 -86.88 -9.86
N VAL H 135 -7.60 -86.89 -9.65
CA VAL H 135 -6.99 -87.76 -8.64
C VAL H 135 -6.02 -86.98 -7.75
N ASP H 136 -6.11 -87.20 -6.45
CA ASP H 136 -5.15 -86.65 -5.49
C ASP H 136 -3.80 -87.34 -5.70
N CYS H 137 -2.91 -86.70 -6.44
CA CYS H 137 -1.64 -87.31 -6.81
C CYS H 137 -0.54 -87.18 -5.74
N SER H 138 -0.87 -86.56 -4.61
CA SER H 138 0.07 -86.51 -3.50
C SER H 138 0.03 -87.82 -2.72
N LYS H 139 -1.11 -88.48 -2.75
CA LYS H 139 -1.28 -89.80 -2.16
C LYS H 139 -1.09 -90.90 -3.20
N ILE H 140 0.02 -91.62 -3.06
CA ILE H 140 0.57 -92.48 -4.10
C ILE H 140 -0.27 -93.71 -4.52
N LYS H 141 -1.11 -94.23 -3.65
CA LYS H 141 -1.91 -95.39 -4.04
C LYS H 141 -3.06 -95.02 -4.95
N LEU H 142 -3.47 -93.76 -4.89
CA LEU H 142 -4.60 -93.29 -5.69
C LEU H 142 -4.20 -93.04 -7.14
N LEU H 143 -2.93 -92.73 -7.35
CA LEU H 143 -2.45 -92.43 -8.69
C LEU H 143 -2.34 -93.70 -9.53
N GLU H 144 -1.80 -94.75 -8.92
CA GLU H 144 -1.63 -96.03 -9.58
C GLU H 144 -2.96 -96.73 -9.89
N ALA H 145 -3.94 -96.55 -9.01
CA ALA H 145 -5.25 -97.16 -9.21
C ALA H 145 -5.94 -96.49 -10.39
N ALA H 146 -5.58 -95.23 -10.62
CA ALA H 146 -6.17 -94.48 -11.71
C ALA H 146 -5.44 -94.70 -13.03
N ILE H 147 -4.15 -95.04 -12.96
CA ILE H 147 -3.39 -95.28 -14.18
C ILE H 147 -3.83 -96.58 -14.86
N THR H 148 -4.06 -96.50 -16.17
CA THR H 148 -4.45 -97.64 -16.98
C THR H 148 -3.57 -97.61 -18.24
N PRO H 149 -3.52 -98.73 -18.99
CA PRO H 149 -2.74 -98.68 -20.24
C PRO H 149 -3.27 -97.63 -21.22
N GLU H 150 -4.47 -97.12 -20.98
CA GLU H 150 -5.05 -96.10 -21.83
C GLU H 150 -4.65 -94.68 -21.40
N THR H 151 -4.01 -94.58 -20.24
CA THR H 151 -3.55 -93.30 -19.73
C THR H 151 -2.37 -92.79 -20.56
N LYS H 152 -2.49 -91.56 -21.07
CA LYS H 152 -1.46 -90.99 -21.93
C LYS H 152 -0.90 -89.68 -21.37
N LEU H 153 -1.56 -89.11 -20.37
CA LEU H 153 -1.14 -87.83 -19.82
C LEU H 153 -1.46 -87.71 -18.34
N VAL H 154 -0.46 -87.30 -17.55
CA VAL H 154 -0.70 -86.98 -16.14
C VAL H 154 -0.39 -85.50 -15.91
N TRP H 155 -1.40 -84.77 -15.45
CA TRP H 155 -1.26 -83.33 -15.26
C TRP H 155 -1.30 -82.94 -13.78
N ILE H 156 -0.16 -82.50 -13.26
CA ILE H 156 -0.08 -82.06 -11.87
C ILE H 156 0.48 -80.65 -11.75
N GLU H 157 0.13 -79.97 -10.67
CA GLU H 157 0.68 -78.66 -10.37
C GLU H 157 1.09 -78.64 -8.90
N THR H 158 2.30 -78.18 -8.62
CA THR H 158 2.83 -78.18 -7.26
C THR H 158 3.72 -76.97 -7.00
N PRO H 159 3.42 -76.21 -5.93
CA PRO H 159 2.26 -76.38 -5.04
C PRO H 159 0.94 -76.11 -5.75
N THR H 160 -0.13 -76.72 -5.26
CA THR H 160 -1.43 -76.60 -5.90
C THR H 160 -2.07 -75.24 -5.68
N ASN H 161 -2.99 -74.90 -6.57
CA ASN H 161 -3.73 -73.65 -6.50
C ASN H 161 -5.17 -73.93 -6.12
N PRO H 162 -5.63 -73.41 -4.97
CA PRO H 162 -4.92 -72.53 -4.04
C PRO H 162 -4.60 -73.15 -2.67
N THR H 163 -4.85 -74.44 -2.47
CA THR H 163 -4.64 -75.05 -1.16
C THR H 163 -3.17 -75.41 -0.93
N GLN H 164 -2.37 -75.23 -1.97
CA GLN H 164 -0.92 -75.41 -1.90
C GLN H 164 -0.48 -76.75 -1.33
N LYS H 165 -1.03 -77.83 -1.89
CA LYS H 165 -0.57 -79.17 -1.60
C LYS H 165 0.68 -79.44 -2.44
N VAL H 166 1.66 -80.11 -1.84
CA VAL H 166 2.93 -80.34 -2.52
C VAL H 166 3.06 -81.80 -2.96
N ILE H 167 3.50 -81.99 -4.21
CA ILE H 167 3.66 -83.33 -4.77
C ILE H 167 5.13 -83.69 -4.91
N ASP H 168 5.50 -84.90 -4.49
CA ASP H 168 6.83 -85.40 -4.77
C ASP H 168 6.93 -85.66 -6.26
N ILE H 169 7.56 -84.73 -6.99
CA ILE H 169 7.65 -84.83 -8.44
C ILE H 169 8.50 -86.02 -8.87
N GLU H 170 9.63 -86.20 -8.21
CA GLU H 170 10.56 -87.28 -8.57
C GLU H 170 9.95 -88.65 -8.34
N GLY H 171 9.21 -88.79 -7.23
CA GLY H 171 8.50 -90.02 -6.93
C GLY H 171 7.37 -90.27 -7.91
N CYS H 172 6.65 -89.20 -8.25
CA CYS H 172 5.53 -89.27 -9.17
C CYS H 172 5.99 -89.63 -10.58
N ALA H 173 7.11 -89.05 -10.99
CA ALA H 173 7.69 -89.36 -12.30
C ALA H 173 8.08 -90.83 -12.40
N HIS H 174 8.62 -91.38 -11.32
CA HIS H 174 9.04 -92.77 -11.27
C HIS H 174 7.83 -93.70 -11.42
N ILE H 175 6.74 -93.36 -10.74
CA ILE H 175 5.51 -94.13 -10.80
C ILE H 175 4.87 -94.06 -12.18
N VAL H 176 4.86 -92.87 -12.75
CA VAL H 176 4.20 -92.61 -14.02
C VAL H 176 4.94 -93.25 -15.20
N HIS H 177 6.27 -93.21 -15.17
CA HIS H 177 7.07 -93.68 -16.29
C HIS H 177 7.31 -95.19 -16.28
N LYS H 178 6.82 -95.83 -15.22
CA LYS H 178 6.86 -97.30 -15.11
C LYS H 178 5.87 -97.92 -16.11
N HIS H 179 4.84 -97.15 -16.45
CA HIS H 179 3.74 -97.59 -17.31
C HIS H 179 3.76 -97.00 -18.73
N GLY H 180 4.15 -97.84 -19.69
CA GLY H 180 4.22 -97.51 -21.11
C GLY H 180 4.62 -96.11 -21.53
N ASP H 181 3.74 -95.42 -22.23
CA ASP H 181 4.05 -94.08 -22.76
C ASP H 181 3.15 -93.01 -22.17
N ILE H 182 3.49 -92.55 -20.97
CA ILE H 182 2.72 -91.48 -20.34
C ILE H 182 3.53 -90.22 -20.18
N ILE H 183 2.91 -89.10 -20.51
CA ILE H 183 3.52 -87.78 -20.38
C ILE H 183 3.16 -87.19 -19.03
N LEU H 184 4.18 -86.82 -18.26
CA LEU H 184 3.96 -86.12 -16.99
C LEU H 184 4.24 -84.64 -17.15
N VAL H 185 3.21 -83.82 -16.93
CA VAL H 185 3.35 -82.39 -17.03
C VAL H 185 3.29 -81.76 -15.64
N VAL H 186 4.26 -80.90 -15.34
CA VAL H 186 4.20 -80.16 -14.10
C VAL H 186 3.92 -78.69 -14.39
N ASP H 187 2.75 -78.24 -13.96
CA ASP H 187 2.40 -76.83 -14.04
C ASP H 187 3.22 -76.11 -12.96
N ASN H 188 4.32 -75.50 -13.37
CA ASN H 188 5.26 -74.87 -12.46
C ASN H 188 5.05 -73.35 -12.35
N THR H 189 3.79 -72.93 -12.43
CA THR H 189 3.45 -71.51 -12.42
C THR H 189 3.79 -70.83 -11.11
N PHE H 190 3.45 -71.48 -9.99
CA PHE H 190 3.67 -70.90 -8.67
C PHE H 190 5.13 -70.65 -8.34
N MET H 191 5.97 -71.68 -8.52
CA MET H 191 7.37 -71.62 -8.14
C MET H 191 8.24 -70.80 -9.10
N SER H 192 8.28 -71.24 -10.36
CA SER H 192 9.11 -70.71 -11.46
C SER H 192 10.38 -71.55 -11.52
N PRO H 193 11.11 -71.48 -12.65
CA PRO H 193 12.32 -72.31 -12.75
C PRO H 193 13.45 -71.85 -11.84
N TYR H 194 13.30 -70.69 -11.23
CA TYR H 194 14.31 -70.21 -10.30
C TYR H 194 14.25 -71.01 -9.00
N PHE H 195 13.07 -71.52 -8.68
CA PHE H 195 12.87 -72.25 -7.44
C PHE H 195 12.62 -73.73 -7.64
N GLN H 196 12.17 -74.12 -8.84
CA GLN H 196 11.88 -75.52 -9.09
C GLN H 196 12.05 -75.91 -10.56
N ARG H 197 12.76 -77.01 -10.80
CA ARG H 197 12.98 -77.54 -12.14
C ARG H 197 12.40 -78.94 -12.31
N PRO H 198 11.12 -79.01 -12.68
CA PRO H 198 10.40 -80.28 -12.89
C PRO H 198 11.14 -81.26 -13.80
N LEU H 199 11.78 -80.74 -14.85
CA LEU H 199 12.50 -81.59 -15.79
C LEU H 199 13.69 -82.30 -15.13
N ALA H 200 14.33 -81.61 -14.19
CA ALA H 200 15.44 -82.21 -13.46
C ALA H 200 14.92 -83.20 -12.42
N LEU H 201 13.61 -83.15 -12.17
CA LEU H 201 13.00 -84.01 -11.18
C LEU H 201 12.23 -85.15 -11.84
N GLY H 202 12.34 -85.25 -13.16
CA GLY H 202 11.79 -86.39 -13.88
C GLY H 202 10.56 -86.10 -14.73
N ALA H 203 10.04 -84.88 -14.66
CA ALA H 203 8.88 -84.53 -15.47
C ALA H 203 9.26 -84.50 -16.95
N ASP H 204 8.27 -84.72 -17.80
CA ASP H 204 8.49 -84.70 -19.24
C ASP H 204 8.27 -83.29 -19.77
N ILE H 205 7.36 -82.56 -19.14
CA ILE H 205 7.03 -81.20 -19.53
C ILE H 205 6.98 -80.25 -18.33
N SER H 206 7.70 -79.14 -18.44
CA SER H 206 7.59 -78.07 -17.46
C SER H 206 6.78 -76.94 -18.08
N MET H 207 5.56 -76.74 -17.57
CA MET H 207 4.64 -75.80 -18.18
C MET H 207 4.42 -74.58 -17.30
N TYR H 208 4.31 -73.41 -17.91
CA TYR H 208 4.10 -72.18 -17.16
C TYR H 208 2.94 -71.34 -17.69
N SER H 209 2.28 -70.65 -16.77
CA SER H 209 1.54 -69.46 -17.13
C SER H 209 2.46 -68.28 -16.88
N ALA H 210 3.06 -67.75 -17.95
CA ALA H 210 4.02 -66.66 -17.82
C ALA H 210 3.31 -65.39 -17.37
N THR H 211 1.98 -65.44 -17.42
CA THR H 211 1.13 -64.35 -16.99
C THR H 211 1.41 -63.94 -15.54
N1 LLP H 212 -2.14 -72.56 -14.20
C2 LLP H 212 -1.95 -71.96 -13.01
C2' LLP H 212 -1.28 -72.74 -11.84
C3 LLP H 212 -2.37 -70.61 -12.82
O3 LLP H 212 -2.17 -69.99 -11.59
C4 LLP H 212 -2.95 -69.91 -13.86
C4' LLP H 212 -3.41 -68.38 -13.62
C5 LLP H 212 -3.14 -70.52 -15.06
C6 LLP H 212 -2.74 -71.85 -15.25
C5' LLP H 212 -3.81 -69.75 -16.24
OP4 LLP H 212 -2.81 -69.30 -17.11
P LLP H 212 -3.19 -68.20 -18.12
OP1 LLP H 212 -1.96 -67.61 -18.82
OP2 LLP H 212 -4.10 -68.79 -19.13
OP3 LLP H 212 -3.91 -67.12 -17.39
N LLP H 212 1.91 -64.88 -14.75
CA LLP H 212 2.17 -64.63 -13.33
CB LLP H 212 1.71 -65.82 -12.51
CG LLP H 212 0.51 -66.48 -13.19
CD LLP H 212 -0.81 -65.81 -12.77
CE LLP H 212 -1.99 -66.46 -13.52
NZ LLP H 212 -2.41 -67.70 -12.85
C LLP H 212 3.60 -64.26 -13.09
O LLP H 212 3.98 -63.14 -13.40
N TYR H 213 4.40 -65.17 -12.54
CA TYR H 213 5.76 -64.83 -12.07
C TYR H 213 6.80 -64.60 -13.17
N MET H 214 6.73 -65.38 -14.23
CA MET H 214 7.74 -65.32 -15.29
C MET H 214 7.87 -63.90 -15.84
N ASN H 215 6.77 -63.33 -16.30
CA ASN H 215 6.75 -61.94 -16.70
C ASN H 215 6.82 -61.03 -15.47
N GLY H 216 5.96 -61.31 -14.51
CA GLY H 216 6.03 -60.67 -13.20
C GLY H 216 5.61 -59.21 -13.14
N HIS H 217 5.09 -58.68 -14.24
CA HIS H 217 4.75 -57.27 -14.27
C HIS H 217 3.29 -57.01 -14.61
N SER H 218 2.47 -58.05 -14.54
CA SER H 218 1.01 -57.95 -14.66
C SER H 218 0.52 -57.24 -15.92
N ASP H 219 1.26 -57.40 -17.02
CA ASP H 219 0.87 -56.73 -18.27
C ASP H 219 1.01 -57.65 -19.48
N VAL H 220 1.24 -58.93 -19.24
CA VAL H 220 1.39 -59.90 -20.30
C VAL H 220 0.65 -61.19 -19.98
N VAL H 221 -0.22 -61.62 -20.89
CA VAL H 221 -0.85 -62.94 -20.81
C VAL H 221 -0.09 -63.88 -21.72
N MET H 222 0.45 -64.96 -21.16
CA MET H 222 1.30 -65.87 -21.93
C MET H 222 1.50 -67.22 -21.25
N GLY H 223 1.70 -68.25 -22.07
CA GLY H 223 2.05 -69.58 -21.58
C GLY H 223 3.41 -70.02 -22.10
N LEU H 224 4.07 -70.90 -21.36
CA LEU H 224 5.38 -71.42 -21.76
C LEU H 224 5.44 -72.92 -21.53
N VAL H 225 6.09 -73.63 -22.44
CA VAL H 225 6.23 -75.08 -22.34
C VAL H 225 7.67 -75.50 -22.63
N SER H 226 8.34 -76.03 -21.62
CA SER H 226 9.72 -76.48 -21.78
C SER H 226 9.79 -78.01 -21.79
N VAL H 227 10.64 -78.57 -22.64
CA VAL H 227 10.66 -80.00 -22.86
C VAL H 227 12.05 -80.45 -23.32
N ASN H 228 12.38 -81.72 -23.07
CA ASN H 228 13.66 -82.28 -23.48
C ASN H 228 13.53 -83.32 -24.59
N CYS H 229 12.54 -84.19 -24.47
CA CYS H 229 12.36 -85.29 -25.41
C CYS H 229 12.14 -84.78 -26.84
N GLU H 230 12.89 -85.32 -27.79
CA GLU H 230 12.85 -84.83 -29.17
C GLU H 230 11.52 -85.03 -29.88
N SER H 231 10.94 -86.23 -29.77
CA SER H 231 9.67 -86.49 -30.44
C SER H 231 8.57 -85.66 -29.80
N LEU H 232 8.66 -85.49 -28.48
CA LEU H 232 7.68 -84.70 -27.75
C LEU H 232 7.76 -83.25 -28.19
N HIS H 233 8.98 -82.77 -28.41
CA HIS H 233 9.18 -81.41 -28.90
C HIS H 233 8.63 -81.21 -30.31
N ASN H 234 8.95 -82.16 -31.19
CA ASN H 234 8.52 -82.10 -32.58
C ASN H 234 7.00 -82.11 -32.71
N ARG H 235 6.35 -82.91 -31.88
CA ARG H 235 4.89 -82.97 -31.85
C ARG H 235 4.31 -81.69 -31.30
N LEU H 236 4.97 -81.12 -30.29
CA LEU H 236 4.54 -79.86 -29.70
C LEU H 236 4.79 -78.69 -30.64
N ARG H 237 5.91 -78.72 -31.34
CA ARG H 237 6.25 -77.65 -32.28
C ARG H 237 5.28 -77.62 -33.45
N PHE H 238 4.80 -78.80 -33.84
CA PHE H 238 3.81 -78.92 -34.89
C PHE H 238 2.50 -78.28 -34.45
N LEU H 239 2.11 -78.55 -33.21
CA LEU H 239 0.83 -78.08 -32.69
C LEU H 239 0.83 -76.57 -32.43
N GLN H 240 1.98 -76.02 -32.10
CA GLN H 240 2.12 -74.58 -31.91
C GLN H 240 1.76 -73.84 -33.20
N ASN H 241 2.23 -74.40 -34.32
CA ASN H 241 2.04 -73.80 -35.63
C ASN H 241 0.69 -74.16 -36.25
N SER H 242 0.17 -75.33 -35.89
CA SER H 242 -1.06 -75.83 -36.49
C SER H 242 -2.31 -75.28 -35.82
N LEU H 243 -2.25 -75.09 -34.51
CA LEU H 243 -3.37 -74.54 -33.75
C LEU H 243 -3.32 -73.02 -33.71
N GLY H 244 -2.10 -72.48 -33.75
CA GLY H 244 -1.90 -71.05 -33.87
C GLY H 244 -2.17 -70.22 -32.63
N ALA H 245 -2.13 -70.85 -31.46
CA ALA H 245 -2.29 -70.12 -30.21
C ALA H 245 -0.95 -69.51 -29.79
N VAL H 246 -0.43 -68.64 -30.65
CA VAL H 246 0.90 -68.05 -30.49
C VAL H 246 0.83 -66.67 -29.83
N PRO H 247 1.90 -66.28 -29.12
CA PRO H 247 1.95 -64.95 -28.49
C PRO H 247 2.43 -63.87 -29.45
N SER H 248 2.06 -62.63 -29.18
CA SER H 248 2.57 -61.48 -29.91
C SER H 248 4.06 -61.28 -29.63
N PRO H 249 4.83 -60.86 -30.66
CA PRO H 249 6.24 -60.53 -30.50
C PRO H 249 6.50 -59.46 -29.45
N ILE H 250 5.58 -58.51 -29.30
CA ILE H 250 5.74 -57.45 -28.30
C ILE H 250 5.59 -58.04 -26.91
N ASP H 251 4.64 -58.96 -26.76
CA ASP H 251 4.46 -59.67 -25.50
C ASP H 251 5.66 -60.54 -25.17
N CYS H 252 6.23 -61.17 -26.20
CA CYS H 252 7.44 -61.97 -26.03
C CYS H 252 8.60 -61.12 -25.52
N TYR H 253 8.75 -59.93 -26.10
CA TYR H 253 9.79 -59.01 -25.68
C TYR H 253 9.57 -58.57 -24.24
N LEU H 254 8.33 -58.24 -23.92
CA LEU H 254 7.96 -57.77 -22.59
C LEU H 254 8.20 -58.86 -21.55
N CYS H 255 7.87 -60.10 -21.90
CA CYS H 255 8.10 -61.23 -21.02
C CYS H 255 9.59 -61.52 -20.84
N ASN H 256 10.36 -61.43 -21.92
CA ASN H 256 11.80 -61.63 -21.85
C ASN H 256 12.46 -60.54 -21.02
N ARG H 257 11.90 -59.34 -21.11
CA ARG H 257 12.34 -58.20 -20.32
C ARG H 257 12.10 -58.50 -18.85
N GLY H 258 10.96 -59.12 -18.55
CA GLY H 258 10.62 -59.53 -17.20
C GLY H 258 11.56 -60.60 -16.67
N LEU H 259 11.99 -61.51 -17.53
CA LEU H 259 12.96 -62.54 -17.15
C LEU H 259 14.28 -61.97 -16.67
N LYS H 260 14.65 -60.80 -17.18
CA LYS H 260 15.93 -60.19 -16.81
C LYS H 260 16.01 -59.93 -15.31
N THR H 261 14.86 -59.81 -14.65
CA THR H 261 14.81 -59.56 -13.22
C THR H 261 14.14 -60.69 -12.44
N LEU H 262 13.96 -61.84 -13.06
CA LEU H 262 13.27 -62.95 -12.41
C LEU H 262 13.96 -63.38 -11.12
N HIS H 263 15.30 -63.42 -11.15
CA HIS H 263 16.06 -63.89 -9.99
C HIS H 263 15.96 -62.94 -8.80
N VAL H 264 16.07 -61.63 -9.04
CA VAL H 264 16.00 -60.67 -7.95
C VAL H 264 14.58 -60.44 -7.46
N ARG H 265 13.60 -60.66 -8.33
CA ARG H 265 12.20 -60.56 -7.94
C ARG H 265 11.77 -61.73 -7.06
N MET H 266 12.08 -62.95 -7.50
CA MET H 266 11.69 -64.15 -6.77
C MET H 266 12.31 -64.20 -5.38
N GLU H 267 13.51 -63.64 -5.23
CA GLU H 267 14.16 -63.58 -3.93
C GLU H 267 13.42 -62.67 -2.98
N LYS H 268 12.90 -61.56 -3.50
CA LYS H 268 12.16 -60.61 -2.68
C LYS H 268 10.77 -61.15 -2.38
N HIS H 269 10.18 -61.87 -3.34
CA HIS H 269 8.92 -62.57 -3.12
C HIS H 269 9.08 -63.56 -1.98
N PHE H 270 10.21 -64.25 -1.97
CA PHE H 270 10.53 -65.22 -0.92
C PHE H 270 10.68 -64.54 0.43
N LYS H 271 11.51 -63.51 0.50
CA LYS H 271 11.81 -62.87 1.77
C LYS H 271 10.56 -62.21 2.35
N ASN H 272 9.79 -61.55 1.51
CA ASN H 272 8.52 -60.96 1.95
C ASN H 272 7.44 -61.99 2.21
N GLY H 273 7.39 -63.01 1.36
CA GLY H 273 6.41 -64.07 1.50
C GLY H 273 6.59 -64.82 2.80
N MET H 274 7.85 -65.09 3.13
CA MET H 274 8.21 -65.77 4.37
C MET H 274 7.78 -64.95 5.58
N ALA H 275 8.07 -63.65 5.53
CA ALA H 275 7.75 -62.73 6.61
C ALA H 275 6.24 -62.63 6.82
N VAL H 276 5.51 -62.58 5.72
CA VAL H 276 4.05 -62.52 5.75
C VAL H 276 3.46 -63.78 6.38
N ALA H 277 3.96 -64.94 5.98
CA ALA H 277 3.47 -66.21 6.50
C ALA H 277 3.71 -66.36 8.00
N GLN H 278 4.90 -65.96 8.45
CA GLN H 278 5.26 -66.07 9.86
C GLN H 278 4.41 -65.14 10.72
N PHE H 279 4.09 -63.96 10.19
CA PHE H 279 3.21 -63.02 10.88
C PHE H 279 1.80 -63.59 11.04
N LEU H 280 1.26 -64.13 9.97
CA LEU H 280 -0.11 -64.66 9.96
C LEU H 280 -0.29 -65.85 10.88
N GLU H 281 0.73 -66.70 10.96
CA GLU H 281 0.64 -67.92 11.76
C GLU H 281 0.64 -67.56 13.25
N SER H 282 1.32 -66.47 13.59
CA SER H 282 1.38 -66.01 14.97
C SER H 282 0.26 -65.01 15.27
N ASN H 283 -0.62 -64.81 14.29
CA ASN H 283 -1.71 -63.85 14.46
C ASN H 283 -2.96 -64.48 15.05
N PRO H 284 -3.53 -63.85 16.09
CA PRO H 284 -4.68 -64.36 16.85
C PRO H 284 -5.97 -64.39 16.05
N TRP H 285 -5.98 -63.80 14.87
CA TRP H 285 -7.20 -63.69 14.10
C TRP H 285 -7.17 -64.67 12.92
N VAL H 286 -6.15 -65.53 12.90
CA VAL H 286 -5.99 -66.53 11.84
C VAL H 286 -6.04 -67.97 12.36
N GLU H 287 -6.84 -68.82 11.69
CA GLU H 287 -7.01 -70.21 12.11
C GLU H 287 -5.88 -71.12 11.67
N LYS H 288 -5.39 -70.92 10.45
CA LYS H 288 -4.38 -71.80 9.86
C LYS H 288 -3.72 -71.14 8.68
N VAL H 289 -2.42 -71.33 8.55
CA VAL H 289 -1.66 -70.80 7.41
C VAL H 289 -1.03 -71.94 6.62
N ILE H 290 -1.15 -71.88 5.30
CA ILE H 290 -0.50 -72.85 4.43
C ILE H 290 0.58 -72.17 3.59
N TYR H 291 1.83 -72.44 3.95
CA TYR H 291 2.97 -71.89 3.22
C TYR H 291 4.16 -72.83 3.30
N PRO H 292 4.64 -73.31 2.14
CA PRO H 292 5.73 -74.28 2.00
C PRO H 292 7.00 -73.91 2.77
N GLY H 293 7.22 -72.63 3.02
CA GLY H 293 8.40 -72.18 3.74
C GLY H 293 8.31 -72.36 5.25
N LEU H 294 7.10 -72.59 5.74
CA LEU H 294 6.86 -72.82 7.17
C LEU H 294 7.02 -74.29 7.54
N PRO H 295 7.64 -74.56 8.70
CA PRO H 295 7.77 -75.94 9.20
C PRO H 295 6.41 -76.59 9.44
N SER H 296 5.36 -75.78 9.60
CA SER H 296 4.02 -76.29 9.83
C SER H 296 3.40 -76.92 8.59
N HIS H 297 3.98 -76.65 7.43
CA HIS H 297 3.49 -77.24 6.19
C HIS H 297 3.82 -78.72 6.15
N PRO H 298 2.81 -79.56 5.90
CA PRO H 298 2.91 -81.03 5.87
C PRO H 298 4.07 -81.54 5.01
N GLN H 299 4.35 -80.84 3.91
CA GLN H 299 5.41 -81.26 3.01
C GLN H 299 6.58 -80.27 3.01
N HIS H 300 6.80 -79.62 4.14
CA HIS H 300 7.89 -78.65 4.27
C HIS H 300 9.25 -79.24 3.96
N GLU H 301 9.48 -80.47 4.40
CA GLU H 301 10.79 -81.08 4.23
C GLU H 301 10.94 -81.58 2.80
N LEU H 302 9.83 -81.93 2.18
CA LEU H 302 9.82 -82.30 0.76
C LEU H 302 10.15 -81.09 -0.10
N VAL H 303 9.55 -79.95 0.23
CA VAL H 303 9.79 -78.70 -0.49
C VAL H 303 11.28 -78.37 -0.53
N LYS H 304 11.92 -78.48 0.62
CA LYS H 304 13.35 -78.20 0.73
C LYS H 304 14.20 -79.17 -0.11
N ARG H 305 13.66 -80.35 -0.39
CA ARG H 305 14.39 -81.34 -1.17
C ARG H 305 14.26 -81.13 -2.68
N GLN H 306 13.15 -80.57 -3.13
CA GLN H 306 12.92 -80.40 -4.57
C GLN H 306 12.94 -78.93 -5.01
N CYS H 307 13.06 -78.01 -4.06
CA CYS H 307 13.05 -76.59 -4.39
C CYS H 307 14.25 -75.85 -3.78
N THR H 308 14.60 -74.70 -4.36
CA THR H 308 15.72 -73.90 -3.85
C THR H 308 15.19 -72.76 -2.97
N GLY H 309 13.87 -72.73 -2.82
CA GLY H 309 13.23 -71.70 -2.01
C GLY H 309 11.72 -71.72 -2.20
N CYS H 310 11.06 -70.68 -1.70
CA CYS H 310 9.61 -70.58 -1.82
C CYS H 310 9.20 -69.22 -2.35
N THR H 311 7.96 -69.10 -2.80
CA THR H 311 7.50 -67.87 -3.44
C THR H 311 6.69 -66.98 -2.50
N GLY H 312 5.94 -66.05 -3.08
CA GLY H 312 5.16 -65.10 -2.32
C GLY H 312 3.70 -65.48 -2.23
N MET H 313 3.40 -66.71 -2.62
CA MET H 313 2.03 -67.21 -2.54
C MET H 313 1.75 -67.76 -1.15
N VAL H 314 0.96 -67.03 -0.38
CA VAL H 314 0.62 -67.45 0.98
C VAL H 314 -0.88 -67.68 1.13
N THR H 315 -1.25 -68.91 1.43
CA THR H 315 -2.64 -69.24 1.64
C THR H 315 -2.91 -69.42 3.14
N PHE H 316 -4.05 -68.92 3.60
CA PHE H 316 -4.41 -69.06 5.00
C PHE H 316 -5.91 -69.02 5.20
N TYR H 317 -6.36 -69.60 6.32
CA TYR H 317 -7.77 -69.54 6.71
C TYR H 317 -7.97 -68.49 7.78
N ILE H 318 -8.93 -67.59 7.55
CA ILE H 318 -9.28 -66.62 8.56
C ILE H 318 -10.32 -67.27 9.46
N LYS H 319 -10.32 -66.90 10.74
CA LYS H 319 -11.27 -67.45 11.70
C LYS H 319 -12.66 -66.89 11.43
N GLY H 320 -13.69 -67.69 11.67
CA GLY H 320 -15.06 -67.22 11.52
C GLY H 320 -15.75 -67.71 10.28
N THR H 321 -16.58 -66.84 9.70
CA THR H 321 -17.37 -67.18 8.52
C THR H 321 -17.03 -66.28 7.35
N LEU H 322 -17.82 -66.39 6.28
CA LEU H 322 -17.66 -65.61 5.07
C LEU H 322 -17.65 -64.10 5.32
N GLN H 323 -18.36 -63.68 6.36
CA GLN H 323 -18.47 -62.25 6.68
C GLN H 323 -17.11 -61.67 7.06
N HIS H 324 -16.33 -62.45 7.80
CA HIS H 324 -15.04 -62.00 8.28
C HIS H 324 -14.00 -61.93 7.17
N ALA H 325 -14.07 -62.87 6.23
CA ALA H 325 -13.15 -62.88 5.10
C ALA H 325 -13.35 -61.64 4.22
N GLU H 326 -14.60 -61.22 4.06
CA GLU H 326 -14.91 -60.06 3.22
C GLU H 326 -14.50 -58.75 3.87
N ILE H 327 -14.77 -58.60 5.17
CA ILE H 327 -14.37 -57.40 5.88
C ILE H 327 -12.85 -57.26 5.82
N PHE H 328 -12.14 -58.38 5.94
CA PHE H 328 -10.68 -58.41 5.83
C PHE H 328 -10.21 -57.97 4.44
N LEU H 329 -10.89 -58.46 3.40
CA LEU H 329 -10.50 -58.11 2.06
C LEU H 329 -10.71 -56.60 1.69
N LYS H 330 -11.75 -55.93 2.21
CA LYS H 330 -12.01 -54.48 1.88
C LYS H 330 -11.35 -53.39 2.66
N ASN H 331 -10.68 -53.71 3.75
CA ASN H 331 -10.08 -52.65 4.51
C ASN H 331 -8.61 -52.60 4.14
N LEU H 332 -8.19 -53.55 3.30
CA LEU H 332 -6.83 -53.57 2.82
C LEU H 332 -6.59 -52.33 1.99
N LYS H 333 -5.43 -51.72 2.21
CA LYS H 333 -5.08 -50.47 1.56
C LYS H 333 -3.87 -50.61 0.65
N LEU H 334 -3.02 -51.60 0.93
CA LEU H 334 -1.86 -51.87 0.07
C LEU H 334 -2.11 -53.07 -0.84
N PHE H 335 -2.55 -54.17 -0.25
CA PHE H 335 -3.00 -55.33 -1.02
C PHE H 335 -4.22 -54.95 -1.84
N THR H 336 -4.22 -55.35 -3.11
CA THR H 336 -5.34 -55.06 -3.98
C THR H 336 -6.27 -56.25 -4.14
N LEU H 337 -7.56 -56.02 -3.94
CA LEU H 337 -8.56 -57.06 -4.14
C LEU H 337 -8.69 -57.34 -5.63
N ALA H 338 -8.00 -58.37 -6.10
CA ALA H 338 -8.00 -58.71 -7.51
C ALA H 338 -7.60 -60.15 -7.77
N VAL H 339 -7.82 -60.61 -8.99
CA VAL H 339 -7.49 -61.95 -9.43
C VAL H 339 -6.03 -61.93 -9.96
N SER H 340 -5.49 -63.09 -10.34
CA SER H 340 -4.11 -63.28 -10.79
C SER H 340 -3.10 -63.18 -9.65
N LEU H 341 -1.83 -63.36 -9.98
CA LEU H 341 -0.78 -63.44 -8.98
C LEU H 341 0.60 -63.27 -9.62
N GLY H 342 1.63 -63.23 -8.78
CA GLY H 342 3.01 -63.26 -9.26
C GLY H 342 3.56 -61.94 -9.77
N GLY H 343 2.81 -60.87 -9.57
CA GLY H 343 3.23 -59.55 -9.99
C GLY H 343 4.02 -58.81 -8.94
N PHE H 344 4.54 -57.64 -9.31
CA PHE H 344 5.30 -56.82 -8.37
C PHE H 344 4.40 -56.23 -7.29
N GLU H 345 3.10 -56.17 -7.57
CA GLU H 345 2.14 -55.63 -6.63
C GLU H 345 1.50 -56.74 -5.82
N SER H 346 1.20 -56.44 -4.56
CA SER H 346 0.58 -57.43 -3.68
C SER H 346 -0.92 -57.56 -3.97
N LEU H 347 -1.39 -58.80 -4.09
CA LEU H 347 -2.79 -59.07 -4.38
C LEU H 347 -3.42 -59.96 -3.32
N ALA H 348 -4.72 -59.79 -3.11
CA ALA H 348 -5.48 -60.61 -2.19
C ALA H 348 -6.77 -61.07 -2.87
N GLU H 349 -7.24 -62.26 -2.53
CA GLU H 349 -8.34 -62.86 -3.27
C GLU H 349 -9.04 -63.98 -2.50
N LEU H 350 -10.32 -64.19 -2.80
CA LEU H 350 -11.12 -65.26 -2.19
C LEU H 350 -11.53 -66.30 -3.25
N PRO H 351 -10.74 -67.37 -3.38
CA PRO H 351 -10.85 -68.39 -4.43
C PRO H 351 -12.24 -69.02 -4.62
N ALA H 352 -12.98 -69.21 -3.53
CA ALA H 352 -14.28 -69.85 -3.60
C ALA H 352 -15.24 -69.07 -4.49
N ILE H 353 -15.14 -67.75 -4.43
CA ILE H 353 -16.03 -66.87 -5.16
C ILE H 353 -15.37 -66.33 -6.44
N MET H 354 -14.04 -66.36 -6.50
CA MET H 354 -13.33 -65.66 -7.56
C MET H 354 -12.57 -66.57 -8.54
N THR H 355 -11.29 -66.82 -8.30
CA THR H 355 -10.48 -67.55 -9.28
C THR H 355 -10.92 -69.01 -9.44
N HIS H 356 -11.57 -69.54 -8.42
CA HIS H 356 -12.00 -70.94 -8.45
C HIS H 356 -13.50 -71.06 -8.30
N ALA H 357 -14.23 -70.07 -8.79
CA ALA H 357 -15.68 -70.15 -8.87
C ALA H 357 -16.07 -71.08 -10.01
N SER H 358 -15.09 -71.40 -10.85
CA SER H 358 -15.29 -72.31 -11.96
C SER H 358 -15.05 -73.74 -11.53
N VAL H 359 -14.83 -73.94 -10.23
CA VAL H 359 -14.71 -75.26 -9.64
C VAL H 359 -15.91 -75.57 -8.76
N LYS H 361 -18.99 -76.62 -6.86
CA LYS H 361 -18.95 -76.22 -5.45
C LYS H 361 -18.66 -77.42 -4.56
N ASN H 362 -19.14 -78.58 -4.98
CA ASN H 362 -18.97 -79.82 -4.21
C ASN H 362 -17.54 -80.34 -4.32
N ASP H 363 -16.83 -79.92 -5.36
CA ASP H 363 -15.41 -80.20 -5.45
C ASP H 363 -14.60 -79.22 -4.60
N ARG H 364 -15.12 -78.01 -4.41
CA ARG H 364 -14.41 -77.04 -3.58
C ARG H 364 -14.50 -77.44 -2.11
N ASP H 365 -15.62 -78.03 -1.72
CA ASP H 365 -15.82 -78.43 -0.32
C ASP H 365 -14.90 -79.59 0.04
N VAL H 366 -14.67 -80.49 -0.91
CA VAL H 366 -13.75 -81.60 -0.69
C VAL H 366 -12.29 -81.15 -0.67
N LEU H 367 -11.96 -80.19 -1.53
CA LEU H 367 -10.57 -79.72 -1.67
C LEU H 367 -10.13 -78.77 -0.56
N GLY H 368 -11.09 -78.13 0.09
CA GLY H 368 -10.78 -77.22 1.19
C GLY H 368 -10.90 -75.75 0.84
N ILE H 369 -11.43 -75.46 -0.34
CA ILE H 369 -11.62 -74.08 -0.77
C ILE H 369 -12.90 -73.53 -0.16
N SER H 370 -12.81 -73.19 1.12
CA SER H 370 -13.97 -72.71 1.87
C SER H 370 -14.28 -71.25 1.63
N ASP H 371 -15.29 -70.75 2.33
CA ASP H 371 -15.67 -69.35 2.24
C ASP H 371 -14.70 -68.50 3.07
N THR H 372 -13.81 -69.17 3.78
CA THR H 372 -12.86 -68.49 4.66
C THR H 372 -11.42 -68.66 4.21
N LEU H 373 -11.21 -69.35 3.08
CA LEU H 373 -9.88 -69.51 2.54
C LEU H 373 -9.49 -68.28 1.72
N ILE H 374 -8.38 -67.66 2.10
CA ILE H 374 -7.90 -66.46 1.41
C ILE H 374 -6.52 -66.70 0.81
N ARG H 375 -6.34 -66.35 -0.46
CA ARG H 375 -5.05 -66.49 -1.11
C ARG H 375 -4.37 -65.13 -1.26
N LEU H 376 -3.12 -65.06 -0.81
CA LEU H 376 -2.34 -63.83 -0.96
C LEU H 376 -1.20 -63.99 -1.96
N SER H 377 -1.03 -62.98 -2.79
CA SER H 377 0.14 -62.88 -3.65
C SER H 377 1.01 -61.73 -3.16
N VAL H 378 1.99 -62.04 -2.31
CA VAL H 378 2.82 -61.01 -1.69
C VAL H 378 3.78 -60.41 -2.72
N GLY H 379 3.74 -59.09 -2.86
CA GLY H 379 4.53 -58.42 -3.88
C GLY H 379 5.90 -57.94 -3.42
N LEU H 380 6.42 -56.94 -4.12
CA LEU H 380 7.78 -56.46 -3.88
C LEU H 380 7.82 -55.16 -3.09
N GLU H 381 6.72 -54.81 -2.45
CA GLU H 381 6.68 -53.61 -1.60
C GLU H 381 7.51 -53.84 -0.34
N ASP H 382 7.69 -52.78 0.45
CA ASP H 382 8.42 -52.89 1.70
C ASP H 382 7.71 -53.84 2.67
N GLU H 383 8.49 -54.68 3.34
CA GLU H 383 7.97 -55.69 4.26
C GLU H 383 7.10 -55.06 5.34
N GLU H 384 7.65 -54.04 5.99
CA GLU H 384 6.95 -53.26 7.01
C GLU H 384 5.52 -52.90 6.62
N ASP H 385 5.38 -52.30 5.44
CA ASP H 385 4.10 -51.81 4.97
C ASP H 385 3.11 -52.94 4.69
N LEU H 386 3.63 -54.06 4.20
CA LEU H 386 2.79 -55.22 3.91
C LEU H 386 2.24 -55.86 5.17
N LEU H 387 3.08 -55.96 6.19
CA LEU H 387 2.67 -56.53 7.47
C LEU H 387 1.66 -55.62 8.17
N GLU H 388 1.92 -54.32 8.11
CA GLU H 388 1.05 -53.36 8.76
C GLU H 388 -0.34 -53.38 8.11
N ASP H 389 -0.36 -53.56 6.80
CA ASP H 389 -1.61 -53.63 6.05
C ASP H 389 -2.40 -54.87 6.42
N LEU H 390 -1.71 -56.00 6.56
CA LEU H 390 -2.36 -57.24 6.97
C LEU H 390 -2.84 -57.14 8.40
N ASP H 391 -2.02 -56.49 9.24
CA ASP H 391 -2.35 -56.31 10.65
C ASP H 391 -3.62 -55.50 10.86
N GLN H 392 -3.66 -54.32 10.27
CA GLN H 392 -4.80 -53.41 10.41
C GLN H 392 -6.08 -54.02 9.82
N ALA H 393 -5.94 -54.72 8.72
CA ALA H 393 -7.07 -55.31 8.04
C ALA H 393 -7.68 -56.48 8.80
N LEU H 394 -6.82 -57.25 9.48
CA LEU H 394 -7.28 -58.34 10.32
C LEU H 394 -7.93 -57.79 11.58
N LYS H 395 -7.38 -56.69 12.08
CA LYS H 395 -7.94 -56.03 13.26
C LYS H 395 -9.30 -55.43 12.94
N ALA H 396 -9.56 -55.12 11.67
CA ALA H 396 -10.85 -54.59 11.27
C ALA H 396 -11.91 -55.68 11.21
N ALA H 397 -11.51 -56.85 10.73
CA ALA H 397 -12.39 -58.01 10.62
C ALA H 397 -12.66 -58.64 11.98
N HIS H 398 -11.60 -58.73 12.78
CA HIS H 398 -11.61 -59.31 14.13
C HIS H 398 -12.58 -60.47 14.37
N PRO H 399 -12.17 -61.67 13.94
CA PRO H 399 -12.97 -62.90 14.13
C PRO H 399 -12.95 -63.33 15.58
N PRO H 400 -14.05 -63.96 16.06
CA PRO H 400 -14.08 -64.48 17.43
C PRO H 400 -12.96 -65.48 17.71
S SO4 I . 18.44 63.39 27.90
O1 SO4 I . 19.89 63.36 27.83
O2 SO4 I . 18.03 63.77 29.25
O3 SO4 I . 17.92 64.37 26.94
O4 SO4 I . 17.90 62.07 27.58
S SO4 J . -9.32 77.13 27.44
O1 SO4 J . -8.07 76.47 27.06
O2 SO4 J . -9.01 78.27 28.29
O3 SO4 J . -10.00 77.59 26.23
O4 SO4 J . -10.18 76.19 28.17
N CYS K . -8.46 30.06 13.86
CA CYS K . -7.20 29.40 14.16
C CYS K . -7.34 28.48 15.36
O CYS K . -7.88 28.87 16.39
CB CYS K . -6.10 30.44 14.42
SG CYS K . -4.43 29.77 14.54
OXT CYS K . -6.93 27.33 15.33
S SO4 L . -20.56 36.31 42.06
O1 SO4 L . -19.78 37.49 42.42
O2 SO4 L . -21.57 36.06 43.08
O3 SO4 L . -21.20 36.53 40.78
O4 SO4 L . -19.67 35.15 41.97
N CYS M . 26.97 -41.14 -26.64
CA CYS M . 27.78 -39.96 -26.87
C CYS M . 26.96 -38.84 -27.49
O CYS M . 26.03 -38.32 -26.86
CB CYS M . 28.98 -40.30 -27.76
SG CYS M . 28.56 -41.16 -29.30
OXT CYS M . 27.21 -38.42 -28.61
S SO4 N . -0.47 -26.01 -26.80
O1 SO4 N . -0.33 -27.17 -25.92
O2 SO4 N . -0.75 -24.81 -26.00
O3 SO4 N . 0.77 -25.81 -27.53
O4 SO4 N . -1.57 -26.23 -27.74
N CYS O . 3.38 -71.08 -42.38
CA CYS O . 2.05 -71.59 -42.70
C CYS O . 1.93 -73.07 -42.35
O CYS O . 1.25 -73.41 -41.39
CB CYS O . 1.73 -71.37 -44.18
SG CYS O . 3.12 -71.65 -45.29
OXT CYS O . 2.50 -73.93 -43.01
S SO4 P . -11.17 -67.62 -15.04
O1 SO4 P . -10.11 -66.78 -14.49
O2 SO4 P . -11.73 -68.46 -13.98
O3 SO4 P . -12.23 -66.77 -15.61
O4 SO4 P . -10.64 -68.47 -16.09
#